data_9PZW
#
_entry.id   9PZW
#
_cell.length_a   1.00
_cell.length_b   1.00
_cell.length_c   1.00
_cell.angle_alpha   90.00
_cell.angle_beta   90.00
_cell.angle_gamma   90.00
#
_symmetry.space_group_name_H-M   'P 1'
#
loop_
_entity.id
_entity.type
_entity.pdbx_description
1 polymer 'Heavy chain of GluN2A-specific monoclonal Fab fragment, termed 3D2'
2 polymer 'Light chain of GluN2A-specific monoclonal Fab fragment, termed 3D2'
3 polymer 'Glutamate receptor ionotropic, NMDA 1'
4 polymer 'Glutamate receptor ionotropic, NMDA 2A'
5 non-polymer GLYCINE
6 non-polymer 2-acetamido-2-deoxy-beta-D-glucopyranose
7 non-polymer 'GLUTAMIC ACID'
#
loop_
_entity_poly.entity_id
_entity_poly.type
_entity_poly.pdbx_seq_one_letter_code
_entity_poly.pdbx_strand_id
1 'polypeptide(L)'
;MVSAIVLYVLLAAAAHSAFAQVQLQQSGAELMKPGASVKISCKATGYTFRSYWIEWLKQRPGHGLEWIGEILPGSGRTNY
NEKFKGKATITADTSSNTAYMQLSSLTSEDSAVYYCTRSRGTMITREFTYWGQGALVTVSA
;
J,L
2 'polypeptide(L)'
;MVSAIVLYVLLAAAAHSAFADIVLTQSPASLAVSLGQRATISCRASESVEYYGTTLMQWYQQKPGQPPKLLIYAASNVDS
GVPARFSGSGSGTDFSLNIHPVEEDDIAMYFCQQSRKVPSTFGGGTKLEIK
;
K,M
3 'polypeptide(L)'
;MSTMHLLTFALLFSCSFARAACDPKIVNIGAVLSTRKHEQMFREAVNQANKRHGSWKIQLNATSVTHKPNAIQMALSVCE
DLISSQVYAILVSHPPTPNDHFTPTPVSYTAGFYRIPVLGLTTRMSIYSDKSIHLSFLRTVPPYSHQSSVWFEMMRVYNW
NHIILLVSDDHEGRAAQKRLETLLEERESKAEKVLQFDPGTKNVTALLMEARELEARVIILSASEDDAATVYRAAAMLNM
TGSGYVWLVGEREISGNALRYAPDGIIGLQLINGKNESAHISDAVGVVAQAVHELLEKENITDPPRGCVGNTNIWKTGPL
FKRVLMSSKYADGVTGRVEFNEDGDRKFANYSIMNLQNRKLVQVGIYNGTHVIPNDRKIIWPGGETEKPRGYQMSTRLKI
VTIHQEPFVYVKPTMSDGTCKEEFTVNGDPVKKVICTGPNDTSPGSPRHTVPQCCYGFCIDLLIKLARTMNFTYEVHLVA
DGKFGTQERVNNSNKKEWNGMMGELLSGQADMIVAPLTINNERAQYIEFSKPFKYQGLTILVKKEIPRSTLDSFMQPFQS
TLWLLVGLSVHVVAVMLYLLDRFSPFGRFKVNSEEEEEDALTLSSAMWFSWGVLLNSGIGEGAPRSFSARILGMVWAGFA
MIIVASYTANLAAFLVLDRPEERITGINDPRLRNPSDKFIYATVKQSSVDIYFRRQVELSTMYRHMEKHNYESAAEAIQA
VRDNKLHAFIWDSAVLEFEASQKCDLVTTGELFFRSGFGIGMRKDSPWKQNVSLSILKSHENGFMEDLDKTWVRYQECDS
RSNAPATLTFENMAGVFMLVAGGIVAGIFLIFIEIAYKRHKDARRKQ
;
A,C
4 'polypeptide(L)'
;MGRLGYWTLLVLPALLVWRDPAQNAAAEKGPPALNIAVLLGHSHDVTERELRNLWGPEQATGLPLDVNVVALLMNRTDPK
SLITHVCDLMSGARIHGLVFGDDTDQEAVAQMLDFISSQTFIPILGIHGGASMIMADKDPTSTFFQFGASIQQQATVMLK
IMQDYDWHVFSLVTTIFPGYRDFISFIKTTVDNSFVGWDMQNVITLDTSFEDAKTQVQLKKIHSSVILLYCSKDEAVLIL
SEARSLGLTGYDFFWIVPSLVSGNTELIPKEFPSGLISVSYDDWDYSLEARVRDGLGILTTAASSMLEKFSYIPEAKASC
YGQAEKPETPLHTLHQFMVNVTWDGKDLSFTEEGYQVHPRLVVIVLNKDREWEKVGKWENQTLSLRHAVWPRYKSFSDCE
PDDNHLSIVTLEEAPFVIVEDIDPLTETCVRNTVPCRKFVKINNSTNEGMNVKKCCKGFCIDILKKLSRTVKFTYDLYLV
TNGKHGKKVNNVWNGMIGEVVYQRAVMAVGSLTINEERSEVVDFSVPFVETGISVMVSRSNGTVSPSAFLEPFSASVWVM
MFVMLLIVSAIAVFVFEYFSPVGYNRNLAKGKAPHGPSFTIGKAIWLLWGLVFNNSVPVQNPKGTTSKIMVSVWAFFAVI
FLASYTANLAAFMIQEEFVDQVTGLSDKKFQRPHDYSPPFRFGTVPNGSTERNIRNNYPYMHQYMTRFNQRGVEDALVSL
KTGKLDAFIYDAAVLNYKAGRDEGCKLVTIGSGYIFATTGYGIALQKGSPWKRQIDLALLQFVGDGEMEELETLWLTGIC
HNEKNEVMSSQLDIDNMAGVFYMLAAAMALSLITFIWEHLFYWKLRFCFTGVCSDRPGLLFSISRG
;
B,D
#
loop_
_chem_comp.id
_chem_comp.type
_chem_comp.name
_chem_comp.formula
NAG D-saccharide, beta linking 2-acetamido-2-deoxy-beta-D-glucopyranose 'C8 H15 N O6'
#
# COMPACT_ATOMS: atom_id res chain seq x y z
N GLN A 21 76.18 -29.45 -34.33
CA GLN A 21 75.84 -30.86 -34.25
C GLN A 21 76.10 -31.41 -32.86
N VAL A 22 75.39 -32.47 -32.49
CA VAL A 22 75.51 -33.07 -31.17
C VAL A 22 76.70 -34.01 -31.14
N GLN A 23 77.61 -33.78 -30.20
CA GLN A 23 78.79 -34.61 -30.02
C GLN A 23 78.99 -34.87 -28.54
N LEU A 24 79.36 -36.11 -28.22
CA LEU A 24 79.59 -36.53 -26.85
C LEU A 24 81.01 -37.08 -26.71
N GLN A 25 81.65 -36.77 -25.58
CA GLN A 25 83.03 -37.15 -25.34
C GLN A 25 83.17 -37.65 -23.91
N GLN A 26 84.02 -38.67 -23.72
CA GLN A 26 84.22 -39.32 -22.43
C GLN A 26 85.68 -39.25 -22.01
N SER A 27 85.97 -39.83 -20.86
CA SER A 27 87.33 -39.89 -20.33
C SER A 27 88.07 -41.08 -20.93
N GLY A 28 89.28 -41.33 -20.45
CA GLY A 28 90.10 -42.42 -20.94
C GLY A 28 89.86 -43.71 -20.20
N ALA A 29 90.71 -44.69 -20.48
CA ALA A 29 90.61 -46.00 -19.86
C ALA A 29 91.01 -45.94 -18.39
N GLU A 30 90.50 -46.90 -17.61
CA GLU A 30 90.71 -46.94 -16.17
C GLU A 30 91.25 -48.29 -15.76
N LEU A 31 92.14 -48.29 -14.76
CA LEU A 31 92.73 -49.52 -14.25
C LEU A 31 93.21 -49.26 -12.84
N MET A 32 92.55 -49.88 -11.86
CA MET A 32 92.90 -49.71 -10.45
C MET A 32 92.90 -51.07 -9.76
N LYS A 33 93.48 -51.10 -8.57
CA LYS A 33 93.39 -52.29 -7.73
C LYS A 33 91.94 -52.53 -7.34
N PRO A 34 91.55 -53.80 -7.16
CA PRO A 34 90.16 -54.09 -6.77
C PRO A 34 89.80 -53.42 -5.45
N GLY A 35 88.57 -52.90 -5.38
CA GLY A 35 88.07 -52.25 -4.18
C GLY A 35 88.08 -50.74 -4.22
N ALA A 36 88.46 -50.13 -5.34
CA ALA A 36 88.55 -48.68 -5.43
C ALA A 36 87.25 -48.10 -6.00
N SER A 37 87.27 -46.81 -6.32
CA SER A 37 86.13 -46.14 -6.93
C SER A 37 86.61 -45.32 -8.12
N VAL A 38 85.77 -45.26 -9.16
CA VAL A 38 86.13 -44.60 -10.41
C VAL A 38 85.01 -43.65 -10.81
N LYS A 39 85.37 -42.63 -11.59
CA LYS A 39 84.42 -41.67 -12.15
C LYS A 39 84.55 -41.66 -13.66
N ILE A 40 83.42 -41.54 -14.35
CA ILE A 40 83.37 -41.45 -15.80
C ILE A 40 82.62 -40.18 -16.16
N SER A 41 83.22 -39.34 -17.00
CA SER A 41 82.67 -38.04 -17.36
C SER A 41 82.16 -38.06 -18.79
N CYS A 42 80.95 -37.52 -18.98
CA CYS A 42 80.33 -37.40 -20.28
C CYS A 42 80.00 -35.93 -20.50
N LYS A 43 80.48 -35.37 -21.60
CA LYS A 43 80.34 -33.95 -21.88
C LYS A 43 79.47 -33.74 -23.12
N ALA A 44 78.47 -32.88 -23.01
CA ALA A 44 77.54 -32.60 -24.09
C ALA A 44 77.87 -31.25 -24.69
N THR A 45 78.04 -31.21 -26.02
CA THR A 45 78.51 -30.02 -26.70
C THR A 45 77.75 -29.76 -28.00
N GLY A 46 76.46 -30.09 -28.04
CA GLY A 46 75.72 -29.91 -29.27
C GLY A 46 74.29 -29.44 -29.15
N TYR A 47 73.82 -29.18 -27.93
CA TYR A 47 72.43 -28.83 -27.73
C TYR A 47 72.30 -28.04 -26.42
N THR A 48 71.08 -27.90 -25.94
CA THR A 48 70.81 -27.31 -24.63
C THR A 48 70.91 -28.41 -23.59
N PHE A 49 71.95 -28.36 -22.76
CA PHE A 49 72.27 -29.48 -21.86
C PHE A 49 71.18 -29.72 -20.83
N ARG A 50 70.42 -28.68 -20.47
CA ARG A 50 69.43 -28.80 -19.40
C ARG A 50 68.06 -29.20 -19.91
N SER A 51 67.98 -30.02 -20.95
CA SER A 51 66.69 -30.34 -21.56
C SER A 51 66.47 -31.80 -21.90
N TYR A 52 67.50 -32.63 -22.02
CA TYR A 52 67.36 -34.00 -22.48
C TYR A 52 67.94 -34.97 -21.47
N TRP A 53 67.33 -36.14 -21.37
CA TRP A 53 67.80 -37.15 -20.44
C TRP A 53 69.13 -37.74 -20.91
N ILE A 54 69.89 -38.27 -19.95
CA ILE A 54 71.17 -38.91 -20.21
C ILE A 54 71.12 -40.31 -19.61
N GLU A 55 71.16 -41.33 -20.46
CA GLU A 55 71.13 -42.71 -20.00
C GLU A 55 72.53 -43.31 -20.00
N TRP A 56 72.76 -44.24 -19.08
CA TRP A 56 74.02 -44.97 -18.99
C TRP A 56 73.78 -46.44 -19.32
N LEU A 57 74.75 -47.07 -19.96
CA LEU A 57 74.65 -48.47 -20.34
C LEU A 57 75.95 -49.20 -20.02
N LYS A 58 75.83 -50.49 -19.71
CA LYS A 58 76.96 -51.35 -19.45
C LYS A 58 77.01 -52.46 -20.49
N GLN A 59 78.19 -52.68 -21.08
CA GLN A 59 78.39 -53.73 -22.07
C GLN A 59 79.47 -54.68 -21.60
N ARG A 60 79.08 -55.92 -21.34
CA ARG A 60 80.03 -56.99 -21.02
C ARG A 60 80.69 -57.45 -22.31
N PRO A 61 81.67 -58.37 -22.23
CA PRO A 61 82.39 -58.76 -23.46
C PRO A 61 81.51 -59.51 -24.47
N GLY A 62 80.67 -58.77 -25.17
CA GLY A 62 79.93 -59.28 -26.31
C GLY A 62 78.92 -60.37 -26.03
N HIS A 63 78.17 -60.25 -24.93
CA HIS A 63 77.09 -61.20 -24.67
C HIS A 63 75.85 -60.50 -24.11
N GLY A 64 75.67 -59.21 -24.39
CA GLY A 64 74.46 -58.52 -23.98
C GLY A 64 74.64 -57.07 -23.57
N LEU A 65 73.55 -56.46 -23.11
CA LEU A 65 73.55 -55.08 -22.64
C LEU A 65 72.55 -54.96 -21.49
N GLU A 66 72.74 -53.95 -20.65
CA GLU A 66 71.87 -53.69 -19.52
C GLU A 66 71.55 -52.20 -19.46
N TRP A 67 70.97 -51.78 -18.34
CA TRP A 67 70.58 -50.38 -18.15
C TRP A 67 70.87 -50.00 -16.70
N ILE A 68 71.49 -48.84 -16.51
CA ILE A 68 71.97 -48.44 -15.18
C ILE A 68 71.07 -47.37 -14.57
N GLY A 69 70.98 -46.22 -15.22
CA GLY A 69 70.16 -45.14 -14.70
C GLY A 69 70.23 -43.89 -15.55
N GLU A 70 69.32 -42.93 -15.32
CA GLU A 70 69.26 -41.72 -16.11
C GLU A 70 69.11 -40.52 -15.20
N ILE A 71 69.48 -39.35 -15.71
CA ILE A 71 69.42 -38.09 -14.96
C ILE A 71 68.96 -36.99 -15.90
N LEU A 72 68.00 -36.19 -15.46
CA LEU A 72 67.64 -34.97 -16.18
C LEU A 72 68.46 -33.82 -15.65
N PRO A 73 69.37 -33.23 -16.44
CA PRO A 73 70.23 -32.17 -15.91
C PRO A 73 69.46 -30.98 -15.36
N GLY A 74 68.34 -30.62 -15.98
CA GLY A 74 67.57 -29.48 -15.57
C GLY A 74 67.06 -29.54 -14.15
N SER A 75 66.12 -30.46 -13.88
CA SER A 75 65.51 -30.55 -12.56
C SER A 75 66.29 -31.43 -11.60
N GLY A 76 67.14 -32.32 -12.11
CA GLY A 76 67.94 -33.17 -11.26
C GLY A 76 67.28 -34.48 -10.86
N ARG A 77 66.09 -34.79 -11.37
CA ARG A 77 65.46 -36.05 -11.04
C ARG A 77 66.28 -37.22 -11.57
N THR A 78 66.26 -38.33 -10.83
CA THR A 78 67.08 -39.49 -11.16
C THR A 78 66.27 -40.76 -11.01
N ASN A 79 66.47 -41.71 -11.92
CA ASN A 79 65.89 -43.03 -11.86
C ASN A 79 66.98 -44.09 -11.95
N TYR A 80 66.77 -45.22 -11.30
CA TYR A 80 67.76 -46.28 -11.26
C TYR A 80 67.11 -47.63 -11.52
N ASN A 81 67.93 -48.58 -11.97
CA ASN A 81 67.52 -49.96 -12.13
C ASN A 81 67.68 -50.69 -10.80
N GLU A 82 66.85 -51.70 -10.59
CA GLU A 82 66.84 -52.39 -9.30
C GLU A 82 68.17 -53.09 -9.02
N LYS A 83 68.75 -53.74 -10.02
CA LYS A 83 69.98 -54.49 -9.81
C LYS A 83 71.14 -53.57 -9.42
N PHE A 84 71.21 -52.39 -10.04
CA PHE A 84 72.27 -51.44 -9.78
C PHE A 84 71.87 -50.41 -8.74
N LYS A 85 70.82 -50.69 -7.97
CA LYS A 85 70.42 -49.80 -6.89
C LYS A 85 71.41 -49.89 -5.73
N GLY A 86 71.93 -48.74 -5.31
CA GLY A 86 72.87 -48.69 -4.21
C GLY A 86 74.30 -49.03 -4.57
N LYS A 87 74.59 -49.28 -5.85
CA LYS A 87 75.94 -49.58 -6.30
C LYS A 87 76.53 -48.49 -7.17
N ALA A 88 75.70 -47.77 -7.92
CA ALA A 88 76.16 -46.69 -8.79
C ALA A 88 75.36 -45.43 -8.47
N THR A 89 75.98 -44.27 -8.64
CA THR A 89 75.34 -42.98 -8.40
C THR A 89 75.59 -42.06 -9.58
N ILE A 90 74.55 -41.35 -10.01
CA ILE A 90 74.62 -40.45 -11.15
C ILE A 90 74.49 -39.03 -10.64
N THR A 91 75.50 -38.20 -10.94
CA THR A 91 75.48 -36.78 -10.61
C THR A 91 75.89 -35.98 -11.84
N ALA A 92 75.22 -34.84 -12.05
CA ALA A 92 75.48 -34.01 -13.20
C ALA A 92 75.60 -32.55 -12.78
N ASP A 93 76.44 -31.80 -13.48
CA ASP A 93 76.70 -30.40 -13.21
C ASP A 93 76.23 -29.58 -14.40
N THR A 94 75.33 -28.63 -14.13
CA THR A 94 74.78 -27.80 -15.20
C THR A 94 75.77 -26.75 -15.70
N SER A 95 76.88 -26.55 -15.02
CA SER A 95 77.83 -25.51 -15.41
C SER A 95 78.90 -26.04 -16.37
N SER A 96 79.51 -27.18 -16.04
CA SER A 96 80.55 -27.76 -16.87
C SER A 96 80.00 -28.63 -17.99
N ASN A 97 78.68 -28.80 -18.06
CA ASN A 97 78.05 -29.68 -19.04
C ASN A 97 78.64 -31.09 -18.95
N THR A 98 78.71 -31.60 -17.72
CA THR A 98 79.31 -32.89 -17.43
C THR A 98 78.34 -33.77 -16.67
N ALA A 99 78.39 -35.07 -16.95
CA ALA A 99 77.64 -36.07 -16.21
C ALA A 99 78.62 -37.05 -15.58
N TYR A 100 78.48 -37.25 -14.27
CA TYR A 100 79.43 -38.04 -13.48
C TYR A 100 78.76 -39.31 -12.99
N MET A 101 79.39 -40.45 -13.28
CA MET A 101 78.97 -41.74 -12.77
C MET A 101 79.84 -42.10 -11.58
N GLN A 102 79.20 -42.52 -10.50
CA GLN A 102 79.90 -42.80 -9.23
C GLN A 102 79.75 -44.29 -8.92
N LEU A 103 80.76 -45.07 -9.29
CA LEU A 103 80.79 -46.49 -8.94
C LEU A 103 81.35 -46.66 -7.55
N SER A 104 80.84 -47.67 -6.84
CA SER A 104 81.27 -47.95 -5.48
C SER A 104 81.50 -49.44 -5.30
N SER A 105 82.56 -49.77 -4.56
CA SER A 105 82.89 -51.16 -4.19
C SER A 105 83.00 -52.05 -5.43
N LEU A 106 84.01 -51.75 -6.24
CA LEU A 106 84.27 -52.52 -7.45
C LEU A 106 84.66 -53.95 -7.11
N THR A 107 84.28 -54.88 -7.99
CA THR A 107 84.60 -56.29 -7.82
C THR A 107 85.17 -56.86 -9.10
N SER A 108 85.27 -58.20 -9.17
CA SER A 108 85.81 -58.86 -10.36
C SER A 108 84.86 -58.86 -11.54
N GLU A 109 83.57 -58.55 -11.32
CA GLU A 109 82.58 -58.61 -12.38
C GLU A 109 82.25 -57.25 -12.97
N ASP A 110 82.96 -56.20 -12.55
CA ASP A 110 82.68 -54.85 -13.00
C ASP A 110 83.53 -54.43 -14.19
N SER A 111 84.34 -55.33 -14.73
CA SER A 111 85.18 -55.02 -15.89
C SER A 111 84.29 -55.00 -17.12
N ALA A 112 83.93 -53.81 -17.57
CA ALA A 112 83.04 -53.66 -18.72
C ALA A 112 83.22 -52.26 -19.30
N VAL A 113 82.55 -52.02 -20.43
CA VAL A 113 82.58 -50.74 -21.10
C VAL A 113 81.31 -49.97 -20.73
N TYR A 114 81.45 -48.66 -20.52
CA TYR A 114 80.35 -47.83 -20.08
C TYR A 114 80.11 -46.72 -21.10
N TYR A 115 78.87 -46.61 -21.57
CA TYR A 115 78.47 -45.63 -22.57
C TYR A 115 77.48 -44.63 -21.96
N CYS A 116 77.51 -43.41 -22.48
CA CYS A 116 76.46 -42.44 -22.21
C CYS A 116 75.73 -42.15 -23.51
N THR A 117 74.41 -42.34 -23.52
CA THR A 117 73.59 -42.14 -24.70
C THR A 117 72.50 -41.12 -24.40
N ARG A 118 72.05 -40.43 -25.45
CA ARG A 118 71.01 -39.43 -25.31
C ARG A 118 70.08 -39.53 -26.52
N SER A 119 68.78 -39.51 -26.27
CA SER A 119 67.78 -39.63 -27.32
C SER A 119 67.51 -38.25 -27.93
N ARG A 120 66.51 -38.17 -28.80
CA ARG A 120 66.01 -36.90 -29.30
C ARG A 120 64.51 -36.82 -29.02
N GLY A 121 64.06 -35.66 -28.58
CA GLY A 121 62.67 -35.49 -28.21
C GLY A 121 61.75 -35.23 -29.37
N THR A 122 61.58 -36.21 -30.26
CA THR A 122 60.70 -36.05 -31.40
C THR A 122 59.84 -37.28 -31.69
N MET A 123 59.97 -38.37 -30.96
CA MET A 123 59.24 -39.59 -31.26
C MET A 123 58.56 -40.14 -30.01
N ILE A 124 57.68 -41.12 -30.22
CA ILE A 124 56.91 -41.71 -29.14
C ILE A 124 57.65 -42.84 -28.44
N THR A 125 58.67 -43.41 -29.07
CA THR A 125 59.44 -44.46 -28.41
C THR A 125 60.50 -43.84 -27.50
N ARG A 126 61.34 -44.69 -26.93
CA ARG A 126 62.50 -44.28 -26.13
C ARG A 126 63.70 -45.03 -26.69
N GLU A 127 64.34 -44.46 -27.70
CA GLU A 127 65.43 -45.11 -28.41
C GLU A 127 66.75 -44.42 -28.10
N PHE A 128 67.85 -45.08 -28.45
CA PHE A 128 69.20 -44.58 -28.22
C PHE A 128 69.81 -44.17 -29.56
N THR A 129 70.16 -42.90 -29.68
CA THR A 129 70.62 -42.34 -30.95
C THR A 129 72.09 -41.93 -30.92
N TYR A 130 72.47 -40.99 -30.06
CA TYR A 130 73.83 -40.48 -29.99
C TYR A 130 74.58 -41.22 -28.90
N TRP A 131 75.70 -41.84 -29.27
CA TRP A 131 76.44 -42.70 -28.36
C TRP A 131 77.81 -42.12 -28.06
N GLY A 132 78.28 -42.38 -26.84
CA GLY A 132 79.60 -41.94 -26.45
C GLY A 132 80.68 -42.90 -26.93
N GLN A 133 81.93 -42.47 -26.74
CA GLN A 133 83.07 -43.30 -27.14
C GLN A 133 83.21 -44.52 -26.24
N GLY A 134 82.94 -44.36 -24.95
CA GLY A 134 82.99 -45.48 -24.03
C GLY A 134 84.33 -45.64 -23.35
N ALA A 135 84.31 -46.02 -22.08
CA ALA A 135 85.52 -46.21 -21.29
C ALA A 135 85.55 -47.63 -20.73
N LEU A 136 86.71 -48.25 -20.80
CA LEU A 136 86.89 -49.63 -20.35
C LEU A 136 87.63 -49.62 -19.02
N VAL A 137 87.06 -50.29 -18.02
CA VAL A 137 87.64 -50.40 -16.70
C VAL A 137 88.06 -51.85 -16.46
N THR A 138 89.15 -52.02 -15.72
CA THR A 138 89.66 -53.34 -15.38
C THR A 138 90.08 -53.37 -13.91
N VAL A 139 89.80 -54.49 -13.25
CA VAL A 139 90.15 -54.64 -11.84
C VAL A 139 91.31 -55.62 -11.67
N ASP B 21 59.67 -57.25 -16.17
CA ASP B 21 60.52 -57.00 -17.33
C ASP B 21 60.17 -57.94 -18.48
N ILE B 22 60.76 -57.69 -19.64
CA ILE B 22 60.59 -58.53 -20.82
C ILE B 22 61.96 -59.12 -21.17
N VAL B 23 61.98 -60.40 -21.50
CA VAL B 23 63.21 -61.10 -21.84
C VAL B 23 63.18 -61.46 -23.32
N LEU B 24 64.16 -60.96 -24.07
CA LEU B 24 64.25 -61.23 -25.49
C LEU B 24 65.12 -62.46 -25.75
N THR B 25 64.99 -63.00 -26.95
CA THR B 25 65.76 -64.17 -27.36
C THR B 25 65.89 -64.16 -28.88
N GLN B 26 67.13 -64.21 -29.37
CA GLN B 26 67.42 -64.18 -30.79
C GLN B 26 67.91 -65.54 -31.26
N SER B 27 67.36 -66.01 -32.39
CA SER B 27 67.78 -67.26 -32.98
C SER B 27 67.97 -67.06 -34.48
N PRO B 28 69.03 -67.63 -35.07
CA PRO B 28 70.10 -68.42 -34.44
C PRO B 28 71.15 -67.54 -33.78
N ALA B 29 71.89 -68.08 -32.81
CA ALA B 29 72.95 -67.31 -32.17
C ALA B 29 74.04 -66.93 -33.15
N SER B 30 74.46 -67.88 -33.99
CA SER B 30 75.46 -67.64 -35.02
C SER B 30 74.90 -68.12 -36.36
N LEU B 31 75.01 -67.28 -37.38
CA LEU B 31 74.45 -67.58 -38.69
C LEU B 31 75.53 -67.40 -39.75
N ALA B 32 75.57 -68.32 -40.71
CA ALA B 32 76.49 -68.25 -41.84
C ALA B 32 75.68 -68.42 -43.12
N VAL B 33 75.65 -67.38 -43.95
CA VAL B 33 74.87 -67.37 -45.17
C VAL B 33 75.74 -66.88 -46.32
N SER B 34 75.55 -67.47 -47.50
CA SER B 34 76.29 -67.05 -48.68
C SER B 34 75.91 -65.64 -49.09
N LEU B 35 76.85 -64.94 -49.72
CA LEU B 35 76.65 -63.55 -50.10
C LEU B 35 75.74 -63.49 -51.32
N GLY B 36 74.65 -62.72 -51.20
CA GLY B 36 73.82 -62.44 -52.36
C GLY B 36 72.33 -62.67 -52.21
N GLN B 37 71.93 -63.74 -51.51
CA GLN B 37 70.51 -64.13 -51.53
C GLN B 37 69.69 -63.35 -50.51
N ARG B 38 69.91 -63.59 -49.22
CA ARG B 38 69.14 -62.97 -48.15
C ARG B 38 69.67 -63.48 -46.81
N ALA B 39 69.15 -62.90 -45.73
CA ALA B 39 69.47 -63.33 -44.37
C ALA B 39 68.31 -62.93 -43.47
N THR B 40 67.92 -63.83 -42.56
CA THR B 40 66.77 -63.63 -41.70
C THR B 40 67.16 -63.80 -40.25
N ILE B 41 66.63 -62.93 -39.40
CA ILE B 41 66.87 -62.97 -37.96
C ILE B 41 65.55 -62.71 -37.24
N SER B 42 65.26 -63.51 -36.22
CA SER B 42 64.05 -63.37 -35.43
C SER B 42 64.40 -63.10 -33.98
N CYS B 43 63.53 -62.34 -33.30
CA CYS B 43 63.71 -61.98 -31.89
C CYS B 43 62.34 -62.00 -31.23
N ARG B 44 62.05 -63.09 -30.52
CA ARG B 44 60.72 -63.32 -29.94
C ARG B 44 60.70 -62.81 -28.51
N ALA B 45 59.72 -61.97 -28.20
CA ALA B 45 59.59 -61.37 -26.89
C ALA B 45 58.68 -62.21 -25.99
N SER B 46 58.93 -62.11 -24.69
CA SER B 46 58.18 -62.91 -23.72
C SER B 46 56.74 -62.44 -23.60
N GLU B 47 56.50 -61.14 -23.68
CA GLU B 47 55.16 -60.59 -23.54
C GLU B 47 54.89 -59.63 -24.68
N SER B 48 53.60 -59.36 -24.91
CA SER B 48 53.20 -58.44 -25.96
C SER B 48 53.77 -57.06 -25.71
N VAL B 49 54.36 -56.48 -26.75
CA VAL B 49 54.99 -55.17 -26.66
C VAL B 49 54.21 -54.11 -27.43
N GLU B 50 52.92 -54.33 -27.66
CA GLU B 50 52.10 -53.36 -28.38
C GLU B 50 51.59 -52.29 -27.43
N TYR B 51 51.75 -51.02 -27.82
CA TYR B 51 51.38 -49.87 -26.99
C TYR B 51 50.46 -48.97 -27.81
N TYR B 52 49.16 -49.28 -27.76
CA TYR B 52 48.11 -48.46 -28.34
C TYR B 52 48.40 -48.09 -29.80
N GLY B 53 48.50 -49.13 -30.63
CA GLY B 53 48.60 -48.96 -32.06
C GLY B 53 50.00 -48.95 -32.64
N THR B 54 51.04 -48.90 -31.81
CA THR B 54 52.43 -48.89 -32.27
C THR B 54 53.22 -49.90 -31.47
N THR B 55 53.67 -50.97 -32.11
CA THR B 55 54.54 -51.93 -31.45
C THR B 55 55.90 -51.30 -31.18
N LEU B 56 56.45 -51.56 -30.00
CA LEU B 56 57.70 -50.96 -29.56
C LEU B 56 58.80 -52.01 -29.66
N MET B 57 59.71 -51.81 -30.62
CA MET B 57 60.82 -52.72 -30.87
C MET B 57 61.80 -52.02 -31.81
N GLN B 58 63.09 -52.12 -31.49
CA GLN B 58 64.14 -51.49 -32.27
C GLN B 58 65.26 -52.48 -32.53
N TRP B 59 65.98 -52.26 -33.63
CA TRP B 59 67.10 -53.12 -34.04
C TRP B 59 68.37 -52.30 -34.12
N TYR B 60 69.49 -52.91 -33.71
CA TYR B 60 70.78 -52.26 -33.69
C TYR B 60 71.81 -53.07 -34.48
N GLN B 61 72.84 -52.37 -34.96
CA GLN B 61 74.02 -53.00 -35.54
C GLN B 61 75.25 -52.36 -34.92
N GLN B 62 76.16 -53.21 -34.42
CA GLN B 62 77.36 -52.73 -33.73
C GLN B 62 78.59 -53.37 -34.34
N LYS B 63 79.38 -52.58 -35.08
CA LYS B 63 80.69 -53.05 -35.50
C LYS B 63 81.59 -53.19 -34.28
N PRO B 64 82.47 -54.19 -34.26
CA PRO B 64 83.38 -54.34 -33.12
C PRO B 64 84.26 -53.10 -32.96
N GLY B 65 84.42 -52.68 -31.71
CA GLY B 65 85.20 -51.50 -31.39
C GLY B 65 84.48 -50.18 -31.58
N GLN B 66 83.19 -50.21 -31.93
CA GLN B 66 82.42 -49.01 -32.19
C GLN B 66 81.07 -49.11 -31.47
N PRO B 67 80.45 -47.96 -31.15
CA PRO B 67 79.12 -48.01 -30.57
C PRO B 67 78.10 -48.50 -31.58
N PRO B 68 77.02 -49.11 -31.13
CA PRO B 68 75.99 -49.59 -32.06
C PRO B 68 75.28 -48.44 -32.75
N LYS B 69 74.64 -48.77 -33.87
CA LYS B 69 73.93 -47.80 -34.69
C LYS B 69 72.47 -48.21 -34.83
N LEU B 70 71.57 -47.23 -34.77
CA LEU B 70 70.14 -47.48 -34.86
C LEU B 70 69.75 -47.76 -36.30
N LEU B 71 68.96 -48.82 -36.51
CA LEU B 71 68.53 -49.21 -37.84
C LEU B 71 67.02 -49.06 -38.03
N ILE B 72 66.22 -49.70 -37.19
CA ILE B 72 64.76 -49.72 -37.34
C ILE B 72 64.14 -49.32 -36.00
N TYR B 73 63.17 -48.40 -36.06
CA TYR B 73 62.38 -48.06 -34.89
C TYR B 73 60.90 -48.25 -35.19
N ALA B 74 60.14 -48.61 -34.14
CA ALA B 74 58.73 -48.96 -34.23
C ALA B 74 58.51 -50.23 -35.05
N ALA B 75 59.56 -51.00 -35.28
CA ALA B 75 59.53 -52.33 -35.87
C ALA B 75 59.13 -52.35 -37.35
N SER B 76 58.76 -51.19 -37.89
CA SER B 76 58.31 -51.14 -39.29
C SER B 76 58.85 -49.97 -40.08
N ASN B 77 59.42 -48.95 -39.44
CA ASN B 77 59.88 -47.75 -40.12
C ASN B 77 61.40 -47.74 -40.17
N VAL B 78 61.94 -47.51 -41.36
CA VAL B 78 63.39 -47.49 -41.53
C VAL B 78 63.93 -46.12 -41.13
N ASP B 79 65.19 -46.12 -40.69
CA ASP B 79 65.85 -44.89 -40.24
C ASP B 79 66.47 -44.17 -41.43
N SER B 80 66.35 -42.85 -41.42
CA SER B 80 66.93 -42.05 -42.50
C SER B 80 68.45 -42.20 -42.53
N GLY B 81 69.00 -42.20 -43.74
CA GLY B 81 70.43 -42.35 -43.90
C GLY B 81 70.94 -43.78 -43.91
N VAL B 82 70.09 -44.75 -44.25
CA VAL B 82 70.50 -46.14 -44.30
C VAL B 82 70.09 -46.73 -45.66
N PRO B 83 70.81 -47.72 -46.17
CA PRO B 83 70.41 -48.34 -47.44
C PRO B 83 69.06 -49.03 -47.32
N ALA B 84 68.33 -49.07 -48.43
CA ALA B 84 67.00 -49.64 -48.45
C ALA B 84 66.98 -51.15 -48.31
N ARG B 85 68.15 -51.81 -48.36
CA ARG B 85 68.21 -53.25 -48.26
C ARG B 85 67.80 -53.78 -46.89
N PHE B 86 67.69 -52.92 -45.88
CA PHE B 86 67.34 -53.32 -44.53
C PHE B 86 65.87 -53.09 -44.27
N SER B 87 65.20 -54.08 -43.70
CA SER B 87 63.76 -54.01 -43.46
C SER B 87 63.41 -54.85 -42.25
N GLY B 88 62.23 -54.58 -41.70
CA GLY B 88 61.73 -55.34 -40.57
C GLY B 88 60.23 -55.32 -40.53
N SER B 89 59.64 -56.39 -40.00
CA SER B 89 58.19 -56.48 -39.89
C SER B 89 57.85 -57.46 -38.77
N GLY B 90 56.60 -57.40 -38.33
CA GLY B 90 56.12 -58.28 -37.30
C GLY B 90 55.04 -57.62 -36.47
N SER B 91 54.42 -58.41 -35.61
CA SER B 91 53.38 -57.92 -34.73
C SER B 91 53.28 -58.85 -33.52
N GLY B 92 52.65 -58.34 -32.47
CA GLY B 92 52.48 -59.15 -31.27
C GLY B 92 53.81 -59.47 -30.61
N THR B 93 53.99 -60.73 -30.26
CA THR B 93 55.18 -61.18 -29.52
C THR B 93 56.27 -61.73 -30.42
N ASP B 94 56.09 -61.68 -31.74
CA ASP B 94 57.06 -62.23 -32.68
C ASP B 94 57.44 -61.16 -33.70
N PHE B 95 58.75 -60.99 -33.92
CA PHE B 95 59.26 -60.03 -34.88
C PHE B 95 60.39 -60.68 -35.67
N SER B 96 60.61 -60.19 -36.89
CA SER B 96 61.66 -60.73 -37.75
C SER B 96 62.32 -59.62 -38.54
N LEU B 97 63.60 -59.80 -38.83
CA LEU B 97 64.39 -58.86 -39.61
C LEU B 97 65.05 -59.61 -40.76
N ASN B 98 64.86 -59.11 -41.99
CA ASN B 98 65.43 -59.72 -43.17
C ASN B 98 66.15 -58.67 -44.01
N ILE B 99 67.29 -59.06 -44.58
CA ILE B 99 68.12 -58.16 -45.37
C ILE B 99 68.40 -58.81 -46.71
N HIS B 100 68.39 -58.00 -47.77
CA HIS B 100 68.64 -58.48 -49.13
C HIS B 100 68.91 -57.30 -50.06
N PRO B 101 69.94 -57.39 -50.92
CA PRO B 101 70.88 -58.50 -51.08
C PRO B 101 71.98 -58.49 -50.03
N VAL B 102 72.58 -59.64 -49.75
CA VAL B 102 73.63 -59.74 -48.75
C VAL B 102 74.91 -59.10 -49.30
N GLU B 103 75.50 -58.20 -48.52
CA GLU B 103 76.69 -57.49 -48.94
C GLU B 103 77.73 -57.45 -47.84
N GLU B 104 78.74 -56.58 -47.98
CA GLU B 104 79.82 -56.46 -47.01
C GLU B 104 79.44 -55.58 -45.82
N ASP B 105 78.19 -55.14 -45.73
CA ASP B 105 77.74 -54.36 -44.58
C ASP B 105 77.23 -55.22 -43.44
N ASP B 106 76.74 -56.42 -43.74
CA ASP B 106 76.14 -57.30 -42.75
C ASP B 106 77.18 -58.23 -42.13
N ILE B 107 78.20 -57.62 -41.52
CA ILE B 107 79.28 -58.35 -40.88
C ILE B 107 79.27 -58.19 -39.36
N ALA B 108 78.54 -57.22 -38.84
CA ALA B 108 78.54 -56.92 -37.42
C ALA B 108 77.39 -57.66 -36.73
N MET B 109 77.33 -57.53 -35.41
CA MET B 109 76.28 -58.15 -34.63
C MET B 109 74.99 -57.32 -34.73
N TYR B 110 73.89 -57.91 -34.27
CA TYR B 110 72.61 -57.25 -34.26
C TYR B 110 71.91 -57.50 -32.93
N PHE B 111 71.15 -56.50 -32.47
CA PHE B 111 70.44 -56.59 -31.21
C PHE B 111 69.01 -56.07 -31.39
N CYS B 112 68.11 -56.59 -30.55
CA CYS B 112 66.74 -56.10 -30.47
C CYS B 112 66.49 -55.57 -29.08
N GLN B 113 65.97 -54.35 -29.00
CA GLN B 113 65.67 -53.69 -27.74
C GLN B 113 64.19 -53.39 -27.67
N GLN B 114 63.56 -53.71 -26.54
CA GLN B 114 62.18 -53.36 -26.30
C GLN B 114 62.11 -52.12 -25.42
N SER B 115 61.02 -51.37 -25.56
CA SER B 115 60.82 -50.17 -24.75
C SER B 115 59.41 -50.11 -24.18
N ARG B 116 58.73 -51.25 -24.06
CA ARG B 116 57.39 -51.25 -23.49
C ARG B 116 57.43 -51.08 -21.97
N LYS B 117 58.35 -51.76 -21.30
CA LYS B 117 58.41 -51.78 -19.85
C LYS B 117 59.78 -51.31 -19.36
N VAL B 118 59.78 -50.38 -18.43
CA VAL B 118 61.01 -49.97 -17.76
C VAL B 118 61.41 -51.03 -16.75
N PRO B 119 62.67 -51.47 -16.69
CA PRO B 119 63.83 -51.03 -17.48
C PRO B 119 63.92 -51.66 -18.87
N SER B 120 64.58 -50.98 -19.80
CA SER B 120 64.77 -51.53 -21.14
C SER B 120 65.79 -52.66 -21.12
N THR B 121 65.58 -53.63 -22.00
CA THR B 121 66.42 -54.82 -22.08
C THR B 121 66.87 -55.05 -23.51
N PHE B 122 67.97 -55.78 -23.65
CA PHE B 122 68.55 -56.09 -24.95
C PHE B 122 68.59 -57.60 -25.16
N GLY B 123 68.93 -58.00 -26.37
CA GLY B 123 68.95 -59.39 -26.78
C GLY B 123 70.28 -60.06 -26.55
N GLY B 124 70.54 -61.10 -27.33
CA GLY B 124 71.74 -61.89 -27.16
C GLY B 124 72.80 -61.66 -28.23
N GLY B 125 72.40 -61.07 -29.35
CA GLY B 125 73.33 -60.79 -30.43
C GLY B 125 73.41 -61.92 -31.46
N THR B 126 73.77 -61.53 -32.67
CA THR B 126 73.89 -62.48 -33.78
C THR B 126 74.83 -61.91 -34.83
N LYS B 127 75.86 -62.67 -35.17
CA LYS B 127 76.83 -62.29 -36.20
C LYS B 127 76.52 -63.00 -37.51
N LEU B 128 77.09 -62.48 -38.60
CA LEU B 128 76.87 -63.01 -39.93
C LEU B 128 78.20 -63.18 -40.66
N GLU B 129 78.28 -64.20 -41.50
CA GLU B 129 79.46 -64.44 -42.32
C GLU B 129 79.13 -65.32 -43.52
N LYS C 25 20.54 -62.98 3.99
CA LYS C 25 20.08 -62.21 5.13
C LYS C 25 21.24 -61.84 6.04
N ILE C 26 22.29 -61.27 5.46
CA ILE C 26 23.47 -60.82 6.18
C ILE C 26 23.74 -59.38 5.80
N VAL C 27 24.38 -58.66 6.73
CA VAL C 27 24.80 -57.28 6.48
C VAL C 27 26.27 -57.17 6.89
N ASN C 28 27.11 -56.71 5.98
CA ASN C 28 28.52 -56.53 6.24
C ASN C 28 28.80 -55.07 6.60
N ILE C 29 29.84 -54.86 7.40
CA ILE C 29 30.29 -53.52 7.78
C ILE C 29 31.81 -53.53 7.69
N GLY C 30 32.35 -52.98 6.60
CA GLY C 30 33.78 -52.92 6.44
C GLY C 30 34.41 -51.83 7.28
N ALA C 31 35.73 -51.92 7.45
CA ALA C 31 36.45 -50.96 8.28
C ALA C 31 37.93 -51.03 7.97
N VAL C 32 38.54 -49.90 7.67
CA VAL C 32 39.97 -49.83 7.33
C VAL C 32 40.70 -49.30 8.56
N LEU C 33 41.14 -50.21 9.42
CA LEU C 33 41.77 -49.85 10.68
C LEU C 33 43.28 -50.02 10.59
N SER C 34 43.97 -49.54 11.64
CA SER C 34 45.42 -49.42 11.62
C SER C 34 46.13 -50.63 12.21
N THR C 35 45.68 -51.13 13.36
CA THR C 35 46.34 -52.22 14.05
C THR C 35 45.50 -53.49 14.03
N ARG C 36 46.19 -54.64 14.02
CA ARG C 36 45.49 -55.93 14.07
C ARG C 36 44.69 -56.08 15.36
N LYS C 37 45.23 -55.59 16.48
CA LYS C 37 44.47 -55.60 17.73
C LYS C 37 43.20 -54.77 17.59
N HIS C 38 43.28 -53.63 16.90
CA HIS C 38 42.10 -52.82 16.68
C HIS C 38 41.08 -53.55 15.80
N GLU C 39 41.56 -54.30 14.81
CA GLU C 39 40.65 -55.11 14.00
C GLU C 39 39.95 -56.15 14.87
N GLN C 40 40.70 -56.77 15.79
CA GLN C 40 40.09 -57.75 16.68
C GLN C 40 39.03 -57.10 17.57
N MET C 41 39.33 -55.90 18.07
CA MET C 41 38.35 -55.17 18.87
C MET C 41 37.10 -54.87 18.06
N PHE C 42 37.27 -54.50 16.78
CA PHE C 42 36.14 -54.24 15.92
C PHE C 42 35.29 -55.49 15.72
N ARG C 43 35.93 -56.63 15.48
CA ARG C 43 35.19 -57.87 15.28
C ARG C 43 34.41 -58.25 16.54
N GLU C 44 35.05 -58.15 17.70
CA GLU C 44 34.36 -58.46 18.95
C GLU C 44 33.20 -57.49 19.20
N ALA C 45 33.40 -56.20 18.88
CA ALA C 45 32.32 -55.24 19.05
C ALA C 45 31.13 -55.56 18.15
N VAL C 46 31.39 -55.96 16.91
CA VAL C 46 30.31 -56.35 16.03
C VAL C 46 29.57 -57.56 16.59
N ASN C 47 30.32 -58.56 17.06
CA ASN C 47 29.71 -59.76 17.60
C ASN C 47 28.84 -59.45 18.81
N GLN C 48 29.33 -58.57 19.69
CA GLN C 48 28.54 -58.17 20.86
C GLN C 48 27.31 -57.37 20.45
N ALA C 49 27.44 -56.47 19.48
CA ALA C 49 26.30 -55.70 19.00
C ALA C 49 25.30 -56.54 18.24
N ASN C 50 25.64 -57.77 17.89
CA ASN C 50 24.67 -58.71 17.34
C ASN C 50 23.56 -59.03 18.33
N LYS C 51 23.80 -58.90 19.63
CA LYS C 51 22.89 -59.39 20.66
C LYS C 51 21.90 -58.35 21.13
N ARG C 52 22.30 -57.08 21.23
CA ARG C 52 21.46 -56.02 21.80
C ARG C 52 20.10 -55.96 21.12
N HIS C 53 20.06 -56.23 19.82
CA HIS C 53 18.82 -56.31 19.08
C HIS C 53 18.42 -57.75 18.77
N GLY C 54 19.21 -58.73 19.21
CA GLY C 54 18.94 -60.11 18.90
C GLY C 54 19.62 -60.56 17.62
N SER C 55 19.80 -61.87 17.50
CA SER C 55 20.45 -62.49 16.35
C SER C 55 19.40 -63.29 15.59
N TRP C 56 18.74 -62.62 14.64
CA TRP C 56 17.72 -63.24 13.80
C TRP C 56 18.40 -63.91 12.61
N LYS C 57 17.64 -64.23 11.55
CA LYS C 57 18.27 -64.53 10.28
C LYS C 57 19.19 -63.40 9.84
N ILE C 58 18.78 -62.15 10.11
CA ILE C 58 19.66 -61.00 9.92
C ILE C 58 20.82 -61.09 10.91
N GLN C 59 22.04 -61.09 10.38
CA GLN C 59 23.25 -61.27 11.19
C GLN C 59 24.37 -60.41 10.62
N LEU C 60 25.03 -59.64 11.47
CA LEU C 60 26.09 -58.75 11.03
C LEU C 60 27.43 -59.49 10.93
N ASN C 61 28.22 -59.11 9.93
CA ASN C 61 29.53 -59.70 9.70
C ASN C 61 30.53 -58.59 9.42
N ALA C 62 31.80 -58.84 9.76
CA ALA C 62 32.83 -57.81 9.74
C ALA C 62 33.97 -58.21 8.81
N THR C 63 34.43 -57.26 7.99
CA THR C 63 35.55 -57.43 7.07
C THR C 63 36.44 -56.20 7.16
N SER C 64 37.70 -56.40 7.54
CA SER C 64 38.61 -55.28 7.74
C SER C 64 39.93 -55.49 7.00
N VAL C 65 40.65 -54.39 6.80
CA VAL C 65 42.00 -54.38 6.24
C VAL C 65 42.83 -53.36 7.01
N THR C 66 44.08 -53.16 6.58
CA THR C 66 44.98 -52.20 7.18
C THR C 66 45.35 -51.13 6.17
N HIS C 67 45.92 -50.03 6.67
CA HIS C 67 46.34 -48.95 5.79
C HIS C 67 47.58 -49.39 5.00
N LYS C 68 47.85 -48.66 3.92
CA LYS C 68 48.99 -48.92 3.07
C LYS C 68 49.65 -47.59 2.75
N PRO C 69 50.95 -47.59 2.43
CA PRO C 69 51.68 -46.31 2.37
C PRO C 69 51.40 -45.48 1.13
N ASN C 70 50.89 -46.11 0.07
CA ASN C 70 50.73 -45.45 -1.22
C ASN C 70 49.24 -45.23 -1.48
N ALA C 71 48.87 -43.99 -1.74
CA ALA C 71 47.46 -43.67 -1.90
C ALA C 71 46.82 -44.44 -3.05
N ILE C 72 47.48 -44.47 -4.21
CA ILE C 72 46.88 -45.09 -5.39
C ILE C 72 46.71 -46.58 -5.22
N GLN C 73 47.64 -47.24 -4.52
CA GLN C 73 47.50 -48.65 -4.22
C GLN C 73 46.38 -48.90 -3.22
N MET C 74 46.23 -48.03 -2.23
CA MET C 74 45.15 -48.18 -1.27
C MET C 74 43.79 -47.97 -1.91
N ALA C 75 43.68 -47.04 -2.84
CA ALA C 75 42.40 -46.75 -3.47
C ALA C 75 41.92 -47.90 -4.36
N LEU C 76 42.81 -48.80 -4.74
CA LEU C 76 42.45 -50.03 -5.42
C LEU C 76 42.17 -51.16 -4.44
N SER C 77 42.96 -51.24 -3.37
CA SER C 77 42.73 -52.28 -2.37
C SER C 77 41.38 -52.13 -1.71
N VAL C 78 40.98 -50.89 -1.37
CA VAL C 78 39.67 -50.69 -0.77
C VAL C 78 38.58 -51.19 -1.71
N CYS C 79 38.65 -50.77 -2.98
CA CYS C 79 37.62 -51.17 -3.93
C CYS C 79 37.53 -52.69 -4.02
N GLU C 80 38.61 -53.34 -4.44
CA GLU C 80 38.57 -54.79 -4.57
C GLU C 80 38.08 -55.45 -3.29
N ASP C 81 38.85 -55.33 -2.20
CA ASP C 81 38.58 -56.12 -1.00
C ASP C 81 37.22 -55.80 -0.41
N LEU C 82 36.96 -54.53 -0.08
CA LEU C 82 35.72 -54.22 0.62
C LEU C 82 34.51 -54.33 -0.30
N ILE C 83 34.57 -53.74 -1.49
CA ILE C 83 33.38 -53.66 -2.32
C ILE C 83 32.98 -55.04 -2.85
N SER C 84 33.96 -55.91 -3.13
CA SER C 84 33.59 -57.23 -3.63
C SER C 84 32.81 -58.05 -2.60
N SER C 85 32.78 -57.63 -1.34
CA SER C 85 32.01 -58.29 -0.31
C SER C 85 30.70 -57.56 0.01
N GLN C 86 30.31 -56.60 -0.83
CA GLN C 86 29.03 -55.91 -0.72
C GLN C 86 28.82 -55.33 0.67
N VAL C 87 29.70 -54.40 1.05
CA VAL C 87 29.63 -53.78 2.36
C VAL C 87 28.51 -52.74 2.40
N TYR C 88 28.15 -52.31 3.61
CA TYR C 88 27.11 -51.33 3.83
C TYR C 88 27.62 -50.02 4.38
N ALA C 89 28.87 -49.96 4.82
CA ALA C 89 29.50 -48.76 5.36
C ALA C 89 30.97 -49.08 5.62
N ILE C 90 31.79 -48.04 5.67
CA ILE C 90 33.23 -48.20 5.85
C ILE C 90 33.69 -47.27 6.96
N LEU C 91 34.57 -47.78 7.82
CA LEU C 91 35.14 -47.01 8.92
C LEU C 91 36.63 -46.82 8.68
N VAL C 92 37.11 -45.59 8.91
CA VAL C 92 38.51 -45.25 8.69
C VAL C 92 39.14 -44.81 10.01
N SER C 93 40.43 -45.09 10.18
CA SER C 93 41.07 -44.93 11.48
C SER C 93 42.21 -43.92 11.52
N HIS C 94 42.78 -43.53 10.37
CA HIS C 94 43.77 -42.46 10.32
C HIS C 94 45.03 -42.77 11.13
N PRO C 95 45.93 -43.63 10.62
CA PRO C 95 47.12 -43.97 11.39
C PRO C 95 48.01 -42.77 11.59
N PRO C 96 48.80 -42.74 12.68
CA PRO C 96 49.66 -41.58 12.97
C PRO C 96 50.96 -41.62 12.17
N THR C 97 51.07 -40.70 11.22
CA THR C 97 52.24 -40.57 10.37
C THR C 97 52.49 -39.09 10.11
N PRO C 98 53.71 -38.72 9.71
CA PRO C 98 53.99 -37.32 9.35
C PRO C 98 53.23 -36.85 8.12
N ASN C 99 52.57 -37.73 7.37
CA ASN C 99 51.71 -37.32 6.26
C ASN C 99 50.46 -36.60 6.73
N ASP C 100 50.29 -36.43 8.04
CA ASP C 100 49.22 -35.64 8.64
C ASP C 100 47.88 -36.28 8.26
N HIS C 101 46.85 -35.46 8.09
CA HIS C 101 45.54 -35.92 7.66
C HIS C 101 45.54 -36.00 6.13
N PHE C 102 44.35 -36.11 5.53
CA PHE C 102 44.17 -36.40 4.11
C PHE C 102 44.58 -37.84 3.79
N THR C 103 44.49 -38.71 4.79
CA THR C 103 44.65 -40.15 4.62
C THR C 103 43.35 -40.83 4.21
N PRO C 104 42.18 -40.46 4.75
CA PRO C 104 40.92 -41.06 4.28
C PRO C 104 40.39 -40.50 2.97
N THR C 105 41.16 -39.66 2.28
CA THR C 105 40.72 -39.18 0.97
C THR C 105 40.52 -40.31 -0.05
N PRO C 106 41.46 -41.25 -0.23
CA PRO C 106 41.22 -42.33 -1.18
C PRO C 106 40.01 -43.18 -0.87
N VAL C 107 39.69 -43.39 0.41
CA VAL C 107 38.50 -44.16 0.77
C VAL C 107 37.23 -43.36 0.51
N SER C 108 37.22 -42.08 0.89
CA SER C 108 36.03 -41.27 0.72
C SER C 108 35.67 -41.11 -0.75
N TYR C 109 36.67 -40.93 -1.61
CA TYR C 109 36.37 -40.74 -3.04
C TYR C 109 35.78 -42.01 -3.66
N THR C 110 36.42 -43.15 -3.44
CA THR C 110 35.95 -44.39 -4.04
C THR C 110 34.59 -44.79 -3.48
N ALA C 111 34.37 -44.62 -2.17
CA ALA C 111 33.09 -44.99 -1.60
C ALA C 111 31.99 -44.00 -1.99
N GLY C 112 32.33 -42.72 -2.15
CA GLY C 112 31.34 -41.76 -2.58
C GLY C 112 30.96 -41.87 -4.03
N PHE C 113 31.80 -42.52 -4.85
CA PHE C 113 31.38 -42.80 -6.21
C PHE C 113 30.08 -43.61 -6.24
N TYR C 114 29.91 -44.55 -5.32
CA TYR C 114 28.73 -45.39 -5.24
C TYR C 114 27.74 -44.95 -4.17
N ARG C 115 28.00 -43.83 -3.51
CA ARG C 115 27.14 -43.31 -2.44
C ARG C 115 26.96 -44.32 -1.31
N ILE C 116 28.08 -44.83 -0.82
CA ILE C 116 28.13 -45.76 0.31
C ILE C 116 28.65 -44.98 1.53
N PRO C 117 27.86 -44.83 2.59
CA PRO C 117 28.26 -43.95 3.69
C PRO C 117 29.56 -44.37 4.35
N VAL C 118 30.34 -43.38 4.77
CA VAL C 118 31.63 -43.57 5.43
C VAL C 118 31.60 -42.86 6.77
N LEU C 119 32.11 -43.52 7.81
CA LEU C 119 32.17 -42.94 9.15
C LEU C 119 33.63 -42.72 9.52
N GLY C 120 33.98 -41.46 9.80
CA GLY C 120 35.32 -41.15 10.26
C GLY C 120 35.44 -41.26 11.76
N LEU C 121 36.68 -41.45 12.24
CA LEU C 121 36.89 -41.65 13.67
C LEU C 121 37.77 -40.58 14.30
N THR C 122 38.95 -40.33 13.76
CA THR C 122 39.87 -39.39 14.41
C THR C 122 40.27 -38.22 13.52
N THR C 123 40.04 -38.29 12.22
CA THR C 123 40.37 -37.18 11.33
C THR C 123 39.52 -35.95 11.67
N ARG C 124 40.16 -34.79 11.79
CA ARG C 124 39.50 -33.61 12.30
C ARG C 124 39.63 -32.38 11.40
N MET C 125 40.11 -32.52 10.17
CA MET C 125 40.25 -31.35 9.31
C MET C 125 38.89 -30.85 8.85
N SER C 126 38.85 -29.58 8.42
CA SER C 126 37.62 -28.92 8.04
C SER C 126 37.19 -29.18 6.60
N ILE C 127 38.05 -29.76 5.77
CA ILE C 127 37.71 -29.95 4.36
C ILE C 127 36.57 -30.95 4.21
N TYR C 128 36.49 -31.93 5.11
CA TYR C 128 35.51 -32.99 4.96
C TYR C 128 34.08 -32.56 5.30
N SER C 129 33.88 -31.35 5.81
CA SER C 129 32.53 -30.86 6.05
C SER C 129 31.85 -30.41 4.76
N ASP C 130 32.60 -30.20 3.70
CA ASP C 130 32.06 -29.68 2.45
C ASP C 130 31.41 -30.83 1.69
N LYS C 131 30.08 -30.83 1.62
CA LYS C 131 29.37 -31.95 1.01
C LYS C 131 29.27 -31.85 -0.51
N SER C 132 29.82 -30.80 -1.12
CA SER C 132 29.92 -30.76 -2.56
C SER C 132 31.02 -31.69 -3.06
N ILE C 133 32.11 -31.81 -2.30
CA ILE C 133 33.27 -32.56 -2.71
C ILE C 133 33.19 -33.98 -2.14
N HIS C 134 33.06 -34.10 -0.83
CA HIS C 134 32.89 -35.40 -0.17
C HIS C 134 31.40 -35.65 0.00
N LEU C 135 30.86 -36.57 -0.78
CA LEU C 135 29.41 -36.72 -0.89
C LEU C 135 28.80 -37.53 0.24
N SER C 136 29.54 -38.43 0.87
CA SER C 136 28.96 -39.38 1.82
C SER C 136 29.86 -39.58 3.03
N PHE C 137 30.28 -38.50 3.69
CA PHE C 137 31.21 -38.57 4.81
C PHE C 137 30.54 -38.12 6.10
N LEU C 138 30.58 -38.96 7.12
CA LEU C 138 30.15 -38.62 8.48
C LEU C 138 31.28 -38.95 9.44
N ARG C 139 31.37 -38.21 10.54
CA ARG C 139 32.41 -38.47 11.53
C ARG C 139 31.90 -38.16 12.93
N THR C 140 32.54 -38.76 13.92
CA THR C 140 32.10 -38.66 15.30
C THR C 140 32.91 -37.69 16.15
N VAL C 141 33.91 -37.02 15.59
CA VAL C 141 34.69 -36.01 16.30
C VAL C 141 34.46 -34.66 15.62
N PRO C 142 34.21 -33.60 16.36
CA PRO C 142 34.01 -32.29 15.73
C PRO C 142 35.30 -31.78 15.12
N PRO C 143 35.21 -31.04 14.01
CA PRO C 143 36.44 -30.56 13.34
C PRO C 143 37.14 -29.44 14.11
N TYR C 144 38.14 -28.83 13.48
CA TYR C 144 38.94 -27.77 14.07
C TYR C 144 38.26 -26.41 14.05
N SER C 145 36.98 -26.34 13.73
CA SER C 145 36.30 -25.04 13.61
C SER C 145 35.39 -24.73 14.80
N HIS C 146 34.94 -25.75 15.53
CA HIS C 146 34.06 -25.50 16.68
C HIS C 146 34.82 -24.83 17.83
N GLN C 147 36.14 -24.87 17.79
CA GLN C 147 36.94 -24.08 18.72
C GLN C 147 36.55 -22.61 18.61
N SER C 148 36.05 -22.20 17.44
CA SER C 148 35.52 -20.85 17.30
C SER C 148 34.32 -20.62 18.23
N SER C 149 33.41 -21.59 18.31
CA SER C 149 32.28 -21.47 19.23
C SER C 149 32.76 -21.44 20.67
N VAL C 150 33.74 -22.27 21.00
CA VAL C 150 34.26 -22.26 22.37
C VAL C 150 34.84 -20.90 22.72
N TRP C 151 35.63 -20.32 21.82
CA TRP C 151 36.21 -19.00 22.06
C TRP C 151 35.15 -17.93 22.20
N PHE C 152 34.12 -17.98 21.34
CA PHE C 152 33.07 -16.98 21.45
C PHE C 152 32.34 -17.08 22.77
N GLU C 153 32.08 -18.30 23.24
CA GLU C 153 31.44 -18.47 24.55
C GLU C 153 32.32 -17.93 25.67
N MET C 154 33.63 -18.21 25.61
CA MET C 154 34.52 -17.72 26.65
C MET C 154 34.65 -16.20 26.61
N MET C 155 34.46 -15.58 25.45
CA MET C 155 34.52 -14.13 25.36
C MET C 155 33.39 -13.48 26.17
N ARG C 156 32.20 -14.05 26.11
CA ARG C 156 31.06 -13.46 26.82
C ARG C 156 31.24 -13.53 28.33
N VAL C 157 31.76 -14.65 28.83
CA VAL C 157 31.92 -14.83 30.27
C VAL C 157 32.88 -13.79 30.84
N TYR C 158 33.99 -13.54 30.15
CA TYR C 158 35.00 -12.61 30.63
C TYR C 158 34.84 -11.20 30.10
N ASN C 159 33.75 -10.92 29.39
CA ASN C 159 33.33 -9.59 28.95
C ASN C 159 34.26 -8.96 27.92
N TRP C 160 35.26 -9.69 27.41
CA TRP C 160 36.07 -9.16 26.34
C TRP C 160 35.22 -8.94 25.09
N ASN C 161 35.38 -7.76 24.47
CA ASN C 161 34.57 -7.42 23.30
C ASN C 161 35.42 -6.83 22.17
N HIS C 162 36.74 -6.98 22.23
CA HIS C 162 37.62 -6.54 21.16
C HIS C 162 38.75 -7.55 21.02
N ILE C 163 38.87 -8.17 19.85
CA ILE C 163 39.86 -9.21 19.60
C ILE C 163 40.58 -8.94 18.30
N ILE C 164 41.78 -9.52 18.18
CA ILE C 164 42.59 -9.46 16.97
C ILE C 164 42.78 -10.88 16.47
N LEU C 165 42.15 -11.20 15.35
CA LEU C 165 42.15 -12.56 14.82
C LEU C 165 43.34 -12.77 13.90
N LEU C 166 44.01 -13.91 14.06
CA LEU C 166 45.19 -14.26 13.29
C LEU C 166 44.93 -15.57 12.57
N VAL C 167 45.08 -15.56 11.24
CA VAL C 167 44.62 -16.64 10.38
C VAL C 167 45.74 -17.03 9.43
N SER C 168 45.76 -18.30 9.01
CA SER C 168 46.83 -18.83 8.19
C SER C 168 46.58 -18.76 6.69
N ASP C 169 45.42 -18.26 6.25
CA ASP C 169 45.12 -18.05 4.85
C ASP C 169 44.86 -19.35 4.10
N ASP C 170 45.07 -20.48 4.77
CA ASP C 170 44.74 -21.80 4.24
C ASP C 170 43.25 -22.06 4.40
N HIS C 171 42.80 -23.26 4.00
CA HIS C 171 41.38 -23.59 4.12
C HIS C 171 40.95 -23.66 5.57
N GLU C 172 41.79 -24.22 6.45
CA GLU C 172 41.44 -24.31 7.86
C GLU C 172 41.28 -22.92 8.46
N GLY C 173 42.19 -22.01 8.14
CA GLY C 173 42.08 -20.65 8.62
C GLY C 173 40.85 -19.95 8.10
N ARG C 174 40.55 -20.10 6.81
CA ARG C 174 39.36 -19.47 6.27
C ARG C 174 38.09 -20.02 6.91
N ALA C 175 38.06 -21.33 7.17
CA ALA C 175 36.90 -21.93 7.83
C ALA C 175 36.70 -21.36 9.22
N ALA C 176 37.80 -21.27 10.00
CA ALA C 176 37.69 -20.72 11.35
C ALA C 176 37.24 -19.26 11.32
N GLN C 177 37.82 -18.47 10.42
CA GLN C 177 37.46 -17.05 10.33
C GLN C 177 35.98 -16.88 9.96
N LYS C 178 35.51 -17.66 8.99
CA LYS C 178 34.11 -17.57 8.58
C LYS C 178 33.18 -17.97 9.72
N ARG C 179 33.52 -19.04 10.45
CA ARG C 179 32.68 -19.45 11.57
C ARG C 179 32.59 -18.36 12.64
N LEU C 180 33.73 -17.76 13.00
CA LEU C 180 33.71 -16.73 14.02
C LEU C 180 32.94 -15.50 13.57
N GLU C 181 33.11 -15.10 12.31
CA GLU C 181 32.37 -13.94 11.81
C GLU C 181 30.87 -14.22 11.80
N THR C 182 30.46 -15.42 11.40
CA THR C 182 29.04 -15.76 11.43
C THR C 182 28.49 -15.69 12.85
N LEU C 183 29.25 -16.21 13.83
CA LEU C 183 28.79 -16.11 15.20
C LEU C 183 28.65 -14.66 15.65
N LEU C 184 29.63 -13.81 15.31
CA LEU C 184 29.58 -12.41 15.73
C LEU C 184 28.57 -11.58 14.95
N GLU C 185 27.98 -12.12 13.88
CA GLU C 185 26.99 -11.36 13.13
C GLU C 185 25.75 -11.06 13.97
N GLU C 186 25.39 -11.95 14.89
CA GLU C 186 24.18 -11.76 15.69
C GLU C 186 24.25 -10.48 16.51
N ARG C 187 25.40 -10.23 17.16
CA ARG C 187 25.60 -9.01 17.91
C ARG C 187 25.68 -7.79 17.00
N GLU C 188 25.80 -7.99 15.69
CA GLU C 188 25.96 -6.91 14.72
C GLU C 188 27.20 -6.08 15.04
N SER C 189 28.27 -6.76 15.41
CA SER C 189 29.56 -6.15 15.69
C SER C 189 30.63 -6.82 14.85
N LYS C 190 31.64 -6.04 14.46
CA LYS C 190 32.74 -6.52 13.63
C LYS C 190 34.00 -6.66 14.45
N ALA C 191 34.74 -7.74 14.20
CA ALA C 191 36.04 -7.92 14.85
C ALA C 191 36.99 -6.80 14.43
N GLU C 192 37.90 -6.46 15.33
CA GLU C 192 38.74 -5.28 15.13
C GLU C 192 39.61 -5.43 13.88
N LYS C 193 40.23 -6.60 13.70
CA LYS C 193 41.04 -6.84 12.52
C LYS C 193 41.21 -8.34 12.33
N VAL C 194 41.54 -8.73 11.10
CA VAL C 194 41.79 -10.13 10.75
C VAL C 194 43.03 -10.18 9.88
N LEU C 195 44.19 -10.44 10.49
CA LEU C 195 45.43 -10.56 9.75
C LEU C 195 45.59 -11.96 9.18
N GLN C 196 46.20 -12.05 8.00
CA GLN C 196 46.41 -13.32 7.31
C GLN C 196 47.84 -13.41 6.83
N PHE C 197 48.57 -14.43 7.31
CA PHE C 197 49.92 -14.70 6.86
C PHE C 197 49.92 -15.93 5.96
N ASP C 198 51.10 -16.25 5.42
CA ASP C 198 51.24 -17.35 4.48
C ASP C 198 51.77 -18.58 5.19
N PRO C 199 51.27 -19.78 4.87
CA PRO C 199 51.77 -20.98 5.53
C PRO C 199 53.27 -21.17 5.29
N GLY C 200 53.97 -21.64 6.33
CA GLY C 200 55.39 -21.84 6.22
C GLY C 200 56.21 -20.58 6.12
N THR C 201 55.69 -19.47 6.63
CA THR C 201 56.36 -18.19 6.51
C THR C 201 57.62 -18.14 7.37
N LYS C 202 58.49 -17.18 7.05
CA LYS C 202 59.74 -16.98 7.76
C LYS C 202 59.77 -15.73 8.62
N ASN C 203 59.23 -14.62 8.13
CA ASN C 203 59.24 -13.36 8.87
C ASN C 203 57.82 -12.82 8.95
N VAL C 204 57.37 -12.50 10.16
CA VAL C 204 56.00 -12.08 10.39
C VAL C 204 55.98 -10.83 11.26
N THR C 205 57.17 -10.28 11.54
CA THR C 205 57.26 -9.08 12.37
C THR C 205 56.52 -7.91 11.74
N ALA C 206 56.47 -7.86 10.40
CA ALA C 206 55.76 -6.79 9.73
C ALA C 206 54.28 -6.79 10.08
N LEU C 207 53.66 -7.97 10.11
CA LEU C 207 52.26 -8.04 10.49
C LEU C 207 52.08 -7.87 12.00
N LEU C 208 53.03 -8.37 12.79
CA LEU C 208 52.90 -8.23 14.24
C LEU C 208 52.99 -6.78 14.68
N MET C 209 53.71 -5.93 13.94
CA MET C 209 53.74 -4.51 14.29
C MET C 209 52.37 -3.88 14.10
N GLU C 210 51.73 -4.13 12.95
CA GLU C 210 50.38 -3.62 12.73
C GLU C 210 49.40 -4.18 13.74
N ALA C 211 49.64 -5.41 14.21
CA ALA C 211 48.84 -5.94 15.30
C ALA C 211 49.06 -5.16 16.60
N ARG C 212 50.32 -4.78 16.86
CA ARG C 212 50.64 -4.02 18.07
C ARG C 212 49.95 -2.66 18.06
N GLU C 213 49.89 -2.02 16.90
CA GLU C 213 49.36 -0.64 16.85
C GLU C 213 47.88 -0.55 17.20
N LEU C 214 47.16 -1.66 17.27
CA LEU C 214 45.72 -1.62 17.53
C LEU C 214 45.45 -1.51 19.03
N GLU C 215 44.18 -1.20 19.36
CA GLU C 215 43.79 -1.01 20.75
C GLU C 215 43.67 -2.34 21.49
N ALA C 216 43.09 -3.35 20.85
CA ALA C 216 42.73 -4.58 21.53
C ALA C 216 43.98 -5.37 21.92
N ARG C 217 43.79 -6.28 22.89
CA ARG C 217 44.91 -7.07 23.40
C ARG C 217 44.58 -8.56 23.56
N VAL C 218 43.42 -9.01 23.11
CA VAL C 218 43.09 -10.43 23.10
C VAL C 218 43.50 -10.99 21.74
N ILE C 219 44.55 -11.80 21.72
CA ILE C 219 45.08 -12.37 20.48
C ILE C 219 44.54 -13.79 20.32
N ILE C 220 43.90 -14.06 19.19
CA ILE C 220 43.40 -15.38 18.86
C ILE C 220 44.25 -15.93 17.72
N LEU C 221 44.73 -17.15 17.87
CA LEU C 221 45.65 -17.75 16.92
C LEU C 221 45.03 -19.02 16.34
N SER C 222 45.33 -19.28 15.06
CA SER C 222 44.88 -20.51 14.42
C SER C 222 45.87 -20.85 13.30
N ALA C 223 46.81 -21.74 13.60
CA ALA C 223 47.82 -22.13 12.62
C ALA C 223 48.47 -23.43 13.07
N SER C 224 49.28 -23.99 12.19
CA SER C 224 49.92 -25.28 12.42
C SER C 224 50.99 -25.14 13.49
N GLU C 225 51.72 -26.24 13.74
CA GLU C 225 52.74 -26.23 14.78
C GLU C 225 53.92 -25.34 14.39
N ASP C 226 54.39 -25.43 13.15
CA ASP C 226 55.53 -24.62 12.72
C ASP C 226 55.18 -23.13 12.75
N ASP C 227 54.00 -22.77 12.24
CA ASP C 227 53.59 -21.38 12.28
C ASP C 227 53.39 -20.89 13.70
N ALA C 228 52.85 -21.76 14.57
CA ALA C 228 52.70 -21.40 15.97
C ALA C 228 54.06 -21.12 16.62
N ALA C 229 55.05 -21.98 16.33
CA ALA C 229 56.38 -21.75 16.87
C ALA C 229 56.97 -20.45 16.36
N THR C 230 56.82 -20.17 15.06
CA THR C 230 57.39 -18.93 14.51
C THR C 230 56.73 -17.70 15.11
N VAL C 231 55.41 -17.69 15.23
CA VAL C 231 54.75 -16.52 15.80
C VAL C 231 55.10 -16.37 17.28
N TYR C 232 55.26 -17.47 18.01
CA TYR C 232 55.71 -17.36 19.40
C TYR C 232 57.11 -16.77 19.48
N ARG C 233 58.00 -17.19 18.57
CA ARG C 233 59.35 -16.64 18.54
C ARG C 233 59.33 -15.14 18.27
N ALA C 234 58.53 -14.72 17.29
CA ALA C 234 58.44 -13.30 16.97
C ALA C 234 57.84 -12.50 18.12
N ALA C 235 56.84 -13.07 18.80
CA ALA C 235 56.26 -12.38 19.95
C ALA C 235 57.27 -12.22 21.06
N ALA C 236 58.08 -13.26 21.30
CA ALA C 236 59.14 -13.14 22.31
C ALA C 236 60.15 -12.07 21.91
N MET C 237 60.49 -11.99 20.62
CA MET C 237 61.41 -10.96 20.16
C MET C 237 60.84 -9.56 20.38
N LEU C 238 59.56 -9.36 20.04
CA LEU C 238 58.97 -8.03 20.11
C LEU C 238 58.40 -7.69 21.49
N ASN C 239 58.49 -8.61 22.45
CA ASN C 239 58.09 -8.34 23.84
C ASN C 239 56.61 -7.99 23.94
N MET C 240 55.78 -8.88 23.39
CA MET C 240 54.33 -8.73 23.41
C MET C 240 53.65 -9.72 24.36
N THR C 241 54.33 -10.12 25.43
CA THR C 241 53.78 -11.07 26.39
C THR C 241 53.70 -10.47 27.79
N GLY C 242 53.60 -9.15 27.90
CA GLY C 242 53.57 -8.47 29.18
C GLY C 242 52.16 -8.37 29.74
N SER C 243 51.98 -7.42 30.64
CA SER C 243 50.68 -7.22 31.26
C SER C 243 49.68 -6.67 30.25
N GLY C 244 48.45 -7.18 30.32
CA GLY C 244 47.39 -6.77 29.43
C GLY C 244 47.23 -7.65 28.21
N TYR C 245 48.23 -8.42 27.84
CA TYR C 245 48.12 -9.34 26.72
C TYR C 245 47.40 -10.61 27.16
N VAL C 246 46.43 -11.05 26.36
CA VAL C 246 45.74 -12.32 26.56
C VAL C 246 45.88 -13.13 25.29
N TRP C 247 46.36 -14.37 25.43
CA TRP C 247 46.49 -15.30 24.32
C TRP C 247 45.36 -16.31 24.38
N LEU C 248 44.90 -16.76 23.22
CA LEU C 248 43.76 -17.67 23.13
C LEU C 248 43.95 -18.51 21.88
N VAL C 249 44.43 -19.74 22.05
CA VAL C 249 44.85 -20.57 20.92
C VAL C 249 44.01 -21.84 20.86
N GLY C 250 44.30 -22.69 19.89
CA GLY C 250 43.57 -23.94 19.68
C GLY C 250 44.33 -25.14 20.22
N GLU C 251 43.92 -26.32 19.74
CA GLU C 251 44.54 -27.55 20.21
C GLU C 251 45.91 -27.78 19.60
N ARG C 252 46.10 -27.43 18.34
CA ARG C 252 47.36 -27.71 17.66
C ARG C 252 48.51 -26.92 18.24
N GLU C 253 48.26 -25.71 18.73
CA GLU C 253 49.32 -24.80 19.13
C GLU C 253 49.81 -25.04 20.54
N ILE C 254 49.35 -26.10 21.20
CA ILE C 254 49.87 -26.44 22.52
C ILE C 254 50.35 -27.89 22.50
N SER C 255 50.83 -28.33 21.34
CA SER C 255 51.56 -29.58 21.21
C SER C 255 52.97 -29.27 20.69
N GLY C 256 53.80 -30.30 20.67
CA GLY C 256 55.09 -30.23 19.98
C GLY C 256 55.91 -28.99 20.23
N ASN C 257 56.50 -28.46 19.16
CA ASN C 257 57.40 -27.32 19.28
C ASN C 257 56.68 -26.07 19.78
N ALA C 258 55.41 -25.92 19.44
CA ALA C 258 54.66 -24.76 19.91
C ALA C 258 54.58 -24.74 21.42
N LEU C 259 54.32 -25.89 22.04
CA LEU C 259 54.35 -25.98 23.49
C LEU C 259 55.77 -25.91 24.03
N ARG C 260 56.75 -26.36 23.23
CA ARG C 260 58.14 -26.23 23.66
C ARG C 260 58.53 -24.77 23.86
N TYR C 261 58.12 -23.90 22.96
CA TYR C 261 58.43 -22.46 23.05
C TYR C 261 57.12 -21.69 23.11
N ALA C 262 56.55 -21.57 24.32
CA ALA C 262 55.27 -20.91 24.50
C ALA C 262 55.33 -19.98 25.70
N PRO C 263 54.87 -18.73 25.57
CA PRO C 263 54.81 -17.84 26.73
C PRO C 263 53.79 -18.34 27.74
N ASP C 264 54.09 -18.11 29.02
CA ASP C 264 53.26 -18.63 30.10
C ASP C 264 51.89 -17.97 30.12
N GLY C 265 50.96 -18.61 30.82
CA GLY C 265 49.62 -18.08 30.94
C GLY C 265 48.79 -18.16 29.69
N ILE C 266 49.19 -18.99 28.72
CA ILE C 266 48.46 -19.11 27.46
C ILE C 266 47.33 -20.13 27.63
N ILE C 267 46.15 -19.77 27.16
CA ILE C 267 44.94 -20.55 27.37
C ILE C 267 44.63 -21.32 26.10
N GLY C 268 44.75 -22.65 26.16
CA GLY C 268 44.42 -23.52 25.05
C GLY C 268 43.13 -24.28 25.28
N LEU C 269 42.93 -25.30 24.45
CA LEU C 269 41.78 -26.20 24.57
C LEU C 269 42.24 -27.63 24.42
N GLN C 270 41.28 -28.56 24.50
CA GLN C 270 41.55 -29.98 24.30
C GLN C 270 40.21 -30.69 24.14
N LEU C 271 40.26 -31.92 23.62
CA LEU C 271 39.07 -32.73 23.44
C LEU C 271 39.19 -33.97 24.32
N ILE C 272 38.14 -34.25 25.08
CA ILE C 272 38.14 -35.36 26.03
C ILE C 272 37.80 -36.65 25.29
N ASN C 273 38.66 -37.66 25.42
CA ASN C 273 38.50 -38.95 24.77
C ASN C 273 38.49 -38.84 23.24
N GLY C 274 39.05 -37.75 22.72
CA GLY C 274 39.14 -37.57 21.28
C GLY C 274 40.17 -38.46 20.61
N LYS C 275 41.06 -39.06 21.39
CA LYS C 275 42.02 -40.02 20.88
C LYS C 275 41.79 -41.42 21.46
N ASN C 276 40.57 -41.69 21.94
CA ASN C 276 40.21 -42.98 22.51
C ASN C 276 39.65 -43.84 21.40
N GLU C 277 40.53 -44.54 20.69
CA GLU C 277 40.14 -45.23 19.47
C GLU C 277 39.13 -46.33 19.77
N SER C 278 39.33 -47.10 20.84
CA SER C 278 38.40 -48.18 21.15
C SER C 278 37.01 -47.64 21.48
N ALA C 279 36.94 -46.55 22.25
CA ALA C 279 35.65 -45.96 22.56
C ALA C 279 34.95 -45.48 21.30
N HIS C 280 35.70 -44.84 20.40
CA HIS C 280 35.08 -44.37 19.16
C HIS C 280 34.60 -45.53 18.30
N ILE C 281 35.37 -46.63 18.25
CA ILE C 281 34.94 -47.80 17.50
C ILE C 281 33.64 -48.35 18.04
N SER C 282 33.55 -48.48 19.37
CA SER C 282 32.33 -49.01 19.98
C SER C 282 31.14 -48.11 19.69
N ASP C 283 31.31 -46.79 19.81
CA ASP C 283 30.23 -45.87 19.52
C ASP C 283 29.78 -45.99 18.06
N ALA C 284 30.74 -46.05 17.15
CA ALA C 284 30.39 -46.12 15.73
C ALA C 284 29.63 -47.39 15.40
N VAL C 285 30.10 -48.52 15.94
CA VAL C 285 29.41 -49.79 15.65
C VAL C 285 28.01 -49.77 16.22
N GLY C 286 27.85 -49.24 17.44
CA GLY C 286 26.50 -49.15 18.00
C GLY C 286 25.57 -48.31 17.15
N VAL C 287 26.04 -47.13 16.72
CA VAL C 287 25.19 -46.24 15.94
C VAL C 287 24.84 -46.89 14.61
N VAL C 288 25.80 -47.53 13.95
CA VAL C 288 25.54 -48.16 12.67
C VAL C 288 24.53 -49.29 12.81
N ALA C 289 24.68 -50.12 13.85
CA ALA C 289 23.75 -51.22 14.04
C ALA C 289 22.33 -50.71 14.31
N GLN C 290 22.21 -49.70 15.18
CA GLN C 290 20.88 -49.16 15.45
C GLN C 290 20.26 -48.56 14.20
N ALA C 291 21.06 -47.84 13.40
CA ALA C 291 20.54 -47.23 12.18
C ALA C 291 20.10 -48.30 11.18
N VAL C 292 20.88 -49.38 11.05
CA VAL C 292 20.49 -50.46 10.14
C VAL C 292 19.17 -51.09 10.58
N HIS C 293 19.03 -51.36 11.87
CA HIS C 293 17.79 -51.97 12.35
C HIS C 293 16.60 -51.03 12.17
N GLU C 294 16.81 -49.73 12.38
CA GLU C 294 15.76 -48.76 12.13
C GLU C 294 15.38 -48.73 10.65
N LEU C 295 16.37 -48.90 9.77
CA LEU C 295 16.09 -48.91 8.34
C LEU C 295 15.39 -50.19 7.90
N LEU C 296 15.60 -51.30 8.61
CA LEU C 296 15.00 -52.56 8.20
C LEU C 296 13.48 -52.52 8.29
N GLU C 297 12.93 -51.72 9.20
CA GLU C 297 11.48 -51.60 9.31
C GLU C 297 10.85 -50.98 8.08
N LYS C 298 11.62 -50.27 7.27
CA LYS C 298 11.14 -49.66 6.05
C LYS C 298 11.35 -50.62 4.88
N GLU C 299 10.76 -50.27 3.74
CA GLU C 299 10.79 -51.11 2.56
C GLU C 299 11.50 -50.39 1.42
N ASN C 300 11.40 -50.97 0.21
CA ASN C 300 12.05 -50.46 -0.98
C ASN C 300 13.57 -50.38 -0.79
N ILE C 301 14.15 -51.56 -0.54
CA ILE C 301 15.56 -51.69 -0.19
C ILE C 301 16.24 -52.60 -1.22
N THR C 302 17.33 -52.13 -1.80
CA THR C 302 18.15 -52.90 -2.72
C THR C 302 19.39 -53.40 -1.97
N ASP C 303 20.37 -53.91 -2.74
CA ASP C 303 21.62 -54.38 -2.15
C ASP C 303 22.80 -53.68 -2.81
N PRO C 304 23.87 -53.43 -2.06
CA PRO C 304 24.98 -52.65 -2.59
C PRO C 304 25.61 -53.33 -3.79
N PRO C 305 26.22 -52.56 -4.70
CA PRO C 305 26.80 -53.16 -5.89
C PRO C 305 28.02 -53.99 -5.56
N ARG C 306 28.35 -54.89 -6.48
CA ARG C 306 29.42 -55.86 -6.27
C ARG C 306 30.51 -55.63 -7.30
N GLY C 307 31.75 -55.52 -6.83
CA GLY C 307 32.87 -55.38 -7.73
C GLY C 307 33.14 -53.96 -8.17
N CYS C 308 34.42 -53.62 -8.32
CA CYS C 308 34.80 -52.29 -8.79
C CYS C 308 34.57 -52.13 -10.29
N VAL C 309 34.56 -53.22 -11.05
CA VAL C 309 34.61 -53.19 -12.50
C VAL C 309 33.28 -53.68 -13.07
N GLY C 310 32.73 -52.93 -14.01
CA GLY C 310 31.51 -53.31 -14.69
C GLY C 310 30.26 -52.63 -14.20
N ASN C 311 30.29 -52.01 -13.03
CA ASN C 311 29.13 -51.32 -12.48
C ASN C 311 29.40 -49.83 -12.48
N THR C 312 28.47 -49.06 -13.05
CA THR C 312 28.60 -47.63 -13.11
C THR C 312 27.51 -46.88 -12.37
N ASN C 313 26.32 -47.45 -12.23
CA ASN C 313 25.25 -46.77 -11.53
C ASN C 313 25.53 -46.69 -10.04
N ILE C 314 24.92 -45.71 -9.38
CA ILE C 314 25.06 -45.54 -7.95
C ILE C 314 24.17 -46.53 -7.21
N TRP C 315 24.38 -46.67 -5.91
CA TRP C 315 23.47 -47.44 -5.06
C TRP C 315 22.15 -46.69 -4.96
N LYS C 316 21.05 -47.39 -5.28
CA LYS C 316 19.75 -46.71 -5.35
C LYS C 316 19.32 -46.17 -4.00
N THR C 317 19.55 -46.93 -2.93
CA THR C 317 19.06 -46.58 -1.60
C THR C 317 20.12 -45.94 -0.72
N GLY C 318 21.29 -45.62 -1.28
CA GLY C 318 22.36 -45.01 -0.52
C GLY C 318 21.99 -43.69 0.14
N PRO C 319 21.37 -42.78 -0.61
CA PRO C 319 20.89 -41.54 0.02
C PRO C 319 19.89 -41.78 1.14
N LEU C 320 19.00 -42.77 0.98
CA LEU C 320 18.04 -43.06 2.05
C LEU C 320 18.75 -43.58 3.29
N PHE C 321 19.71 -44.49 3.11
CA PHE C 321 20.45 -44.99 4.26
C PHE C 321 21.22 -43.86 4.95
N LYS C 322 21.81 -42.96 4.17
CA LYS C 322 22.54 -41.85 4.77
C LYS C 322 21.59 -40.91 5.52
N ARG C 323 20.39 -40.70 4.99
CA ARG C 323 19.41 -39.88 5.70
C ARG C 323 19.03 -40.52 7.02
N VAL C 324 18.83 -41.85 7.02
CA VAL C 324 18.53 -42.55 8.26
C VAL C 324 19.68 -42.39 9.25
N LEU C 325 20.92 -42.52 8.77
CA LEU C 325 22.08 -42.35 9.64
C LEU C 325 22.13 -40.95 10.23
N MET C 326 21.84 -39.93 9.43
CA MET C 326 21.85 -38.56 9.93
C MET C 326 20.76 -38.34 10.97
N SER C 327 19.60 -38.96 10.78
CA SER C 327 18.46 -38.70 11.67
C SER C 327 18.55 -39.44 13.00
N SER C 328 19.60 -40.23 13.23
CA SER C 328 19.68 -41.00 14.46
C SER C 328 19.89 -40.08 15.67
N LYS C 329 19.23 -40.43 16.77
CA LYS C 329 19.38 -39.76 18.06
C LYS C 329 19.77 -40.82 19.07
N TYR C 330 21.07 -41.08 19.18
CA TYR C 330 21.59 -42.12 20.05
C TYR C 330 21.48 -41.69 21.52
N ALA C 331 21.43 -42.68 22.40
CA ALA C 331 21.27 -42.40 23.82
C ALA C 331 22.44 -42.91 24.65
N ASP C 332 22.75 -44.20 24.52
CA ASP C 332 23.77 -44.84 25.34
C ASP C 332 25.10 -44.81 24.62
N GLY C 333 26.01 -43.96 25.08
CA GLY C 333 27.33 -43.89 24.47
C GLY C 333 28.40 -43.64 25.53
N VAL C 334 29.64 -43.98 25.15
CA VAL C 334 30.76 -43.71 26.04
C VAL C 334 30.90 -42.22 26.29
N THR C 335 30.81 -41.43 25.23
CA THR C 335 30.86 -39.98 25.34
C THR C 335 29.48 -39.35 25.38
N GLY C 336 28.44 -40.14 25.67
CA GLY C 336 27.10 -39.63 25.75
C GLY C 336 26.35 -39.75 24.44
N ARG C 337 25.17 -39.13 24.43
CA ARG C 337 24.33 -39.14 23.24
C ARG C 337 25.06 -38.48 22.08
N VAL C 338 25.08 -39.16 20.94
CA VAL C 338 25.76 -38.68 19.75
C VAL C 338 24.71 -38.38 18.68
N GLU C 339 24.62 -37.12 18.28
CA GLU C 339 23.69 -36.69 17.25
C GLU C 339 24.45 -35.80 16.26
N PHE C 340 24.07 -35.91 14.99
CA PHE C 340 24.78 -35.27 13.89
C PHE C 340 24.02 -34.04 13.44
N ASN C 341 24.73 -32.94 13.22
CA ASN C 341 24.10 -31.70 12.76
C ASN C 341 23.86 -31.78 11.25
N GLU C 342 23.60 -30.63 10.62
CA GLU C 342 23.21 -30.62 9.22
C GLU C 342 24.35 -31.01 8.30
N ASP C 343 25.59 -30.65 8.62
CA ASP C 343 26.72 -30.97 7.76
C ASP C 343 27.25 -32.38 7.99
N GLY C 344 26.75 -33.10 8.99
CA GLY C 344 27.23 -34.45 9.22
C GLY C 344 28.44 -34.48 10.13
N ASP C 345 28.37 -33.79 11.25
CA ASP C 345 29.46 -33.69 12.21
C ASP C 345 28.97 -34.19 13.57
N ARG C 346 29.77 -33.93 14.59
CA ARG C 346 29.43 -34.30 15.96
C ARG C 346 28.89 -33.09 16.70
N LYS C 347 27.92 -33.32 17.58
CA LYS C 347 27.35 -32.26 18.39
C LYS C 347 27.62 -32.52 19.86
N PHE C 348 27.79 -31.42 20.60
CA PHE C 348 27.94 -31.45 22.06
C PHE C 348 29.11 -32.33 22.49
N ALA C 349 30.32 -31.85 22.21
CA ALA C 349 31.54 -32.53 22.65
C ALA C 349 32.14 -31.80 23.85
N ASN C 350 32.51 -32.55 24.88
CA ASN C 350 33.06 -31.97 26.09
C ASN C 350 34.55 -31.68 25.89
N TYR C 351 34.92 -30.40 25.92
CA TYR C 351 36.30 -29.97 25.80
C TYR C 351 36.91 -29.80 27.20
N SER C 352 38.20 -29.51 27.23
CA SER C 352 38.88 -29.12 28.45
C SER C 352 39.61 -27.80 28.20
N ILE C 353 39.67 -26.97 29.23
CA ILE C 353 40.30 -25.65 29.14
C ILE C 353 41.53 -25.66 30.03
N MET C 354 42.70 -25.55 29.42
CA MET C 354 43.97 -25.68 30.12
C MET C 354 44.66 -24.34 30.22
N ASN C 355 45.67 -24.29 31.10
CA ASN C 355 46.49 -23.10 31.28
C ASN C 355 47.93 -23.52 31.45
N LEU C 356 48.84 -22.85 30.75
CA LEU C 356 50.27 -23.17 30.81
C LEU C 356 50.84 -22.45 32.02
N GLN C 357 50.89 -23.16 33.15
CA GLN C 357 51.34 -22.61 34.43
C GLN C 357 52.77 -23.07 34.66
N ASN C 358 53.73 -22.19 34.35
CA ASN C 358 55.16 -22.48 34.47
C ASN C 358 55.55 -23.71 33.64
N ARG C 359 55.28 -23.60 32.33
CA ARG C 359 55.63 -24.63 31.35
C ARG C 359 55.03 -25.99 31.71
N LYS C 360 53.82 -25.96 32.26
CA LYS C 360 53.07 -27.17 32.59
C LYS C 360 51.59 -26.91 32.32
N LEU C 361 50.89 -27.93 31.82
CA LEU C 361 49.47 -27.82 31.52
C LEU C 361 48.66 -28.26 32.73
N VAL C 362 47.90 -27.33 33.31
CA VAL C 362 47.06 -27.59 34.46
C VAL C 362 45.64 -27.16 34.12
N GLN C 363 44.67 -28.04 34.38
CA GLN C 363 43.29 -27.73 34.07
C GLN C 363 42.77 -26.62 34.98
N VAL C 364 42.03 -25.69 34.38
CA VAL C 364 41.46 -24.58 35.14
C VAL C 364 39.97 -24.48 34.83
N GLY C 365 39.43 -25.52 34.21
CA GLY C 365 38.01 -25.56 33.92
C GLY C 365 37.69 -26.69 32.97
N ILE C 366 36.40 -26.87 32.75
CA ILE C 366 35.89 -27.81 31.75
C ILE C 366 34.71 -27.17 31.05
N TYR C 367 34.67 -27.32 29.72
CA TYR C 367 33.60 -26.74 28.90
C TYR C 367 32.46 -27.76 28.79
N ASN C 368 31.34 -27.44 29.42
CA ASN C 368 30.13 -28.25 29.24
C ASN C 368 29.68 -28.19 27.78
N GLY C 369 28.88 -29.17 27.39
CA GLY C 369 28.38 -29.26 26.03
C GLY C 369 27.88 -27.96 25.43
N THR C 370 27.33 -27.08 26.26
CA THR C 370 26.87 -25.78 25.78
C THR C 370 27.13 -24.63 26.75
N HIS C 371 27.93 -24.83 27.80
CA HIS C 371 28.27 -23.77 28.73
C HIS C 371 29.69 -23.99 29.24
N VAL C 372 30.17 -23.04 30.04
CA VAL C 372 31.51 -23.09 30.61
C VAL C 372 31.39 -23.19 32.13
N ILE C 373 32.04 -24.19 32.71
CA ILE C 373 32.03 -24.42 34.15
C ILE C 373 33.46 -24.36 34.65
N PRO C 374 33.86 -23.26 35.28
CA PRO C 374 35.25 -23.13 35.74
C PRO C 374 35.57 -24.10 36.88
N ASN C 375 36.85 -24.42 37.00
CA ASN C 375 37.34 -25.29 38.06
C ASN C 375 37.69 -24.42 39.27
N ASP C 376 38.32 -25.04 40.28
CA ASP C 376 38.72 -24.34 41.49
C ASP C 376 40.18 -23.92 41.49
N ARG C 377 40.93 -24.23 40.44
CA ARG C 377 42.35 -23.92 40.41
C ARG C 377 42.57 -22.45 40.09
N LYS C 378 43.83 -22.03 40.11
CA LYS C 378 44.22 -20.64 39.90
C LYS C 378 44.63 -20.42 38.45
N ILE C 379 44.24 -19.28 37.90
CA ILE C 379 44.54 -18.92 36.52
C ILE C 379 45.64 -17.86 36.55
N ILE C 380 46.87 -18.28 36.28
CA ILE C 380 48.01 -17.36 36.26
C ILE C 380 48.13 -16.79 34.84
N TRP C 381 47.86 -15.50 34.70
CA TRP C 381 47.91 -14.82 33.42
C TRP C 381 49.37 -14.54 33.03
N PRO C 382 49.63 -14.23 31.74
CA PRO C 382 51.02 -14.18 31.27
C PRO C 382 51.94 -13.31 32.10
N GLY C 383 51.48 -12.16 32.57
CA GLY C 383 52.32 -11.33 33.41
C GLY C 383 52.65 -11.99 34.74
N GLY C 384 51.67 -12.65 35.34
CA GLY C 384 51.83 -13.23 36.66
C GLY C 384 50.72 -12.79 37.59
N GLU C 385 49.87 -11.90 37.11
CA GLU C 385 48.76 -11.40 37.90
C GLU C 385 47.76 -12.51 38.19
N THR C 386 47.17 -12.47 39.38
CA THR C 386 46.11 -13.39 39.78
C THR C 386 44.73 -12.81 39.56
N GLU C 387 44.64 -11.61 38.98
CA GLU C 387 43.39 -10.97 38.63
C GLU C 387 43.25 -10.97 37.12
N LYS C 388 42.02 -11.15 36.65
CA LYS C 388 41.80 -11.24 35.20
C LYS C 388 42.19 -9.92 34.55
N PRO C 389 42.94 -9.95 33.45
CA PRO C 389 43.30 -8.70 32.77
C PRO C 389 42.30 -8.34 31.68
N ARG C 390 42.11 -7.04 31.52
CA ARG C 390 41.30 -6.50 30.43
C ARG C 390 42.22 -5.76 29.48
N GLY C 391 42.25 -6.18 28.22
CA GLY C 391 43.09 -5.47 27.28
C GLY C 391 42.29 -4.60 26.33
N TYR C 392 42.22 -3.30 26.65
CA TYR C 392 41.60 -2.31 25.77
C TYR C 392 42.18 -0.96 26.17
N GLN C 393 43.21 -0.52 25.43
CA GLN C 393 43.86 0.75 25.71
C GLN C 393 43.42 1.79 24.70
N MET C 394 42.70 2.80 25.17
CA MET C 394 42.20 3.84 24.27
C MET C 394 43.33 4.75 23.83
N SER C 395 43.25 5.22 22.59
CA SER C 395 44.28 6.09 22.03
C SER C 395 44.04 7.51 22.53
N THR C 396 44.88 7.96 23.45
CA THR C 396 44.76 9.30 24.01
C THR C 396 45.45 10.37 23.18
N ARG C 397 46.05 9.99 22.06
CA ARG C 397 46.62 10.95 21.10
C ARG C 397 45.88 10.77 19.78
N LEU C 398 44.94 11.68 19.51
CA LEU C 398 44.11 11.61 18.32
C LEU C 398 44.73 12.36 17.16
N LYS C 399 44.32 12.00 15.94
CA LYS C 399 44.73 12.70 14.73
C LYS C 399 43.49 13.36 14.13
N ILE C 400 43.35 14.67 14.35
CA ILE C 400 42.25 15.44 13.78
C ILE C 400 42.56 15.77 12.33
N VAL C 401 41.52 15.84 11.51
CA VAL C 401 41.64 16.24 10.10
C VAL C 401 40.63 17.34 9.82
N THR C 402 41.06 18.38 9.10
CA THR C 402 40.20 19.53 8.86
C THR C 402 40.54 20.16 7.51
N ILE C 403 39.70 21.12 7.10
CA ILE C 403 39.77 21.73 5.79
C ILE C 403 39.70 23.25 5.94
N HIS C 404 39.96 23.95 4.83
CA HIS C 404 40.01 25.41 4.80
C HIS C 404 38.63 25.97 4.42
N GLN C 405 37.88 26.36 5.46
CA GLN C 405 36.56 27.00 5.22
C GLN C 405 36.77 28.52 5.33
N GLU C 406 35.73 29.31 5.05
CA GLU C 406 35.91 30.78 5.06
C GLU C 406 35.89 31.31 6.50
N PRO C 407 34.76 31.22 7.25
CA PRO C 407 34.66 31.79 8.60
C PRO C 407 34.99 30.83 9.74
N PHE C 408 35.14 29.53 9.46
CA PHE C 408 35.36 28.54 10.49
C PHE C 408 36.84 28.28 10.75
N VAL C 409 37.58 27.88 9.72
CA VAL C 409 38.98 27.49 9.86
C VAL C 409 39.81 28.30 8.88
N TYR C 410 40.65 29.20 9.41
CA TYR C 410 41.59 29.97 8.60
C TYR C 410 42.91 29.24 8.51
N VAL C 411 43.65 29.46 7.42
CA VAL C 411 44.98 28.91 7.22
C VAL C 411 45.96 30.06 7.02
N LYS C 412 47.03 30.08 7.82
CA LYS C 412 48.02 31.15 7.77
C LYS C 412 49.43 30.56 7.79
N PRO C 413 50.33 31.09 6.96
CA PRO C 413 51.72 30.59 6.96
C PRO C 413 52.45 30.95 8.25
N THR C 414 53.42 30.10 8.60
CA THR C 414 54.18 30.29 9.83
C THR C 414 55.09 31.51 9.71
N MET C 415 55.64 31.94 10.85
CA MET C 415 56.48 33.13 10.87
C MET C 415 57.91 32.82 10.44
N SER C 416 58.63 32.04 11.25
CA SER C 416 60.02 31.72 10.96
C SER C 416 60.24 30.22 10.75
N ASP C 417 59.93 29.39 11.76
CA ASP C 417 60.05 27.95 11.62
C ASP C 417 59.14 27.31 12.68
N GLY C 418 57.97 26.85 12.25
CA GLY C 418 57.05 26.20 13.17
C GLY C 418 56.52 27.07 14.28
N THR C 419 56.48 28.39 14.09
CA THR C 419 55.93 29.32 15.07
C THR C 419 54.92 30.24 14.42
N CYS C 420 53.91 30.63 15.20
CA CYS C 420 52.80 31.44 14.72
C CYS C 420 52.83 32.80 15.40
N LYS C 421 52.64 33.85 14.60
CA LYS C 421 52.56 35.21 15.12
C LYS C 421 51.31 35.34 15.98
N GLU C 422 51.48 35.83 17.22
CA GLU C 422 50.38 35.86 18.18
C GLU C 422 49.67 37.20 18.08
N GLU C 423 48.58 37.22 17.33
CA GLU C 423 47.76 38.41 17.16
C GLU C 423 46.80 38.57 18.33
N PHE C 424 46.09 39.71 18.33
CA PHE C 424 45.07 40.00 19.33
C PHE C 424 43.74 40.30 18.65
N THR C 425 42.65 39.92 19.31
CA THR C 425 41.32 40.27 18.84
C THR C 425 40.93 41.65 19.35
N VAL C 426 39.78 42.14 18.89
CA VAL C 426 39.26 43.43 19.36
C VAL C 426 38.63 43.34 20.74
N ASN C 427 38.39 42.13 21.24
CA ASN C 427 37.79 41.93 22.56
C ASN C 427 38.84 41.66 23.64
N GLY C 428 40.12 41.72 23.30
CA GLY C 428 41.17 41.40 24.24
C GLY C 428 41.47 39.93 24.40
N ASP C 429 40.83 39.07 23.62
CA ASP C 429 41.12 37.64 23.67
C ASP C 429 42.27 37.34 22.71
N PRO C 430 43.40 36.84 23.19
CA PRO C 430 44.44 36.38 22.26
C PRO C 430 43.93 35.24 21.39
N VAL C 431 44.26 35.31 20.11
CA VAL C 431 43.81 34.30 19.16
C VAL C 431 44.52 33.00 19.44
N LYS C 432 43.75 31.95 19.71
CA LYS C 432 44.32 30.63 19.96
C LYS C 432 44.65 29.94 18.63
N LYS C 433 45.89 29.50 18.48
CA LYS C 433 46.35 28.89 17.26
C LYS C 433 47.03 27.55 17.55
N VAL C 434 47.04 26.68 16.54
CA VAL C 434 47.67 25.37 16.64
C VAL C 434 48.22 25.02 15.27
N ILE C 435 49.38 24.36 15.25
CA ILE C 435 50.13 24.15 14.02
C ILE C 435 49.51 23.01 13.21
N CYS C 436 49.11 23.30 11.98
CA CYS C 436 48.47 22.34 11.09
C CYS C 436 49.34 22.14 9.87
N THR C 437 49.66 20.88 9.57
CA THR C 437 50.60 20.53 8.50
C THR C 437 49.82 20.05 7.28
N GLY C 438 49.97 20.76 6.17
CA GLY C 438 49.25 20.42 4.97
C GLY C 438 49.94 20.85 3.70
N PRO C 439 49.39 20.43 2.56
CA PRO C 439 49.99 20.77 1.27
C PRO C 439 49.64 22.17 0.81
N ASN C 440 50.27 22.60 -0.28
CA ASN C 440 50.03 23.90 -0.88
C ASN C 440 48.96 23.83 -1.98
N ASP C 441 49.15 22.93 -2.94
CA ASP C 441 48.19 22.77 -4.03
C ASP C 441 47.85 21.30 -4.25
N THR C 442 47.02 21.04 -5.27
CA THR C 442 46.64 19.67 -5.58
C THR C 442 47.80 18.94 -6.27
N SER C 443 47.61 17.66 -6.52
CA SER C 443 48.66 16.84 -7.13
C SER C 443 49.09 17.35 -8.50
N PRO C 444 48.20 17.69 -9.44
CA PRO C 444 48.68 18.20 -10.74
C PRO C 444 49.54 19.45 -10.62
N GLY C 445 49.26 20.33 -9.66
CA GLY C 445 50.06 21.51 -9.45
C GLY C 445 51.23 21.27 -8.53
N SER C 446 50.95 20.76 -7.32
CA SER C 446 51.98 20.49 -6.32
C SER C 446 52.10 18.99 -6.13
N PRO C 447 53.13 18.35 -6.69
CA PRO C 447 53.25 16.89 -6.52
C PRO C 447 53.40 16.46 -5.06
N ARG C 448 54.34 17.06 -4.33
CA ARG C 448 54.51 16.73 -2.91
C ARG C 448 55.21 17.90 -2.23
N HIS C 449 54.43 18.69 -1.48
CA HIS C 449 54.96 19.85 -0.75
C HIS C 449 54.17 19.97 0.55
N THR C 450 54.69 19.36 1.61
CA THR C 450 54.03 19.33 2.91
C THR C 450 54.80 20.22 3.89
N VAL C 451 54.20 21.34 4.26
CA VAL C 451 54.86 22.32 5.12
C VAL C 451 53.95 22.71 6.28
N PRO C 452 54.49 22.95 7.47
CA PRO C 452 53.65 23.38 8.59
C PRO C 452 53.07 24.77 8.37
N GLN C 453 51.88 24.99 8.94
CA GLN C 453 51.15 26.23 8.80
C GLN C 453 50.53 26.58 10.15
N CYS C 454 49.67 27.60 10.16
CA CYS C 454 48.97 28.02 11.38
C CYS C 454 47.48 28.08 11.12
N CYS C 455 46.70 27.47 12.00
CA CYS C 455 45.25 27.37 11.88
C CYS C 455 44.59 28.03 13.08
N TYR C 456 43.50 28.76 12.82
CA TYR C 456 42.71 29.33 13.90
C TYR C 456 41.31 29.66 13.36
N GLY C 457 40.37 29.76 14.28
CA GLY C 457 39.02 30.13 13.90
C GLY C 457 38.00 29.51 14.85
N PHE C 458 36.82 29.25 14.31
CA PHE C 458 35.69 28.79 15.10
C PHE C 458 35.86 27.35 15.55
N CYS C 459 36.01 26.43 14.57
CA CYS C 459 36.13 25.03 14.90
C CYS C 459 37.36 24.75 15.75
N ILE C 460 38.41 25.57 15.63
CA ILE C 460 39.59 25.37 16.46
C ILE C 460 39.29 25.71 17.92
N ASP C 461 38.52 26.77 18.16
CA ASP C 461 38.10 27.06 19.53
C ASP C 461 37.24 25.93 20.08
N LEU C 462 36.32 25.40 19.27
CA LEU C 462 35.52 24.28 19.72
C LEU C 462 36.40 23.06 20.04
N LEU C 463 37.40 22.80 19.19
CA LEU C 463 38.29 21.67 19.41
C LEU C 463 39.08 21.85 20.70
N ILE C 464 39.55 23.06 20.98
CA ILE C 464 40.30 23.27 22.22
C ILE C 464 39.40 23.06 23.43
N LYS C 465 38.14 23.52 23.37
CA LYS C 465 37.23 23.28 24.48
C LYS C 465 37.01 21.80 24.70
N LEU C 466 36.76 21.05 23.62
CA LEU C 466 36.54 19.62 23.76
C LEU C 466 37.78 18.91 24.31
N ALA C 467 38.96 19.29 23.83
CA ALA C 467 40.18 18.64 24.29
C ALA C 467 40.43 18.92 25.77
N ARG C 468 40.17 20.15 26.20
CA ARG C 468 40.31 20.46 27.62
C ARG C 468 39.34 19.64 28.46
N THR C 469 38.09 19.50 28.01
CA THR C 469 37.11 18.82 28.84
C THR C 469 37.34 17.31 28.90
N MET C 470 37.69 16.69 27.77
CA MET C 470 37.79 15.23 27.71
C MET C 470 39.17 14.70 28.07
N ASN C 471 40.14 15.56 28.32
CA ASN C 471 41.50 15.16 28.70
C ASN C 471 42.15 14.30 27.62
N PHE C 472 42.37 14.91 26.46
CA PHE C 472 43.15 14.26 25.42
C PHE C 472 43.93 15.31 24.63
N THR C 473 44.98 14.86 23.96
CA THR C 473 45.78 15.71 23.09
C THR C 473 45.44 15.44 21.63
N TYR C 474 46.05 16.21 20.73
CA TYR C 474 45.61 16.20 19.34
C TYR C 474 46.76 16.60 18.44
N GLU C 475 46.51 16.48 17.13
CA GLU C 475 47.47 16.89 16.12
C GLU C 475 46.67 17.24 14.87
N VAL C 476 46.55 18.52 14.57
CA VAL C 476 45.70 19.00 13.49
C VAL C 476 46.48 18.95 12.18
N HIS C 477 45.90 18.34 11.15
CA HIS C 477 46.49 18.36 9.83
C HIS C 477 45.40 18.42 8.78
N LEU C 478 45.73 19.00 7.64
CA LEU C 478 44.75 19.26 6.60
C LEU C 478 44.58 18.02 5.72
N VAL C 479 43.65 18.11 4.77
CA VAL C 479 43.27 17.00 3.92
C VAL C 479 44.02 17.10 2.60
N ALA C 480 44.43 15.96 2.06
CA ALA C 480 45.33 15.96 0.91
C ALA C 480 44.72 16.64 -0.31
N ASP C 481 43.49 16.28 -0.67
CA ASP C 481 42.79 16.93 -1.76
C ASP C 481 41.78 17.92 -1.17
N GLY C 482 40.89 18.44 -2.02
CA GLY C 482 39.98 19.48 -1.57
C GLY C 482 38.51 19.16 -1.66
N LYS C 483 38.12 17.93 -1.34
CA LYS C 483 36.72 17.54 -1.38
C LYS C 483 36.29 16.97 -0.03
N PHE C 484 35.02 17.16 0.30
CA PHE C 484 34.50 16.66 1.57
C PHE C 484 34.28 15.15 1.54
N GLY C 485 33.85 14.62 0.41
CA GLY C 485 33.76 13.18 0.26
C GLY C 485 32.50 12.71 -0.45
N THR C 486 32.68 11.94 -1.52
CA THR C 486 31.59 11.33 -2.25
C THR C 486 32.01 9.93 -2.66
N GLN C 487 31.06 9.14 -3.14
CA GLN C 487 31.34 7.78 -3.59
C GLN C 487 31.43 7.77 -5.12
N GLU C 488 32.59 7.37 -5.62
CA GLU C 488 32.83 7.31 -7.06
C GLU C 488 33.55 6.00 -7.40
N ARG C 489 33.24 5.47 -8.57
CA ARG C 489 33.78 4.19 -9.01
C ARG C 489 35.26 4.29 -9.36
N VAL C 490 35.93 3.14 -9.31
CA VAL C 490 37.28 2.97 -9.85
C VAL C 490 37.17 2.10 -11.09
N ASN C 491 38.11 2.29 -12.03
CA ASN C 491 38.02 1.60 -13.32
C ASN C 491 38.09 0.08 -13.15
N ASN C 492 39.10 -0.40 -12.43
CA ASN C 492 39.32 -1.83 -12.28
C ASN C 492 38.54 -2.36 -11.08
N SER C 493 38.03 -3.59 -11.23
CA SER C 493 37.22 -4.30 -10.26
C SER C 493 35.83 -3.70 -10.09
N ASN C 494 35.55 -2.55 -10.72
CA ASN C 494 34.21 -1.97 -10.78
C ASN C 494 33.61 -1.79 -9.39
N LYS C 495 34.29 -0.99 -8.57
CA LYS C 495 33.92 -0.85 -7.17
C LYS C 495 33.92 0.64 -6.80
N LYS C 496 33.12 0.98 -5.80
CA LYS C 496 32.98 2.34 -5.32
C LYS C 496 33.77 2.55 -4.03
N GLU C 497 34.42 3.71 -3.92
CA GLU C 497 35.27 4.03 -2.79
C GLU C 497 35.05 5.49 -2.39
N TRP C 498 35.43 5.81 -1.16
CA TRP C 498 35.32 7.17 -0.63
C TRP C 498 36.57 7.98 -0.95
N ASN C 499 36.44 9.29 -0.88
CA ASN C 499 37.55 10.20 -1.07
C ASN C 499 37.56 11.27 0.01
N GLY C 500 38.50 12.22 -0.08
CA GLY C 500 38.49 13.37 0.80
C GLY C 500 38.60 13.03 2.27
N MET C 501 37.92 13.84 3.09
CA MET C 501 37.98 13.67 4.54
C MET C 501 37.39 12.34 4.98
N MET C 502 36.29 11.92 4.36
CA MET C 502 35.69 10.64 4.72
C MET C 502 36.62 9.47 4.39
N GLY C 503 37.25 9.53 3.22
CA GLY C 503 38.21 8.51 2.85
C GLY C 503 39.42 8.49 3.78
N GLU C 504 39.84 9.65 4.25
CA GLU C 504 40.94 9.68 5.22
C GLU C 504 40.50 9.13 6.57
N LEU C 505 39.24 9.34 6.95
CA LEU C 505 38.76 8.82 8.23
C LEU C 505 38.62 7.31 8.21
N LEU C 506 38.02 6.77 7.14
CA LEU C 506 37.77 5.34 7.10
C LEU C 506 39.05 4.53 6.94
N SER C 507 40.06 5.09 6.26
CA SER C 507 41.30 4.36 6.03
C SER C 507 42.20 4.31 7.26
N GLY C 508 41.87 5.03 8.32
CA GLY C 508 42.63 4.98 9.56
C GLY C 508 43.64 6.08 9.73
N GLN C 509 43.76 7.01 8.78
CA GLN C 509 44.70 8.11 8.92
C GLN C 509 44.22 9.20 9.87
N ALA C 510 42.97 9.12 10.34
CA ALA C 510 42.40 10.13 11.21
C ALA C 510 41.53 9.47 12.28
N ASP C 511 41.10 10.27 13.26
CA ASP C 511 40.24 9.80 14.33
C ASP C 511 39.01 10.65 14.57
N MET C 512 38.94 11.85 14.01
CA MET C 512 37.84 12.76 14.29
C MET C 512 37.90 13.88 13.26
N ILE C 513 36.76 14.20 12.66
CA ILE C 513 36.69 15.17 11.57
C ILE C 513 36.05 16.44 12.12
N VAL C 514 36.88 17.36 12.60
CA VAL C 514 36.40 18.62 13.15
C VAL C 514 36.38 19.60 11.98
N ALA C 515 35.22 19.70 11.33
CA ALA C 515 35.07 20.52 10.13
C ALA C 515 33.59 20.75 9.90
N PRO C 516 33.23 21.71 9.04
CA PRO C 516 31.82 21.89 8.70
C PRO C 516 31.27 20.76 7.84
N LEU C 517 30.98 19.63 8.46
CA LEU C 517 30.52 18.43 7.77
C LEU C 517 29.00 18.33 7.89
N THR C 518 28.32 18.13 6.77
CA THR C 518 26.87 18.03 6.76
C THR C 518 26.42 16.65 7.24
N ILE C 519 25.17 16.57 7.68
CA ILE C 519 24.56 15.32 8.10
C ILE C 519 23.59 14.87 7.03
N ASN C 520 23.82 13.70 6.45
CA ASN C 520 22.88 13.11 5.52
C ASN C 520 23.02 11.59 5.57
N ASN C 521 22.12 10.90 4.88
CA ASN C 521 21.96 9.45 5.01
C ASN C 521 23.15 8.68 4.47
N GLU C 522 23.72 9.13 3.34
CA GLU C 522 24.81 8.39 2.72
C GLU C 522 26.04 8.35 3.62
N ARG C 523 26.37 9.45 4.27
CA ARG C 523 27.47 9.45 5.23
C ARG C 523 27.07 8.79 6.54
N ALA C 524 25.82 8.95 6.96
CA ALA C 524 25.39 8.37 8.23
C ALA C 524 25.41 6.85 8.20
N GLN C 525 25.31 6.24 7.02
CA GLN C 525 25.35 4.78 6.97
C GLN C 525 26.70 4.22 7.37
N TYR C 526 27.78 4.94 7.12
CA TYR C 526 29.14 4.41 7.31
C TYR C 526 29.88 4.95 8.51
N ILE C 527 29.53 6.13 9.01
CA ILE C 527 30.15 6.71 10.19
C ILE C 527 29.05 7.20 11.13
N GLU C 528 29.45 7.57 12.34
CA GLU C 528 28.51 8.05 13.35
C GLU C 528 28.79 9.51 13.64
N PHE C 529 27.76 10.33 13.51
CA PHE C 529 27.86 11.76 13.75
C PHE C 529 27.60 12.05 15.23
N SER C 530 27.52 13.32 15.59
CA SER C 530 27.14 13.76 16.92
C SER C 530 25.96 14.70 16.82
N LYS C 531 25.52 15.21 17.96
CA LYS C 531 24.45 16.20 17.90
C LYS C 531 24.98 17.48 17.24
N PRO C 532 24.16 18.14 16.44
CA PRO C 532 24.67 19.27 15.65
C PRO C 532 25.13 20.41 16.53
N PHE C 533 26.19 21.09 16.10
CA PHE C 533 26.61 22.32 16.76
C PHE C 533 26.29 23.56 15.94
N LYS C 534 25.54 23.42 14.85
CA LYS C 534 25.15 24.55 14.04
C LYS C 534 23.98 24.13 13.14
N TYR C 535 22.98 24.98 13.05
CA TYR C 535 21.81 24.72 12.22
C TYR C 535 21.75 25.74 11.08
N GLN C 536 21.52 25.27 9.87
CA GLN C 536 21.47 26.14 8.69
C GLN C 536 20.91 25.36 7.52
N GLY C 537 20.96 25.98 6.33
CA GLY C 537 20.51 25.36 5.09
C GLY C 537 21.20 25.95 3.88
N LEU C 538 20.71 25.66 2.68
CA LEU C 538 21.33 26.11 1.45
C LEU C 538 20.65 27.36 0.91
N THR C 539 21.43 28.23 0.25
CA THR C 539 20.91 29.46 -0.31
C THR C 539 21.79 29.86 -1.49
N ILE C 540 21.37 30.91 -2.20
CA ILE C 540 21.98 31.30 -3.46
C ILE C 540 22.65 32.67 -3.31
N LEU C 541 23.86 32.79 -3.86
CA LEU C 541 24.59 34.04 -3.91
C LEU C 541 24.61 34.56 -5.34
N VAL C 542 24.29 35.84 -5.51
CA VAL C 542 24.25 36.48 -6.82
C VAL C 542 24.97 37.83 -6.73
N LYS C 543 25.11 38.47 -7.89
CA LYS C 543 25.88 39.71 -8.03
C LYS C 543 24.94 40.91 -8.00
N LYS C 544 25.20 41.82 -7.08
CA LYS C 544 24.46 43.08 -6.99
C LYS C 544 25.37 44.22 -6.55
N SER C 560 14.25 62.89 -22.90
CA SER C 560 14.12 61.85 -23.91
C SER C 560 13.79 62.44 -25.27
N THR C 561 13.45 61.56 -26.22
CA THR C 561 13.03 62.03 -27.54
C THR C 561 11.73 62.81 -27.44
N LEU C 562 10.80 62.36 -26.60
CA LEU C 562 9.58 63.11 -26.35
C LEU C 562 9.89 64.49 -25.76
N TRP C 563 10.94 64.58 -24.93
CA TRP C 563 11.35 65.87 -24.39
C TRP C 563 11.83 66.81 -25.50
N LEU C 564 12.60 66.29 -26.45
CA LEU C 564 13.02 67.12 -27.58
C LEU C 564 11.82 67.53 -28.44
N LEU C 565 10.87 66.62 -28.65
CA LEU C 565 9.68 66.97 -29.40
C LEU C 565 8.87 68.04 -28.70
N VAL C 566 8.77 67.96 -27.37
CA VAL C 566 8.08 69.00 -26.60
C VAL C 566 8.83 70.32 -26.69
N GLY C 567 10.16 70.27 -26.71
CA GLY C 567 10.94 71.49 -26.92
C GLY C 567 10.65 72.13 -28.26
N LEU C 568 10.57 71.30 -29.31
CA LEU C 568 10.22 71.83 -30.63
C LEU C 568 8.82 72.42 -30.61
N SER C 569 7.87 71.74 -29.95
CA SER C 569 6.50 72.23 -29.89
C SER C 569 6.42 73.58 -29.16
N VAL C 570 7.13 73.72 -28.03
CA VAL C 570 7.08 74.98 -27.31
C VAL C 570 7.78 76.08 -28.09
N HIS C 571 8.84 75.74 -28.84
CA HIS C 571 9.46 76.74 -29.72
C HIS C 571 8.48 77.21 -30.79
N VAL C 572 7.72 76.28 -31.38
CA VAL C 572 6.72 76.65 -32.38
C VAL C 572 5.65 77.53 -31.75
N VAL C 573 5.21 77.19 -30.53
CA VAL C 573 4.21 78.00 -29.85
C VAL C 573 4.74 79.40 -29.58
N ALA C 574 6.00 79.51 -29.18
CA ALA C 574 6.60 80.83 -28.96
C ALA C 574 6.65 81.62 -30.26
N VAL C 575 7.01 80.96 -31.36
CA VAL C 575 7.09 81.65 -32.65
C VAL C 575 5.71 82.18 -33.06
N MET C 576 4.67 81.34 -32.91
CA MET C 576 3.34 81.79 -33.29
C MET C 576 2.83 82.88 -32.35
N LEU C 577 3.20 82.84 -31.07
CA LEU C 577 2.86 83.93 -30.17
C LEU C 577 3.52 85.23 -30.58
N TYR C 578 4.79 85.16 -31.00
CA TYR C 578 5.46 86.36 -31.49
C TYR C 578 4.76 86.91 -32.73
N LEU C 579 4.37 86.02 -33.64
CA LEU C 579 3.66 86.46 -34.85
C LEU C 579 2.32 87.10 -34.49
N LEU C 580 1.60 86.52 -33.53
CA LEU C 580 0.32 87.09 -33.11
C LEU C 580 0.53 88.45 -32.45
N ASP C 581 1.60 88.60 -31.66
CA ASP C 581 1.89 89.90 -31.07
C ASP C 581 2.19 90.93 -32.14
N ARG C 582 2.96 90.55 -33.17
CA ARG C 582 3.25 91.47 -34.26
C ARG C 582 1.97 91.86 -35.01
N PHE C 583 1.09 90.89 -35.26
CA PHE C 583 -0.15 91.16 -35.99
C PHE C 583 -1.11 92.00 -35.17
N SER C 584 -1.11 91.85 -33.85
CA SER C 584 -2.02 92.62 -33.01
C SER C 584 -1.61 94.09 -32.99
N PRO C 585 -2.53 95.01 -33.28
CA PRO C 585 -2.24 96.45 -33.33
C PRO C 585 -1.92 97.03 -31.96
N THR C 602 9.52 94.71 -26.82
CA THR C 602 8.48 94.06 -27.60
C THR C 602 8.96 92.71 -28.13
N LEU C 603 10.10 92.70 -28.80
CA LEU C 603 10.67 91.46 -29.31
C LEU C 603 11.45 90.73 -28.22
N SER C 604 12.49 91.36 -27.69
CA SER C 604 13.27 90.75 -26.62
C SER C 604 12.42 90.56 -25.36
N SER C 605 11.50 91.49 -25.09
CA SER C 605 10.62 91.34 -23.95
C SER C 605 9.75 90.09 -24.08
N ALA C 606 9.18 89.87 -25.27
CA ALA C 606 8.38 88.68 -25.49
C ALA C 606 9.22 87.41 -25.44
N MET C 607 10.45 87.46 -25.98
CA MET C 607 11.33 86.30 -25.92
C MET C 607 11.66 85.94 -24.48
N TRP C 608 11.97 86.94 -23.64
CA TRP C 608 12.29 86.67 -22.25
C TRP C 608 11.05 86.24 -21.47
N PHE C 609 9.88 86.75 -21.83
CA PHE C 609 8.64 86.26 -21.22
C PHE C 609 8.42 84.79 -21.55
N SER C 610 8.68 84.40 -22.80
CA SER C 610 8.57 82.99 -23.18
C SER C 610 9.59 82.15 -22.43
N TRP C 611 10.80 82.67 -22.25
CA TRP C 611 11.82 81.97 -21.47
C TRP C 611 11.35 81.77 -20.03
N GLY C 612 10.73 82.79 -19.43
CA GLY C 612 10.23 82.66 -18.08
C GLY C 612 8.98 81.83 -17.93
N VAL C 613 8.20 81.68 -19.00
CA VAL C 613 6.96 80.92 -18.92
C VAL C 613 7.16 79.44 -19.24
N LEU C 614 7.92 79.14 -20.30
CA LEU C 614 8.06 77.74 -20.71
C LEU C 614 8.76 76.88 -19.66
N LEU C 615 9.49 77.50 -18.74
CA LEU C 615 10.17 76.77 -17.67
C LEU C 615 9.61 77.09 -16.28
N ASN C 616 9.25 78.35 -16.03
CA ASN C 616 8.68 78.77 -14.75
C ASN C 616 9.59 78.41 -13.58
N PHE C 627 -4.03 91.36 -25.45
CA PHE C 627 -4.30 90.38 -24.40
C PHE C 627 -4.72 89.05 -25.00
N SER C 628 -4.81 89.00 -26.33
CA SER C 628 -5.18 87.75 -27.00
C SER C 628 -4.14 86.67 -26.78
N ALA C 629 -2.86 87.03 -26.84
CA ALA C 629 -1.80 86.04 -26.65
C ALA C 629 -1.70 85.55 -25.21
N ARG C 630 -2.25 86.31 -24.25
CA ARG C 630 -2.18 85.89 -22.86
C ARG C 630 -3.01 84.64 -22.59
N ILE C 631 -4.16 84.51 -23.26
CA ILE C 631 -4.99 83.31 -23.11
C ILE C 631 -4.21 82.09 -23.61
N LEU C 632 -3.57 82.22 -24.78
CA LEU C 632 -2.75 81.13 -25.29
C LEU C 632 -1.59 80.83 -24.35
N GLY C 633 -0.98 81.87 -23.79
CA GLY C 633 0.12 81.64 -22.86
C GLY C 633 -0.31 80.88 -21.62
N MET C 634 -1.47 81.24 -21.06
CA MET C 634 -1.94 80.55 -19.86
C MET C 634 -2.36 79.12 -20.16
N VAL C 635 -2.98 78.89 -21.32
CA VAL C 635 -3.34 77.53 -21.70
C VAL C 635 -2.09 76.69 -21.91
N TRP C 636 -1.07 77.26 -22.55
CA TRP C 636 0.19 76.54 -22.73
C TRP C 636 0.90 76.31 -21.40
N ALA C 637 0.77 77.23 -20.45
CA ALA C 637 1.32 77.01 -19.12
C ALA C 637 0.62 75.84 -18.43
N GLY C 638 -0.71 75.75 -18.57
CA GLY C 638 -1.41 74.60 -18.07
C GLY C 638 -0.95 73.30 -18.72
N PHE C 639 -0.73 73.36 -20.04
CA PHE C 639 -0.18 72.20 -20.74
C PHE C 639 1.18 71.80 -20.19
N ALA C 640 2.04 72.79 -19.93
CA ALA C 640 3.36 72.52 -19.40
C ALA C 640 3.28 71.90 -18.00
N MET C 641 2.36 72.40 -17.17
CA MET C 641 2.18 71.81 -15.84
C MET C 641 1.71 70.37 -15.94
N ILE C 642 0.77 70.09 -16.85
CA ILE C 642 0.32 68.72 -17.04
C ILE C 642 1.45 67.84 -17.56
N ILE C 643 2.31 68.40 -18.43
CA ILE C 643 3.41 67.62 -18.99
C ILE C 643 4.45 67.31 -17.93
N VAL C 644 4.78 68.27 -17.07
CA VAL C 644 5.75 68.00 -16.02
C VAL C 644 5.17 67.04 -14.99
N ALA C 645 3.86 67.12 -14.73
CA ALA C 645 3.24 66.14 -13.84
C ALA C 645 3.31 64.74 -14.43
N SER C 646 3.00 64.60 -15.72
CA SER C 646 3.08 63.29 -16.36
C SER C 646 4.51 62.77 -16.40
N TYR C 647 5.48 63.66 -16.64
CA TYR C 647 6.88 63.25 -16.64
C TYR C 647 7.32 62.81 -15.26
N THR C 648 6.89 63.52 -14.21
CA THR C 648 7.19 63.08 -12.85
C THR C 648 6.59 61.71 -12.58
N ALA C 649 5.34 61.50 -13.00
CA ALA C 649 4.71 60.20 -12.79
C ALA C 649 5.45 59.09 -13.52
N ASN C 650 5.84 59.32 -14.77
CA ASN C 650 6.47 58.26 -15.53
C ASN C 650 7.91 58.01 -15.07
N LEU C 651 8.62 59.04 -14.62
CA LEU C 651 9.95 58.81 -14.05
C LEU C 651 9.85 58.05 -12.73
N ALA C 652 8.84 58.37 -11.91
CA ALA C 652 8.63 57.60 -10.69
C ALA C 652 8.33 56.14 -11.01
N ALA C 653 7.49 55.90 -12.02
CA ALA C 653 7.22 54.53 -12.43
C ALA C 653 8.48 53.84 -12.94
N PHE C 654 9.30 54.57 -13.72
CA PHE C 654 10.52 54.01 -14.28
C PHE C 654 11.53 53.66 -13.19
N LEU C 655 11.53 54.40 -12.08
CA LEU C 655 12.46 54.11 -11.00
C LEU C 655 11.89 53.17 -9.95
N VAL C 656 10.59 52.93 -9.94
CA VAL C 656 9.99 52.06 -8.92
C VAL C 656 9.65 50.69 -9.50
N LEU C 657 8.82 50.66 -10.53
CA LEU C 657 8.21 49.40 -10.97
C LEU C 657 9.18 48.54 -11.77
N ASP C 658 9.59 49.03 -12.95
CA ASP C 658 10.44 48.25 -13.85
C ASP C 658 11.86 48.20 -13.28
N ARG C 659 12.05 47.30 -12.31
CA ARG C 659 13.33 47.05 -11.70
C ARG C 659 13.79 45.64 -12.06
N PRO C 660 14.99 45.48 -12.61
CA PRO C 660 15.45 44.13 -12.97
C PRO C 660 15.53 43.23 -11.76
N GLU C 661 15.13 41.98 -11.94
CA GLU C 661 15.16 40.98 -10.87
C GLU C 661 16.46 40.19 -10.98
N GLU C 662 17.54 40.80 -10.48
CA GLU C 662 18.83 40.13 -10.48
C GLU C 662 18.85 38.93 -9.55
N ARG C 663 17.88 38.83 -8.64
CA ARG C 663 17.76 37.69 -7.75
C ARG C 663 17.07 36.52 -8.47
N ILE C 664 17.13 35.36 -7.84
CA ILE C 664 16.54 34.16 -8.41
C ILE C 664 15.36 33.64 -7.57
N THR C 665 15.23 34.07 -6.32
CA THR C 665 14.17 33.61 -5.41
C THR C 665 14.18 32.09 -5.28
N GLY C 666 15.37 31.51 -5.26
CA GLY C 666 15.52 30.11 -4.94
C GLY C 666 15.36 29.19 -6.15
N ILE C 667 15.08 27.92 -5.83
CA ILE C 667 14.99 26.89 -6.85
C ILE C 667 13.71 27.01 -7.68
N ASN C 668 12.73 27.78 -7.20
CA ASN C 668 11.43 27.88 -7.87
C ASN C 668 11.45 28.83 -9.06
N ASP C 669 12.61 29.19 -9.59
CA ASP C 669 12.67 30.00 -10.80
C ASP C 669 12.57 29.10 -12.02
N PRO C 670 11.55 29.27 -12.87
CA PRO C 670 11.49 28.48 -14.12
C PRO C 670 12.68 28.74 -15.03
N ARG C 671 13.31 29.92 -14.93
CA ARG C 671 14.50 30.18 -15.73
C ARG C 671 15.65 29.25 -15.37
N LEU C 672 15.68 28.76 -14.13
CA LEU C 672 16.64 27.74 -13.76
C LEU C 672 16.07 26.33 -13.87
N ARG C 673 14.74 26.18 -13.84
CA ARG C 673 14.15 24.89 -14.15
C ARG C 673 14.49 24.47 -15.57
N ASN C 674 14.40 25.40 -16.52
CA ASN C 674 14.88 25.18 -17.89
C ASN C 674 16.05 26.11 -18.13
N PRO C 675 17.29 25.63 -18.01
CA PRO C 675 18.45 26.51 -18.08
C PRO C 675 18.83 26.83 -19.52
N SER C 676 19.83 27.69 -19.65
CA SER C 676 20.39 28.08 -20.94
C SER C 676 21.86 28.40 -20.74
N ASP C 677 22.46 29.08 -21.71
CA ASP C 677 23.86 29.49 -21.62
C ASP C 677 24.03 30.86 -20.98
N LYS C 678 22.94 31.48 -20.51
CA LYS C 678 23.03 32.81 -19.91
C LYS C 678 23.20 32.72 -18.39
N PHE C 679 22.21 32.16 -17.69
CA PHE C 679 22.29 32.01 -16.25
C PHE C 679 23.22 30.83 -15.93
N ILE C 680 24.36 31.12 -15.33
CA ILE C 680 25.36 30.11 -14.99
C ILE C 680 25.33 29.94 -13.48
N TYR C 681 24.69 28.89 -13.00
CA TYR C 681 24.69 28.53 -11.58
C TYR C 681 25.55 27.29 -11.40
N ALA C 682 26.48 27.37 -10.45
CA ALA C 682 27.45 26.31 -10.23
C ALA C 682 27.52 25.97 -8.75
N THR C 683 28.34 24.99 -8.42
CA THR C 683 28.56 24.56 -7.04
C THR C 683 29.97 23.99 -6.94
N VAL C 684 30.30 23.48 -5.76
CA VAL C 684 31.61 22.86 -5.54
C VAL C 684 31.51 21.40 -5.96
N LYS C 685 32.48 20.95 -6.75
CA LYS C 685 32.48 19.59 -7.26
C LYS C 685 32.70 18.59 -6.13
N GLN C 686 31.87 17.56 -6.08
CA GLN C 686 32.01 16.44 -5.14
C GLN C 686 31.88 16.90 -3.68
N SER C 687 30.71 17.44 -3.35
CA SER C 687 30.36 17.81 -1.99
C SER C 687 28.94 17.32 -1.68
N SER C 688 28.36 17.85 -0.58
CA SER C 688 27.01 17.46 -0.20
C SER C 688 25.98 17.95 -1.21
N VAL C 689 26.17 19.14 -1.77
CA VAL C 689 25.20 19.68 -2.71
C VAL C 689 25.11 18.79 -3.94
N ASP C 690 26.25 18.26 -4.40
CA ASP C 690 26.24 17.36 -5.55
C ASP C 690 25.45 16.10 -5.25
N ILE C 691 25.62 15.53 -4.05
CA ILE C 691 24.86 14.34 -3.67
C ILE C 691 23.38 14.66 -3.62
N TYR C 692 23.03 15.80 -3.05
CA TYR C 692 21.63 16.18 -2.92
C TYR C 692 20.97 16.32 -4.28
N PHE C 693 21.64 16.99 -5.22
CA PHE C 693 21.05 17.17 -6.54
C PHE C 693 21.02 15.88 -7.33
N ARG C 694 22.03 15.02 -7.18
CA ARG C 694 22.03 13.76 -7.92
C ARG C 694 20.96 12.80 -7.41
N ARG C 695 20.70 12.80 -6.10
CA ARG C 695 19.75 11.83 -5.55
C ARG C 695 18.34 12.04 -6.08
N GLN C 696 17.89 13.29 -6.17
CA GLN C 696 16.56 13.58 -6.68
C GLN C 696 16.59 13.50 -8.21
N VAL C 697 15.91 12.49 -8.77
CA VAL C 697 15.88 12.35 -10.22
C VAL C 697 15.11 13.48 -10.88
N GLU C 698 14.15 14.09 -10.18
CA GLU C 698 13.34 15.15 -10.78
C GLU C 698 14.14 16.41 -11.07
N LEU C 699 15.36 16.52 -10.55
CA LEU C 699 16.26 17.62 -10.88
C LEU C 699 17.34 17.17 -11.85
N SER C 700 17.01 16.23 -12.74
CA SER C 700 17.99 15.71 -13.67
C SER C 700 18.48 16.78 -14.64
N THR C 701 17.60 17.72 -15.04
CA THR C 701 18.01 18.79 -15.92
C THR C 701 19.09 19.66 -15.26
N MET C 702 18.86 20.06 -14.01
CA MET C 702 19.85 20.85 -13.30
C MET C 702 21.13 20.06 -13.06
N TYR C 703 21.00 18.77 -12.77
CA TYR C 703 22.19 17.95 -12.55
C TYR C 703 23.04 17.87 -13.82
N ARG C 704 22.40 17.71 -14.97
CA ARG C 704 23.15 17.68 -16.22
C ARG C 704 23.73 19.05 -16.55
N HIS C 705 23.03 20.12 -16.20
CA HIS C 705 23.54 21.45 -16.53
C HIS C 705 24.74 21.83 -15.67
N MET C 706 24.71 21.50 -14.39
CA MET C 706 25.77 21.95 -13.48
C MET C 706 27.09 21.23 -13.69
N GLU C 707 27.09 20.04 -14.29
CA GLU C 707 28.30 19.24 -14.35
C GLU C 707 29.39 19.87 -15.20
N LYS C 708 29.07 20.89 -16.00
CA LYS C 708 30.08 21.56 -16.81
C LYS C 708 30.81 22.67 -16.07
N HIS C 709 30.26 23.17 -14.95
CA HIS C 709 30.82 24.34 -14.28
C HIS C 709 31.19 24.05 -12.84
N ASN C 710 31.25 22.78 -12.43
CA ASN C 710 31.59 22.47 -11.05
C ASN C 710 33.03 22.85 -10.75
N TYR C 711 33.24 23.58 -9.67
CA TYR C 711 34.53 24.15 -9.34
C TYR C 711 35.23 23.34 -8.26
N GLU C 712 36.55 23.51 -8.17
CA GLU C 712 37.34 22.74 -7.22
C GLU C 712 37.17 23.25 -5.80
N SER C 713 37.04 24.56 -5.62
CA SER C 713 36.92 25.12 -4.28
C SER C 713 35.95 26.30 -4.26
N ALA C 714 35.37 26.52 -3.08
CA ALA C 714 34.42 27.61 -2.92
C ALA C 714 35.10 28.98 -3.01
N ALA C 715 36.37 29.07 -2.60
CA ALA C 715 37.09 30.32 -2.78
C ALA C 715 37.21 30.67 -4.26
N GLU C 716 37.55 29.68 -5.08
CA GLU C 716 37.59 29.89 -6.52
C GLU C 716 36.22 30.28 -7.06
N ALA C 717 35.17 29.62 -6.58
CA ALA C 717 33.83 29.96 -7.08
C ALA C 717 33.45 31.40 -6.73
N ILE C 718 33.73 31.84 -5.51
CA ILE C 718 33.43 33.21 -5.13
C ILE C 718 34.27 34.19 -5.94
N GLN C 719 35.54 33.84 -6.19
CA GLN C 719 36.37 34.71 -7.02
C GLN C 719 35.83 34.81 -8.44
N ALA C 720 35.39 33.69 -9.00
CA ALA C 720 34.85 33.70 -10.36
C ALA C 720 33.57 34.51 -10.45
N VAL C 721 32.68 34.37 -9.47
CA VAL C 721 31.45 35.16 -9.51
C VAL C 721 31.76 36.64 -9.26
N ARG C 722 32.81 36.93 -8.48
CA ARG C 722 33.23 38.32 -8.29
C ARG C 722 33.83 38.90 -9.56
N ASP C 723 34.45 38.06 -10.39
CA ASP C 723 34.95 38.47 -11.70
C ASP C 723 33.89 38.44 -12.78
N ASN C 724 32.60 38.41 -12.39
CA ASN C 724 31.47 38.47 -13.31
C ASN C 724 31.46 37.28 -14.28
N LYS C 725 32.05 36.16 -13.88
CA LYS C 725 31.98 34.95 -14.69
C LYS C 725 30.78 34.09 -14.35
N LEU C 726 30.35 34.08 -13.09
CA LEU C 726 29.20 33.32 -12.66
C LEU C 726 28.00 34.23 -12.45
N HIS C 727 26.83 33.60 -12.36
CA HIS C 727 25.58 34.29 -12.09
C HIS C 727 24.90 33.84 -10.80
N ALA C 728 25.18 32.63 -10.33
CA ALA C 728 24.59 32.13 -9.10
C ALA C 728 25.53 31.10 -8.48
N PHE C 729 25.36 30.87 -7.18
CA PHE C 729 26.19 29.92 -6.46
C PHE C 729 25.38 29.34 -5.31
N ILE C 730 25.42 28.03 -5.15
CA ILE C 730 24.65 27.32 -4.12
C ILE C 730 25.63 26.80 -3.07
N TRP C 731 25.45 27.21 -1.82
CA TRP C 731 26.35 26.77 -0.76
C TRP C 731 25.65 26.98 0.60
N ASP C 732 26.39 26.70 1.66
CA ASP C 732 25.85 26.77 3.01
C ASP C 732 25.52 28.20 3.41
N SER C 733 24.50 28.35 4.25
CA SER C 733 24.00 29.68 4.59
C SER C 733 25.02 30.47 5.39
N ALA C 734 25.69 29.84 6.36
CA ALA C 734 26.59 30.58 7.24
C ALA C 734 27.74 31.20 6.47
N VAL C 735 28.39 30.40 5.61
CA VAL C 735 29.52 30.89 4.84
C VAL C 735 29.09 32.02 3.92
N LEU C 736 27.97 31.85 3.23
CA LEU C 736 27.51 32.85 2.28
C LEU C 736 27.14 34.15 2.98
N GLU C 737 26.48 34.07 4.14
CA GLU C 737 26.13 35.28 4.87
C GLU C 737 27.37 36.00 5.39
N PHE C 738 28.37 35.26 5.88
CA PHE C 738 29.59 35.92 6.33
C PHE C 738 30.32 36.58 5.16
N GLU C 739 30.36 35.91 4.00
CA GLU C 739 31.02 36.49 2.84
C GLU C 739 30.29 37.74 2.36
N ALA C 740 28.96 37.72 2.40
CA ALA C 740 28.20 38.91 2.03
C ALA C 740 28.48 40.05 2.98
N SER C 741 28.57 39.77 4.29
CA SER C 741 28.87 40.83 5.24
C SER C 741 30.27 41.39 5.03
N GLN C 742 31.24 40.52 4.74
CA GLN C 742 32.60 40.98 4.47
C GLN C 742 32.65 41.86 3.22
N LYS C 743 32.06 41.40 2.13
CA LYS C 743 32.11 42.08 0.84
C LYS C 743 30.70 42.52 0.47
N CYS C 744 30.47 43.83 0.54
CA CYS C 744 29.12 44.37 0.43
C CYS C 744 28.58 44.35 -1.00
N ASP C 745 29.42 44.03 -1.99
CA ASP C 745 28.94 44.02 -3.37
C ASP C 745 28.02 42.83 -3.64
N LEU C 746 28.08 41.78 -2.82
CA LEU C 746 27.31 40.56 -3.04
C LEU C 746 26.05 40.54 -2.19
N VAL C 747 25.01 39.90 -2.72
CA VAL C 747 23.71 39.80 -2.03
C VAL C 747 23.18 38.38 -2.19
N THR C 748 22.56 37.86 -1.13
CA THR C 748 21.98 36.53 -1.12
C THR C 748 20.50 36.56 -1.52
N THR C 749 19.92 35.38 -1.68
CA THR C 749 18.53 35.23 -2.11
C THR C 749 17.63 35.00 -0.91
N GLY C 750 16.36 34.67 -1.18
CA GLY C 750 15.36 34.50 -0.14
C GLY C 750 15.08 33.08 0.30
N GLU C 751 14.98 32.14 -0.64
CA GLU C 751 14.57 30.79 -0.31
C GLU C 751 15.63 30.10 0.56
N LEU C 752 15.16 29.21 1.45
CA LEU C 752 16.03 28.39 2.28
C LEU C 752 15.50 26.96 2.27
N PHE C 753 16.26 26.05 1.67
CA PHE C 753 15.84 24.68 1.48
C PHE C 753 16.92 23.71 1.94
N PHE C 754 16.50 22.47 2.20
CA PHE C 754 17.38 21.40 2.68
C PHE C 754 18.13 21.82 3.93
N ARG C 755 17.36 22.04 5.00
CA ARG C 755 17.92 22.43 6.27
C ARG C 755 18.56 21.22 6.96
N SER C 756 19.80 21.38 7.41
CA SER C 756 20.50 20.32 8.11
C SER C 756 21.41 20.96 9.16
N GLY C 757 22.34 20.18 9.71
CA GLY C 757 23.26 20.67 10.70
C GLY C 757 24.68 20.26 10.37
N PHE C 758 25.60 20.71 11.21
CA PHE C 758 26.99 20.29 11.16
C PHE C 758 27.29 19.34 12.31
N GLY C 759 28.01 18.25 12.03
CA GLY C 759 28.36 17.29 13.04
C GLY C 759 29.86 17.09 13.11
N ILE C 760 30.26 16.29 14.11
CA ILE C 760 31.65 15.89 14.30
C ILE C 760 31.73 14.40 14.01
N GLY C 761 32.40 14.04 12.91
CA GLY C 761 32.49 12.65 12.54
C GLY C 761 33.35 11.87 13.51
N MET C 762 33.14 10.56 13.50
CA MET C 762 33.91 9.63 14.33
C MET C 762 34.12 8.37 13.51
N ARG C 763 34.69 7.35 14.14
CA ARG C 763 34.68 6.01 13.57
C ARG C 763 33.29 5.42 13.81
N LYS C 764 33.16 4.10 13.70
CA LYS C 764 31.94 3.44 14.14
C LYS C 764 31.97 3.40 15.65
N ASP C 765 31.16 2.54 16.28
CA ASP C 765 31.01 2.52 17.73
C ASP C 765 32.37 2.69 18.41
N SER C 766 32.50 3.79 19.15
CA SER C 766 33.75 4.25 19.71
C SER C 766 33.48 4.78 21.12
N PRO C 767 34.47 4.72 22.02
CA PRO C 767 34.24 5.18 23.39
C PRO C 767 34.00 6.68 23.50
N TRP C 768 34.40 7.49 22.50
CA TRP C 768 34.34 8.93 22.59
C TRP C 768 33.01 9.51 22.11
N LYS C 769 31.92 8.75 22.11
CA LYS C 769 30.70 9.26 21.49
C LYS C 769 29.74 9.89 22.49
N GLN C 770 29.36 9.16 23.54
CA GLN C 770 28.37 9.66 24.47
C GLN C 770 28.85 10.94 25.16
N ASN C 771 30.10 10.95 25.61
CA ASN C 771 30.62 12.12 26.29
C ASN C 771 30.70 13.33 25.35
N VAL C 772 31.12 13.11 24.10
CA VAL C 772 31.20 14.23 23.16
C VAL C 772 29.83 14.81 22.92
N SER C 773 28.82 13.96 22.72
CA SER C 773 27.47 14.47 22.48
C SER C 773 26.94 15.24 23.68
N LEU C 774 27.18 14.73 24.90
CA LEU C 774 26.72 15.44 26.08
C LEU C 774 27.44 16.77 26.25
N SER C 775 28.72 16.82 25.91
CA SER C 775 29.45 18.09 25.96
C SER C 775 28.85 19.09 24.99
N ILE C 776 28.49 18.65 23.78
CA ILE C 776 27.88 19.56 22.80
C ILE C 776 26.55 20.08 23.34
N LEU C 777 25.74 19.21 23.94
CA LEU C 777 24.44 19.64 24.47
C LEU C 777 24.60 20.67 25.58
N LYS C 778 25.55 20.46 26.49
CA LYS C 778 25.76 21.42 27.56
C LYS C 778 26.27 22.75 27.04
N SER C 779 27.19 22.71 26.06
CA SER C 779 27.68 23.94 25.47
C SER C 779 26.57 24.72 24.79
N HIS C 780 25.62 24.02 24.18
CA HIS C 780 24.46 24.70 23.61
C HIS C 780 23.63 25.37 24.70
N GLU C 781 23.31 24.63 25.76
CA GLU C 781 22.36 25.15 26.74
C GLU C 781 22.93 26.35 27.50
N ASN C 782 24.22 26.38 27.78
CA ASN C 782 24.77 27.58 28.40
C ASN C 782 25.20 28.56 27.29
N GLY C 783 26.09 29.49 27.60
CA GLY C 783 26.38 30.57 26.68
C GLY C 783 27.57 30.44 25.76
N PHE C 784 28.20 29.27 25.66
CA PHE C 784 29.48 29.19 24.95
C PHE C 784 29.31 29.34 23.45
N MET C 785 28.31 28.70 22.85
CA MET C 785 28.12 28.83 21.41
C MET C 785 27.68 30.23 21.04
N GLU C 786 26.90 30.89 21.91
CA GLU C 786 26.58 32.29 21.68
C GLU C 786 27.83 33.16 21.70
N ASP C 787 28.73 32.91 22.65
CA ASP C 787 29.99 33.67 22.67
C ASP C 787 30.80 33.44 21.40
N LEU C 788 30.89 32.20 20.95
CA LEU C 788 31.65 31.91 19.74
C LEU C 788 31.04 32.59 18.53
N ASP C 789 29.72 32.54 18.40
CA ASP C 789 29.07 33.21 17.27
C ASP C 789 29.27 34.71 17.33
N LYS C 790 29.23 35.30 18.53
CA LYS C 790 29.46 36.74 18.64
C LYS C 790 30.87 37.11 18.19
N THR C 791 31.87 36.32 18.62
CA THR C 791 33.25 36.70 18.31
C THR C 791 33.64 36.42 16.87
N TRP C 792 33.09 35.37 16.25
CA TRP C 792 33.56 34.98 14.92
C TRP C 792 32.59 35.28 13.79
N VAL C 793 31.29 35.14 14.01
CA VAL C 793 30.31 35.22 12.93
C VAL C 793 29.40 36.44 13.06
N ARG C 794 28.97 36.78 14.28
CA ARG C 794 27.99 37.84 14.45
C ARG C 794 28.57 39.22 14.19
N TYR C 795 29.87 39.42 14.43
CA TYR C 795 30.47 40.73 14.28
C TYR C 795 30.40 41.19 12.83
N GLN C 796 30.34 42.51 12.65
CA GLN C 796 30.30 43.12 11.33
C GLN C 796 31.58 43.92 11.10
N GLU C 797 32.21 43.69 9.96
CA GLU C 797 33.47 44.36 9.62
C GLU C 797 33.25 45.85 9.38
N THR C 807 17.21 58.56 -0.09
CA THR C 807 18.17 57.77 -0.86
C THR C 807 19.47 58.54 -1.06
N LEU C 808 20.44 57.89 -1.72
CA LEU C 808 21.72 58.52 -1.99
C LEU C 808 21.58 59.69 -2.96
N THR C 809 20.53 59.70 -3.77
CA THR C 809 20.28 60.75 -4.76
C THR C 809 21.47 60.92 -5.71
N PHE C 810 22.05 59.80 -6.12
CA PHE C 810 23.13 59.80 -7.10
C PHE C 810 22.93 58.71 -8.16
N GLU C 811 21.68 58.38 -8.47
CA GLU C 811 21.40 57.32 -9.43
C GLU C 811 21.61 57.81 -10.86
N ASN C 812 20.84 58.82 -11.28
CA ASN C 812 20.95 59.33 -12.63
C ASN C 812 20.97 60.86 -12.69
N MET C 813 21.02 61.54 -11.54
CA MET C 813 21.14 62.99 -11.52
C MET C 813 22.59 63.47 -11.62
N ALA C 814 23.56 62.57 -11.48
CA ALA C 814 24.95 62.96 -11.65
C ALA C 814 25.23 63.41 -13.07
N GLY C 815 24.68 62.68 -14.06
CA GLY C 815 24.81 63.11 -15.44
C GLY C 815 24.13 64.44 -15.70
N VAL C 816 22.98 64.66 -15.06
CA VAL C 816 22.28 65.94 -15.20
C VAL C 816 23.12 67.07 -14.63
N PHE C 817 23.72 66.87 -13.46
CA PHE C 817 24.56 67.90 -12.87
C PHE C 817 25.78 68.18 -13.74
N MET C 818 26.41 67.14 -14.28
CA MET C 818 27.56 67.33 -15.16
C MET C 818 27.15 68.09 -16.42
N LEU C 819 26.00 67.76 -16.99
CA LEU C 819 25.53 68.45 -18.19
C LEU C 819 25.21 69.91 -17.88
N VAL C 820 24.65 70.18 -16.70
CA VAL C 820 24.37 71.57 -16.32
C VAL C 820 25.66 72.36 -16.18
N ALA C 821 26.68 71.76 -15.55
CA ALA C 821 27.97 72.43 -15.43
C ALA C 821 28.58 72.71 -16.80
N GLY C 822 28.52 71.71 -17.70
CA GLY C 822 29.04 71.92 -19.05
C GLY C 822 28.27 72.98 -19.80
N GLY C 823 26.95 73.03 -19.62
CA GLY C 823 26.15 74.06 -20.25
C GLY C 823 26.48 75.46 -19.75
N ILE C 824 26.73 75.58 -18.44
CA ILE C 824 27.16 76.87 -17.90
C ILE C 824 28.51 77.28 -18.48
N VAL C 825 29.45 76.33 -18.58
CA VAL C 825 30.76 76.61 -19.16
C VAL C 825 30.60 77.08 -20.61
N ALA C 826 29.74 76.40 -21.37
CA ALA C 826 29.51 76.79 -22.76
C ALA C 826 28.85 78.16 -22.87
N GLY C 827 27.88 78.44 -21.99
CA GLY C 827 27.19 79.72 -22.01
C GLY C 827 28.03 80.88 -21.55
N ILE C 828 29.14 80.60 -20.86
CA ILE C 828 30.11 81.66 -20.58
C ILE C 828 30.58 82.30 -21.89
N PHE C 829 30.77 81.48 -22.93
CA PHE C 829 31.16 82.02 -24.24
C PHE C 829 30.06 82.90 -24.82
N LEU C 830 28.79 82.51 -24.65
CA LEU C 830 27.69 83.36 -25.12
C LEU C 830 27.65 84.67 -24.36
N ILE C 831 27.97 84.63 -23.06
CA ILE C 831 28.05 85.86 -22.28
C ILE C 831 29.15 86.77 -22.82
N PHE C 832 30.30 86.18 -23.16
CA PHE C 832 31.38 86.97 -23.75
C PHE C 832 30.97 87.56 -25.09
N ILE C 833 30.23 86.79 -25.89
CA ILE C 833 29.74 87.28 -27.17
C ILE C 833 28.80 88.47 -26.97
N GLU C 834 27.91 88.35 -25.98
CA GLU C 834 27.01 89.46 -25.67
C GLU C 834 27.78 90.69 -25.22
N ILE C 835 28.83 90.50 -24.40
CA ILE C 835 29.65 91.61 -23.95
C ILE C 835 30.32 92.30 -25.14
N ALA C 836 30.85 91.50 -26.07
CA ALA C 836 31.48 92.07 -27.26
C ALA C 836 30.46 92.82 -28.12
N TYR C 837 29.25 92.27 -28.25
CA TYR C 837 28.22 92.94 -29.04
C TYR C 837 27.81 94.27 -28.42
N LYS C 838 27.66 94.30 -27.09
CA LYS C 838 27.32 95.54 -26.41
C LYS C 838 28.50 96.50 -26.38
N PRO D 31 63.87 -28.28 -30.03
CA PRO D 31 62.40 -28.29 -29.98
C PRO D 31 61.83 -29.67 -29.66
N PRO D 32 61.90 -30.08 -28.40
CA PRO D 32 61.28 -31.36 -28.02
C PRO D 32 59.77 -31.30 -28.16
N ALA D 33 59.19 -32.47 -28.41
CA ALA D 33 57.75 -32.60 -28.61
C ALA D 33 57.07 -33.00 -27.30
N LEU D 34 55.74 -32.97 -27.32
CA LEU D 34 54.92 -33.39 -26.19
C LEU D 34 54.17 -34.66 -26.56
N ASN D 35 54.14 -35.63 -25.64
CA ASN D 35 53.41 -36.87 -25.86
C ASN D 35 52.06 -36.83 -25.16
N ILE D 36 51.23 -35.88 -25.60
CA ILE D 36 49.90 -35.73 -25.03
C ILE D 36 49.07 -36.98 -25.32
N ALA D 37 48.19 -37.34 -24.40
CA ALA D 37 47.31 -38.49 -24.56
C ALA D 37 45.86 -38.03 -24.46
N VAL D 38 45.08 -38.30 -25.51
CA VAL D 38 43.69 -37.87 -25.59
C VAL D 38 42.80 -39.08 -25.33
N LEU D 39 41.83 -38.91 -24.45
CA LEU D 39 41.02 -40.03 -23.95
C LEU D 39 39.56 -39.61 -23.98
N LEU D 40 38.75 -40.28 -24.79
CA LEU D 40 37.36 -39.88 -24.99
C LEU D 40 36.39 -41.03 -24.77
N GLY D 41 35.12 -40.81 -25.09
CA GLY D 41 34.09 -41.80 -24.87
C GLY D 41 33.44 -42.33 -26.13
N HIS D 42 32.78 -43.49 -26.02
CA HIS D 42 32.25 -44.16 -27.21
C HIS D 42 31.04 -43.45 -27.79
N SER D 43 30.19 -42.85 -26.95
CA SER D 43 28.94 -42.29 -27.45
C SER D 43 29.17 -41.19 -28.46
N HIS D 44 30.25 -40.41 -28.30
CA HIS D 44 30.63 -39.45 -29.32
C HIS D 44 31.01 -40.18 -30.61
N ASP D 45 30.69 -39.57 -31.74
CA ASP D 45 30.97 -40.19 -33.03
C ASP D 45 32.43 -40.08 -33.45
N VAL D 46 33.28 -39.49 -32.62
CA VAL D 46 34.68 -39.31 -32.98
C VAL D 46 35.36 -40.66 -33.16
N THR D 47 36.21 -40.75 -34.17
CA THR D 47 36.92 -41.99 -34.50
C THR D 47 38.41 -41.82 -34.22
N GLU D 48 39.06 -42.94 -33.87
CA GLU D 48 40.45 -42.88 -33.46
C GLU D 48 41.36 -42.34 -34.55
N ARG D 49 41.04 -42.61 -35.81
CA ARG D 49 41.86 -42.09 -36.91
C ARG D 49 41.84 -40.57 -36.93
N GLU D 50 40.67 -39.97 -36.75
CA GLU D 50 40.60 -38.51 -36.72
C GLU D 50 41.36 -37.94 -35.54
N LEU D 51 41.29 -38.61 -34.38
CA LEU D 51 42.04 -38.16 -33.22
C LEU D 51 43.54 -38.22 -33.48
N ARG D 52 43.99 -39.25 -34.18
CA ARG D 52 45.42 -39.37 -34.48
C ARG D 52 45.86 -38.48 -35.63
N ASN D 53 44.93 -37.94 -36.42
CA ASN D 53 45.29 -37.03 -37.51
C ASN D 53 45.03 -35.56 -37.15
N LEU D 54 43.79 -35.23 -36.81
CA LEU D 54 43.40 -33.87 -36.44
C LEU D 54 43.92 -32.80 -37.40
N THR D 61 48.58 -28.15 -37.87
CA THR D 61 49.67 -27.20 -37.76
C THR D 61 49.22 -25.92 -37.06
N GLY D 62 50.18 -25.03 -36.79
CA GLY D 62 49.92 -23.81 -36.06
C GLY D 62 50.33 -23.87 -34.60
N LEU D 63 50.49 -25.07 -34.06
CA LEU D 63 50.89 -25.21 -32.67
C LEU D 63 52.37 -24.86 -32.50
N PRO D 64 52.72 -24.15 -31.41
CA PRO D 64 54.14 -23.77 -31.22
C PRO D 64 55.09 -24.96 -31.14
N LEU D 65 54.64 -26.12 -30.67
CA LEU D 65 55.48 -27.30 -30.58
C LEU D 65 54.77 -28.49 -31.21
N ASP D 66 55.57 -29.48 -31.61
CA ASP D 66 55.01 -30.70 -32.17
C ASP D 66 54.33 -31.53 -31.08
N VAL D 67 53.19 -32.12 -31.42
CA VAL D 67 52.39 -32.89 -30.46
C VAL D 67 51.95 -34.19 -31.14
N ASN D 68 52.56 -35.30 -30.74
CA ASN D 68 52.05 -36.61 -31.13
C ASN D 68 51.16 -37.17 -30.02
N VAL D 69 49.98 -37.67 -30.40
CA VAL D 69 48.95 -38.01 -29.44
C VAL D 69 48.77 -39.52 -29.38
N VAL D 70 48.25 -39.99 -28.25
CA VAL D 70 47.87 -41.38 -28.03
C VAL D 70 46.39 -41.39 -27.64
N ALA D 71 45.56 -42.08 -28.42
CA ALA D 71 44.12 -42.00 -28.25
C ALA D 71 43.54 -43.39 -28.00
N LEU D 72 42.72 -43.50 -26.96
CA LEU D 72 41.93 -44.70 -26.73
C LEU D 72 40.52 -44.31 -26.34
N LEU D 73 39.54 -45.09 -26.80
CA LEU D 73 38.14 -44.82 -26.53
C LEU D 73 37.61 -45.86 -25.55
N MET D 74 36.84 -45.42 -24.55
CA MET D 74 36.28 -46.30 -23.55
C MET D 74 34.87 -45.87 -23.19
N ASN D 75 34.06 -46.82 -22.73
CA ASN D 75 32.67 -46.57 -22.35
C ASN D 75 32.65 -46.12 -20.89
N ARG D 76 31.46 -46.11 -20.26
CA ARG D 76 31.28 -45.64 -18.89
C ARG D 76 32.38 -46.15 -17.98
N THR D 77 32.89 -45.25 -17.13
CA THR D 77 34.08 -45.48 -16.34
C THR D 77 33.73 -45.87 -14.91
N ASP D 78 34.71 -46.45 -14.23
CA ASP D 78 34.61 -46.83 -12.83
C ASP D 78 35.93 -46.54 -12.13
N PRO D 79 35.88 -46.33 -10.80
CA PRO D 79 37.09 -45.93 -10.06
C PRO D 79 38.29 -46.85 -10.21
N LYS D 80 38.11 -48.05 -10.75
CA LYS D 80 39.25 -48.92 -11.02
C LYS D 80 39.67 -48.90 -12.48
N SER D 81 38.73 -48.81 -13.41
CA SER D 81 39.10 -48.70 -14.82
C SER D 81 39.85 -47.41 -15.07
N LEU D 82 39.42 -46.30 -14.46
CA LEU D 82 40.16 -45.04 -14.58
C LEU D 82 41.62 -45.23 -14.21
N ILE D 83 41.86 -45.79 -13.02
CA ILE D 83 43.22 -45.90 -12.50
C ILE D 83 44.05 -46.87 -13.33
N THR D 84 43.46 -47.99 -13.73
CA THR D 84 44.20 -48.94 -14.56
C THR D 84 44.60 -48.33 -15.89
N HIS D 85 43.65 -47.65 -16.56
CA HIS D 85 43.95 -47.01 -17.83
C HIS D 85 45.04 -45.97 -17.68
N VAL D 86 44.94 -45.12 -16.66
CA VAL D 86 45.91 -44.04 -16.51
C VAL D 86 47.29 -44.59 -16.21
N CYS D 87 47.40 -45.60 -15.33
CA CYS D 87 48.71 -46.16 -15.04
C CYS D 87 49.31 -46.85 -16.25
N ASP D 88 48.48 -47.55 -17.04
CA ASP D 88 48.99 -48.17 -18.26
C ASP D 88 49.49 -47.11 -19.24
N LEU D 89 48.78 -46.00 -19.37
CA LEU D 89 49.20 -44.98 -20.37
C LEU D 89 50.57 -44.41 -19.99
N MET D 90 50.90 -44.34 -18.70
CA MET D 90 52.17 -43.70 -18.24
C MET D 90 53.36 -44.67 -18.34
N SER D 91 53.13 -45.90 -18.79
CA SER D 91 54.22 -46.90 -18.87
C SER D 91 54.60 -47.13 -20.33
N GLY D 92 55.84 -46.83 -20.71
CA GLY D 92 56.30 -47.04 -22.10
C GLY D 92 56.59 -45.72 -22.79
N ALA D 93 55.91 -44.64 -22.39
CA ALA D 93 56.16 -43.31 -22.98
C ALA D 93 56.08 -42.26 -21.89
N ARG D 94 56.88 -41.20 -21.99
CA ARG D 94 56.92 -40.16 -20.91
C ARG D 94 55.73 -39.22 -21.07
N ILE D 95 54.51 -39.70 -20.79
CA ILE D 95 53.30 -38.84 -21.02
C ILE D 95 53.55 -37.47 -20.38
N HIS D 96 53.22 -36.39 -21.09
CA HIS D 96 53.49 -35.02 -20.57
C HIS D 96 52.17 -34.28 -20.32
N GLY D 97 51.03 -34.84 -20.72
CA GLY D 97 49.76 -34.20 -20.42
C GLY D 97 48.59 -35.16 -20.49
N LEU D 98 47.37 -34.65 -20.41
CA LEU D 98 46.20 -35.50 -20.57
C LEU D 98 45.00 -34.63 -20.88
N VAL D 99 44.10 -35.16 -21.71
CA VAL D 99 42.84 -34.49 -22.08
C VAL D 99 41.73 -35.52 -21.92
N PHE D 100 40.93 -35.38 -20.88
CA PHE D 100 39.92 -36.37 -20.54
C PHE D 100 38.54 -35.82 -20.87
N GLY D 101 37.84 -36.48 -21.75
CA GLY D 101 36.48 -36.09 -22.09
C GLY D 101 35.55 -37.28 -21.99
N ASP D 102 34.43 -37.07 -21.30
CA ASP D 102 33.51 -38.14 -20.94
C ASP D 102 32.14 -37.83 -21.54
N ASP D 103 31.15 -38.66 -21.22
CA ASP D 103 29.80 -38.45 -21.70
C ASP D 103 28.72 -38.59 -20.64
N THR D 104 29.00 -39.22 -19.51
CA THR D 104 27.98 -39.53 -18.51
C THR D 104 27.61 -38.28 -17.73
N ASP D 105 26.86 -38.46 -16.63
CA ASP D 105 26.43 -37.38 -15.75
C ASP D 105 26.78 -37.69 -14.30
N GLN D 106 27.94 -38.31 -14.08
CA GLN D 106 28.38 -38.64 -12.73
C GLN D 106 29.38 -37.60 -12.27
N GLU D 107 29.20 -37.10 -11.05
CA GLU D 107 30.05 -36.03 -10.52
C GLU D 107 31.05 -36.55 -9.49
N ALA D 108 31.56 -37.75 -9.69
CA ALA D 108 32.72 -38.22 -8.95
C ALA D 108 33.95 -38.39 -9.83
N VAL D 109 33.77 -38.35 -11.16
CA VAL D 109 34.91 -38.45 -12.07
C VAL D 109 35.82 -37.24 -11.93
N ALA D 110 35.25 -36.07 -11.68
CA ALA D 110 36.09 -34.88 -11.48
C ALA D 110 37.01 -35.06 -10.28
N GLN D 111 36.48 -35.55 -9.17
CA GLN D 111 37.30 -35.73 -7.98
C GLN D 111 38.34 -36.82 -8.17
N MET D 112 37.96 -37.92 -8.84
CA MET D 112 38.95 -38.95 -9.12
C MET D 112 40.09 -38.41 -9.98
N LEU D 113 39.75 -37.59 -10.99
CA LEU D 113 40.80 -37.01 -11.83
C LEU D 113 41.70 -36.07 -11.05
N ASP D 114 41.13 -35.27 -10.14
CA ASP D 114 41.96 -34.40 -9.33
C ASP D 114 42.91 -35.20 -8.46
N PHE D 115 42.40 -36.28 -7.86
CA PHE D 115 43.24 -37.13 -7.02
C PHE D 115 44.39 -37.74 -7.82
N ILE D 116 44.10 -38.25 -9.02
CA ILE D 116 45.15 -38.83 -9.85
C ILE D 116 46.16 -37.77 -10.27
N SER D 117 45.70 -36.57 -10.62
CA SER D 117 46.61 -35.51 -11.01
C SER D 117 47.54 -35.13 -9.87
N SER D 118 47.00 -35.00 -8.66
CA SER D 118 47.84 -34.63 -7.53
C SER D 118 48.77 -35.75 -7.10
N GLN D 119 48.46 -37.00 -7.44
CA GLN D 119 49.37 -38.10 -7.09
C GLN D 119 50.43 -38.36 -8.16
N THR D 120 50.18 -37.99 -9.42
CA THR D 120 51.13 -38.32 -10.48
C THR D 120 51.75 -37.13 -11.20
N PHE D 121 51.34 -35.89 -10.89
CA PHE D 121 51.91 -34.68 -11.51
C PHE D 121 51.76 -34.71 -13.03
N ILE D 122 50.51 -34.76 -13.48
CA ILE D 122 50.17 -34.76 -14.89
C ILE D 122 49.10 -33.70 -15.12
N PRO D 123 49.36 -32.67 -15.92
CA PRO D 123 48.32 -31.66 -16.18
C PRO D 123 47.11 -32.26 -16.89
N ILE D 124 45.97 -32.23 -16.23
CA ILE D 124 44.74 -32.82 -16.74
C ILE D 124 43.76 -31.70 -17.05
N LEU D 125 43.14 -31.76 -18.23
CA LEU D 125 42.09 -30.83 -18.60
C LEU D 125 40.77 -31.57 -18.69
N GLY D 126 39.71 -30.93 -18.23
CA GLY D 126 38.38 -31.43 -18.43
C GLY D 126 37.78 -30.87 -19.70
N ILE D 127 37.00 -31.69 -20.39
CA ILE D 127 36.48 -31.27 -21.69
C ILE D 127 34.96 -31.35 -21.70
N HIS D 128 34.41 -32.55 -21.51
CA HIS D 128 32.99 -32.77 -21.75
C HIS D 128 32.46 -33.81 -20.79
N GLY D 129 31.18 -33.67 -20.44
CA GLY D 129 30.48 -34.68 -19.66
C GLY D 129 30.73 -34.62 -18.17
N GLY D 130 31.29 -35.71 -17.62
CA GLY D 130 31.52 -35.77 -16.19
C GLY D 130 32.61 -34.83 -15.72
N ALA D 131 33.70 -34.72 -16.48
CA ALA D 131 34.86 -33.95 -16.03
C ALA D 131 34.60 -32.45 -16.06
N SER D 132 33.65 -31.99 -16.87
CA SER D 132 33.39 -30.56 -16.98
C SER D 132 32.64 -30.00 -15.78
N MET D 133 32.16 -30.84 -14.87
CA MET D 133 31.54 -30.33 -13.65
C MET D 133 32.56 -29.53 -12.84
N ILE D 134 32.14 -28.37 -12.35
CA ILE D 134 33.05 -27.49 -11.65
C ILE D 134 33.19 -27.94 -10.20
N MET D 135 34.41 -28.25 -9.79
CA MET D 135 34.71 -28.56 -8.40
C MET D 135 35.23 -27.30 -7.72
N ALA D 136 34.66 -26.98 -6.56
CA ALA D 136 34.94 -25.69 -5.94
C ALA D 136 36.37 -25.61 -5.43
N ASP D 137 36.73 -26.49 -4.51
CA ASP D 137 38.03 -26.45 -3.85
C ASP D 137 38.87 -27.64 -4.30
N LYS D 138 40.10 -27.37 -4.74
CA LYS D 138 41.02 -28.40 -5.18
C LYS D 138 42.27 -28.35 -4.31
N ASP D 139 43.01 -29.45 -4.28
CA ASP D 139 44.25 -29.47 -3.51
C ASP D 139 45.22 -28.44 -4.08
N PRO D 140 45.99 -27.77 -3.22
CA PRO D 140 46.91 -26.73 -3.72
C PRO D 140 48.00 -27.26 -4.66
N THR D 141 48.26 -28.57 -4.66
CA THR D 141 49.33 -29.15 -5.46
C THR D 141 48.83 -29.83 -6.73
N SER D 142 47.55 -29.68 -7.06
CA SER D 142 46.94 -30.35 -8.19
C SER D 142 46.90 -29.42 -9.41
N THR D 143 47.16 -29.98 -10.59
CA THR D 143 47.18 -29.22 -11.84
C THR D 143 45.99 -29.57 -12.72
N PHE D 144 44.81 -29.64 -12.14
CA PHE D 144 43.59 -30.02 -12.83
C PHE D 144 42.80 -28.76 -13.20
N PHE D 145 42.65 -28.50 -14.49
CA PHE D 145 41.92 -27.34 -15.01
C PHE D 145 40.70 -27.83 -15.78
N GLN D 146 39.61 -27.07 -15.71
CA GLN D 146 38.35 -27.51 -16.28
C GLN D 146 37.76 -26.46 -17.23
N PHE D 147 36.92 -26.93 -18.14
CA PHE D 147 36.12 -26.06 -19.01
C PHE D 147 34.74 -25.95 -18.42
N GLY D 148 34.34 -24.74 -18.07
CA GLY D 148 33.04 -24.52 -17.45
C GLY D 148 33.01 -23.20 -16.71
N ALA D 149 31.82 -22.87 -16.21
CA ALA D 149 31.58 -21.60 -15.54
C ALA D 149 31.06 -21.84 -14.14
N SER D 150 31.47 -20.99 -13.20
CA SER D 150 31.12 -21.16 -11.80
C SER D 150 29.89 -20.33 -11.44
N ILE D 151 29.48 -20.45 -10.18
CA ILE D 151 28.23 -19.85 -9.73
C ILE D 151 28.30 -18.33 -9.78
N GLN D 152 29.49 -17.75 -9.59
CA GLN D 152 29.64 -16.30 -9.71
C GLN D 152 29.33 -15.84 -11.13
N GLN D 153 29.90 -16.52 -12.13
CA GLN D 153 29.68 -16.12 -13.51
C GLN D 153 28.23 -16.34 -13.93
N GLN D 154 27.63 -17.43 -13.48
CA GLN D 154 26.22 -17.63 -13.78
C GLN D 154 25.35 -16.55 -13.16
N ALA D 155 25.65 -16.14 -11.92
CA ALA D 155 24.90 -15.06 -11.29
C ALA D 155 25.06 -13.76 -12.05
N THR D 156 26.27 -13.46 -12.51
CA THR D 156 26.49 -12.25 -13.30
C THR D 156 25.64 -12.25 -14.57
N VAL D 157 25.59 -13.39 -15.27
CA VAL D 157 24.80 -13.43 -16.50
C VAL D 157 23.31 -13.25 -16.20
N MET D 158 22.82 -13.86 -15.12
CA MET D 158 21.41 -13.70 -14.79
C MET D 158 21.07 -12.24 -14.48
N LEU D 159 21.91 -11.58 -13.69
CA LEU D 159 21.67 -10.17 -13.40
C LEU D 159 21.72 -9.32 -14.66
N LYS D 160 22.61 -9.69 -15.60
CA LYS D 160 22.68 -8.95 -16.86
C LYS D 160 21.39 -9.08 -17.65
N ILE D 161 20.80 -10.28 -17.68
CA ILE D 161 19.52 -10.45 -18.36
C ILE D 161 18.46 -9.56 -17.72
N MET D 162 18.39 -9.59 -16.38
CA MET D 162 17.37 -8.81 -15.69
C MET D 162 17.53 -7.32 -15.98
N GLN D 163 18.76 -6.83 -15.99
CA GLN D 163 18.99 -5.43 -16.32
C GLN D 163 18.59 -5.12 -17.75
N ASP D 164 18.91 -6.01 -18.69
CA ASP D 164 18.61 -5.75 -20.09
C ASP D 164 17.12 -5.75 -20.40
N TYR D 165 16.30 -6.45 -19.61
CA TYR D 165 14.87 -6.43 -19.84
C TYR D 165 14.11 -5.54 -18.86
N ASP D 166 14.82 -4.74 -18.05
CA ASP D 166 14.20 -3.81 -17.11
C ASP D 166 13.30 -4.53 -16.11
N TRP D 167 13.86 -5.50 -15.40
CA TRP D 167 13.22 -6.15 -14.27
C TRP D 167 14.04 -5.77 -13.02
N HIS D 168 13.70 -4.64 -12.42
CA HIS D 168 14.50 -4.10 -11.33
C HIS D 168 13.96 -4.41 -9.94
N VAL D 169 12.83 -5.10 -9.84
CA VAL D 169 12.27 -5.53 -8.57
C VAL D 169 12.29 -7.05 -8.55
N PHE D 170 12.97 -7.64 -7.56
CA PHE D 170 13.07 -9.09 -7.50
C PHE D 170 13.23 -9.56 -6.07
N SER D 171 13.14 -10.88 -5.89
CA SER D 171 13.30 -11.53 -4.60
C SER D 171 14.40 -12.59 -4.70
N LEU D 172 14.54 -13.44 -3.69
CA LEU D 172 15.62 -14.43 -3.70
C LEU D 172 15.24 -15.60 -2.82
N VAL D 173 15.08 -16.78 -3.41
CA VAL D 173 14.65 -17.99 -2.71
C VAL D 173 15.77 -19.02 -2.80
N THR D 174 16.33 -19.40 -1.66
CA THR D 174 17.44 -20.35 -1.62
C THR D 174 17.22 -21.35 -0.49
N THR D 175 17.46 -22.62 -0.77
CA THR D 175 17.38 -23.65 0.27
C THR D 175 18.77 -23.83 0.88
N ILE D 176 18.97 -24.90 1.66
CA ILE D 176 20.21 -25.09 2.38
C ILE D 176 21.17 -25.99 1.60
N PHE D 177 21.00 -26.05 0.29
CA PHE D 177 21.96 -26.73 -0.56
C PHE D 177 23.32 -26.04 -0.46
N PRO D 178 24.42 -26.80 -0.49
CA PRO D 178 25.74 -26.18 -0.30
C PRO D 178 26.04 -25.11 -1.35
N GLY D 179 26.67 -24.03 -0.89
CA GLY D 179 26.99 -22.91 -1.76
C GLY D 179 26.00 -21.76 -1.74
N TYR D 180 24.88 -21.91 -1.02
CA TYR D 180 23.89 -20.85 -1.04
C TYR D 180 24.42 -19.58 -0.39
N ARG D 181 25.29 -19.71 0.62
CA ARG D 181 25.86 -18.52 1.24
C ARG D 181 26.75 -17.75 0.26
N ASP D 182 27.55 -18.47 -0.52
CA ASP D 182 28.36 -17.82 -1.55
C ASP D 182 27.47 -17.11 -2.56
N PHE D 183 26.40 -17.78 -3.00
CA PHE D 183 25.48 -17.17 -3.94
C PHE D 183 24.90 -15.86 -3.40
N ILE D 184 24.40 -15.91 -2.16
CA ILE D 184 23.74 -14.73 -1.58
C ILE D 184 24.74 -13.60 -1.36
N SER D 185 25.94 -13.92 -0.86
CA SER D 185 26.93 -12.87 -0.63
C SER D 185 27.33 -12.21 -1.93
N PHE D 186 27.57 -12.99 -2.98
CA PHE D 186 27.95 -12.39 -4.26
C PHE D 186 26.84 -11.50 -4.79
N ILE D 187 25.59 -11.95 -4.71
CA ILE D 187 24.50 -11.13 -5.24
C ILE D 187 24.39 -9.83 -4.45
N LYS D 188 24.52 -9.90 -3.12
CA LYS D 188 24.43 -8.68 -2.32
C LYS D 188 25.53 -7.69 -2.68
N THR D 189 26.77 -8.17 -2.79
CA THR D 189 27.86 -7.25 -3.13
C THR D 189 27.69 -6.65 -4.52
N THR D 190 27.22 -7.45 -5.48
CA THR D 190 27.00 -6.92 -6.82
C THR D 190 25.90 -5.87 -6.83
N VAL D 191 24.83 -6.09 -6.07
CA VAL D 191 23.74 -5.12 -6.03
C VAL D 191 24.20 -3.82 -5.36
N ASP D 192 25.02 -3.94 -4.32
CA ASP D 192 25.45 -2.74 -3.58
C ASP D 192 26.34 -1.82 -4.41
N ASN D 193 26.89 -2.27 -5.53
CA ASN D 193 27.84 -1.46 -6.29
C ASN D 193 27.40 -1.30 -7.73
N SER D 194 26.15 -0.92 -7.96
CA SER D 194 25.60 -0.79 -9.31
C SER D 194 24.98 0.58 -9.48
N PHE D 195 24.77 0.95 -10.74
CA PHE D 195 24.15 2.23 -11.10
C PHE D 195 22.65 2.14 -11.31
N VAL D 196 22.07 0.94 -11.34
CA VAL D 196 20.69 0.78 -11.77
C VAL D 196 19.68 0.95 -10.64
N GLY D 197 20.08 0.74 -9.39
CA GLY D 197 19.16 0.88 -8.28
C GLY D 197 18.23 -0.31 -8.13
N TRP D 198 18.81 -1.47 -7.84
CA TRP D 198 18.01 -2.67 -7.63
C TRP D 198 17.25 -2.58 -6.32
N ASP D 199 16.02 -3.09 -6.32
CA ASP D 199 15.17 -3.13 -5.14
C ASP D 199 14.94 -4.59 -4.75
N MET D 200 15.91 -5.16 -4.04
CA MET D 200 15.85 -6.57 -3.63
C MET D 200 14.97 -6.66 -2.40
N GLN D 201 13.72 -7.09 -2.58
CA GLN D 201 12.74 -6.98 -1.51
C GLN D 201 12.99 -7.99 -0.40
N ASN D 202 13.27 -9.25 -0.73
CA ASN D 202 13.34 -10.30 0.27
C ASN D 202 14.52 -11.21 0.04
N VAL D 203 14.93 -11.89 1.11
CA VAL D 203 15.93 -12.96 1.06
C VAL D 203 15.42 -14.12 1.89
N ILE D 204 14.89 -15.15 1.23
CA ILE D 204 14.16 -16.23 1.89
C ILE D 204 14.98 -17.51 1.86
N THR D 205 15.02 -18.21 2.99
CA THR D 205 15.67 -19.51 3.09
C THR D 205 14.68 -20.51 3.66
N LEU D 206 14.27 -21.47 2.84
CA LEU D 206 13.33 -22.53 3.25
C LEU D 206 14.13 -23.66 3.90
N ASP D 207 14.26 -23.61 5.22
CA ASP D 207 15.09 -24.57 5.94
C ASP D 207 14.33 -25.78 6.46
N THR D 208 13.01 -25.73 6.51
CA THR D 208 12.22 -26.79 7.11
C THR D 208 11.91 -27.85 6.05
N SER D 209 10.98 -28.74 6.37
CA SER D 209 10.63 -29.87 5.51
C SER D 209 9.39 -29.61 4.69
N PHE D 210 9.16 -28.36 4.28
CA PHE D 210 7.93 -27.96 3.62
C PHE D 210 6.72 -28.36 4.47
N GLU D 211 6.81 -28.00 5.76
CA GLU D 211 5.81 -28.29 6.76
C GLU D 211 4.54 -27.48 6.59
N ASP D 212 4.54 -26.50 5.70
CA ASP D 212 3.42 -25.62 5.36
C ASP D 212 3.03 -24.70 6.52
N ALA D 213 3.66 -24.82 7.68
CA ALA D 213 3.43 -23.85 8.74
C ALA D 213 4.33 -22.64 8.61
N LYS D 214 5.55 -22.82 8.11
CA LYS D 214 6.49 -21.73 7.89
C LYS D 214 6.77 -21.46 6.42
N THR D 215 6.94 -22.51 5.61
CA THR D 215 7.22 -22.30 4.19
C THR D 215 6.07 -21.59 3.50
N GLN D 216 4.84 -21.90 3.91
CA GLN D 216 3.68 -21.26 3.31
C GLN D 216 3.65 -19.76 3.60
N VAL D 217 3.94 -19.36 4.83
CA VAL D 217 4.01 -17.94 5.16
C VAL D 217 5.14 -17.27 4.40
N GLN D 218 6.30 -17.93 4.36
CA GLN D 218 7.44 -17.37 3.65
C GLN D 218 7.12 -17.12 2.18
N LEU D 219 6.49 -18.10 1.54
CA LEU D 219 6.14 -17.94 0.13
C LEU D 219 5.00 -16.96 -0.08
N LYS D 220 4.14 -16.76 0.93
CA LYS D 220 3.14 -15.70 0.82
C LYS D 220 3.78 -14.32 0.88
N LYS D 221 4.94 -14.19 1.53
CA LYS D 221 5.60 -12.89 1.61
C LYS D 221 5.96 -12.35 0.22
N ILE D 222 6.18 -13.23 -0.76
CA ILE D 222 6.63 -12.81 -2.08
C ILE D 222 5.46 -12.21 -2.85
N HIS D 223 5.67 -11.01 -3.42
CA HIS D 223 4.67 -10.38 -4.27
C HIS D 223 5.28 -9.74 -5.51
N SER D 224 6.57 -9.94 -5.76
CA SER D 224 7.24 -9.32 -6.89
C SER D 224 6.88 -10.08 -8.17
N SER D 225 7.60 -9.80 -9.25
CA SER D 225 7.39 -10.49 -10.51
C SER D 225 8.58 -11.33 -10.96
N VAL D 226 9.78 -11.03 -10.48
CA VAL D 226 11.00 -11.76 -10.86
C VAL D 226 11.55 -12.46 -9.63
N ILE D 227 11.80 -13.75 -9.75
CA ILE D 227 12.26 -14.58 -8.64
C ILE D 227 13.47 -15.38 -9.08
N LEU D 228 14.56 -15.29 -8.33
CA LEU D 228 15.73 -16.12 -8.54
C LEU D 228 15.69 -17.31 -7.60
N LEU D 229 15.90 -18.51 -8.12
CA LEU D 229 15.80 -19.73 -7.34
C LEU D 229 17.15 -20.44 -7.33
N TYR D 230 17.46 -21.10 -6.21
CA TYR D 230 18.71 -21.84 -6.09
C TYR D 230 18.46 -23.09 -5.25
N CYS D 231 18.34 -24.23 -5.91
CA CYS D 231 18.15 -25.50 -5.23
C CYS D 231 18.46 -26.61 -6.21
N SER D 232 18.56 -27.83 -5.69
CA SER D 232 18.81 -28.99 -6.52
C SER D 232 17.57 -29.34 -7.33
N LYS D 233 17.77 -30.15 -8.37
CA LYS D 233 16.68 -30.47 -9.28
C LYS D 233 15.54 -31.22 -8.58
N ASP D 234 15.84 -31.92 -7.47
CA ASP D 234 14.79 -32.63 -6.75
C ASP D 234 13.95 -31.68 -5.91
N GLU D 235 14.57 -30.68 -5.27
CA GLU D 235 13.81 -29.71 -4.48
C GLU D 235 13.09 -28.69 -5.36
N ALA D 236 13.60 -28.46 -6.57
CA ALA D 236 12.97 -27.49 -7.45
C ALA D 236 11.56 -27.92 -7.82
N VAL D 237 11.36 -29.23 -8.03
CA VAL D 237 10.03 -29.74 -8.37
C VAL D 237 9.05 -29.43 -7.25
N LEU D 238 9.43 -29.71 -6.01
CA LEU D 238 8.54 -29.47 -4.88
C LEU D 238 8.23 -27.99 -4.73
N ILE D 239 9.26 -27.14 -4.83
CA ILE D 239 9.03 -25.72 -4.64
C ILE D 239 8.14 -25.15 -5.74
N LEU D 240 8.36 -25.58 -6.99
CA LEU D 240 7.53 -25.07 -8.07
C LEU D 240 6.09 -25.56 -7.98
N SER D 241 5.89 -26.80 -7.53
CA SER D 241 4.52 -27.27 -7.30
C SER D 241 3.83 -26.45 -6.22
N GLU D 242 4.54 -26.18 -5.13
CA GLU D 242 3.97 -25.36 -4.06
C GLU D 242 3.62 -23.96 -4.57
N ALA D 243 4.52 -23.35 -5.35
CA ALA D 243 4.26 -22.00 -5.85
C ALA D 243 3.10 -21.98 -6.83
N ARG D 244 2.98 -23.01 -7.68
CA ARG D 244 1.82 -23.08 -8.58
C ARG D 244 0.53 -23.17 -7.79
N SER D 245 0.51 -23.99 -6.73
CA SER D 245 -0.70 -24.07 -5.91
C SER D 245 -1.01 -22.73 -5.25
N LEU D 246 0.02 -22.04 -4.76
CA LEU D 246 -0.20 -20.73 -4.13
C LEU D 246 -0.62 -19.66 -5.12
N GLY D 247 -0.34 -19.84 -6.40
CA GLY D 247 -0.67 -18.87 -7.41
C GLY D 247 0.48 -17.99 -7.87
N LEU D 248 1.72 -18.45 -7.73
CA LEU D 248 2.90 -17.67 -8.07
C LEU D 248 3.39 -17.89 -9.50
N THR D 249 2.71 -18.72 -10.29
CA THR D 249 3.10 -18.99 -11.66
C THR D 249 2.00 -18.56 -12.59
N GLY D 250 2.33 -17.70 -13.54
CA GLY D 250 1.35 -17.20 -14.48
C GLY D 250 2.01 -16.49 -15.64
N TYR D 251 1.22 -15.67 -16.33
CA TYR D 251 1.74 -14.90 -17.44
C TYR D 251 2.70 -13.80 -17.00
N ASP D 252 2.63 -13.37 -15.75
CA ASP D 252 3.41 -12.23 -15.27
C ASP D 252 4.73 -12.66 -14.62
N PHE D 253 4.66 -13.54 -13.64
CA PHE D 253 5.83 -13.92 -12.87
C PHE D 253 6.87 -14.61 -13.74
N PHE D 254 8.13 -14.22 -13.57
CA PHE D 254 9.25 -14.79 -14.31
C PHE D 254 10.21 -15.47 -13.35
N TRP D 255 10.58 -16.71 -13.68
CA TRP D 255 11.49 -17.51 -12.86
C TRP D 255 12.82 -17.64 -13.58
N ILE D 256 13.91 -17.46 -12.84
CA ILE D 256 15.26 -17.59 -13.38
C ILE D 256 16.02 -18.57 -12.50
N VAL D 257 16.56 -19.63 -13.10
CA VAL D 257 17.25 -20.66 -12.33
C VAL D 257 18.64 -20.88 -12.92
N PRO D 258 19.63 -21.27 -12.10
CA PRO D 258 20.97 -21.50 -12.65
C PRO D 258 21.07 -22.83 -13.39
N SER D 259 22.27 -23.18 -13.86
CA SER D 259 22.45 -24.44 -14.57
C SER D 259 22.34 -25.66 -13.67
N LEU D 260 22.27 -25.46 -12.35
CA LEU D 260 22.16 -26.57 -11.43
C LEU D 260 20.85 -27.32 -11.61
N VAL D 261 19.75 -26.60 -11.75
CA VAL D 261 18.43 -27.23 -11.77
C VAL D 261 18.04 -27.67 -13.18
N SER D 262 18.37 -26.89 -14.20
CA SER D 262 18.09 -27.26 -15.58
C SER D 262 19.29 -28.02 -16.12
N GLY D 263 19.40 -29.28 -15.69
CA GLY D 263 20.61 -30.04 -15.93
C GLY D 263 20.61 -30.74 -17.26
N ASN D 264 20.57 -32.07 -17.26
CA ASN D 264 20.45 -32.80 -18.52
C ASN D 264 19.15 -32.39 -19.20
N THR D 265 19.25 -31.93 -20.44
CA THR D 265 18.10 -31.39 -21.14
C THR D 265 17.19 -32.46 -21.73
N GLU D 266 17.57 -33.73 -21.64
CA GLU D 266 16.67 -34.79 -22.08
C GLU D 266 15.55 -35.05 -21.07
N LEU D 267 15.82 -34.83 -19.79
CA LEU D 267 14.85 -35.12 -18.74
C LEU D 267 14.22 -33.82 -18.27
N ILE D 268 12.95 -33.61 -18.62
CA ILE D 268 12.21 -32.41 -18.28
C ILE D 268 10.99 -32.79 -17.45
N PRO D 269 10.99 -32.56 -16.14
CA PRO D 269 9.84 -32.94 -15.31
C PRO D 269 8.57 -32.22 -15.71
N LYS D 270 7.47 -32.63 -15.10
CA LYS D 270 6.16 -32.09 -15.41
C LYS D 270 5.81 -30.84 -14.62
N GLU D 271 6.58 -30.48 -13.60
CA GLU D 271 6.27 -29.32 -12.78
C GLU D 271 7.00 -28.06 -13.23
N PHE D 272 7.82 -28.14 -14.28
CA PHE D 272 8.50 -26.96 -14.78
C PHE D 272 7.57 -26.18 -15.69
N PRO D 273 7.24 -24.92 -15.37
CA PRO D 273 6.36 -24.14 -16.24
C PRO D 273 7.06 -23.79 -17.54
N SER D 274 6.26 -23.63 -18.59
CA SER D 274 6.80 -23.20 -19.88
C SER D 274 7.18 -21.72 -19.78
N GLY D 275 8.46 -21.42 -19.95
CA GLY D 275 8.92 -20.05 -19.86
C GLY D 275 9.95 -19.86 -18.78
N LEU D 276 10.56 -20.95 -18.33
CA LEU D 276 11.51 -20.93 -17.23
C LEU D 276 12.90 -20.60 -17.76
N ILE D 277 13.33 -19.36 -17.59
CA ILE D 277 14.61 -18.92 -18.12
C ILE D 277 15.74 -19.53 -17.30
N SER D 278 16.77 -20.03 -17.97
CA SER D 278 17.91 -20.62 -17.29
C SER D 278 19.17 -20.37 -18.10
N VAL D 279 20.31 -20.46 -17.43
CA VAL D 279 21.62 -20.25 -18.03
C VAL D 279 22.38 -21.58 -17.98
N SER D 280 22.94 -21.98 -19.12
CA SER D 280 23.63 -23.26 -19.21
C SER D 280 24.89 -23.09 -20.05
N TYR D 281 25.57 -24.19 -20.31
CA TYR D 281 26.79 -24.17 -21.11
C TYR D 281 26.47 -24.49 -22.56
N ASP D 282 27.44 -24.21 -23.44
CA ASP D 282 27.23 -24.27 -24.88
C ASP D 282 27.58 -25.68 -25.37
N ASP D 283 26.57 -26.56 -25.36
CA ASP D 283 26.72 -27.91 -25.89
C ASP D 283 26.18 -28.04 -27.30
N TRP D 284 25.78 -26.93 -27.91
CA TRP D 284 25.16 -26.94 -29.23
C TRP D 284 26.15 -26.64 -30.35
N ASP D 285 26.89 -25.54 -30.26
CA ASP D 285 27.77 -25.12 -31.34
C ASP D 285 29.23 -25.47 -31.11
N TYR D 286 29.62 -25.83 -29.89
CA TYR D 286 31.02 -26.10 -29.57
C TYR D 286 31.28 -27.58 -29.88
N SER D 287 31.92 -27.83 -31.00
CA SER D 287 32.18 -29.19 -31.44
C SER D 287 33.32 -29.81 -30.65
N LEU D 288 33.24 -31.14 -30.47
CA LEU D 288 34.25 -31.83 -29.67
C LEU D 288 35.63 -31.74 -30.30
N GLU D 289 35.71 -31.70 -31.63
CA GLU D 289 36.99 -31.50 -32.28
C GLU D 289 37.56 -30.13 -31.94
N ALA D 290 36.71 -29.11 -31.89
CA ALA D 290 37.18 -27.80 -31.46
C ALA D 290 37.67 -27.86 -30.03
N ARG D 291 36.97 -28.59 -29.16
CA ARG D 291 37.41 -28.70 -27.77
C ARG D 291 38.79 -29.36 -27.66
N VAL D 292 39.00 -30.46 -28.36
CA VAL D 292 40.29 -31.14 -28.24
C VAL D 292 41.41 -30.34 -28.90
N ARG D 293 41.12 -29.63 -29.99
CA ARG D 293 42.11 -28.76 -30.60
C ARG D 293 42.49 -27.63 -29.65
N ASP D 294 41.53 -27.04 -28.96
CA ASP D 294 41.84 -25.98 -28.01
C ASP D 294 42.64 -26.51 -26.82
N GLY D 295 42.32 -27.73 -26.37
CA GLY D 295 43.11 -28.33 -25.31
C GLY D 295 44.56 -28.52 -25.70
N LEU D 296 44.78 -29.07 -26.89
CA LEU D 296 46.15 -29.26 -27.36
C LEU D 296 46.85 -27.91 -27.51
N GLY D 297 46.14 -26.89 -27.98
CA GLY D 297 46.73 -25.58 -28.11
C GLY D 297 47.16 -25.00 -26.76
N ILE D 298 46.31 -25.11 -25.75
CA ILE D 298 46.65 -24.56 -24.44
C ILE D 298 47.85 -25.29 -23.86
N LEU D 299 47.86 -26.61 -23.92
CA LEU D 299 48.97 -27.36 -23.33
C LEU D 299 50.28 -27.04 -24.05
N THR D 300 50.26 -27.01 -25.38
CA THR D 300 51.49 -26.71 -26.12
C THR D 300 51.96 -25.29 -25.86
N THR D 301 51.04 -24.32 -25.82
CA THR D 301 51.44 -22.94 -25.57
C THR D 301 52.04 -22.78 -24.18
N ALA D 302 51.43 -23.40 -23.17
CA ALA D 302 51.99 -23.30 -21.82
C ALA D 302 53.37 -23.94 -21.73
N ALA D 303 53.54 -25.11 -22.34
CA ALA D 303 54.86 -25.74 -22.32
C ALA D 303 55.88 -24.89 -23.05
N SER D 304 55.50 -24.30 -24.18
CA SER D 304 56.44 -23.46 -24.92
C SER D 304 56.84 -22.22 -24.13
N SER D 305 55.88 -21.57 -23.48
CA SER D 305 56.21 -20.40 -22.67
C SER D 305 57.05 -20.77 -21.46
N MET D 306 56.89 -21.99 -20.93
CA MET D 306 57.70 -22.42 -19.80
C MET D 306 59.09 -22.88 -20.22
N LEU D 307 59.26 -23.27 -21.48
CA LEU D 307 60.58 -23.71 -21.92
C LEU D 307 61.58 -22.56 -21.97
N GLU D 308 61.11 -21.32 -22.15
CA GLU D 308 62.03 -20.19 -22.18
C GLU D 308 62.58 -19.90 -20.79
N LYS D 309 61.71 -19.84 -19.78
CA LYS D 309 62.16 -19.51 -18.42
C LYS D 309 63.13 -20.57 -17.88
N PHE D 310 62.74 -21.83 -17.93
CA PHE D 310 63.58 -22.95 -17.55
C PHE D 310 63.69 -23.89 -18.74
N SER D 311 64.87 -24.44 -18.96
CA SER D 311 65.12 -25.22 -20.17
C SER D 311 64.61 -26.66 -20.07
N TYR D 312 63.76 -26.99 -19.10
CA TYR D 312 63.20 -28.33 -18.96
C TYR D 312 61.68 -28.24 -18.88
N ILE D 313 60.99 -29.18 -19.53
CA ILE D 313 59.53 -29.23 -19.52
C ILE D 313 59.04 -30.22 -18.48
N PRO D 314 57.88 -29.99 -17.87
CA PRO D 314 57.38 -30.92 -16.85
C PRO D 314 57.05 -32.29 -17.41
N GLU D 315 57.16 -33.31 -16.56
CA GLU D 315 57.01 -34.69 -16.98
C GLU D 315 56.25 -35.47 -15.91
N ALA D 316 55.69 -36.61 -16.32
CA ALA D 316 54.93 -37.45 -15.41
C ALA D 316 55.87 -38.25 -14.51
N LYS D 317 55.27 -39.02 -13.60
CA LYS D 317 56.02 -39.82 -12.65
C LYS D 317 56.63 -41.03 -13.34
N ALA D 318 57.55 -41.69 -12.63
CA ALA D 318 58.14 -42.90 -13.16
C ALA D 318 57.11 -44.01 -13.29
N SER D 319 56.29 -44.20 -12.25
CA SER D 319 55.23 -45.20 -12.28
C SER D 319 54.22 -44.86 -11.19
N CYS D 320 53.04 -45.49 -11.29
CA CYS D 320 52.01 -45.28 -10.29
C CYS D 320 52.45 -45.81 -8.93
N TYR D 321 53.11 -46.96 -8.91
CA TYR D 321 53.46 -47.63 -7.66
C TYR D 321 54.87 -47.23 -7.23
N GLY D 322 55.25 -47.70 -6.04
CA GLY D 322 56.57 -47.44 -5.51
C GLY D 322 56.54 -46.43 -4.38
N GLN D 323 57.62 -46.43 -3.59
CA GLN D 323 57.76 -45.55 -2.43
C GLN D 323 56.65 -45.76 -1.41
N PRO D 330 58.46 -31.58 -7.44
CA PRO D 330 57.70 -30.48 -8.03
C PRO D 330 58.29 -29.12 -7.73
N LEU D 331 59.51 -28.88 -8.21
CA LEU D 331 60.18 -27.60 -7.95
C LEU D 331 59.42 -26.45 -8.61
N HIS D 332 58.98 -26.64 -9.85
CA HIS D 332 58.26 -25.60 -10.57
C HIS D 332 57.03 -26.21 -11.25
N THR D 333 55.93 -25.47 -11.23
CA THR D 333 54.66 -25.93 -11.77
C THR D 333 54.22 -25.02 -12.91
N LEU D 334 53.10 -25.37 -13.53
CA LEU D 334 52.57 -24.63 -14.66
C LEU D 334 51.52 -23.61 -14.28
N HIS D 335 51.26 -23.41 -12.98
CA HIS D 335 50.19 -22.50 -12.59
C HIS D 335 50.46 -21.07 -13.06
N GLN D 336 51.71 -20.62 -12.95
CA GLN D 336 52.04 -19.26 -13.35
C GLN D 336 52.08 -19.07 -14.86
N PHE D 337 52.08 -20.15 -15.64
CA PHE D 337 52.18 -20.06 -17.08
C PHE D 337 50.85 -20.29 -17.80
N MET D 338 49.75 -20.40 -17.05
CA MET D 338 48.43 -20.56 -17.65
C MET D 338 47.49 -19.44 -17.25
N VAL D 339 48.02 -18.37 -16.65
CA VAL D 339 47.23 -17.18 -16.38
C VAL D 339 47.20 -16.25 -17.60
N ASN D 340 48.22 -16.32 -18.46
CA ASN D 340 48.29 -15.50 -19.65
C ASN D 340 48.66 -16.38 -20.84
N VAL D 341 47.68 -16.71 -21.68
CA VAL D 341 47.91 -17.48 -22.88
C VAL D 341 46.91 -17.04 -23.93
N THR D 342 47.40 -16.80 -25.16
CA THR D 342 46.58 -16.29 -26.25
C THR D 342 46.68 -17.22 -27.44
N TRP D 343 45.56 -17.45 -28.11
CA TRP D 343 45.49 -18.45 -29.17
C TRP D 343 44.45 -18.00 -30.19
N ASP D 344 44.92 -17.56 -31.37
CA ASP D 344 44.04 -17.14 -32.47
C ASP D 344 43.08 -16.04 -32.03
N GLY D 345 43.59 -15.09 -31.27
CA GLY D 345 42.76 -13.98 -30.84
C GLY D 345 41.83 -14.33 -29.70
N LYS D 346 41.51 -15.62 -29.57
CA LYS D 346 40.68 -16.10 -28.48
C LYS D 346 41.49 -16.10 -27.20
N ASP D 347 41.03 -15.35 -26.20
CA ASP D 347 41.69 -15.27 -24.91
C ASP D 347 41.31 -16.51 -24.10
N LEU D 348 42.23 -17.47 -24.00
CA LEU D 348 42.00 -18.73 -23.30
C LEU D 348 42.61 -18.73 -21.91
N SER D 349 42.82 -17.56 -21.31
CA SER D 349 43.47 -17.48 -20.02
C SER D 349 42.59 -18.08 -18.93
N PHE D 350 43.22 -18.77 -17.99
CA PHE D 350 42.53 -19.25 -16.81
C PHE D 350 42.71 -18.25 -15.67
N THR D 351 41.71 -18.18 -14.80
CA THR D 351 41.80 -17.30 -13.65
C THR D 351 42.78 -17.88 -12.64
N GLU D 352 42.98 -17.15 -11.54
CA GLU D 352 43.89 -17.60 -10.49
C GLU D 352 43.31 -18.72 -9.65
N GLU D 353 42.04 -19.06 -9.85
CA GLU D 353 41.37 -20.07 -9.05
C GLU D 353 41.17 -21.38 -9.79
N GLY D 354 41.14 -21.35 -11.13
CA GLY D 354 41.02 -22.57 -11.91
C GLY D 354 39.88 -22.56 -12.91
N TYR D 355 39.29 -21.39 -13.15
CA TYR D 355 38.17 -21.26 -14.08
C TYR D 355 38.59 -20.47 -15.31
N GLN D 356 37.80 -20.59 -16.36
CA GLN D 356 38.07 -19.84 -17.59
C GLN D 356 37.72 -18.37 -17.39
N VAL D 357 38.55 -17.49 -17.96
CA VAL D 357 38.26 -16.06 -17.89
C VAL D 357 37.08 -15.71 -18.79
N HIS D 358 37.03 -16.31 -19.99
CA HIS D 358 36.00 -16.02 -20.99
C HIS D 358 35.31 -17.33 -21.37
N PRO D 359 34.36 -17.79 -20.56
CA PRO D 359 33.61 -19.00 -20.93
C PRO D 359 32.61 -18.70 -22.02
N ARG D 360 31.83 -19.70 -22.43
CA ARG D 360 30.82 -19.54 -23.47
C ARG D 360 29.48 -20.04 -22.93
N LEU D 361 28.79 -19.16 -22.20
CA LEU D 361 27.47 -19.50 -21.69
C LEU D 361 26.41 -19.29 -22.77
N VAL D 362 25.22 -19.84 -22.51
CA VAL D 362 24.10 -19.74 -23.43
C VAL D 362 22.82 -19.64 -22.61
N VAL D 363 21.92 -18.75 -23.03
CA VAL D 363 20.65 -18.53 -22.33
C VAL D 363 19.56 -19.32 -23.03
N ILE D 364 18.83 -20.15 -22.27
CA ILE D 364 17.84 -21.04 -22.84
C ILE D 364 16.52 -20.86 -22.12
N VAL D 365 15.42 -21.07 -22.85
CA VAL D 365 14.07 -21.01 -22.30
C VAL D 365 13.30 -22.25 -22.74
N LEU D 366 12.26 -22.57 -21.99
CA LEU D 366 11.44 -23.76 -22.22
C LEU D 366 10.18 -23.34 -22.95
N ASN D 367 10.15 -23.55 -24.26
CA ASN D 367 9.04 -23.05 -25.08
C ASN D 367 7.80 -23.91 -24.85
N LYS D 368 6.75 -23.65 -25.64
CA LYS D 368 5.49 -24.36 -25.48
C LYS D 368 5.57 -25.82 -25.89
N ASP D 369 6.63 -26.22 -26.59
CA ASP D 369 6.78 -27.60 -27.05
C ASP D 369 7.50 -28.48 -26.03
N ARG D 370 7.76 -27.96 -24.84
CA ARG D 370 8.46 -28.70 -23.78
C ARG D 370 9.86 -29.11 -24.21
N GLU D 371 10.57 -28.18 -24.84
CA GLU D 371 11.97 -28.35 -25.20
C GLU D 371 12.71 -27.06 -24.89
N TRP D 372 13.99 -27.19 -24.55
CA TRP D 372 14.81 -26.04 -24.21
C TRP D 372 15.40 -25.46 -25.50
N GLU D 373 14.98 -24.25 -25.84
CA GLU D 373 15.42 -23.58 -27.07
C GLU D 373 16.37 -22.45 -26.73
N LYS D 374 17.50 -22.40 -27.45
CA LYS D 374 18.49 -21.36 -27.23
C LYS D 374 17.97 -19.99 -27.66
N VAL D 375 18.25 -18.97 -26.86
CA VAL D 375 17.79 -17.60 -27.13
C VAL D 375 18.96 -16.68 -27.47
N GLY D 376 19.88 -16.49 -26.53
CA GLY D 376 21.00 -15.58 -26.77
C GLY D 376 22.27 -16.12 -26.16
N LYS D 377 23.39 -15.68 -26.73
CA LYS D 377 24.70 -16.16 -26.33
C LYS D 377 25.46 -15.07 -25.57
N TRP D 378 26.64 -15.43 -25.10
CA TRP D 378 27.48 -14.54 -24.30
C TRP D 378 28.73 -14.19 -25.08
N GLU D 379 28.99 -12.90 -25.24
CA GLU D 379 30.12 -12.37 -25.98
C GLU D 379 31.38 -12.52 -25.15
N ASN D 380 32.43 -11.76 -25.46
CA ASN D 380 33.56 -11.71 -24.54
C ASN D 380 33.16 -11.05 -23.22
N GLN D 381 32.45 -9.93 -23.30
CA GLN D 381 32.02 -9.20 -22.11
C GLN D 381 30.52 -9.03 -22.04
N THR D 382 29.87 -8.63 -23.13
CA THR D 382 28.47 -8.24 -23.09
C THR D 382 27.57 -9.41 -23.53
N LEU D 383 26.28 -9.14 -23.67
CA LEU D 383 25.27 -10.16 -23.92
C LEU D 383 24.46 -9.76 -25.14
N SER D 384 24.19 -10.72 -26.02
CA SER D 384 23.33 -10.51 -27.17
C SER D 384 22.06 -11.34 -27.02
N LEU D 385 20.92 -10.73 -27.35
CA LEU D 385 19.63 -11.38 -27.19
C LEU D 385 18.89 -11.38 -28.52
N ARG D 386 18.37 -12.54 -28.90
CA ARG D 386 17.65 -12.65 -30.17
C ARG D 386 16.31 -11.93 -30.11
N HIS D 387 15.63 -11.98 -28.97
CA HIS D 387 14.32 -11.37 -28.80
C HIS D 387 14.51 -9.98 -28.20
N ALA D 388 14.35 -8.95 -29.04
CA ALA D 388 14.41 -7.59 -28.54
C ALA D 388 13.26 -7.31 -27.58
N VAL D 389 12.06 -7.79 -27.90
CA VAL D 389 10.89 -7.67 -27.05
C VAL D 389 10.60 -9.05 -26.49
N TRP D 390 10.56 -9.17 -25.17
CA TRP D 390 10.36 -10.47 -24.54
C TRP D 390 8.96 -10.97 -24.81
N PRO D 391 8.78 -12.10 -25.48
CA PRO D 391 7.44 -12.62 -25.73
C PRO D 391 6.82 -13.15 -24.44
N ARG D 392 5.57 -13.55 -24.55
CA ARG D 392 4.81 -14.06 -23.41
C ARG D 392 4.52 -15.53 -23.63
N TYR D 393 4.92 -16.36 -22.67
CA TYR D 393 4.78 -17.81 -22.77
C TYR D 393 3.63 -18.30 -21.90
N LYS D 394 2.94 -19.32 -22.39
CA LYS D 394 1.74 -19.83 -21.74
C LYS D 394 2.15 -20.81 -20.65
N SER D 395 2.07 -20.37 -19.41
CA SER D 395 2.44 -21.22 -18.29
C SER D 395 1.50 -22.42 -18.19
N PHE D 396 2.08 -23.62 -18.08
CA PHE D 396 1.35 -24.89 -17.98
C PHE D 396 0.39 -24.98 -19.17
N SER D 397 -0.91 -25.20 -18.96
CA SER D 397 -1.88 -25.28 -20.04
C SER D 397 -2.58 -23.95 -20.29
N ASP D 398 -1.96 -22.83 -19.90
CA ASP D 398 -2.56 -21.50 -19.93
C ASP D 398 -4.02 -21.52 -19.54
N CYS D 399 -4.29 -22.08 -18.36
CA CYS D 399 -5.66 -22.27 -17.91
C CYS D 399 -6.41 -20.96 -17.79
N GLU D 400 -5.70 -19.86 -17.52
CA GLU D 400 -6.32 -18.54 -17.42
C GLU D 400 -5.69 -17.60 -18.43
N PRO D 401 -6.32 -17.35 -19.57
CA PRO D 401 -5.74 -16.44 -20.56
C PRO D 401 -5.67 -15.01 -20.05
N ASP D 402 -4.73 -14.26 -20.60
CA ASP D 402 -4.46 -12.90 -20.13
C ASP D 402 -5.17 -11.88 -21.01
N ASP D 403 -5.67 -10.83 -20.36
CA ASP D 403 -6.19 -9.66 -21.05
C ASP D 403 -5.70 -8.37 -20.44
N ASN D 404 -4.98 -8.42 -19.33
CA ASN D 404 -4.53 -7.19 -18.67
C ASN D 404 -3.41 -6.51 -19.45
N HIS D 405 -2.73 -7.22 -20.33
CA HIS D 405 -1.67 -6.64 -21.13
C HIS D 405 -2.28 -5.97 -22.36
N LEU D 406 -2.03 -4.68 -22.54
CA LEU D 406 -2.64 -3.89 -23.60
C LEU D 406 -1.55 -3.30 -24.50
N SER D 407 -1.94 -3.02 -25.74
CA SER D 407 -1.08 -2.32 -26.69
C SER D 407 -1.59 -0.90 -26.85
N ILE D 408 -0.72 0.08 -26.57
CA ILE D 408 -1.10 1.49 -26.53
C ILE D 408 -0.27 2.24 -27.55
N VAL D 409 -0.92 3.11 -28.32
CA VAL D 409 -0.25 3.90 -29.35
C VAL D 409 -0.36 5.37 -28.99
N THR D 410 0.74 6.10 -29.18
CA THR D 410 0.80 7.50 -28.81
C THR D 410 1.54 8.26 -29.90
N LEU D 411 1.73 9.57 -29.68
CA LEU D 411 2.41 10.43 -30.64
C LEU D 411 3.03 11.59 -29.89
N GLU D 412 4.07 12.19 -30.46
CA GLU D 412 4.80 13.26 -29.80
C GLU D 412 4.21 14.62 -30.14
N GLU D 413 3.75 15.33 -29.11
CA GLU D 413 3.32 16.73 -29.25
C GLU D 413 3.48 17.38 -27.88
N ALA D 414 4.60 18.07 -27.69
CA ALA D 414 4.88 18.67 -26.39
C ALA D 414 3.84 19.74 -26.09
N PRO D 415 3.54 19.96 -24.79
CA PRO D 415 4.11 19.35 -23.60
C PRO D 415 3.37 18.12 -23.11
N PHE D 416 2.68 17.39 -23.99
CA PHE D 416 1.92 16.22 -23.59
C PHE D 416 2.71 14.93 -23.73
N VAL D 417 3.48 14.77 -24.80
CA VAL D 417 4.38 13.63 -24.96
C VAL D 417 5.73 14.11 -25.47
N ILE D 418 6.79 13.80 -24.75
CA ILE D 418 8.14 14.20 -25.10
C ILE D 418 8.99 12.94 -25.27
N VAL D 419 9.80 12.92 -26.33
CA VAL D 419 10.59 11.74 -26.69
C VAL D 419 12.06 12.09 -26.56
N GLU D 420 12.80 11.24 -25.84
CA GLU D 420 14.22 11.41 -25.60
C GLU D 420 14.95 10.11 -25.89
N ASP D 421 16.24 10.24 -26.18
CA ASP D 421 17.07 9.07 -26.42
C ASP D 421 17.52 8.44 -25.10
N ILE D 422 17.90 7.17 -25.17
CA ILE D 422 18.27 6.42 -23.98
C ILE D 422 19.67 6.83 -23.53
N ASP D 423 19.83 7.05 -22.24
CA ASP D 423 21.12 7.46 -21.69
C ASP D 423 22.12 6.31 -21.76
N PRO D 424 23.27 6.47 -22.42
CA PRO D 424 24.22 5.36 -22.54
C PRO D 424 25.01 5.05 -21.27
N LEU D 425 25.01 5.96 -20.27
CA LEU D 425 25.81 5.72 -19.08
C LEU D 425 25.36 4.47 -18.34
N THR D 426 24.05 4.29 -18.18
CA THR D 426 23.50 3.09 -17.57
C THR D 426 22.74 2.23 -18.56
N GLU D 427 22.62 2.67 -19.82
CA GLU D 427 21.86 1.95 -20.84
C GLU D 427 20.42 1.69 -20.37
N THR D 428 19.82 2.72 -19.77
CA THR D 428 18.49 2.60 -19.18
C THR D 428 17.86 3.97 -19.13
N CYS D 429 16.56 4.04 -19.40
CA CYS D 429 15.84 5.31 -19.30
C CYS D 429 15.92 5.85 -17.88
N VAL D 430 16.09 7.17 -17.76
CA VAL D 430 16.15 7.79 -16.44
C VAL D 430 14.82 7.54 -15.71
N ARG D 431 14.90 7.49 -14.38
CA ARG D 431 13.87 6.89 -13.54
C ARG D 431 12.52 7.61 -13.58
N ASN D 432 12.38 8.70 -14.31
CA ASN D 432 11.09 9.42 -14.38
C ASN D 432 10.44 9.31 -15.75
N THR D 433 10.82 8.33 -16.56
CA THR D 433 10.27 8.15 -17.90
C THR D 433 9.83 6.70 -18.05
N VAL D 434 9.21 6.40 -19.18
CA VAL D 434 8.77 5.03 -19.47
C VAL D 434 9.29 4.63 -20.84
N PRO D 435 9.63 3.36 -21.05
CA PRO D 435 10.15 2.94 -22.35
C PRO D 435 9.09 2.96 -23.44
N CYS D 436 9.55 3.18 -24.67
CA CYS D 436 8.71 3.14 -25.85
C CYS D 436 9.51 2.47 -26.96
N ARG D 437 8.94 2.45 -28.17
CA ARG D 437 9.70 1.96 -29.31
C ARG D 437 9.12 2.56 -30.58
N LYS D 438 10.00 2.77 -31.56
CA LYS D 438 9.62 3.42 -32.82
C LYS D 438 10.31 2.69 -33.97
N PHE D 439 9.56 2.44 -35.04
CA PHE D 439 10.06 1.68 -36.18
C PHE D 439 10.69 2.64 -37.19
N VAL D 440 12.01 2.63 -37.27
CA VAL D 440 12.76 3.47 -38.21
C VAL D 440 13.41 2.55 -39.25
N LYS D 441 13.10 2.80 -40.52
CA LYS D 441 13.69 2.02 -41.60
C LYS D 441 15.13 2.48 -41.86
N ILE D 442 16.02 1.51 -42.06
CA ILE D 442 17.44 1.83 -42.25
C ILE D 442 17.65 2.59 -43.55
N ASN D 443 17.08 2.07 -44.64
CA ASN D 443 17.17 2.72 -45.94
C ASN D 443 15.83 2.61 -46.65
N ASN D 444 15.59 3.54 -47.59
CA ASN D 444 14.32 3.59 -48.30
C ASN D 444 14.20 2.55 -49.40
N SER D 445 15.30 1.91 -49.80
CA SER D 445 15.24 0.92 -50.86
C SER D 445 14.50 -0.33 -50.42
N THR D 446 14.73 -0.78 -49.18
CA THR D 446 14.10 -1.97 -48.64
C THR D 446 13.22 -1.58 -47.45
N ASN D 447 12.34 -2.50 -47.08
CA ASN D 447 11.36 -2.27 -46.03
C ASN D 447 11.80 -2.82 -44.67
N GLU D 448 13.03 -3.31 -44.57
CA GLU D 448 13.53 -3.83 -43.30
C GLU D 448 13.95 -2.69 -42.39
N GLY D 449 13.64 -2.83 -41.10
CA GLY D 449 13.94 -1.78 -40.15
C GLY D 449 14.16 -2.34 -38.76
N MET D 450 14.46 -1.44 -37.83
CA MET D 450 14.73 -1.78 -36.45
C MET D 450 13.78 -1.04 -35.52
N ASN D 451 13.44 -1.68 -34.40
CA ASN D 451 12.57 -1.06 -33.41
C ASN D 451 13.45 -0.32 -32.40
N VAL D 452 13.78 0.93 -32.75
CA VAL D 452 14.59 1.75 -31.86
C VAL D 452 13.83 2.02 -30.57
N LYS D 453 14.52 1.92 -29.44
CA LYS D 453 13.90 2.07 -28.13
C LYS D 453 14.31 3.41 -27.52
N LYS D 454 13.33 4.21 -27.13
CA LYS D 454 13.52 5.56 -26.61
C LYS D 454 12.86 5.67 -25.23
N CYS D 455 12.79 6.90 -24.72
CA CYS D 455 12.15 7.18 -23.44
C CYS D 455 11.15 8.33 -23.59
N CYS D 456 9.98 8.17 -22.96
CA CYS D 456 8.87 9.11 -23.10
C CYS D 456 8.48 9.68 -21.74
N LYS D 457 8.00 10.92 -21.76
CA LYS D 457 7.43 11.54 -20.57
C LYS D 457 6.54 12.71 -20.96
N GLY D 458 5.64 13.07 -20.06
CA GLY D 458 4.77 14.20 -20.27
C GLY D 458 3.49 14.07 -19.45
N PHE D 459 2.55 14.96 -19.75
CA PHE D 459 1.28 15.04 -19.04
C PHE D 459 0.47 13.77 -19.24
N CYS D 460 0.29 13.37 -20.49
CA CYS D 460 -0.45 12.14 -20.78
C CYS D 460 0.23 10.92 -20.21
N ILE D 461 1.57 10.93 -20.12
CA ILE D 461 2.28 9.80 -19.56
C ILE D 461 2.04 9.71 -18.05
N ASP D 462 2.02 10.84 -17.35
CA ASP D 462 1.66 10.81 -15.94
C ASP D 462 0.25 10.30 -15.75
N ILE D 463 -0.68 10.74 -16.60
CA ILE D 463 -2.04 10.22 -16.54
C ILE D 463 -2.06 8.71 -16.74
N LEU D 464 -1.25 8.22 -17.69
CA LEU D 464 -1.22 6.79 -17.98
C LEU D 464 -0.66 5.99 -16.82
N LYS D 465 0.39 6.49 -16.18
CA LYS D 465 0.94 5.77 -15.03
C LYS D 465 -0.06 5.74 -13.88
N LYS D 466 -0.78 6.85 -13.65
CA LYS D 466 -1.80 6.85 -12.62
C LYS D 466 -2.90 5.84 -12.93
N LEU D 467 -3.34 5.77 -14.19
CA LEU D 467 -4.35 4.79 -14.57
C LEU D 467 -3.85 3.37 -14.39
N SER D 468 -2.58 3.13 -14.72
CA SER D 468 -2.02 1.79 -14.56
C SER D 468 -1.98 1.39 -13.09
N ARG D 469 -1.67 2.34 -12.22
CA ARG D 469 -1.61 2.06 -10.76
C ARG D 469 -3.02 1.82 -10.21
N THR D 470 -4.02 2.54 -10.71
CA THR D 470 -5.37 2.42 -10.15
C THR D 470 -6.12 1.22 -10.72
N VAL D 471 -6.32 1.19 -12.04
CA VAL D 471 -7.10 0.12 -12.65
C VAL D 471 -6.35 -1.21 -12.65
N LYS D 472 -5.03 -1.20 -12.42
CA LYS D 472 -4.21 -2.40 -12.33
C LYS D 472 -4.21 -3.19 -13.64
N PHE D 473 -3.55 -2.60 -14.63
CA PHE D 473 -3.21 -3.30 -15.88
C PHE D 473 -1.78 -2.94 -16.27
N THR D 474 -1.26 -3.64 -17.28
CA THR D 474 0.06 -3.39 -17.82
C THR D 474 -0.02 -3.14 -19.31
N TYR D 475 0.94 -2.36 -19.84
CA TYR D 475 0.83 -1.79 -21.17
C TYR D 475 2.11 -2.00 -21.96
N ASP D 476 1.99 -1.79 -23.28
CA ASP D 476 3.06 -1.92 -24.26
C ASP D 476 3.07 -0.66 -25.13
N LEU D 477 3.78 0.38 -24.68
CA LEU D 477 3.71 1.67 -25.35
C LEU D 477 4.60 1.68 -26.59
N TYR D 478 4.12 2.33 -27.65
CA TYR D 478 4.91 2.50 -28.86
C TYR D 478 4.40 3.69 -29.65
N LEU D 479 5.31 4.45 -30.23
CA LEU D 479 4.94 5.63 -30.99
C LEU D 479 4.40 5.24 -32.36
N VAL D 480 3.54 6.10 -32.90
CA VAL D 480 2.92 5.84 -34.19
C VAL D 480 3.89 6.22 -35.30
N THR D 481 3.85 5.47 -36.40
CA THR D 481 4.76 5.69 -37.52
C THR D 481 4.06 6.14 -38.80
N ASN D 482 2.77 5.82 -38.97
CA ASN D 482 2.13 6.01 -40.26
C ASN D 482 1.91 7.49 -40.58
N GLY D 483 1.45 8.26 -39.59
CA GLY D 483 1.19 9.67 -39.82
C GLY D 483 0.77 10.43 -38.57
N LYS D 484 -0.02 11.49 -38.77
CA LYS D 484 -0.44 12.35 -37.67
C LYS D 484 -1.72 11.79 -37.05
N HIS D 485 -2.45 12.62 -36.30
CA HIS D 485 -3.51 12.13 -35.42
C HIS D 485 -4.56 11.32 -36.19
N GLY D 486 -5.12 11.87 -37.26
CA GLY D 486 -6.08 11.11 -38.02
C GLY D 486 -6.83 11.88 -39.10
N LYS D 487 -7.02 11.25 -40.26
CA LYS D 487 -7.82 11.83 -41.33
C LYS D 487 -8.21 10.73 -42.31
N LYS D 488 -9.44 10.81 -42.81
CA LYS D 488 -10.00 9.77 -43.67
C LYS D 488 -9.62 10.02 -45.13
N VAL D 489 -9.09 9.00 -45.78
CA VAL D 489 -8.70 9.06 -47.19
C VAL D 489 -9.31 7.85 -47.88
N ASN D 490 -10.45 8.06 -48.56
CA ASN D 490 -11.14 6.99 -49.30
C ASN D 490 -11.48 5.82 -48.39
N ASN D 491 -12.21 6.13 -47.32
CA ASN D 491 -12.63 5.14 -46.33
C ASN D 491 -11.43 4.44 -45.69
N VAL D 492 -10.30 5.14 -45.61
CA VAL D 492 -9.09 4.62 -44.98
C VAL D 492 -8.63 5.64 -43.95
N TRP D 493 -8.45 5.19 -42.71
CA TRP D 493 -7.93 6.03 -41.65
C TRP D 493 -6.41 5.86 -41.53
N ASN D 494 -5.79 6.69 -40.72
CA ASN D 494 -4.36 6.57 -40.46
C ASN D 494 -4.06 7.25 -39.12
N GLY D 495 -2.87 6.98 -38.60
CA GLY D 495 -2.48 7.55 -37.33
C GLY D 495 -3.07 6.77 -36.17
N MET D 496 -3.33 7.47 -35.06
CA MET D 496 -3.81 6.80 -33.86
C MET D 496 -5.20 6.21 -34.08
N ILE D 497 -6.08 6.93 -34.76
CA ILE D 497 -7.39 6.36 -35.08
C ILE D 497 -7.23 5.15 -36.00
N GLY D 498 -6.29 5.23 -36.95
CA GLY D 498 -6.05 4.10 -37.82
C GLY D 498 -5.59 2.87 -37.08
N GLU D 499 -4.72 3.05 -36.08
CA GLU D 499 -4.23 1.94 -35.30
C GLU D 499 -5.27 1.40 -34.32
N VAL D 500 -6.21 2.22 -33.89
CA VAL D 500 -7.23 1.77 -32.94
C VAL D 500 -8.37 1.06 -33.65
N VAL D 501 -8.82 1.59 -34.80
CA VAL D 501 -9.95 0.98 -35.50
C VAL D 501 -9.60 -0.42 -35.98
N TYR D 502 -8.41 -0.60 -36.54
CA TYR D 502 -8.01 -1.87 -37.15
C TYR D 502 -7.38 -2.84 -36.16
N GLN D 503 -7.62 -2.66 -34.87
CA GLN D 503 -7.26 -3.62 -33.82
C GLN D 503 -5.77 -3.83 -33.67
N ARG D 504 -4.93 -2.92 -34.17
CA ARG D 504 -3.52 -3.01 -33.86
C ARG D 504 -3.17 -2.40 -32.50
N ALA D 505 -4.12 -1.74 -31.86
CA ALA D 505 -3.94 -1.22 -30.51
C ALA D 505 -5.28 -1.20 -29.80
N VAL D 506 -5.23 -1.03 -28.48
CA VAL D 506 -6.44 -1.04 -27.67
C VAL D 506 -6.85 0.36 -27.23
N MET D 507 -5.92 1.29 -27.07
CA MET D 507 -6.27 2.66 -26.74
C MET D 507 -5.18 3.59 -27.25
N ALA D 508 -5.53 4.87 -27.40
CA ALA D 508 -4.60 5.88 -27.91
C ALA D 508 -4.50 7.02 -26.89
N VAL D 509 -3.40 7.05 -26.14
CA VAL D 509 -3.30 7.92 -24.99
C VAL D 509 -3.16 9.39 -25.41
N GLY D 510 -2.42 9.66 -26.48
CA GLY D 510 -1.98 11.00 -26.79
C GLY D 510 -3.11 12.02 -26.97
N SER D 511 -2.69 13.26 -27.18
CA SER D 511 -3.62 14.37 -27.36
C SER D 511 -4.46 14.18 -28.61
N LEU D 512 -5.78 14.30 -28.45
CA LEU D 512 -6.73 13.87 -29.47
C LEU D 512 -8.11 14.42 -29.15
N THR D 513 -8.65 15.29 -30.00
CA THR D 513 -9.89 15.98 -29.69
C THR D 513 -11.08 15.02 -29.84
N ILE D 514 -12.28 15.56 -29.70
CA ILE D 514 -13.52 14.80 -29.81
C ILE D 514 -14.41 15.48 -30.84
N ASN D 515 -14.88 14.72 -31.82
CA ASN D 515 -15.85 15.23 -32.76
C ASN D 515 -16.66 14.06 -33.33
N GLU D 516 -17.52 14.37 -34.30
CA GLU D 516 -18.59 13.44 -34.66
C GLU D 516 -18.05 12.20 -35.38
N GLU D 517 -17.17 12.37 -36.38
CA GLU D 517 -16.71 11.22 -37.13
C GLU D 517 -15.90 10.26 -36.26
N ARG D 518 -15.01 10.80 -35.43
CA ARG D 518 -14.24 9.94 -34.54
C ARG D 518 -15.14 9.28 -33.51
N SER D 519 -16.13 10.01 -32.98
CA SER D 519 -17.06 9.36 -32.06
C SER D 519 -17.88 8.28 -32.75
N GLU D 520 -18.06 8.39 -34.06
CA GLU D 520 -18.81 7.37 -34.78
C GLU D 520 -17.97 6.11 -35.00
N VAL D 521 -16.67 6.26 -35.23
CA VAL D 521 -15.86 5.07 -35.49
C VAL D 521 -15.28 4.43 -34.22
N VAL D 522 -15.02 5.20 -33.17
CA VAL D 522 -14.46 4.68 -31.92
C VAL D 522 -15.29 5.20 -30.75
N ASP D 523 -14.83 4.89 -29.54
CA ASP D 523 -15.46 5.34 -28.30
C ASP D 523 -14.47 6.17 -27.49
N PHE D 524 -14.89 7.36 -27.08
CA PHE D 524 -14.07 8.25 -26.29
C PHE D 524 -14.49 8.25 -24.83
N SER D 525 -13.51 8.38 -23.94
CA SER D 525 -13.78 8.56 -22.52
C SER D 525 -14.15 10.02 -22.24
N VAL D 526 -14.37 10.35 -20.98
CA VAL D 526 -14.76 11.71 -20.61
C VAL D 526 -13.57 12.63 -20.83
N PRO D 527 -13.78 13.90 -21.23
CA PRO D 527 -12.66 14.81 -21.41
C PRO D 527 -12.02 15.18 -20.07
N PHE D 528 -10.70 15.33 -20.09
CA PHE D 528 -9.97 15.74 -18.89
C PHE D 528 -9.18 17.02 -19.08
N VAL D 529 -9.25 17.64 -20.26
CA VAL D 529 -8.67 18.97 -20.48
C VAL D 529 -9.41 19.62 -21.65
N GLU D 530 -9.86 20.86 -21.48
CA GLU D 530 -10.73 21.53 -22.43
C GLU D 530 -9.90 22.36 -23.42
N THR D 531 -10.10 22.12 -24.72
CA THR D 531 -9.38 22.84 -25.76
C THR D 531 -10.31 23.11 -26.93
N GLY D 532 -10.64 24.38 -27.16
CA GLY D 532 -11.37 24.74 -28.35
C GLY D 532 -10.43 25.03 -29.50
N ILE D 533 -10.72 26.04 -30.31
CA ILE D 533 -9.77 26.55 -31.28
C ILE D 533 -9.80 28.08 -31.18
N SER D 534 -8.62 28.69 -31.23
CA SER D 534 -8.47 30.12 -30.97
C SER D 534 -7.37 30.67 -31.88
N VAL D 535 -7.08 31.96 -31.73
CA VAL D 535 -6.26 32.70 -32.69
C VAL D 535 -5.07 33.31 -31.98
N MET D 536 -3.90 33.23 -32.62
CA MET D 536 -2.65 33.73 -32.09
C MET D 536 -2.07 34.78 -33.03
N VAL D 537 -1.84 35.99 -32.51
CA VAL D 537 -1.27 37.08 -33.30
C VAL D 537 -0.19 37.77 -32.48
N SER D 538 0.70 38.47 -33.18
CA SER D 538 1.83 39.13 -32.54
C SER D 538 1.43 40.46 -31.92
N ALA D 555 -17.01 65.36 -17.82
CA ALA D 555 -17.71 66.31 -18.68
C ALA D 555 -18.29 67.46 -17.85
N SER D 556 -19.00 67.11 -16.78
CA SER D 556 -19.59 68.11 -15.90
C SER D 556 -18.58 68.70 -14.92
N VAL D 557 -17.41 68.09 -14.76
CA VAL D 557 -16.38 68.66 -13.89
C VAL D 557 -15.90 69.99 -14.45
N TRP D 558 -15.64 70.03 -15.76
CA TRP D 558 -15.23 71.29 -16.39
C TRP D 558 -16.34 72.33 -16.32
N VAL D 559 -17.60 71.88 -16.46
CA VAL D 559 -18.73 72.81 -16.40
C VAL D 559 -18.86 73.41 -15.00
N MET D 560 -18.74 72.59 -13.96
CA MET D 560 -18.84 73.14 -12.60
C MET D 560 -17.63 74.00 -12.27
N MET D 561 -16.45 73.67 -12.79
CA MET D 561 -15.29 74.54 -12.63
C MET D 561 -15.53 75.89 -13.29
N PHE D 562 -16.13 75.89 -14.49
CA PHE D 562 -16.46 77.15 -15.15
C PHE D 562 -17.49 77.95 -14.36
N VAL D 563 -18.48 77.26 -13.79
CA VAL D 563 -19.48 77.95 -12.98
C VAL D 563 -18.85 78.59 -11.76
N MET D 564 -17.97 77.85 -11.08
CA MET D 564 -17.28 78.40 -9.91
C MET D 564 -16.34 79.54 -10.31
N LEU D 565 -15.72 79.45 -11.48
CA LEU D 565 -14.88 80.55 -11.97
C LEU D 565 -15.72 81.79 -12.26
N LEU D 566 -16.92 81.61 -12.79
CA LEU D 566 -17.83 82.74 -12.98
C LEU D 566 -18.26 83.33 -11.64
N ILE D 567 -18.48 82.49 -10.64
CA ILE D 567 -18.77 82.97 -9.30
C ILE D 567 -17.61 83.80 -8.77
N VAL D 568 -16.37 83.32 -8.98
CA VAL D 568 -15.19 84.06 -8.56
C VAL D 568 -15.10 85.41 -9.27
N SER D 569 -15.39 85.41 -10.58
CA SER D 569 -15.36 86.66 -11.34
C SER D 569 -16.40 87.65 -10.82
N ALA D 570 -17.60 87.16 -10.50
CA ALA D 570 -18.63 88.03 -9.94
C ALA D 570 -18.20 88.58 -8.58
N ILE D 571 -17.57 87.74 -7.75
CA ILE D 571 -17.06 88.21 -6.47
C ILE D 571 -16.01 89.29 -6.66
N ALA D 572 -15.12 89.10 -7.64
CA ALA D 572 -14.10 90.10 -7.93
C ALA D 572 -14.72 91.40 -8.41
N VAL D 573 -15.77 91.31 -9.24
CA VAL D 573 -16.46 92.51 -9.70
C VAL D 573 -17.12 93.23 -8.52
N PHE D 574 -17.71 92.48 -7.60
CA PHE D 574 -18.29 93.09 -6.40
C PHE D 574 -17.22 93.77 -5.56
N VAL D 575 -16.06 93.14 -5.43
CA VAL D 575 -14.95 93.74 -4.68
C VAL D 575 -14.49 95.03 -5.34
N PHE D 576 -14.41 95.03 -6.67
CA PHE D 576 -14.04 96.26 -7.38
C PHE D 576 -15.09 97.35 -7.19
N GLU D 577 -16.38 96.97 -7.19
CA GLU D 577 -17.43 97.94 -6.96
C GLU D 577 -17.34 98.55 -5.56
N TYR D 578 -17.03 97.72 -4.57
CA TYR D 578 -16.87 98.23 -3.20
C TYR D 578 -15.65 99.13 -3.09
N PHE D 579 -14.47 98.58 -3.38
CA PHE D 579 -13.23 99.34 -3.32
C PHE D 579 -12.17 98.71 -4.24
N SER D 598 -7.16 96.95 -9.47
CA SER D 598 -7.72 98.08 -10.20
C SER D 598 -8.15 97.68 -11.60
N PHE D 599 -7.20 97.13 -12.36
CA PHE D 599 -7.45 96.68 -13.73
C PHE D 599 -7.83 95.21 -13.80
N THR D 600 -8.24 94.61 -12.69
CA THR D 600 -8.57 93.20 -12.63
C THR D 600 -10.08 92.96 -12.75
N ILE D 601 -10.77 93.78 -13.54
CA ILE D 601 -12.20 93.57 -13.75
C ILE D 601 -12.44 92.40 -14.69
N GLY D 602 -12.00 92.54 -15.94
CA GLY D 602 -12.07 91.45 -16.90
C GLY D 602 -10.90 90.51 -16.87
N LYS D 603 -9.84 90.87 -16.15
CA LYS D 603 -8.65 90.04 -16.02
C LYS D 603 -8.67 89.21 -14.74
N ALA D 604 -9.77 89.22 -13.99
CA ALA D 604 -9.86 88.39 -12.79
C ALA D 604 -9.78 86.92 -13.14
N ILE D 605 -10.47 86.51 -14.20
CA ILE D 605 -10.40 85.11 -14.65
C ILE D 605 -8.99 84.77 -15.10
N TRP D 606 -8.35 85.68 -15.83
CA TRP D 606 -6.98 85.46 -16.28
C TRP D 606 -6.04 85.26 -15.10
N LEU D 607 -6.13 86.13 -14.10
CA LEU D 607 -5.28 86.00 -12.91
C LEU D 607 -5.57 84.72 -12.15
N LEU D 608 -6.85 84.38 -11.98
CA LEU D 608 -7.21 83.17 -11.24
C LEU D 608 -6.67 81.93 -11.92
N TRP D 609 -6.88 81.82 -13.24
CA TRP D 609 -6.43 80.63 -13.96
C TRP D 609 -4.92 80.60 -14.14
N GLY D 610 -4.25 81.75 -14.09
CA GLY D 610 -2.80 81.76 -14.10
C GLY D 610 -2.24 81.29 -12.77
N LEU D 611 -2.87 81.71 -11.67
CA LEU D 611 -2.47 81.24 -10.35
C LEU D 611 -2.88 79.81 -10.09
N VAL D 612 -3.79 79.26 -10.89
CA VAL D 612 -4.12 77.84 -10.80
C VAL D 612 -2.86 77.00 -10.99
N PHE D 613 -2.07 77.31 -12.01
CA PHE D 613 -0.86 76.55 -12.31
C PHE D 613 0.38 77.13 -11.66
N ASN D 614 0.24 78.21 -10.88
CA ASN D 614 1.35 78.82 -10.16
C ASN D 614 2.52 79.15 -11.09
N ASN D 615 2.19 79.75 -12.24
CA ASN D 615 3.19 80.07 -13.26
C ASN D 615 3.93 81.36 -12.98
N SER D 616 3.53 82.10 -11.94
CA SER D 616 4.15 83.39 -11.61
C SER D 616 4.11 84.34 -12.82
N VAL D 617 2.96 84.38 -13.48
CA VAL D 617 2.78 85.24 -14.65
C VAL D 617 2.77 86.69 -14.22
N PRO D 618 3.65 87.54 -14.77
CA PRO D 618 3.70 88.97 -14.41
C PRO D 618 2.53 89.75 -14.99
N ASN D 621 -1.32 90.71 -8.81
CA ASN D 621 -1.06 90.85 -7.38
C ASN D 621 -2.33 91.30 -6.65
N PRO D 622 -3.00 90.36 -5.98
CA PRO D 622 -4.23 90.70 -5.26
C PRO D 622 -3.96 91.69 -4.13
N LYS D 623 -4.93 92.59 -3.92
CA LYS D 623 -4.83 93.61 -2.89
C LYS D 623 -5.96 93.56 -1.88
N GLY D 624 -7.19 93.27 -2.30
CA GLY D 624 -8.30 93.21 -1.37
C GLY D 624 -8.24 91.96 -0.50
N THR D 625 -8.77 92.10 0.72
CA THR D 625 -8.75 90.98 1.67
C THR D 625 -9.61 89.83 1.17
N THR D 626 -10.84 90.14 0.72
CA THR D 626 -11.72 89.09 0.21
C THR D 626 -11.13 88.43 -1.03
N SER D 627 -10.55 89.23 -1.93
CA SER D 627 -9.91 88.67 -3.11
C SER D 627 -8.76 87.74 -2.75
N LYS D 628 -7.94 88.15 -1.78
CA LYS D 628 -6.82 87.30 -1.35
C LYS D 628 -7.33 86.01 -0.72
N ILE D 629 -8.39 86.08 0.09
CA ILE D 629 -8.93 84.89 0.72
C ILE D 629 -9.46 83.93 -0.34
N MET D 630 -10.20 84.46 -1.32
CA MET D 630 -10.73 83.62 -2.38
C MET D 630 -9.62 82.99 -3.21
N VAL D 631 -8.58 83.78 -3.51
CA VAL D 631 -7.45 83.26 -4.28
C VAL D 631 -6.75 82.14 -3.51
N SER D 632 -6.56 82.33 -2.20
CA SER D 632 -5.90 81.30 -1.40
C SER D 632 -6.73 80.02 -1.34
N VAL D 633 -8.05 80.15 -1.16
CA VAL D 633 -8.90 78.96 -1.10
C VAL D 633 -8.89 78.24 -2.45
N TRP D 634 -8.97 78.99 -3.55
CA TRP D 634 -8.92 78.34 -4.86
C TRP D 634 -7.56 77.74 -5.15
N ALA D 635 -6.49 78.33 -4.61
CA ALA D 635 -5.17 77.73 -4.76
C ALA D 635 -5.09 76.40 -4.01
N PHE D 636 -5.67 76.34 -2.80
CA PHE D 636 -5.73 75.07 -2.09
C PHE D 636 -6.55 74.05 -2.86
N PHE D 637 -7.66 74.49 -3.47
CA PHE D 637 -8.47 73.58 -4.28
C PHE D 637 -7.68 73.08 -5.48
N ALA D 638 -6.90 73.96 -6.11
CA ALA D 638 -6.04 73.54 -7.22
C ALA D 638 -4.97 72.56 -6.75
N VAL D 639 -4.45 72.76 -5.54
CA VAL D 639 -3.44 71.84 -5.00
C VAL D 639 -4.04 70.45 -4.79
N ILE D 640 -5.22 70.39 -4.19
CA ILE D 640 -5.84 69.07 -3.99
C ILE D 640 -6.23 68.46 -5.33
N PHE D 641 -6.63 69.29 -6.31
CA PHE D 641 -6.95 68.76 -7.63
C PHE D 641 -5.72 68.20 -8.33
N LEU D 642 -4.57 68.88 -8.21
CA LEU D 642 -3.36 68.35 -8.83
C LEU D 642 -2.87 67.10 -8.11
N ALA D 643 -3.06 67.01 -6.80
CA ALA D 643 -2.75 65.77 -6.10
C ALA D 643 -3.63 64.63 -6.59
N SER D 644 -4.93 64.90 -6.77
CA SER D 644 -5.82 63.88 -7.33
C SER D 644 -5.44 63.52 -8.76
N TYR D 645 -4.94 64.49 -9.53
CA TYR D 645 -4.49 64.20 -10.89
C TYR D 645 -3.24 63.33 -10.89
N THR D 646 -2.34 63.57 -9.93
CA THR D 646 -1.17 62.69 -9.80
C THR D 646 -1.60 61.28 -9.41
N ALA D 647 -2.59 61.16 -8.52
CA ALA D 647 -3.13 59.85 -8.18
C ALA D 647 -3.74 59.17 -9.39
N ASN D 648 -4.46 59.95 -10.22
CA ASN D 648 -5.05 59.40 -11.44
C ASN D 648 -3.97 58.95 -12.42
N LEU D 649 -2.89 59.72 -12.52
CA LEU D 649 -1.77 59.32 -13.37
C LEU D 649 -1.13 58.03 -12.87
N ALA D 650 -0.99 57.89 -11.54
CA ALA D 650 -0.46 56.66 -10.98
C ALA D 650 -1.39 55.47 -11.29
N ALA D 651 -2.70 55.67 -11.18
CA ALA D 651 -3.65 54.61 -11.49
C ALA D 651 -3.58 54.24 -12.97
N PHE D 652 -3.47 55.23 -13.85
CA PHE D 652 -3.37 54.97 -15.28
C PHE D 652 -2.08 54.22 -15.60
N MET D 653 -0.97 54.60 -14.96
CA MET D 653 0.29 53.88 -15.15
C MET D 653 0.18 52.45 -14.67
N ILE D 654 -0.50 52.22 -13.55
CA ILE D 654 -0.71 50.86 -13.06
C ILE D 654 -1.54 50.06 -14.07
N GLN D 655 -2.59 50.67 -14.61
CA GLN D 655 -3.44 50.00 -15.59
C GLN D 655 -2.66 49.75 -16.88
N GLU D 656 -2.70 48.51 -17.36
CA GLU D 656 -2.00 48.11 -18.56
C GLU D 656 -2.93 47.28 -19.42
N GLU D 657 -2.86 47.47 -20.74
CA GLU D 657 -3.75 46.79 -21.67
C GLU D 657 -2.99 46.32 -22.88
N PHE D 658 -3.49 45.25 -23.49
CA PHE D 658 -2.99 44.71 -24.75
C PHE D 658 -3.93 45.12 -25.87
N VAL D 659 -3.50 44.86 -27.10
CA VAL D 659 -4.28 45.20 -28.29
C VAL D 659 -4.60 43.91 -29.03
N ASP D 660 -5.89 43.71 -29.33
CA ASP D 660 -6.37 42.55 -30.07
C ASP D 660 -6.89 43.02 -31.42
N GLN D 661 -6.35 42.45 -32.49
CA GLN D 661 -6.75 42.84 -33.84
C GLN D 661 -7.98 42.09 -34.30
N VAL D 662 -8.00 40.77 -34.09
CA VAL D 662 -9.11 39.92 -34.53
C VAL D 662 -10.01 39.61 -33.34
N THR D 663 -11.31 39.76 -33.54
CA THR D 663 -12.30 39.45 -32.51
C THR D 663 -12.67 37.98 -32.48
N GLY D 664 -12.84 37.37 -33.66
CA GLY D 664 -13.19 35.96 -33.74
C GLY D 664 -12.96 35.45 -35.14
N LEU D 665 -13.22 34.15 -35.33
CA LEU D 665 -13.09 33.57 -36.66
C LEU D 665 -13.98 34.26 -37.68
N SER D 666 -15.08 34.87 -37.23
CA SER D 666 -15.99 35.60 -38.10
C SER D 666 -15.81 37.11 -38.00
N ASP D 667 -14.57 37.56 -37.81
CA ASP D 667 -14.27 38.99 -37.73
C ASP D 667 -14.46 39.65 -39.10
N LYS D 668 -14.63 40.98 -39.08
CA LYS D 668 -14.81 41.73 -40.31
C LYS D 668 -13.61 41.60 -41.24
N LYS D 669 -12.39 41.69 -40.68
CA LYS D 669 -11.19 41.50 -41.49
C LYS D 669 -11.13 40.09 -42.05
N PHE D 670 -11.45 39.09 -41.23
CA PHE D 670 -11.45 37.70 -41.69
C PHE D 670 -12.51 37.42 -42.74
N GLN D 671 -13.51 38.29 -42.86
CA GLN D 671 -14.57 38.08 -43.85
C GLN D 671 -14.01 37.97 -45.26
N ARG D 672 -13.16 38.91 -45.65
CA ARG D 672 -12.50 38.88 -46.96
C ARG D 672 -11.26 39.74 -46.94
N PRO D 673 -10.08 39.17 -46.69
CA PRO D 673 -8.87 40.00 -46.64
C PRO D 673 -8.62 40.80 -47.90
N HIS D 674 -8.93 40.23 -49.08
CA HIS D 674 -8.75 40.95 -50.33
C HIS D 674 -9.61 42.20 -50.36
N ASP D 675 -10.84 42.10 -49.87
CA ASP D 675 -11.71 43.27 -49.75
C ASP D 675 -11.08 44.32 -48.84
N TYR D 676 -10.48 43.89 -47.73
CA TYR D 676 -9.81 44.82 -46.83
C TYR D 676 -8.60 45.43 -47.51
N SER D 677 -8.24 46.64 -47.06
CA SER D 677 -7.11 47.34 -47.66
C SER D 677 -5.81 46.54 -47.65
N PRO D 678 -5.37 45.96 -46.53
CA PRO D 678 -4.20 45.09 -46.58
C PRO D 678 -4.61 43.64 -46.76
N PRO D 679 -3.99 42.93 -47.70
CA PRO D 679 -4.27 41.48 -47.85
C PRO D 679 -3.46 40.63 -46.87
N PHE D 680 -3.85 40.69 -45.61
CA PHE D 680 -3.13 39.98 -44.56
C PHE D 680 -3.29 38.47 -44.74
N ARG D 681 -2.39 37.72 -44.09
CA ARG D 681 -2.29 36.28 -44.29
C ARG D 681 -2.49 35.55 -42.97
N PHE D 682 -3.11 34.39 -43.04
CA PHE D 682 -3.38 33.56 -41.87
C PHE D 682 -3.56 32.13 -42.32
N GLY D 683 -2.94 31.18 -41.61
CA GLY D 683 -2.98 29.79 -42.01
C GLY D 683 -2.91 28.85 -40.83
N THR D 684 -3.29 27.60 -41.11
CA THR D 684 -3.22 26.51 -40.14
C THR D 684 -2.55 25.31 -40.79
N VAL D 685 -2.04 24.41 -39.96
CA VAL D 685 -1.45 23.17 -40.44
C VAL D 685 -2.54 22.20 -40.90
N PRO D 686 -2.48 21.69 -42.12
CA PRO D 686 -3.56 20.84 -42.64
C PRO D 686 -3.59 19.45 -42.02
N ASN D 687 -4.51 18.61 -42.51
CA ASN D 687 -4.70 17.24 -42.01
C ASN D 687 -5.04 17.21 -40.52
N GLY D 688 -5.98 18.04 -40.09
CA GLY D 688 -6.34 18.12 -38.69
C GLY D 688 -7.82 18.34 -38.48
N SER D 689 -8.24 18.15 -37.23
CA SER D 689 -9.63 18.42 -36.85
C SER D 689 -9.99 19.88 -37.08
N THR D 690 -9.05 20.78 -36.79
CA THR D 690 -9.29 22.21 -37.01
C THR D 690 -9.57 22.53 -38.48
N GLU D 691 -8.75 21.99 -39.37
CA GLU D 691 -8.97 22.21 -40.80
C GLU D 691 -10.31 21.62 -41.23
N ARG D 692 -10.62 20.43 -40.74
CA ARG D 692 -11.89 19.80 -41.12
C ARG D 692 -13.08 20.65 -40.67
N ASN D 693 -13.04 21.14 -39.44
CA ASN D 693 -14.15 21.95 -38.93
C ASN D 693 -14.28 23.25 -39.70
N ILE D 694 -13.16 23.91 -40.01
CA ILE D 694 -13.23 25.15 -40.78
C ILE D 694 -13.78 24.88 -42.17
N ARG D 695 -13.38 23.78 -42.79
CA ARG D 695 -13.92 23.42 -44.10
C ARG D 695 -15.43 23.24 -44.04
N ASN D 696 -15.91 22.50 -43.04
CA ASN D 696 -17.35 22.27 -42.93
C ASN D 696 -18.11 23.56 -42.62
N ASN D 697 -17.49 24.48 -41.86
CA ASN D 697 -18.20 25.67 -41.44
C ASN D 697 -18.21 26.76 -42.51
N TYR D 698 -17.03 27.19 -42.96
CA TYR D 698 -16.90 28.33 -43.87
C TYR D 698 -16.01 27.96 -45.04
N PRO D 699 -16.59 27.74 -46.24
CA PRO D 699 -15.75 27.35 -47.38
C PRO D 699 -14.83 28.46 -47.88
N TYR D 700 -15.29 29.72 -47.88
CA TYR D 700 -14.47 30.81 -48.41
C TYR D 700 -13.21 31.00 -47.56
N MET D 701 -13.35 30.88 -46.24
CA MET D 701 -12.20 30.97 -45.37
C MET D 701 -11.16 29.91 -45.71
N HIS D 702 -11.60 28.68 -45.97
CA HIS D 702 -10.68 27.62 -46.36
C HIS D 702 -10.04 27.92 -47.71
N GLN D 703 -10.84 28.43 -48.65
CA GLN D 703 -10.33 28.75 -49.98
C GLN D 703 -9.16 29.72 -49.88
N TYR D 704 -9.33 30.80 -49.12
CA TYR D 704 -8.23 31.75 -48.95
C TYR D 704 -7.10 31.17 -48.09
N MET D 705 -7.45 30.33 -47.10
CA MET D 705 -6.45 29.82 -46.17
C MET D 705 -5.48 28.86 -46.86
N THR D 706 -5.92 28.20 -47.93
CA THR D 706 -5.11 27.17 -48.57
C THR D 706 -3.73 27.69 -48.96
N ARG D 707 -3.62 28.98 -49.27
CA ARG D 707 -2.37 29.54 -49.78
C ARG D 707 -1.24 29.52 -48.75
N PHE D 708 -1.55 29.44 -47.46
CA PHE D 708 -0.54 29.56 -46.42
C PHE D 708 -0.55 28.33 -45.51
N ASN D 709 -0.63 27.15 -46.11
CA ASN D 709 -0.70 25.92 -45.33
C ASN D 709 0.67 25.57 -44.75
N GLN D 710 1.19 26.44 -43.87
CA GLN D 710 2.49 26.18 -43.25
C GLN D 710 2.41 24.95 -42.37
N ARG D 711 3.44 24.10 -42.51
CA ARG D 711 3.45 22.81 -41.80
C ARG D 711 4.25 22.89 -40.50
N GLY D 712 3.73 22.28 -39.45
CA GLY D 712 4.40 22.21 -38.16
C GLY D 712 4.24 23.45 -37.29
N VAL D 713 4.06 23.25 -35.99
CA VAL D 713 3.91 24.38 -35.08
C VAL D 713 5.20 25.20 -35.01
N GLU D 714 6.33 24.52 -34.89
CA GLU D 714 7.59 25.23 -34.71
C GLU D 714 7.94 26.06 -35.93
N ASP D 715 7.84 25.47 -37.12
CA ASP D 715 8.08 26.21 -38.35
C ASP D 715 7.04 27.32 -38.53
N ALA D 716 5.80 27.04 -38.12
CA ALA D 716 4.74 28.03 -38.24
C ALA D 716 5.02 29.26 -37.38
N LEU D 717 5.55 29.06 -36.18
CA LEU D 717 5.76 30.16 -35.24
C LEU D 717 6.74 31.19 -35.80
N VAL D 718 7.72 30.74 -36.59
CA VAL D 718 8.78 31.64 -37.07
C VAL D 718 8.23 32.67 -38.06
N SER D 719 7.38 32.21 -38.99
CA SER D 719 6.81 33.12 -39.98
C SER D 719 6.01 34.21 -39.29
N LEU D 720 5.39 33.89 -38.16
CA LEU D 720 4.68 34.91 -37.39
C LEU D 720 5.63 36.00 -36.91
N LYS D 721 6.83 35.62 -36.45
CA LYS D 721 7.82 36.60 -36.04
C LYS D 721 8.25 37.46 -37.22
N THR D 722 8.57 36.83 -38.35
CA THR D 722 9.14 37.57 -39.47
C THR D 722 8.10 38.43 -40.19
N GLY D 723 6.81 38.13 -40.02
CA GLY D 723 5.77 38.92 -40.63
C GLY D 723 5.28 38.40 -41.96
N LYS D 724 5.86 37.32 -42.49
CA LYS D 724 5.32 36.70 -43.69
C LYS D 724 3.90 36.21 -43.46
N LEU D 725 3.54 35.95 -42.21
CA LEU D 725 2.20 35.54 -41.82
C LEU D 725 1.70 36.41 -40.67
N ASP D 726 0.38 36.60 -40.61
CA ASP D 726 -0.19 37.49 -39.60
C ASP D 726 -0.95 36.79 -38.49
N ALA D 727 -1.74 35.75 -38.80
CA ALA D 727 -2.54 35.07 -37.81
C ALA D 727 -2.37 33.56 -37.91
N PHE D 728 -2.65 32.88 -36.80
CA PHE D 728 -2.41 31.46 -36.66
C PHE D 728 -3.60 30.84 -35.94
N ILE D 729 -4.08 29.70 -36.47
CA ILE D 729 -5.31 29.07 -35.99
C ILE D 729 -5.00 27.63 -35.63
N TYR D 730 -5.20 27.28 -34.36
CA TYR D 730 -4.77 25.98 -33.86
C TYR D 730 -5.58 25.67 -32.61
N ASP D 731 -5.13 24.67 -31.83
CA ASP D 731 -5.78 24.34 -30.58
C ASP D 731 -5.60 25.48 -29.58
N ALA D 732 -6.18 25.31 -28.40
CA ALA D 732 -6.09 26.32 -27.36
C ALA D 732 -5.10 25.97 -26.27
N ALA D 733 -5.03 24.71 -25.85
CA ALA D 733 -4.03 24.33 -24.86
C ALA D 733 -2.62 24.49 -25.40
N VAL D 734 -2.40 24.09 -26.66
CA VAL D 734 -1.08 24.23 -27.26
C VAL D 734 -0.67 25.70 -27.33
N LEU D 735 -1.56 26.56 -27.82
CA LEU D 735 -1.23 27.97 -27.92
C LEU D 735 -1.03 28.61 -26.56
N ASN D 736 -1.82 28.21 -25.57
CA ASN D 736 -1.62 28.72 -24.22
C ASN D 736 -0.23 28.36 -23.71
N TYR D 737 0.19 27.11 -23.88
CA TYR D 737 1.51 26.72 -23.40
C TYR D 737 2.61 27.45 -24.15
N LYS D 738 2.47 27.58 -25.47
CA LYS D 738 3.55 28.19 -26.26
C LYS D 738 3.61 29.70 -26.05
N ALA D 739 2.51 30.34 -25.66
CA ALA D 739 2.59 31.73 -25.23
C ALA D 739 3.18 31.83 -23.84
N GLY D 740 2.90 30.86 -22.98
CA GLY D 740 3.43 30.91 -21.63
C GLY D 740 4.94 30.78 -21.59
N ARG D 741 5.50 29.83 -22.34
CA ARG D 741 6.95 29.59 -22.28
C ARG D 741 7.70 30.35 -23.36
N ASP D 742 7.11 31.39 -23.93
CA ASP D 742 7.79 32.22 -24.92
C ASP D 742 8.71 33.21 -24.22
N GLU D 743 9.89 33.41 -24.80
CA GLU D 743 10.87 34.33 -24.24
C GLU D 743 10.67 35.71 -24.84
N GLY D 744 10.46 36.71 -23.98
CA GLY D 744 10.23 38.08 -24.38
C GLY D 744 8.78 38.51 -24.31
N CYS D 745 7.85 37.55 -24.40
CA CYS D 745 6.42 37.81 -24.34
C CYS D 745 5.97 38.75 -25.46
N LYS D 746 6.14 38.27 -26.69
CA LYS D 746 5.74 39.03 -27.87
C LYS D 746 4.40 38.55 -28.43
N LEU D 747 4.19 37.23 -28.50
CA LEU D 747 2.96 36.67 -29.03
C LEU D 747 1.92 36.51 -27.93
N VAL D 748 0.70 36.93 -28.21
CA VAL D 748 -0.41 36.83 -27.27
C VAL D 748 -1.66 36.39 -28.03
N THR D 749 -2.40 35.45 -27.43
CA THR D 749 -3.67 35.01 -28.00
C THR D 749 -4.70 36.12 -27.91
N ILE D 750 -5.96 35.81 -28.26
CA ILE D 750 -7.02 36.85 -28.28
C ILE D 750 -8.05 36.54 -27.20
N GLY D 751 -8.18 37.44 -26.21
CA GLY D 751 -9.18 37.25 -25.13
C GLY D 751 -8.98 35.91 -24.42
N SER D 752 -10.07 35.31 -23.94
CA SER D 752 -9.99 34.01 -23.23
C SER D 752 -9.62 32.89 -24.20
N GLY D 753 -10.23 32.88 -25.39
CA GLY D 753 -9.99 31.79 -26.36
C GLY D 753 -11.15 30.81 -26.37
N TYR D 754 -10.92 29.56 -26.77
CA TYR D 754 -12.04 28.60 -26.90
C TYR D 754 -13.21 29.35 -27.53
N ILE D 755 -12.93 30.06 -28.63
CA ILE D 755 -13.98 30.92 -29.25
C ILE D 755 -14.84 30.07 -30.20
N PHE D 756 -14.60 28.77 -30.28
CA PHE D 756 -15.48 27.93 -31.11
C PHE D 756 -15.23 26.45 -30.84
N ALA D 757 -16.12 25.59 -31.33
CA ALA D 757 -15.92 24.13 -31.18
C ALA D 757 -15.26 23.81 -29.84
N THR D 758 -15.69 24.46 -28.76
CA THR D 758 -15.13 24.12 -27.41
C THR D 758 -15.21 22.60 -27.21
N THR D 759 -14.06 21.91 -27.25
CA THR D 759 -14.04 20.43 -27.10
C THR D 759 -13.02 20.03 -26.03
N GLY D 760 -12.80 18.73 -25.83
CA GLY D 760 -11.80 18.28 -24.84
C GLY D 760 -10.87 17.23 -25.40
N TYR D 761 -10.01 16.65 -24.55
CA TYR D 761 -9.12 15.55 -25.00
C TYR D 761 -9.65 14.23 -24.44
N GLY D 762 -9.57 13.16 -25.23
CA GLY D 762 -10.12 11.88 -24.84
C GLY D 762 -9.11 10.76 -25.01
N ILE D 763 -9.48 9.60 -24.48
CA ILE D 763 -8.71 8.37 -24.62
C ILE D 763 -9.54 7.43 -25.49
N ALA D 764 -9.13 7.27 -26.74
CA ALA D 764 -9.89 6.45 -27.67
C ALA D 764 -9.88 4.98 -27.25
N LEU D 765 -10.95 4.27 -27.59
CA LEU D 765 -11.06 2.85 -27.31
C LEU D 765 -11.79 2.19 -28.47
N GLN D 766 -11.64 0.87 -28.58
CA GLN D 766 -12.42 0.13 -29.55
C GLN D 766 -13.89 0.11 -29.13
N LYS D 767 -14.77 -0.08 -30.10
CA LYS D 767 -16.20 -0.05 -29.82
C LYS D 767 -16.60 -1.24 -28.97
N GLY D 768 -17.25 -0.96 -27.84
CA GLY D 768 -17.68 -1.99 -26.92
C GLY D 768 -16.61 -2.54 -26.00
N SER D 769 -15.46 -1.88 -25.89
CA SER D 769 -14.38 -2.38 -25.06
C SER D 769 -14.78 -2.34 -23.59
N PRO D 770 -14.49 -3.39 -22.81
CA PRO D 770 -14.94 -3.42 -21.41
C PRO D 770 -14.19 -2.49 -20.48
N TRP D 771 -13.19 -1.76 -20.96
CA TRP D 771 -12.43 -0.86 -20.09
C TRP D 771 -13.07 0.51 -19.93
N LYS D 772 -14.14 0.81 -20.69
CA LYS D 772 -14.63 2.18 -20.76
C LYS D 772 -15.17 2.65 -19.42
N ARG D 773 -15.97 1.82 -18.75
CA ARG D 773 -16.56 2.24 -17.49
C ARG D 773 -15.50 2.50 -16.43
N GLN D 774 -14.54 1.58 -16.31
CA GLN D 774 -13.50 1.72 -15.29
C GLN D 774 -12.64 2.95 -15.57
N ILE D 775 -12.30 3.19 -16.84
CA ILE D 775 -11.48 4.35 -17.17
C ILE D 775 -12.23 5.65 -16.90
N ASP D 776 -13.52 5.69 -17.25
CA ASP D 776 -14.32 6.89 -16.96
C ASP D 776 -14.34 7.17 -15.46
N LEU D 777 -14.63 6.15 -14.66
CA LEU D 777 -14.71 6.38 -13.22
C LEU D 777 -13.36 6.80 -12.64
N ALA D 778 -12.27 6.20 -13.11
CA ALA D 778 -10.95 6.60 -12.61
C ALA D 778 -10.62 8.05 -12.98
N LEU D 779 -10.94 8.47 -14.21
CA LEU D 779 -10.65 9.85 -14.59
C LEU D 779 -11.48 10.83 -13.76
N LEU D 780 -12.75 10.50 -13.51
CA LEU D 780 -13.56 11.37 -12.66
C LEU D 780 -13.00 11.43 -11.25
N GLN D 781 -12.53 10.29 -10.71
CA GLN D 781 -11.94 10.29 -9.39
C GLN D 781 -10.71 11.18 -9.33
N PHE D 782 -9.85 11.11 -10.35
CA PHE D 782 -8.67 11.98 -10.36
C PHE D 782 -9.06 13.45 -10.42
N VAL D 783 -10.06 13.78 -11.25
CA VAL D 783 -10.46 15.19 -11.37
C VAL D 783 -11.05 15.70 -10.07
N GLY D 784 -11.78 14.86 -9.34
CA GLY D 784 -12.51 15.32 -8.18
C GLY D 784 -11.73 15.58 -6.91
N ASP D 785 -10.40 15.47 -6.91
CA ASP D 785 -9.65 15.70 -5.69
C ASP D 785 -8.36 16.49 -5.92
N GLY D 786 -8.25 17.22 -7.02
CA GLY D 786 -7.15 18.15 -7.24
C GLY D 786 -5.91 17.60 -7.88
N GLU D 787 -5.85 16.29 -8.14
CA GLU D 787 -4.65 15.72 -8.76
C GLU D 787 -4.43 16.28 -10.15
N MET D 788 -5.51 16.49 -10.91
CA MET D 788 -5.37 17.10 -12.22
C MET D 788 -4.84 18.52 -12.13
N GLU D 789 -5.29 19.28 -11.11
CA GLU D 789 -4.76 20.62 -10.91
C GLU D 789 -3.28 20.59 -10.58
N GLU D 790 -2.86 19.63 -9.76
CA GLU D 790 -1.44 19.48 -9.45
C GLU D 790 -0.63 19.19 -10.72
N LEU D 791 -1.12 18.29 -11.56
CA LEU D 791 -0.43 17.98 -12.81
C LEU D 791 -0.37 19.20 -13.73
N GLU D 792 -1.46 19.96 -13.80
CA GLU D 792 -1.47 21.16 -14.64
C GLU D 792 -0.46 22.17 -14.15
N THR D 793 -0.38 22.37 -12.84
CA THR D 793 0.62 23.29 -12.30
C THR D 793 2.04 22.81 -12.61
N LEU D 794 2.27 21.50 -12.46
CA LEU D 794 3.62 20.98 -12.67
C LEU D 794 4.06 21.08 -14.12
N TRP D 795 3.17 20.78 -15.07
CA TRP D 795 3.56 20.67 -16.47
C TRP D 795 3.14 21.83 -17.36
N LEU D 796 2.46 22.84 -16.83
CA LEU D 796 2.06 23.99 -17.64
C LEU D 796 2.25 25.25 -16.82
N THR D 797 3.12 26.14 -17.29
CA THR D 797 3.49 27.36 -16.56
C THR D 797 2.87 28.55 -17.27
N GLY D 798 1.83 29.13 -16.67
CA GLY D 798 1.19 30.31 -17.21
C GLY D 798 1.58 31.57 -16.47
N ILE D 799 2.44 32.39 -17.08
CA ILE D 799 2.90 33.62 -16.46
C ILE D 799 1.88 34.72 -16.72
N CYS D 800 2.01 35.81 -15.96
CA CYS D 800 1.15 36.99 -16.10
C CYS D 800 -0.34 36.62 -16.03
N SER D 809 7.03 49.58 -17.64
CA SER D 809 7.68 49.21 -18.90
C SER D 809 8.45 50.40 -19.48
N SER D 810 7.97 50.91 -20.61
CA SER D 810 8.56 52.07 -21.27
C SER D 810 7.53 53.19 -21.32
N GLN D 811 8.03 54.42 -21.29
CA GLN D 811 7.15 55.58 -21.28
C GLN D 811 6.48 55.79 -22.63
N LEU D 812 5.19 56.06 -22.61
CA LEU D 812 4.45 56.39 -23.84
C LEU D 812 3.27 57.26 -23.47
N ASP D 813 3.08 58.34 -24.23
CA ASP D 813 1.97 59.27 -24.01
C ASP D 813 1.36 59.66 -25.35
N ILE D 814 1.14 58.68 -26.22
CA ILE D 814 0.63 58.98 -27.56
C ILE D 814 -0.77 59.59 -27.49
N ASP D 815 -1.64 59.01 -26.66
CA ASP D 815 -2.99 59.56 -26.53
C ASP D 815 -2.97 60.97 -25.93
N ASN D 816 -2.13 61.17 -24.91
CA ASN D 816 -2.05 62.50 -24.30
C ASN D 816 -1.53 63.53 -25.29
N MET D 817 -0.52 63.17 -26.08
CA MET D 817 0.03 64.09 -27.07
C MET D 817 -0.99 64.38 -28.17
N ALA D 818 -1.76 63.37 -28.59
CA ALA D 818 -2.82 63.60 -29.57
C ALA D 818 -3.88 64.54 -29.01
N GLY D 819 -4.26 64.36 -27.74
CA GLY D 819 -5.20 65.27 -27.12
C GLY D 819 -4.67 66.68 -27.03
N VAL D 820 -3.39 66.83 -26.69
CA VAL D 820 -2.76 68.15 -26.64
C VAL D 820 -2.76 68.79 -28.02
N PHE D 821 -2.46 68.00 -29.05
CA PHE D 821 -2.47 68.52 -30.42
C PHE D 821 -3.87 68.97 -30.82
N TYR D 822 -4.90 68.20 -30.47
CA TYR D 822 -6.27 68.61 -30.77
C TYR D 822 -6.63 69.89 -30.03
N MET D 823 -6.23 70.00 -28.76
CA MET D 823 -6.56 71.19 -27.98
C MET D 823 -5.85 72.42 -28.54
N LEU D 824 -4.59 72.29 -28.94
CA LEU D 824 -3.88 73.44 -29.51
C LEU D 824 -4.41 73.79 -30.89
N ALA D 825 -4.88 72.80 -31.66
CA ALA D 825 -5.53 73.09 -32.92
C ALA D 825 -6.82 73.88 -32.69
N ALA D 826 -7.59 73.50 -31.67
CA ALA D 826 -8.79 74.27 -31.33
C ALA D 826 -8.42 75.68 -30.89
N ALA D 827 -7.35 75.81 -30.10
CA ALA D 827 -6.94 77.13 -29.64
C ALA D 827 -6.51 78.03 -30.79
N MET D 828 -5.74 77.49 -31.74
CA MET D 828 -5.32 78.31 -32.87
C MET D 828 -6.48 78.62 -33.81
N ALA D 829 -7.45 77.70 -33.93
CA ALA D 829 -8.65 78.00 -34.69
C ALA D 829 -9.43 79.14 -34.04
N LEU D 830 -9.53 79.13 -32.71
CA LEU D 830 -10.19 80.23 -32.01
C LEU D 830 -9.45 81.55 -32.21
N SER D 831 -8.12 81.49 -32.16
CA SER D 831 -7.33 82.71 -32.39
C SER D 831 -7.55 83.24 -33.81
N LEU D 832 -7.62 82.34 -34.79
CA LEU D 832 -7.90 82.77 -36.16
C LEU D 832 -9.30 83.36 -36.28
N ILE D 833 -10.26 82.79 -35.56
CA ILE D 833 -11.62 83.34 -35.55
C ILE D 833 -11.61 84.75 -34.98
N THR D 834 -10.86 84.97 -33.89
CA THR D 834 -10.75 86.29 -33.29
C THR D 834 -9.79 87.21 -34.05
N PHE D 835 -9.09 86.70 -35.06
CA PHE D 835 -8.14 87.52 -35.81
C PHE D 835 -8.84 88.67 -36.53
N ILE D 836 -10.02 88.40 -37.12
CA ILE D 836 -10.74 89.45 -37.83
C ILE D 836 -11.19 90.54 -36.89
N TRP D 837 -11.47 90.20 -35.63
CA TRP D 837 -11.88 91.20 -34.65
C TRP D 837 -10.76 91.50 -33.67
N LYS E 25 -30.99 -59.18 10.11
CA LYS E 25 -31.20 -60.04 8.96
C LYS E 25 -32.61 -59.91 8.39
N ILE E 26 -33.43 -59.11 9.05
CA ILE E 26 -34.75 -58.75 8.54
C ILE E 26 -34.84 -57.23 8.52
N VAL E 27 -35.24 -56.67 7.39
CA VAL E 27 -35.29 -55.23 7.21
C VAL E 27 -36.72 -54.87 6.83
N ASN E 28 -37.50 -54.38 7.80
CA ASN E 28 -38.85 -53.93 7.51
C ASN E 28 -38.81 -52.64 6.71
N ILE E 29 -39.86 -52.41 5.92
CA ILE E 29 -40.09 -51.14 5.24
C ILE E 29 -41.56 -50.80 5.36
N GLY E 30 -41.86 -49.68 6.02
CA GLY E 30 -43.23 -49.25 6.20
C GLY E 30 -43.68 -48.25 5.14
N ALA E 31 -44.98 -48.04 5.09
CA ALA E 31 -45.56 -47.12 4.10
C ALA E 31 -46.94 -46.71 4.56
N VAL E 32 -47.27 -45.43 4.37
CA VAL E 32 -48.59 -44.89 4.68
C VAL E 32 -49.24 -44.53 3.35
N LEU E 33 -50.07 -45.43 2.83
CA LEU E 33 -50.65 -45.29 1.50
C LEU E 33 -52.13 -44.96 1.59
N SER E 34 -52.75 -44.80 0.42
CA SER E 34 -54.10 -44.27 0.33
C SER E 34 -55.18 -45.34 0.33
N THR E 35 -55.04 -46.37 -0.52
CA THR E 35 -56.09 -47.36 -0.71
C THR E 35 -55.55 -48.79 -0.62
N ARG E 36 -56.50 -49.73 -0.60
CA ARG E 36 -56.16 -51.15 -0.50
C ARG E 36 -55.39 -51.62 -1.72
N LYS E 37 -55.78 -51.19 -2.92
CA LYS E 37 -55.06 -51.60 -4.12
C LYS E 37 -53.62 -51.12 -4.07
N HIS E 38 -53.40 -49.90 -3.58
CA HIS E 38 -52.04 -49.38 -3.48
C HIS E 38 -51.24 -50.13 -2.43
N GLU E 39 -51.87 -50.53 -1.33
CA GLU E 39 -51.17 -51.38 -0.37
C GLU E 39 -50.76 -52.71 -1.00
N GLN E 40 -51.66 -53.31 -1.77
CA GLN E 40 -51.34 -54.58 -2.43
C GLN E 40 -50.19 -54.41 -3.42
N MET E 41 -50.20 -53.33 -4.18
CA MET E 41 -49.11 -53.06 -5.11
C MET E 41 -47.80 -52.89 -4.36
N PHE E 42 -47.83 -52.22 -3.21
CA PHE E 42 -46.62 -52.08 -2.41
C PHE E 42 -46.10 -53.43 -1.95
N ARG E 43 -46.99 -54.31 -1.48
CA ARG E 43 -46.55 -55.62 -1.05
C ARG E 43 -45.92 -56.41 -2.19
N GLU E 44 -46.54 -56.35 -3.37
CA GLU E 44 -45.98 -57.06 -4.52
C GLU E 44 -44.62 -56.51 -4.92
N ALA E 45 -44.46 -55.18 -4.88
CA ALA E 45 -43.17 -54.59 -5.22
C ALA E 45 -42.10 -55.02 -4.24
N VAL E 46 -42.41 -55.03 -2.93
CA VAL E 46 -41.43 -55.46 -1.95
C VAL E 46 -41.08 -56.92 -2.15
N ASN E 47 -42.08 -57.76 -2.45
CA ASN E 47 -41.82 -59.17 -2.68
C ASN E 47 -40.90 -59.38 -3.87
N GLN E 48 -41.12 -58.64 -4.95
CA GLN E 48 -40.25 -58.77 -6.12
C GLN E 48 -38.87 -58.16 -5.90
N ALA E 49 -38.74 -57.22 -4.96
CA ALA E 49 -37.41 -56.66 -4.71
C ALA E 49 -36.43 -57.69 -4.17
N ASN E 50 -36.93 -58.83 -3.66
CA ASN E 50 -36.06 -59.91 -3.23
C ASN E 50 -35.58 -60.79 -4.38
N LYS E 51 -36.11 -60.59 -5.59
CA LYS E 51 -35.75 -61.44 -6.72
C LYS E 51 -34.34 -61.15 -7.20
N ARG E 52 -34.10 -59.93 -7.69
CA ARG E 52 -32.78 -59.59 -8.32
C ARG E 52 -31.65 -59.46 -7.30
N HIS E 53 -31.94 -59.41 -6.00
CA HIS E 53 -30.90 -59.18 -5.00
C HIS E 53 -30.45 -60.45 -4.29
N GLY E 54 -30.89 -61.61 -4.76
CA GLY E 54 -30.29 -62.87 -4.34
C GLY E 54 -30.85 -63.45 -3.05
N SER E 55 -30.31 -64.62 -2.71
CA SER E 55 -30.79 -65.43 -1.58
C SER E 55 -29.98 -65.16 -0.32
N TRP E 56 -29.57 -63.92 -0.11
CA TRP E 56 -28.95 -63.49 1.14
C TRP E 56 -29.89 -63.77 2.31
N LYS E 57 -29.36 -63.63 3.53
CA LYS E 57 -30.14 -63.81 4.73
C LYS E 57 -31.01 -62.60 5.06
N ILE E 58 -31.22 -61.70 4.10
CA ILE E 58 -32.05 -60.53 4.30
C ILE E 58 -33.50 -60.85 3.99
N GLN E 59 -34.40 -60.19 4.70
CA GLN E 59 -35.84 -60.32 4.50
C GLN E 59 -36.50 -58.95 4.58
N LEU E 60 -37.29 -58.63 3.57
CA LEU E 60 -38.01 -57.37 3.52
C LEU E 60 -39.49 -57.66 3.77
N ASN E 61 -40.04 -57.08 4.82
CA ASN E 61 -41.43 -57.28 5.21
C ASN E 61 -42.18 -55.96 5.07
N ALA E 62 -43.45 -56.05 4.70
CA ALA E 62 -44.27 -54.89 4.41
C ALA E 62 -45.24 -54.64 5.54
N THR E 63 -45.24 -53.41 6.07
CA THR E 63 -46.17 -52.97 7.11
C THR E 63 -46.79 -51.65 6.64
N SER E 64 -48.03 -51.70 6.16
CA SER E 64 -48.67 -50.53 5.58
C SER E 64 -49.96 -50.20 6.32
N VAL E 65 -50.26 -48.90 6.40
CA VAL E 65 -51.48 -48.39 7.00
C VAL E 65 -52.04 -47.29 6.11
N THR E 66 -53.32 -46.97 6.31
CA THR E 66 -54.00 -45.94 5.54
C THR E 66 -54.07 -44.64 6.34
N HIS E 67 -54.48 -43.57 5.66
CA HIS E 67 -54.54 -42.25 6.26
C HIS E 67 -55.72 -42.14 7.21
N LYS E 68 -55.69 -41.12 8.06
CA LYS E 68 -56.77 -40.81 8.98
C LYS E 68 -57.08 -39.32 8.93
N PRO E 69 -58.32 -38.92 9.22
CA PRO E 69 -58.69 -37.51 9.09
C PRO E 69 -57.97 -36.61 10.08
N ASN E 70 -57.95 -37.00 11.35
CA ASN E 70 -57.32 -36.17 12.38
C ASN E 70 -55.81 -36.27 12.27
N ALA E 71 -55.14 -35.11 12.23
CA ALA E 71 -53.69 -35.12 12.13
C ALA E 71 -53.04 -35.69 13.39
N ILE E 72 -53.58 -35.37 14.57
CA ILE E 72 -53.03 -35.90 15.81
C ILE E 72 -53.19 -37.41 15.85
N GLN E 73 -54.33 -37.92 15.36
CA GLN E 73 -54.52 -39.36 15.29
C GLN E 73 -53.48 -40.01 14.39
N MET E 74 -53.16 -39.37 13.26
CA MET E 74 -52.14 -39.92 12.38
C MET E 74 -50.76 -39.90 13.04
N ALA E 75 -50.43 -38.82 13.74
CA ALA E 75 -49.13 -38.76 14.39
C ALA E 75 -49.01 -39.76 15.53
N LEU E 76 -50.12 -40.10 16.17
CA LEU E 76 -50.08 -41.15 17.19
C LEU E 76 -50.12 -42.54 16.58
N SER E 77 -50.73 -42.70 15.41
CA SER E 77 -50.80 -44.01 14.77
C SER E 77 -49.49 -44.41 14.11
N VAL E 78 -48.74 -43.45 13.59
CA VAL E 78 -47.41 -43.75 13.07
C VAL E 78 -46.54 -44.30 14.19
N CYS E 79 -46.40 -43.52 15.27
CA CYS E 79 -45.51 -43.82 16.40
C CYS E 79 -45.82 -45.14 17.06
N GLU E 80 -46.91 -45.82 16.68
CA GLU E 80 -47.14 -47.18 17.11
C GLU E 80 -47.02 -48.16 15.95
N ASP E 81 -47.88 -48.04 14.94
CA ASP E 81 -47.99 -49.09 13.93
C ASP E 81 -46.74 -49.22 13.08
N LEU E 82 -45.99 -48.13 12.89
CA LEU E 82 -44.80 -48.28 12.05
C LEU E 82 -43.54 -48.43 12.88
N ILE E 83 -43.38 -47.64 13.94
CA ILE E 83 -42.12 -47.66 14.66
C ILE E 83 -42.04 -48.84 15.63
N SER E 84 -43.18 -49.38 16.07
CA SER E 84 -43.13 -50.56 16.92
C SER E 84 -42.53 -51.77 16.21
N SER E 85 -42.45 -51.73 14.88
CA SER E 85 -41.88 -52.82 14.10
C SER E 85 -40.47 -52.53 13.61
N GLN E 86 -39.83 -51.47 14.10
CA GLN E 86 -38.44 -51.15 13.75
C GLN E 86 -38.27 -50.96 12.24
N VAL E 87 -39.00 -49.99 11.69
CA VAL E 87 -38.92 -49.76 10.25
C VAL E 87 -37.65 -48.99 9.91
N TYR E 88 -37.26 -49.07 8.64
CA TYR E 88 -36.06 -48.40 8.14
C TYR E 88 -36.37 -47.19 7.27
N ALA E 89 -37.53 -47.16 6.60
CA ALA E 89 -37.97 -45.99 5.86
C ALA E 89 -39.47 -46.03 5.74
N ILE E 90 -40.06 -44.87 5.47
CA ILE E 90 -41.52 -44.72 5.38
C ILE E 90 -41.88 -44.02 4.09
N LEU E 91 -42.92 -44.51 3.42
CA LEU E 91 -43.43 -43.92 2.18
C LEU E 91 -44.77 -43.22 2.46
N VAL E 92 -44.89 -41.98 1.99
CA VAL E 92 -46.08 -41.16 2.25
C VAL E 92 -46.67 -40.71 0.93
N SER E 93 -47.99 -40.83 0.79
CA SER E 93 -48.69 -40.41 -0.42
C SER E 93 -49.85 -39.48 -0.07
N HIS E 94 -50.21 -38.62 -1.01
CA HIS E 94 -51.36 -37.75 -0.80
C HIS E 94 -52.66 -38.55 -0.89
N PRO E 95 -53.63 -38.27 -0.02
CA PRO E 95 -54.92 -38.94 -0.10
C PRO E 95 -55.76 -38.35 -1.22
N PRO E 96 -56.91 -38.96 -1.54
CA PRO E 96 -57.77 -38.39 -2.60
C PRO E 96 -58.63 -37.23 -2.12
N THR E 97 -57.98 -36.11 -1.77
CA THR E 97 -58.67 -34.89 -1.38
C THR E 97 -57.97 -33.67 -1.96
N PRO E 98 -58.65 -32.87 -2.79
CA PRO E 98 -58.03 -31.64 -3.30
C PRO E 98 -57.76 -30.59 -2.22
N ASN E 99 -58.40 -30.70 -1.06
CA ASN E 99 -58.22 -29.76 0.03
C ASN E 99 -57.06 -30.11 0.95
N ASP E 100 -56.38 -31.24 0.73
CA ASP E 100 -55.23 -31.62 1.54
C ASP E 100 -53.97 -31.12 0.86
N HIS E 101 -53.44 -30.01 1.36
CA HIS E 101 -52.19 -29.46 0.84
C HIS E 101 -50.97 -29.96 1.61
N PHE E 102 -51.07 -30.05 2.94
CA PHE E 102 -49.93 -30.35 3.78
C PHE E 102 -50.19 -31.56 4.68
N THR E 103 -50.67 -32.66 4.11
CA THR E 103 -51.02 -33.81 4.93
C THR E 103 -49.86 -34.73 5.33
N PRO E 104 -48.69 -34.71 4.65
CA PRO E 104 -47.54 -35.46 5.20
C PRO E 104 -46.65 -34.71 6.18
N THR E 105 -47.16 -33.73 6.94
CA THR E 105 -46.33 -33.12 7.97
C THR E 105 -46.24 -33.93 9.26
N PRO E 106 -47.31 -34.54 9.77
CA PRO E 106 -47.15 -35.36 10.99
C PRO E 106 -46.16 -36.49 10.84
N VAL E 107 -46.16 -37.17 9.69
CA VAL E 107 -45.25 -38.28 9.48
C VAL E 107 -43.81 -37.79 9.47
N SER E 108 -43.53 -36.71 8.74
CA SER E 108 -42.17 -36.20 8.67
C SER E 108 -41.68 -35.72 10.02
N TYR E 109 -42.53 -35.06 10.81
CA TYR E 109 -42.12 -34.61 12.13
C TYR E 109 -41.80 -35.79 13.04
N THR E 110 -42.73 -36.74 13.15
CA THR E 110 -42.54 -37.86 14.07
C THR E 110 -41.36 -38.72 13.66
N ALA E 111 -41.17 -38.95 12.36
CA ALA E 111 -40.04 -39.77 11.93
C ALA E 111 -38.72 -39.01 12.08
N GLY E 112 -38.67 -37.75 11.67
CA GLY E 112 -37.46 -36.98 11.78
C GLY E 112 -37.04 -36.67 13.21
N PHE E 113 -37.92 -36.91 14.19
CA PHE E 113 -37.45 -36.88 15.57
C PHE E 113 -36.30 -37.87 15.78
N TYR E 114 -36.39 -39.05 15.15
CA TYR E 114 -35.38 -40.10 15.28
C TYR E 114 -34.42 -40.17 14.10
N ARG E 115 -34.60 -39.33 13.09
CA ARG E 115 -33.82 -39.38 11.85
C ARG E 115 -33.98 -40.72 11.15
N ILE E 116 -35.23 -41.03 10.80
CA ILE E 116 -35.58 -42.20 9.99
C ILE E 116 -36.02 -41.70 8.62
N PRO E 117 -35.31 -42.02 7.54
CA PRO E 117 -35.59 -41.39 6.24
C PRO E 117 -37.01 -41.64 5.76
N VAL E 118 -37.59 -40.61 5.15
CA VAL E 118 -38.97 -40.63 4.66
C VAL E 118 -38.96 -40.25 3.19
N LEU E 119 -39.61 -41.06 2.35
CA LEU E 119 -39.69 -40.83 0.92
C LEU E 119 -41.10 -40.38 0.56
N GLY E 120 -41.22 -39.23 -0.07
CA GLY E 120 -42.50 -38.74 -0.53
C GLY E 120 -42.73 -39.09 -1.98
N LEU E 121 -44.00 -39.27 -2.34
CA LEU E 121 -44.32 -39.75 -3.68
C LEU E 121 -45.04 -38.74 -4.55
N THR E 122 -46.00 -37.99 -4.02
CA THR E 122 -46.76 -37.06 -4.84
C THR E 122 -46.79 -35.64 -4.31
N THR E 123 -46.45 -35.41 -3.04
CA THR E 123 -46.42 -34.07 -2.51
C THR E 123 -45.38 -33.23 -3.22
N ARG E 124 -45.77 -32.03 -3.65
CA ARG E 124 -44.89 -31.19 -4.46
C ARG E 124 -44.72 -29.78 -3.91
N MET E 125 -45.13 -29.50 -2.68
CA MET E 125 -44.97 -28.15 -2.15
C MET E 125 -43.50 -27.83 -1.93
N SER E 126 -43.21 -26.53 -1.83
CA SER E 126 -41.84 -26.05 -1.75
C SER E 126 -41.28 -25.99 -0.34
N ILE E 127 -42.12 -26.18 0.69
CA ILE E 127 -41.65 -26.05 2.07
C ILE E 127 -40.78 -27.24 2.47
N TYR E 128 -41.03 -28.42 1.89
CA TYR E 128 -40.33 -29.62 2.30
C TYR E 128 -38.87 -29.66 1.85
N SER E 129 -38.45 -28.72 1.00
CA SER E 129 -37.03 -28.63 0.62
C SER E 129 -36.19 -27.94 1.68
N ASP E 130 -36.80 -27.32 2.68
CA ASP E 130 -36.07 -26.58 3.71
C ASP E 130 -35.61 -27.58 4.77
N LYS E 131 -34.33 -27.95 4.72
CA LYS E 131 -33.83 -29.03 5.56
C LYS E 131 -33.63 -28.62 7.01
N SER E 132 -33.80 -27.34 7.35
CA SER E 132 -33.77 -26.96 8.76
C SER E 132 -35.00 -27.44 9.50
N ILE E 133 -36.13 -27.58 8.80
CA ILE E 133 -37.40 -27.91 9.43
C ILE E 133 -37.69 -29.39 9.29
N HIS E 134 -37.76 -29.88 8.04
CA HIS E 134 -37.96 -31.30 7.77
C HIS E 134 -36.60 -31.95 7.62
N LEU E 135 -36.15 -32.65 8.65
CA LEU E 135 -34.77 -33.10 8.74
C LEU E 135 -34.46 -34.29 7.86
N SER E 136 -35.45 -35.15 7.55
CA SER E 136 -35.20 -36.41 6.86
C SER E 136 -36.25 -36.69 5.78
N PHE E 137 -36.44 -35.76 4.85
CA PHE E 137 -37.46 -35.89 3.81
C PHE E 137 -36.81 -35.94 2.44
N LEU E 138 -37.09 -37.00 1.69
CA LEU E 138 -36.70 -37.16 0.29
C LEU E 138 -37.94 -37.43 -0.54
N ARG E 139 -37.92 -37.05 -1.81
CA ARG E 139 -39.07 -37.31 -2.66
C ARG E 139 -38.64 -37.53 -4.10
N THR E 140 -39.48 -38.23 -4.86
CA THR E 140 -39.20 -38.60 -6.24
C THR E 140 -39.83 -37.68 -7.26
N VAL E 141 -40.51 -36.61 -6.83
CA VAL E 141 -41.09 -35.65 -7.76
C VAL E 141 -40.52 -34.27 -7.49
N PRO E 142 -40.17 -33.48 -8.50
CA PRO E 142 -39.60 -32.16 -8.26
C PRO E 142 -40.68 -31.19 -7.81
N PRO E 143 -40.30 -30.18 -7.00
CA PRO E 143 -41.31 -29.27 -6.44
C PRO E 143 -41.86 -28.27 -7.44
N TYR E 144 -42.55 -27.26 -6.95
CA TYR E 144 -43.19 -26.26 -7.79
C TYR E 144 -42.26 -25.12 -8.20
N SER E 145 -40.98 -25.17 -7.83
CA SER E 145 -40.05 -24.09 -8.13
C SER E 145 -38.99 -24.47 -9.16
N HIS E 146 -39.21 -25.50 -9.98
CA HIS E 146 -38.35 -25.76 -11.13
C HIS E 146 -38.98 -25.32 -12.45
N GLN E 147 -40.28 -25.03 -12.43
CA GLN E 147 -40.87 -24.37 -13.58
C GLN E 147 -40.18 -23.05 -13.85
N SER E 148 -39.51 -22.49 -12.85
CA SER E 148 -38.66 -21.32 -13.06
C SER E 148 -37.51 -21.64 -14.01
N SER E 149 -36.86 -22.79 -13.83
CA SER E 149 -35.82 -23.19 -14.78
C SER E 149 -36.38 -23.37 -16.18
N VAL E 150 -37.57 -23.97 -16.27
CA VAL E 150 -38.18 -24.15 -17.59
C VAL E 150 -38.41 -22.80 -18.28
N TRP E 151 -38.94 -21.84 -17.52
CA TRP E 151 -39.18 -20.51 -18.09
C TRP E 151 -37.89 -19.85 -18.52
N PHE E 152 -36.82 -20.01 -17.73
CA PHE E 152 -35.55 -19.40 -18.11
C PHE E 152 -35.03 -19.99 -19.43
N GLU E 153 -35.18 -21.30 -19.62
CA GLU E 153 -34.78 -21.90 -20.89
C GLU E 153 -35.62 -21.36 -22.04
N MET E 154 -36.92 -21.19 -21.83
CA MET E 154 -37.77 -20.61 -22.88
C MET E 154 -37.29 -19.22 -23.26
N MET E 155 -36.99 -18.39 -22.25
CA MET E 155 -36.52 -17.03 -22.53
C MET E 155 -35.21 -17.04 -23.30
N ARG E 156 -34.29 -17.94 -22.93
CA ARG E 156 -33.02 -17.99 -23.65
C ARG E 156 -33.19 -18.48 -25.08
N VAL E 157 -34.14 -19.38 -25.33
CA VAL E 157 -34.36 -19.84 -26.70
C VAL E 157 -34.94 -18.71 -27.55
N TYR E 158 -35.94 -17.99 -27.02
CA TYR E 158 -36.61 -16.96 -27.80
C TYR E 158 -35.95 -15.60 -27.70
N ASN E 159 -34.83 -15.47 -26.98
CA ASN E 159 -34.07 -14.22 -26.90
C ASN E 159 -34.92 -13.07 -26.35
N TRP E 160 -35.29 -13.20 -25.08
CA TRP E 160 -36.01 -12.16 -24.35
C TRP E 160 -35.22 -11.75 -23.12
N ASN E 161 -35.26 -10.45 -22.80
CA ASN E 161 -34.45 -9.90 -21.71
C ASN E 161 -35.25 -9.38 -20.53
N HIS E 162 -36.46 -8.86 -20.75
CA HIS E 162 -37.24 -8.22 -19.71
C HIS E 162 -38.57 -8.92 -19.52
N ILE E 163 -38.94 -9.17 -18.26
CA ILE E 163 -40.17 -9.86 -17.91
C ILE E 163 -40.84 -9.12 -16.76
N ILE E 164 -42.13 -9.37 -16.59
CA ILE E 164 -42.90 -8.76 -15.51
C ILE E 164 -43.36 -9.90 -14.61
N LEU E 165 -42.58 -10.20 -13.59
CA LEU E 165 -42.86 -11.33 -12.72
C LEU E 165 -43.99 -10.95 -11.76
N LEU E 166 -45.12 -11.63 -11.87
CA LEU E 166 -46.30 -11.35 -11.04
C LEU E 166 -46.49 -12.54 -10.11
N VAL E 167 -46.03 -12.41 -8.88
CA VAL E 167 -46.02 -13.48 -7.90
C VAL E 167 -47.05 -13.14 -6.83
N SER E 168 -48.00 -14.04 -6.62
CA SER E 168 -49.08 -13.78 -5.67
C SER E 168 -48.80 -14.38 -4.30
N ASP E 169 -48.68 -15.70 -4.23
CA ASP E 169 -48.58 -16.35 -2.93
C ASP E 169 -47.27 -15.94 -2.23
N ASP E 170 -47.29 -16.02 -0.90
CA ASP E 170 -46.19 -15.51 -0.09
C ASP E 170 -45.60 -16.58 0.83
N HIS E 171 -45.68 -17.85 0.44
CA HIS E 171 -44.95 -18.88 1.17
C HIS E 171 -44.13 -19.74 0.23
N GLU E 172 -44.60 -19.90 -1.01
CA GLU E 172 -43.82 -20.51 -2.08
C GLU E 172 -43.64 -19.62 -3.30
N GLY E 173 -44.47 -18.58 -3.44
CA GLY E 173 -44.21 -17.58 -4.46
C GLY E 173 -42.86 -16.91 -4.25
N ARG E 174 -42.48 -16.69 -2.98
CA ARG E 174 -41.16 -16.17 -2.70
C ARG E 174 -40.08 -17.13 -3.17
N ALA E 175 -40.30 -18.44 -2.99
CA ALA E 175 -39.32 -19.43 -3.44
C ALA E 175 -39.15 -19.39 -4.96
N ALA E 176 -40.27 -19.32 -5.68
CA ALA E 176 -40.19 -19.25 -7.14
C ALA E 176 -39.48 -17.99 -7.60
N GLN E 177 -39.81 -16.85 -6.99
CA GLN E 177 -39.14 -15.60 -7.36
C GLN E 177 -37.65 -15.66 -7.08
N LYS E 178 -37.27 -16.23 -5.93
CA LYS E 178 -35.85 -16.34 -5.61
C LYS E 178 -35.13 -17.23 -6.62
N ARG E 179 -35.75 -18.34 -7.01
CA ARG E 179 -35.12 -19.21 -7.99
C ARG E 179 -34.90 -18.49 -9.31
N LEU E 180 -35.92 -17.79 -9.80
CA LEU E 180 -35.77 -17.11 -11.09
C LEU E 180 -34.74 -16.00 -11.02
N GLU E 181 -34.71 -15.23 -9.94
CA GLU E 181 -33.74 -14.14 -9.84
C GLU E 181 -32.32 -14.68 -9.70
N THR E 182 -32.14 -15.78 -8.98
CA THR E 182 -30.81 -16.40 -8.92
C THR E 182 -30.36 -16.85 -10.30
N LEU E 183 -31.28 -17.43 -11.09
CA LEU E 183 -30.91 -17.83 -12.44
C LEU E 183 -30.52 -16.63 -13.30
N LEU E 184 -31.29 -15.54 -13.21
CA LEU E 184 -31.01 -14.38 -14.06
C LEU E 184 -29.73 -13.67 -13.65
N GLU E 185 -29.38 -13.70 -12.37
CA GLU E 185 -28.19 -12.99 -11.90
C GLU E 185 -26.93 -13.48 -12.61
N GLU E 186 -26.85 -14.78 -12.92
CA GLU E 186 -25.68 -15.30 -13.61
C GLU E 186 -25.52 -14.68 -14.99
N ARG E 187 -26.62 -14.60 -15.75
CA ARG E 187 -26.61 -13.91 -17.04
C ARG E 187 -26.50 -12.40 -16.88
N GLU E 188 -26.60 -11.89 -15.65
CA GLU E 188 -26.43 -10.47 -15.35
C GLU E 188 -27.54 -9.64 -16.02
N SER E 189 -28.77 -9.93 -15.61
CA SER E 189 -29.93 -9.19 -16.05
C SER E 189 -30.87 -9.02 -14.86
N LYS E 190 -31.76 -8.04 -14.98
CA LYS E 190 -32.74 -7.75 -13.93
C LYS E 190 -34.14 -7.99 -14.46
N ALA E 191 -34.96 -8.70 -13.69
CA ALA E 191 -36.39 -8.68 -13.96
C ALA E 191 -36.91 -7.27 -13.79
N GLU E 192 -37.72 -6.82 -14.75
CA GLU E 192 -38.10 -5.41 -14.79
C GLU E 192 -38.85 -4.99 -13.54
N LYS E 193 -39.80 -5.81 -13.09
CA LYS E 193 -40.52 -5.51 -11.86
C LYS E 193 -41.11 -6.79 -11.31
N VAL E 194 -41.18 -6.89 -9.99
CA VAL E 194 -41.80 -8.02 -9.31
C VAL E 194 -42.93 -7.48 -8.44
N LEU E 195 -44.11 -8.07 -8.58
CA LEU E 195 -45.30 -7.61 -7.89
C LEU E 195 -45.78 -8.68 -6.93
N GLN E 196 -45.98 -8.32 -5.67
CA GLN E 196 -46.42 -9.25 -4.63
C GLN E 196 -47.68 -8.69 -4.00
N PHE E 197 -48.56 -9.57 -3.53
CA PHE E 197 -49.72 -9.11 -2.79
C PHE E 197 -50.26 -10.23 -1.91
N ASP E 198 -51.26 -9.87 -1.11
CA ASP E 198 -51.88 -10.77 -0.14
C ASP E 198 -52.75 -11.80 -0.88
N PRO E 199 -52.59 -13.09 -0.61
CA PRO E 199 -53.49 -14.08 -1.20
C PRO E 199 -54.93 -13.81 -0.79
N GLY E 200 -55.84 -13.97 -1.75
CA GLY E 200 -57.25 -13.79 -1.47
C GLY E 200 -57.80 -12.44 -1.90
N THR E 201 -56.96 -11.42 -1.91
CA THR E 201 -57.44 -10.07 -2.21
C THR E 201 -57.98 -10.00 -3.63
N LYS E 202 -58.83 -9.01 -3.88
CA LYS E 202 -59.56 -8.93 -5.14
C LYS E 202 -59.20 -7.71 -5.97
N ASN E 203 -59.18 -6.52 -5.37
CA ASN E 203 -58.86 -5.35 -6.18
C ASN E 203 -57.38 -5.33 -6.52
N VAL E 204 -56.98 -6.18 -7.47
CA VAL E 204 -55.61 -6.24 -7.96
C VAL E 204 -55.43 -5.22 -9.07
N THR E 205 -56.43 -4.36 -9.27
CA THR E 205 -56.42 -3.45 -10.40
C THR E 205 -55.24 -2.49 -10.35
N ALA E 206 -54.83 -2.06 -9.15
CA ALA E 206 -53.67 -1.18 -9.05
C ALA E 206 -52.42 -1.87 -9.57
N LEU E 207 -52.20 -3.12 -9.14
CA LEU E 207 -51.03 -3.86 -9.61
C LEU E 207 -51.10 -4.10 -11.11
N LEU E 208 -52.28 -4.45 -11.63
CA LEU E 208 -52.38 -4.69 -13.06
C LEU E 208 -52.11 -3.42 -13.87
N MET E 209 -52.61 -2.26 -13.39
CA MET E 209 -52.35 -1.02 -14.11
C MET E 209 -50.87 -0.66 -14.08
N GLU E 210 -50.23 -0.75 -12.90
CA GLU E 210 -48.81 -0.44 -12.82
C GLU E 210 -47.96 -1.40 -13.64
N ALA E 211 -48.43 -2.64 -13.82
CA ALA E 211 -47.75 -3.54 -14.74
C ALA E 211 -48.06 -3.18 -16.19
N ARG E 212 -49.24 -2.63 -16.46
CA ARG E 212 -49.62 -2.27 -17.82
C ARG E 212 -48.77 -1.12 -18.35
N GLU E 213 -48.50 -0.11 -17.53
CA GLU E 213 -47.78 1.05 -18.05
C GLU E 213 -46.31 0.78 -18.33
N LEU E 214 -45.77 -0.37 -17.94
CA LEU E 214 -44.36 -0.66 -18.17
C LEU E 214 -44.10 -0.92 -19.66
N GLU E 215 -42.83 -1.14 -19.98
CA GLU E 215 -42.43 -1.38 -21.36
C GLU E 215 -42.55 -2.85 -21.74
N ALA E 216 -42.19 -3.77 -20.84
CA ALA E 216 -42.17 -5.19 -21.17
C ALA E 216 -43.59 -5.72 -21.36
N ARG E 217 -43.68 -6.84 -22.07
CA ARG E 217 -44.95 -7.47 -22.36
C ARG E 217 -45.06 -8.92 -21.92
N VAL E 218 -43.95 -9.62 -21.68
CA VAL E 218 -44.02 -11.00 -21.22
C VAL E 218 -44.42 -11.00 -19.74
N ILE E 219 -45.52 -11.67 -19.42
CA ILE E 219 -46.05 -11.72 -18.07
C ILE E 219 -45.94 -13.14 -17.55
N ILE E 220 -45.26 -13.30 -16.42
CA ILE E 220 -45.10 -14.60 -15.77
C ILE E 220 -45.96 -14.59 -14.51
N LEU E 221 -46.70 -15.67 -14.29
CA LEU E 221 -47.66 -15.76 -13.19
C LEU E 221 -47.30 -16.93 -12.29
N SER E 222 -47.63 -16.80 -11.00
CA SER E 222 -47.37 -17.87 -10.03
C SER E 222 -48.35 -17.71 -8.86
N ALA E 223 -49.45 -18.46 -8.91
CA ALA E 223 -50.50 -18.31 -7.91
C ALA E 223 -51.36 -19.57 -7.89
N SER E 224 -52.22 -19.64 -6.88
CA SER E 224 -53.13 -20.77 -6.72
C SER E 224 -54.20 -20.73 -7.81
N GLU E 225 -55.11 -21.71 -7.77
CA GLU E 225 -56.15 -21.78 -8.79
C GLU E 225 -57.08 -20.58 -8.71
N ASP E 226 -57.57 -20.26 -7.52
CA ASP E 226 -58.50 -19.14 -7.39
C ASP E 226 -57.85 -17.81 -7.73
N ASP E 227 -56.61 -17.60 -7.27
CA ASP E 227 -55.92 -16.35 -7.59
C ASP E 227 -55.64 -16.25 -9.08
N ALA E 228 -55.31 -17.37 -9.71
CA ALA E 228 -55.13 -17.37 -11.16
C ALA E 228 -56.42 -16.97 -11.86
N ALA E 229 -57.55 -17.49 -11.39
CA ALA E 229 -58.84 -17.10 -11.98
C ALA E 229 -59.09 -15.61 -11.81
N THR E 230 -58.80 -15.08 -10.62
CA THR E 230 -59.03 -13.66 -10.37
C THR E 230 -58.18 -12.78 -11.29
N VAL E 231 -56.88 -13.09 -11.39
CA VAL E 231 -56.02 -12.27 -12.23
C VAL E 231 -56.38 -12.43 -13.70
N TYR E 232 -56.82 -13.62 -14.12
CA TYR E 232 -57.26 -13.77 -15.51
C TYR E 232 -58.48 -12.90 -15.81
N ARG E 233 -59.47 -12.90 -14.90
CA ARG E 233 -60.65 -12.09 -15.13
C ARG E 233 -60.30 -10.61 -15.19
N ALA E 234 -59.46 -10.14 -14.27
CA ALA E 234 -59.09 -8.72 -14.28
C ALA E 234 -58.28 -8.36 -15.52
N ALA E 235 -57.36 -9.22 -15.93
CA ALA E 235 -56.57 -8.95 -17.12
C ALA E 235 -57.43 -8.88 -18.37
N ALA E 236 -58.45 -9.74 -18.45
CA ALA E 236 -59.40 -9.62 -19.55
C ALA E 236 -60.18 -8.31 -19.47
N MET E 237 -60.59 -7.91 -18.26
CA MET E 237 -61.37 -6.69 -18.13
C MET E 237 -60.57 -5.47 -18.57
N LEU E 238 -59.30 -5.40 -18.20
CA LEU E 238 -58.45 -4.29 -18.62
C LEU E 238 -57.94 -4.43 -20.04
N ASN E 239 -58.36 -5.49 -20.75
CA ASN E 239 -57.98 -5.73 -22.15
C ASN E 239 -56.46 -5.68 -22.34
N MET E 240 -55.76 -6.46 -21.51
CA MET E 240 -54.32 -6.65 -21.61
C MET E 240 -53.94 -7.96 -22.30
N THR E 241 -54.92 -8.65 -22.89
CA THR E 241 -54.70 -9.95 -23.51
C THR E 241 -54.86 -9.87 -25.02
N GLY E 242 -54.53 -8.72 -25.59
CA GLY E 242 -54.64 -8.54 -27.02
C GLY E 242 -53.45 -9.12 -27.75
N SER E 243 -52.85 -8.35 -28.64
CA SER E 243 -51.71 -8.81 -29.39
C SER E 243 -50.41 -8.37 -28.72
N GLY E 244 -49.36 -9.16 -28.91
CA GLY E 244 -48.05 -8.83 -28.41
C GLY E 244 -47.78 -9.26 -26.99
N TYR E 245 -48.80 -9.63 -26.22
CA TYR E 245 -48.62 -10.11 -24.86
C TYR E 245 -48.36 -11.60 -24.89
N VAL E 246 -47.31 -12.03 -24.21
CA VAL E 246 -46.96 -13.45 -24.11
C VAL E 246 -47.12 -13.85 -22.64
N TRP E 247 -48.17 -14.62 -22.35
CA TRP E 247 -48.40 -15.12 -21.00
C TRP E 247 -47.65 -16.43 -20.79
N LEU E 248 -47.09 -16.58 -19.60
CA LEU E 248 -46.32 -17.76 -19.24
C LEU E 248 -46.70 -18.15 -17.82
N VAL E 249 -47.29 -19.33 -17.65
CA VAL E 249 -47.78 -19.74 -16.34
C VAL E 249 -47.17 -21.07 -15.94
N GLY E 250 -47.60 -21.60 -14.80
CA GLY E 250 -47.16 -22.87 -14.28
C GLY E 250 -48.16 -23.99 -14.56
N GLU E 251 -48.31 -24.88 -13.60
CA GLU E 251 -49.22 -26.01 -13.72
C GLU E 251 -50.54 -25.80 -12.99
N ARG E 252 -50.50 -25.23 -11.79
CA ARG E 252 -51.73 -25.02 -11.02
C ARG E 252 -52.66 -24.02 -11.68
N GLU E 253 -52.15 -23.18 -12.58
CA GLU E 253 -52.96 -22.14 -13.18
C GLU E 253 -53.73 -22.60 -14.43
N ILE E 254 -53.66 -23.87 -14.79
CA ILE E 254 -54.43 -24.38 -15.91
C ILE E 254 -55.25 -25.59 -15.48
N SER E 255 -55.72 -25.60 -14.23
CA SER E 255 -56.57 -26.66 -13.72
C SER E 255 -57.89 -26.10 -13.21
N GLY E 256 -58.99 -26.72 -13.62
CA GLY E 256 -60.30 -26.32 -13.12
C GLY E 256 -60.74 -24.97 -13.65
N ASN E 257 -61.20 -24.10 -12.74
CA ASN E 257 -61.68 -22.79 -13.14
C ASN E 257 -60.57 -21.95 -13.75
N ALA E 258 -59.32 -22.17 -13.32
CA ALA E 258 -58.20 -21.46 -13.91
C ALA E 258 -58.06 -21.78 -15.39
N LEU E 259 -58.25 -23.05 -15.77
CA LEU E 259 -58.29 -23.40 -17.18
C LEU E 259 -59.56 -22.88 -17.84
N ARG E 260 -60.64 -22.79 -17.07
CA ARG E 260 -61.90 -22.29 -17.63
C ARG E 260 -61.77 -20.84 -18.10
N TYR E 261 -61.13 -19.99 -17.31
CA TYR E 261 -61.08 -18.57 -17.62
C TYR E 261 -59.81 -18.15 -18.36
N ALA E 262 -58.96 -19.08 -18.73
CA ALA E 262 -57.66 -18.71 -19.30
C ALA E 262 -57.84 -18.08 -20.68
N PRO E 263 -56.99 -17.10 -21.04
CA PRO E 263 -57.02 -16.58 -22.40
C PRO E 263 -56.28 -17.49 -23.36
N ASP E 264 -56.67 -17.43 -24.63
CA ASP E 264 -56.07 -18.29 -25.63
C ASP E 264 -54.61 -17.94 -25.87
N GLY E 265 -53.83 -18.95 -26.22
CA GLY E 265 -52.42 -18.76 -26.47
C GLY E 265 -51.53 -18.81 -25.25
N ILE E 266 -52.07 -19.19 -24.10
CA ILE E 266 -51.30 -19.19 -22.86
C ILE E 266 -50.42 -20.45 -22.83
N ILE E 267 -49.13 -20.27 -22.62
CA ILE E 267 -48.17 -21.37 -22.62
C ILE E 267 -48.04 -21.90 -21.20
N GLY E 268 -48.63 -23.06 -20.93
CA GLY E 268 -48.54 -23.66 -19.62
C GLY E 268 -47.74 -24.93 -19.64
N LEU E 269 -47.26 -25.37 -18.48
CA LEU E 269 -46.44 -26.57 -18.39
C LEU E 269 -47.27 -27.75 -17.89
N GLN E 270 -46.58 -28.87 -17.68
CA GLN E 270 -47.18 -30.08 -17.14
C GLN E 270 -46.07 -31.02 -16.72
N LEU E 271 -46.44 -32.11 -16.06
CA LEU E 271 -45.48 -33.13 -15.66
C LEU E 271 -45.95 -34.48 -16.16
N ILE E 272 -45.01 -35.26 -16.70
CA ILE E 272 -45.32 -36.59 -17.24
C ILE E 272 -45.32 -37.60 -16.09
N ASN E 273 -46.43 -38.30 -15.93
CA ASN E 273 -46.61 -39.31 -14.87
C ASN E 273 -46.53 -38.69 -13.48
N GLY E 274 -46.84 -37.39 -13.38
CA GLY E 274 -46.80 -36.74 -12.07
C GLY E 274 -47.86 -37.25 -11.12
N LYS E 275 -49.03 -37.56 -11.63
CA LYS E 275 -50.18 -37.95 -10.80
C LYS E 275 -50.36 -39.45 -10.72
N ASN E 276 -49.49 -40.22 -11.36
CA ASN E 276 -49.51 -41.67 -11.25
C ASN E 276 -48.81 -42.11 -9.98
N GLU E 277 -49.31 -43.17 -9.34
CA GLU E 277 -48.76 -43.62 -8.07
C GLU E 277 -48.10 -44.98 -8.12
N SER E 278 -48.58 -45.91 -8.97
CA SER E 278 -47.97 -47.24 -9.02
C SER E 278 -46.52 -47.16 -9.49
N ALA E 279 -46.24 -46.31 -10.48
CA ALA E 279 -44.87 -46.14 -10.95
C ALA E 279 -43.98 -45.62 -9.83
N HIS E 280 -44.46 -44.65 -9.06
CA HIS E 280 -43.63 -44.11 -7.98
C HIS E 280 -43.44 -45.11 -6.86
N ILE E 281 -44.46 -45.93 -6.56
CA ILE E 281 -44.28 -47.00 -5.58
C ILE E 281 -43.18 -47.94 -6.03
N SER E 282 -43.22 -48.34 -7.31
CA SER E 282 -42.21 -49.25 -7.82
C SER E 282 -40.81 -48.64 -7.73
N ASP E 283 -40.67 -47.38 -8.15
CA ASP E 283 -39.36 -46.73 -8.12
C ASP E 283 -38.84 -46.59 -6.70
N ALA E 284 -39.71 -46.18 -5.78
CA ALA E 284 -39.29 -46.01 -4.39
C ALA E 284 -38.83 -47.32 -3.79
N VAL E 285 -39.59 -48.40 -4.03
CA VAL E 285 -39.20 -49.69 -3.47
C VAL E 285 -37.86 -50.12 -4.03
N GLY E 286 -37.66 -49.94 -5.33
CA GLY E 286 -36.38 -50.32 -5.92
C GLY E 286 -35.21 -49.56 -5.32
N VAL E 287 -35.35 -48.24 -5.19
CA VAL E 287 -34.25 -47.44 -4.64
C VAL E 287 -33.95 -47.83 -3.21
N VAL E 288 -35.00 -48.02 -2.40
CA VAL E 288 -34.78 -48.36 -0.99
C VAL E 288 -34.10 -49.72 -0.87
N ALA E 289 -34.55 -50.71 -1.65
CA ALA E 289 -33.96 -52.04 -1.56
C ALA E 289 -32.49 -52.02 -1.96
N GLN E 290 -32.17 -51.33 -3.07
CA GLN E 290 -30.77 -51.25 -3.48
C GLN E 290 -29.92 -50.55 -2.42
N ALA E 291 -30.43 -49.46 -1.84
CA ALA E 291 -29.67 -48.73 -0.84
C ALA E 291 -29.45 -49.56 0.41
N VAL E 292 -30.47 -50.32 0.83
CA VAL E 292 -30.32 -51.16 2.03
C VAL E 292 -29.26 -52.23 1.79
N HIS E 293 -29.32 -52.88 0.62
CA HIS E 293 -28.33 -53.93 0.34
C HIS E 293 -26.93 -53.36 0.28
N GLU E 294 -26.75 -52.18 -0.31
CA GLU E 294 -25.42 -51.56 -0.32
C GLU E 294 -24.99 -51.18 1.10
N LEU E 295 -25.93 -50.74 1.93
CA LEU E 295 -25.59 -50.29 3.28
C LEU E 295 -25.16 -51.44 4.16
N LEU E 296 -25.77 -52.61 4.02
CA LEU E 296 -25.45 -53.71 4.93
C LEU E 296 -24.15 -54.41 4.52
N GLU E 297 -23.08 -53.63 4.32
CA GLU E 297 -21.76 -54.14 4.00
C GLU E 297 -20.67 -53.34 4.69
N LYS E 298 -20.96 -52.80 5.87
CA LYS E 298 -20.00 -52.00 6.62
C LYS E 298 -20.10 -52.34 8.10
N GLU E 299 -19.44 -51.55 8.93
CA GLU E 299 -19.38 -51.79 10.36
C GLU E 299 -20.26 -50.79 11.11
N ASN E 300 -20.48 -51.09 12.40
CA ASN E 300 -21.29 -50.27 13.28
C ASN E 300 -22.71 -50.09 12.74
N ILE E 301 -23.33 -51.19 12.34
CA ILE E 301 -24.71 -51.19 11.86
C ILE E 301 -25.60 -51.53 13.05
N THR E 302 -26.27 -50.52 13.59
CA THR E 302 -27.15 -50.70 14.74
C THR E 302 -28.57 -50.99 14.25
N ASP E 303 -29.53 -50.95 15.17
CA ASP E 303 -30.93 -51.21 14.86
C ASP E 303 -31.79 -50.00 15.18
N PRO E 304 -32.90 -49.82 14.44
CA PRO E 304 -33.80 -48.71 14.76
C PRO E 304 -34.48 -48.93 16.10
N PRO E 305 -34.83 -47.87 16.81
CA PRO E 305 -35.40 -48.02 18.15
C PRO E 305 -36.72 -48.77 18.11
N ARG E 306 -36.96 -49.58 19.15
CA ARG E 306 -38.19 -50.36 19.27
C ARG E 306 -39.24 -49.50 19.96
N GLY E 307 -40.27 -49.11 19.23
CA GLY E 307 -41.31 -48.27 19.78
C GLY E 307 -40.83 -46.85 19.99
N CYS E 308 -41.75 -46.01 20.47
CA CYS E 308 -41.43 -44.60 20.67
C CYS E 308 -41.93 -44.07 22.00
N VAL E 309 -42.47 -44.92 22.87
CA VAL E 309 -43.02 -44.46 24.14
C VAL E 309 -41.92 -44.07 25.12
N GLY E 310 -40.83 -44.84 25.15
CA GLY E 310 -39.82 -44.64 26.17
C GLY E 310 -38.39 -44.56 25.69
N ASN E 311 -38.19 -44.14 24.45
CA ASN E 311 -36.85 -43.93 23.89
C ASN E 311 -36.70 -42.46 23.53
N THR E 312 -35.71 -41.80 24.13
CA THR E 312 -35.47 -40.39 23.87
C THR E 312 -34.17 -40.15 23.11
N ASN E 313 -33.48 -41.20 22.67
CA ASN E 313 -32.23 -41.08 21.93
C ASN E 313 -32.47 -41.30 20.44
N ILE E 314 -31.71 -40.60 19.62
CA ILE E 314 -31.88 -40.65 18.17
C ILE E 314 -31.17 -41.88 17.61
N TRP E 315 -31.50 -42.22 16.37
CA TRP E 315 -30.81 -43.31 15.67
C TRP E 315 -29.35 -42.93 15.44
N LYS E 316 -28.45 -43.90 15.57
CA LYS E 316 -27.03 -43.64 15.43
C LYS E 316 -26.52 -43.76 14.00
N THR E 317 -27.33 -44.28 13.09
CA THR E 317 -26.94 -44.44 11.69
C THR E 317 -27.86 -43.69 10.73
N GLY E 318 -28.68 -42.79 11.26
CA GLY E 318 -29.61 -42.03 10.44
C GLY E 318 -28.93 -41.21 9.37
N PRO E 319 -27.98 -40.35 9.76
CA PRO E 319 -27.27 -39.54 8.74
C PRO E 319 -26.51 -40.36 7.71
N LEU E 320 -25.93 -41.49 8.10
CA LEU E 320 -25.22 -42.32 7.14
C LEU E 320 -26.19 -42.99 6.16
N PHE E 321 -27.30 -43.51 6.68
CA PHE E 321 -28.30 -44.12 5.79
C PHE E 321 -28.84 -43.08 4.83
N LYS E 322 -29.10 -41.86 5.30
CA LYS E 322 -29.64 -40.83 4.41
C LYS E 322 -28.62 -40.44 3.35
N ARG E 323 -27.35 -40.32 3.73
CA ARG E 323 -26.33 -40.00 2.74
C ARG E 323 -26.22 -41.09 1.68
N VAL E 324 -26.26 -42.36 2.09
CA VAL E 324 -26.23 -43.45 1.13
C VAL E 324 -27.44 -43.39 0.21
N LEU E 325 -28.61 -43.07 0.76
CA LEU E 325 -29.82 -42.95 -0.06
C LEU E 325 -29.68 -41.83 -1.08
N MET E 326 -29.10 -40.71 -0.67
CA MET E 326 -28.90 -39.60 -1.60
C MET E 326 -27.95 -40.01 -2.73
N SER E 327 -26.87 -40.72 -2.40
CA SER E 327 -25.90 -41.14 -3.41
C SER E 327 -26.35 -42.46 -4.05
N SER E 328 -27.47 -42.38 -4.77
CA SER E 328 -28.08 -43.55 -5.38
C SER E 328 -28.45 -43.27 -6.84
N LYS E 329 -28.34 -44.31 -7.67
CA LYS E 329 -28.75 -44.25 -9.07
C LYS E 329 -29.42 -45.57 -9.43
N TYR E 330 -30.64 -45.47 -9.96
CA TYR E 330 -31.48 -46.63 -10.28
C TYR E 330 -31.97 -46.44 -11.72
N ALA E 331 -31.19 -46.96 -12.67
CA ALA E 331 -31.48 -46.70 -14.09
C ALA E 331 -32.71 -47.43 -14.56
N ASP E 332 -32.95 -48.64 -14.06
CA ASP E 332 -34.07 -49.46 -14.52
C ASP E 332 -35.38 -49.05 -13.83
N GLY E 333 -35.77 -47.80 -14.05
CA GLY E 333 -36.94 -47.22 -13.44
C GLY E 333 -38.06 -47.05 -14.45
N VAL E 334 -39.30 -47.23 -13.98
CA VAL E 334 -40.46 -47.05 -14.86
C VAL E 334 -40.53 -45.62 -15.34
N THR E 335 -40.30 -44.66 -14.44
CA THR E 335 -40.33 -43.25 -14.78
C THR E 335 -39.02 -42.76 -15.38
N GLY E 336 -38.01 -43.61 -15.48
CA GLY E 336 -36.71 -43.24 -15.99
C GLY E 336 -35.66 -43.23 -14.91
N ARG E 337 -34.52 -42.64 -15.23
CA ARG E 337 -33.43 -42.54 -14.28
C ARG E 337 -33.81 -41.64 -13.12
N VAL E 338 -33.50 -42.07 -11.91
CA VAL E 338 -33.87 -41.35 -10.69
C VAL E 338 -32.59 -41.00 -9.94
N GLU E 339 -32.40 -39.71 -9.67
CA GLU E 339 -31.21 -39.23 -9.00
C GLU E 339 -31.60 -38.05 -8.12
N PHE E 340 -30.86 -37.87 -7.02
CA PHE E 340 -31.20 -36.89 -6.01
C PHE E 340 -30.10 -35.84 -5.91
N ASN E 341 -30.51 -34.58 -5.83
CA ASN E 341 -29.58 -33.46 -5.69
C ASN E 341 -29.33 -33.19 -4.21
N GLU E 342 -28.71 -32.04 -3.90
CA GLU E 342 -28.29 -31.76 -2.53
C GLU E 342 -29.47 -31.64 -1.58
N ASP E 343 -30.59 -31.08 -2.02
CA ASP E 343 -31.75 -30.90 -1.14
C ASP E 343 -32.62 -32.13 -1.05
N GLY E 344 -32.26 -33.22 -1.71
CA GLY E 344 -33.09 -34.41 -1.68
C GLY E 344 -34.27 -34.37 -2.62
N ASP E 345 -34.29 -33.46 -3.58
CA ASP E 345 -35.36 -33.37 -4.56
C ASP E 345 -35.16 -34.46 -5.61
N ARG E 346 -35.82 -34.31 -6.75
CA ARG E 346 -35.67 -35.21 -7.89
C ARG E 346 -35.01 -34.46 -9.03
N LYS E 347 -33.98 -35.05 -9.61
CA LYS E 347 -33.25 -34.48 -10.72
C LYS E 347 -33.77 -35.00 -12.05
N PHE E 348 -33.73 -34.15 -13.07
CA PHE E 348 -33.97 -34.52 -14.46
C PHE E 348 -35.36 -35.13 -14.66
N ALA E 349 -36.36 -34.26 -14.51
CA ALA E 349 -37.74 -34.63 -14.77
C ALA E 349 -38.17 -34.15 -16.15
N ASN E 350 -38.93 -34.98 -16.85
CA ASN E 350 -39.45 -34.64 -18.17
C ASN E 350 -40.73 -33.83 -18.02
N TYR E 351 -40.75 -32.63 -18.60
CA TYR E 351 -41.95 -31.81 -18.60
C TYR E 351 -42.65 -31.91 -19.94
N SER E 352 -43.78 -31.21 -20.05
CA SER E 352 -44.51 -31.04 -21.30
C SER E 352 -44.94 -29.59 -21.40
N ILE E 353 -45.16 -29.12 -22.62
CA ILE E 353 -45.55 -27.74 -22.86
C ILE E 353 -46.90 -27.76 -23.55
N MET E 354 -47.90 -27.17 -22.92
CA MET E 354 -49.26 -27.15 -23.44
C MET E 354 -49.66 -25.73 -23.79
N ASN E 355 -50.21 -25.55 -24.99
CA ASN E 355 -50.62 -24.25 -25.49
C ASN E 355 -52.11 -24.27 -25.76
N LEU E 356 -52.87 -23.45 -25.04
CA LEU E 356 -54.32 -23.43 -25.15
C LEU E 356 -54.72 -22.95 -26.53
N GLN E 357 -55.34 -23.83 -27.31
CA GLN E 357 -55.59 -23.61 -28.73
C GLN E 357 -57.05 -23.96 -29.02
N ASN E 358 -57.91 -22.93 -29.06
CA ASN E 358 -59.35 -23.12 -29.18
C ASN E 358 -59.91 -23.95 -28.03
N ARG E 359 -59.50 -23.60 -26.81
CA ARG E 359 -60.01 -24.17 -25.57
C ARG E 359 -59.74 -25.68 -25.45
N LYS E 360 -58.70 -26.15 -26.12
CA LYS E 360 -58.26 -27.54 -26.01
C LYS E 360 -56.75 -27.57 -25.99
N LEU E 361 -56.17 -27.91 -24.84
CA LEU E 361 -54.73 -27.89 -24.69
C LEU E 361 -54.07 -28.84 -25.67
N VAL E 362 -53.04 -28.36 -26.37
CA VAL E 362 -52.36 -29.12 -27.41
C VAL E 362 -50.86 -29.06 -27.16
N GLN E 363 -50.22 -30.21 -27.04
CA GLN E 363 -48.79 -30.26 -26.76
C GLN E 363 -47.99 -29.70 -27.94
N VAL E 364 -46.96 -28.92 -27.64
CA VAL E 364 -46.11 -28.33 -28.67
C VAL E 364 -44.64 -28.54 -28.35
N GLY E 365 -44.33 -29.51 -27.50
CA GLY E 365 -42.95 -29.85 -27.20
C GLY E 365 -42.83 -30.60 -25.91
N ILE E 366 -41.59 -30.97 -25.59
CA ILE E 366 -41.23 -31.49 -24.27
C ILE E 366 -39.91 -30.86 -23.85
N TYR E 367 -39.80 -30.55 -22.56
CA TYR E 367 -38.54 -30.10 -21.95
C TYR E 367 -37.81 -31.34 -21.46
N ASN E 368 -37.11 -32.00 -22.38
CA ASN E 368 -36.38 -33.22 -22.05
C ASN E 368 -35.06 -32.85 -21.40
N GLY E 369 -34.92 -33.20 -20.13
CA GLY E 369 -33.66 -32.96 -19.44
C GLY E 369 -33.35 -31.50 -19.22
N THR E 370 -32.49 -30.93 -20.07
CA THR E 370 -32.07 -29.55 -19.91
C THR E 370 -32.09 -28.75 -21.21
N HIS E 371 -32.81 -29.20 -22.23
CA HIS E 371 -32.85 -28.49 -23.51
C HIS E 371 -34.24 -28.66 -24.12
N VAL E 372 -34.85 -27.54 -24.51
CA VAL E 372 -36.20 -27.59 -25.08
C VAL E 372 -36.13 -28.19 -26.48
N ILE E 373 -37.08 -29.08 -26.78
CA ILE E 373 -37.11 -29.80 -28.06
C ILE E 373 -38.47 -29.60 -28.72
N PRO E 374 -38.61 -28.65 -29.64
CA PRO E 374 -39.92 -28.39 -30.25
C PRO E 374 -40.38 -29.53 -31.15
N ASN E 375 -41.69 -29.70 -31.24
CA ASN E 375 -42.28 -30.69 -32.11
C ASN E 375 -42.86 -30.02 -33.36
N ASP E 376 -43.64 -30.78 -34.13
CA ASP E 376 -44.12 -30.34 -35.43
C ASP E 376 -45.35 -29.43 -35.38
N ARG E 377 -46.02 -29.31 -34.24
CA ARG E 377 -47.23 -28.52 -34.18
C ARG E 377 -46.92 -27.03 -34.24
N LYS E 378 -47.95 -26.24 -34.56
CA LYS E 378 -47.84 -24.79 -34.60
C LYS E 378 -48.38 -24.18 -33.31
N ILE E 379 -47.84 -23.01 -32.96
CA ILE E 379 -48.19 -22.32 -31.72
C ILE E 379 -49.00 -21.10 -32.10
N ILE E 380 -50.20 -20.98 -31.53
CA ILE E 380 -51.07 -19.83 -31.74
C ILE E 380 -50.91 -18.90 -30.56
N TRP E 381 -50.45 -17.69 -30.82
CA TRP E 381 -50.20 -16.64 -29.85
C TRP E 381 -51.46 -15.81 -29.65
N PRO E 382 -51.54 -15.04 -28.55
CA PRO E 382 -52.79 -14.30 -28.29
C PRO E 382 -53.18 -13.35 -29.40
N GLY E 383 -52.20 -12.78 -30.10
CA GLY E 383 -52.49 -11.82 -31.15
C GLY E 383 -51.94 -12.17 -32.52
N GLY E 384 -50.83 -11.52 -32.90
CA GLY E 384 -50.42 -11.46 -34.28
C GLY E 384 -49.72 -12.70 -34.82
N GLU E 385 -48.61 -12.47 -35.52
CA GLU E 385 -47.98 -13.51 -36.32
C GLU E 385 -47.50 -14.67 -35.45
N THR E 386 -47.38 -15.83 -36.08
CA THR E 386 -46.83 -17.00 -35.39
C THR E 386 -45.37 -16.79 -34.99
N GLU E 387 -44.69 -15.81 -35.60
CA GLU E 387 -43.36 -15.44 -35.14
C GLU E 387 -43.44 -14.85 -33.74
N LYS E 388 -42.39 -15.06 -32.97
CA LYS E 388 -42.39 -14.66 -31.58
C LYS E 388 -42.49 -13.14 -31.48
N PRO E 389 -43.49 -12.59 -30.79
CA PRO E 389 -43.56 -11.14 -30.62
C PRO E 389 -42.44 -10.65 -29.71
N ARG E 390 -41.65 -9.71 -30.21
CA ARG E 390 -40.65 -9.06 -29.38
C ARG E 390 -41.38 -8.30 -28.28
N GLY E 391 -41.28 -8.79 -27.05
CA GLY E 391 -42.13 -8.28 -25.98
C GLY E 391 -41.72 -6.93 -25.43
N TYR E 392 -40.97 -6.15 -26.19
CA TYR E 392 -40.45 -4.86 -25.71
C TYR E 392 -40.87 -3.77 -26.70
N GLN E 393 -41.80 -2.92 -26.29
CA GLN E 393 -42.21 -1.75 -27.05
C GLN E 393 -41.78 -0.49 -26.30
N MET E 394 -40.77 0.19 -26.83
CA MET E 394 -40.25 1.38 -26.15
C MET E 394 -41.22 2.55 -26.30
N SER E 395 -41.25 3.41 -25.29
CA SER E 395 -42.19 4.51 -25.21
C SER E 395 -41.53 5.78 -25.74
N THR E 396 -42.20 6.44 -26.68
CA THR E 396 -41.69 7.66 -27.29
C THR E 396 -42.19 8.92 -26.60
N ARG E 397 -42.90 8.80 -25.49
CA ARG E 397 -43.41 9.94 -24.74
C ARG E 397 -42.66 10.00 -23.41
N LEU E 398 -41.57 10.75 -23.39
CA LEU E 398 -40.74 10.86 -22.20
C LEU E 398 -41.33 11.85 -21.21
N LYS E 399 -41.01 11.66 -19.93
CA LYS E 399 -41.40 12.59 -18.88
C LYS E 399 -40.16 13.30 -18.36
N ILE E 400 -39.94 14.52 -18.83
CA ILE E 400 -38.78 15.31 -18.42
C ILE E 400 -38.98 15.83 -17.00
N VAL E 401 -37.88 16.12 -16.32
CA VAL E 401 -37.90 16.73 -14.99
C VAL E 401 -36.86 17.83 -14.97
N THR E 402 -37.20 18.96 -14.33
CA THR E 402 -36.28 20.09 -14.28
C THR E 402 -36.52 20.89 -13.01
N ILE E 403 -35.62 21.85 -12.76
CA ILE E 403 -35.63 22.66 -11.55
C ILE E 403 -35.48 24.12 -11.95
N HIS E 404 -35.82 25.01 -11.02
CA HIS E 404 -35.82 26.45 -11.25
C HIS E 404 -34.43 27.01 -10.96
N GLN E 405 -33.73 27.43 -12.01
CA GLN E 405 -32.44 28.09 -11.87
C GLN E 405 -32.47 29.41 -12.62
N GLU E 406 -31.71 30.38 -12.12
CA GLU E 406 -31.93 31.78 -12.51
C GLU E 406 -31.73 32.05 -13.99
N PRO E 407 -30.61 31.69 -14.62
CA PRO E 407 -30.41 32.05 -16.04
C PRO E 407 -30.72 30.94 -17.05
N PHE E 408 -31.01 29.72 -16.60
CA PHE E 408 -31.29 28.60 -17.50
C PHE E 408 -32.79 28.35 -17.65
N VAL E 409 -33.51 28.15 -16.55
CA VAL E 409 -34.91 27.78 -16.57
C VAL E 409 -35.69 28.79 -15.73
N TYR E 410 -36.31 29.76 -16.39
CA TYR E 410 -37.21 30.66 -15.69
C TYR E 410 -38.54 29.96 -15.40
N VAL E 411 -39.28 30.49 -14.42
CA VAL E 411 -40.62 30.02 -14.10
C VAL E 411 -41.54 31.24 -13.97
N LYS E 412 -42.68 31.20 -14.65
CA LYS E 412 -43.61 32.31 -14.69
C LYS E 412 -45.05 31.81 -14.62
N PRO E 413 -45.88 32.43 -13.78
CA PRO E 413 -47.28 32.01 -13.70
C PRO E 413 -48.04 32.26 -15.00
N THR E 414 -49.07 31.46 -15.21
CA THR E 414 -49.85 31.53 -16.45
C THR E 414 -50.63 32.83 -16.53
N MET E 415 -51.16 33.11 -17.72
CA MET E 415 -51.82 34.40 -17.96
C MET E 415 -53.26 34.41 -17.45
N SER E 416 -54.14 33.61 -18.07
CA SER E 416 -55.54 33.58 -17.68
C SER E 416 -55.99 32.20 -17.22
N ASP E 417 -55.83 31.17 -18.06
CA ASP E 417 -56.20 29.81 -17.68
C ASP E 417 -55.34 28.86 -18.52
N GLY E 418 -54.24 28.41 -17.94
CA GLY E 418 -53.38 27.45 -18.61
C GLY E 418 -52.79 27.95 -19.92
N THR E 419 -52.47 29.24 -20.00
CA THR E 419 -51.87 29.81 -21.20
C THR E 419 -50.72 30.72 -20.81
N CYS E 420 -49.74 30.82 -21.71
CA CYS E 420 -48.57 31.67 -21.51
C CYS E 420 -48.58 32.79 -22.53
N LYS E 421 -48.36 34.01 -22.06
CA LYS E 421 -48.37 35.18 -22.94
C LYS E 421 -47.22 35.09 -23.92
N GLU E 422 -47.51 35.24 -25.21
CA GLU E 422 -46.50 35.16 -26.26
C GLU E 422 -45.77 36.50 -26.35
N GLU E 423 -44.57 36.54 -25.77
CA GLU E 423 -43.73 37.72 -25.78
C GLU E 423 -42.68 37.63 -26.89
N PHE E 424 -41.99 38.75 -27.12
CA PHE E 424 -40.96 38.86 -28.13
C PHE E 424 -39.65 39.32 -27.51
N THR E 425 -38.55 38.98 -28.17
CA THR E 425 -37.22 39.41 -27.76
C THR E 425 -36.81 40.66 -28.56
N VAL E 426 -35.52 40.99 -28.56
CA VAL E 426 -35.03 42.12 -29.32
C VAL E 426 -34.52 41.74 -30.71
N ASN E 427 -34.21 40.46 -30.95
CA ASN E 427 -33.82 40.00 -32.26
C ASN E 427 -35.01 39.66 -33.15
N GLY E 428 -36.23 39.80 -32.64
CA GLY E 428 -37.42 39.40 -33.36
C GLY E 428 -37.78 37.95 -33.24
N ASP E 429 -37.07 37.17 -32.42
CA ASP E 429 -37.40 35.77 -32.22
C ASP E 429 -38.42 35.65 -31.11
N PRO E 430 -39.61 35.10 -31.36
CA PRO E 430 -40.53 34.81 -30.26
C PRO E 430 -39.92 33.83 -29.29
N VAL E 431 -40.17 34.06 -28.00
CA VAL E 431 -39.64 33.17 -26.97
C VAL E 431 -40.48 31.88 -26.96
N LYS E 432 -39.81 30.75 -27.11
CA LYS E 432 -40.48 29.45 -27.08
C LYS E 432 -40.72 29.04 -25.63
N LYS E 433 -41.97 28.75 -25.30
CA LYS E 433 -42.35 28.40 -23.94
C LYS E 433 -42.96 27.00 -23.90
N VAL E 434 -43.19 26.51 -22.68
CA VAL E 434 -43.74 25.17 -22.46
C VAL E 434 -44.40 25.16 -21.09
N ILE E 435 -45.47 24.40 -20.97
CA ILE E 435 -46.27 24.39 -19.74
C ILE E 435 -45.72 23.30 -18.81
N CYS E 436 -45.16 23.74 -17.69
CA CYS E 436 -44.52 22.87 -16.71
C CYS E 436 -45.33 22.90 -15.42
N THR E 437 -45.78 21.74 -14.97
CA THR E 437 -46.69 21.62 -13.84
C THR E 437 -45.89 21.28 -12.58
N GLY E 438 -45.79 22.23 -11.66
CA GLY E 438 -44.96 22.05 -10.50
C GLY E 438 -45.60 22.53 -9.21
N PRO E 439 -45.10 22.02 -8.08
CA PRO E 439 -45.63 22.42 -6.78
C PRO E 439 -45.44 23.91 -6.52
N ASN E 440 -46.37 24.48 -5.75
CA ASN E 440 -46.40 25.92 -5.54
C ASN E 440 -45.35 26.38 -4.53
N ASP E 441 -45.33 25.76 -3.34
CA ASP E 441 -44.44 26.18 -2.27
C ASP E 441 -43.93 24.95 -1.53
N THR E 442 -43.31 25.18 -0.38
CA THR E 442 -42.79 24.11 0.45
C THR E 442 -43.92 23.35 1.14
N SER E 443 -43.60 22.13 1.57
CA SER E 443 -44.58 21.33 2.31
C SER E 443 -45.08 22.03 3.57
N PRO E 444 -44.23 22.64 4.41
CA PRO E 444 -44.79 23.44 5.52
C PRO E 444 -45.68 24.57 5.03
N GLY E 445 -45.33 25.19 3.91
CA GLY E 445 -46.11 26.29 3.38
C GLY E 445 -47.30 25.83 2.55
N SER E 446 -47.03 25.05 1.50
CA SER E 446 -48.09 24.56 0.63
C SER E 446 -48.42 23.12 1.00
N PRO E 447 -49.59 22.85 1.57
CA PRO E 447 -49.96 21.46 1.88
C PRO E 447 -50.13 20.63 0.63
N ARG E 448 -50.93 21.11 -0.32
CA ARG E 448 -51.14 20.41 -1.58
C ARG E 448 -51.53 21.45 -2.63
N HIS E 449 -50.58 21.80 -3.51
CA HIS E 449 -50.84 22.76 -4.58
C HIS E 449 -49.98 22.35 -5.77
N THR E 450 -50.64 21.83 -6.82
CA THR E 450 -49.98 21.44 -8.07
C THR E 450 -50.69 22.16 -9.20
N VAL E 451 -50.09 23.25 -9.69
CA VAL E 451 -50.75 24.09 -10.69
C VAL E 451 -49.83 24.31 -11.87
N PRO E 452 -50.35 24.45 -13.09
CA PRO E 452 -49.48 24.67 -14.25
C PRO E 452 -48.85 26.05 -14.25
N GLN E 453 -47.70 26.14 -14.89
CA GLN E 453 -46.91 27.38 -14.95
C GLN E 453 -46.34 27.50 -16.36
N CYS E 454 -45.34 28.37 -16.54
CA CYS E 454 -44.69 28.55 -17.83
C CYS E 454 -43.18 28.53 -17.64
N CYS E 455 -42.50 27.67 -18.41
CA CYS E 455 -41.06 27.52 -18.35
C CYS E 455 -40.45 27.98 -19.67
N TYR E 456 -39.27 28.59 -19.60
CA TYR E 456 -38.53 28.98 -20.80
C TYR E 456 -37.11 29.34 -20.41
N GLY E 457 -36.21 29.31 -21.37
CA GLY E 457 -34.84 29.70 -21.12
C GLY E 457 -33.88 28.89 -21.98
N PHE E 458 -32.68 28.67 -21.42
CA PHE E 458 -31.61 27.99 -22.15
C PHE E 458 -31.94 26.52 -22.36
N CYS E 459 -32.11 25.78 -21.25
CA CYS E 459 -32.32 24.35 -21.34
C CYS E 459 -33.61 24.01 -22.07
N ILE E 460 -34.62 24.88 -22.03
CA ILE E 460 -35.85 24.60 -22.76
C ILE E 460 -35.61 24.66 -24.27
N ASP E 461 -34.84 25.64 -24.74
CA ASP E 461 -34.48 25.70 -26.15
C ASP E 461 -33.66 24.48 -26.55
N LEU E 462 -32.73 24.07 -25.69
CA LEU E 462 -31.95 22.87 -26.00
C LEU E 462 -32.86 21.64 -26.09
N LEU E 463 -33.82 21.52 -25.17
CA LEU E 463 -34.74 20.38 -25.19
C LEU E 463 -35.58 20.37 -26.44
N ILE E 464 -36.07 21.53 -26.87
CA ILE E 464 -36.87 21.58 -28.09
C ILE E 464 -36.04 21.19 -29.30
N LYS E 465 -34.78 21.64 -29.34
CA LYS E 465 -33.90 21.23 -30.43
C LYS E 465 -33.71 19.71 -30.44
N LEU E 466 -33.49 19.11 -29.27
CA LEU E 466 -33.32 17.66 -29.22
C LEU E 466 -34.57 16.93 -29.69
N ALA E 467 -35.75 17.38 -29.22
CA ALA E 467 -36.99 16.72 -29.61
C ALA E 467 -37.27 16.84 -31.10
N ARG E 468 -36.91 17.98 -31.69
CA ARG E 468 -37.08 18.10 -33.13
C ARG E 468 -36.08 17.23 -33.89
N THR E 469 -34.85 17.13 -33.40
CA THR E 469 -33.85 16.33 -34.10
C THR E 469 -34.20 14.84 -34.08
N MET E 470 -34.50 14.29 -32.91
CA MET E 470 -34.97 12.92 -32.78
C MET E 470 -36.43 12.96 -32.35
N ASN E 471 -37.32 12.47 -33.20
CA ASN E 471 -38.76 12.70 -33.02
C ASN E 471 -39.24 11.96 -31.78
N PHE E 472 -39.50 12.71 -30.71
CA PHE E 472 -40.17 12.20 -29.53
C PHE E 472 -40.87 13.36 -28.84
N THR E 473 -42.08 13.11 -28.35
CA THR E 473 -42.79 14.12 -27.58
C THR E 473 -42.33 14.09 -26.13
N TYR E 474 -42.75 15.08 -25.34
CA TYR E 474 -42.27 15.20 -23.98
C TYR E 474 -43.40 15.70 -23.09
N GLU E 475 -43.10 15.80 -21.79
CA GLU E 475 -44.07 16.27 -20.80
C GLU E 475 -43.26 16.77 -19.61
N VAL E 476 -43.07 18.09 -19.52
CA VAL E 476 -42.16 18.69 -18.57
C VAL E 476 -42.88 18.98 -17.26
N HIS E 477 -42.28 18.61 -16.14
CA HIS E 477 -42.79 19.00 -14.84
C HIS E 477 -41.61 19.38 -13.96
N LEU E 478 -41.90 19.86 -12.76
CA LEU E 478 -40.89 20.37 -11.85
C LEU E 478 -40.70 19.43 -10.67
N VAL E 479 -39.47 19.39 -10.15
CA VAL E 479 -39.16 18.55 -9.00
C VAL E 479 -39.87 19.08 -7.77
N ALA E 480 -40.37 18.17 -6.92
CA ALA E 480 -41.21 18.56 -5.80
C ALA E 480 -40.48 19.48 -4.85
N ASP E 481 -39.24 19.16 -4.49
CA ASP E 481 -38.45 19.99 -3.61
C ASP E 481 -37.44 20.79 -4.42
N GLY E 482 -36.64 21.60 -3.73
CA GLY E 482 -35.66 22.43 -4.40
C GLY E 482 -34.26 21.92 -4.22
N LYS E 483 -34.07 20.60 -4.29
CA LYS E 483 -32.78 19.97 -4.05
C LYS E 483 -32.36 19.18 -5.28
N PHE E 484 -31.05 19.20 -5.58
CA PHE E 484 -30.54 18.48 -6.74
C PHE E 484 -30.41 16.99 -6.45
N GLY E 485 -29.63 16.63 -5.43
CA GLY E 485 -29.63 15.26 -4.95
C GLY E 485 -28.34 14.77 -4.34
N THR E 486 -28.45 14.15 -3.17
CA THR E 486 -27.33 13.51 -2.49
C THR E 486 -27.83 12.21 -1.88
N GLN E 487 -27.03 11.60 -1.03
CA GLN E 487 -27.38 10.34 -0.37
C GLN E 487 -27.54 10.58 1.13
N GLU E 488 -28.64 10.07 1.69
CA GLU E 488 -28.93 10.26 3.10
C GLU E 488 -29.53 8.98 3.67
N ARG E 489 -29.29 8.75 4.96
CA ARG E 489 -29.84 7.59 5.64
C ARG E 489 -31.36 7.70 5.74
N VAL E 490 -32.02 6.57 5.61
CA VAL E 490 -33.45 6.50 5.86
C VAL E 490 -33.66 6.13 7.32
N ASN E 491 -34.81 6.52 7.87
CA ASN E 491 -35.03 6.43 9.31
C ASN E 491 -35.19 5.00 9.80
N ASN E 492 -35.43 4.04 8.93
CA ASN E 492 -35.71 2.67 9.36
C ASN E 492 -34.81 1.70 8.63
N SER E 493 -34.18 0.80 9.40
CA SER E 493 -33.27 -0.25 8.95
C SER E 493 -31.97 0.28 8.37
N ASN E 494 -31.73 1.59 8.39
CA ASN E 494 -30.47 2.19 7.93
C ASN E 494 -30.18 1.80 6.47
N LYS E 495 -31.06 2.26 5.59
CA LYS E 495 -30.97 2.00 4.17
C LYS E 495 -30.64 3.29 3.43
N LYS E 496 -29.70 3.20 2.48
CA LYS E 496 -29.32 4.35 1.68
C LYS E 496 -30.42 4.72 0.69
N GLU E 497 -30.62 6.02 0.50
CA GLU E 497 -31.58 6.53 -0.47
C GLU E 497 -31.08 7.84 -1.04
N TRP E 498 -31.56 8.16 -2.24
CA TRP E 498 -31.28 9.42 -2.90
C TRP E 498 -32.36 10.43 -2.54
N ASN E 499 -32.33 11.59 -3.19
CA ASN E 499 -33.39 12.58 -3.06
C ASN E 499 -33.38 13.44 -4.31
N GLY E 500 -34.29 14.42 -4.36
CA GLY E 500 -34.29 15.40 -5.42
C GLY E 500 -34.48 14.81 -6.81
N MET E 501 -33.85 15.46 -7.79
CA MET E 501 -34.00 15.05 -9.19
C MET E 501 -33.45 13.66 -9.42
N MET E 502 -32.31 13.34 -8.80
CA MET E 502 -31.72 12.01 -9.01
C MET E 502 -32.60 10.92 -8.41
N GLY E 503 -33.18 11.17 -7.23
CA GLY E 503 -34.11 10.21 -6.67
C GLY E 503 -35.33 10.04 -7.54
N GLU E 504 -35.86 11.13 -8.08
CA GLU E 504 -37.01 11.02 -8.98
C GLU E 504 -36.66 10.21 -10.21
N LEU E 505 -35.48 10.45 -10.79
CA LEU E 505 -35.08 9.71 -11.99
C LEU E 505 -34.91 8.22 -11.70
N LEU E 506 -34.26 7.89 -10.58
CA LEU E 506 -34.03 6.47 -10.28
C LEU E 506 -35.31 5.74 -9.92
N SER E 507 -36.25 6.41 -9.23
CA SER E 507 -37.47 5.74 -8.80
C SER E 507 -38.46 5.51 -9.93
N GLY E 508 -38.21 6.04 -11.12
CA GLY E 508 -39.07 5.80 -12.26
C GLY E 508 -40.07 6.90 -12.57
N GLN E 509 -40.12 7.96 -11.78
CA GLN E 509 -41.07 9.04 -12.04
C GLN E 509 -40.66 9.93 -13.20
N ALA E 510 -39.43 9.81 -13.71
CA ALA E 510 -38.98 10.60 -14.84
C ALA E 510 -38.08 9.75 -15.72
N ASP E 511 -37.91 10.18 -16.97
CA ASP E 511 -37.07 9.45 -17.91
C ASP E 511 -35.83 10.22 -18.36
N MET E 512 -35.76 11.52 -18.10
CA MET E 512 -34.62 12.31 -18.54
C MET E 512 -34.57 13.56 -17.68
N ILE E 513 -33.37 14.00 -17.32
CA ILE E 513 -33.17 15.19 -16.52
C ILE E 513 -32.52 16.24 -17.40
N VAL E 514 -33.24 17.31 -17.71
CA VAL E 514 -32.71 18.42 -18.50
C VAL E 514 -32.60 19.61 -17.55
N ALA E 515 -31.41 19.79 -16.98
CA ALA E 515 -31.18 20.82 -15.98
C ALA E 515 -29.68 20.99 -15.78
N PRO E 516 -29.23 22.07 -15.13
CA PRO E 516 -27.78 22.22 -14.88
C PRO E 516 -27.25 21.22 -13.88
N LEU E 517 -27.08 19.97 -14.32
CA LEU E 517 -26.61 18.90 -13.46
C LEU E 517 -25.11 18.73 -13.64
N THR E 518 -24.37 18.65 -12.54
CA THR E 518 -22.92 18.53 -12.58
C THR E 518 -22.52 17.07 -12.65
N ILE E 519 -21.38 16.82 -13.31
CA ILE E 519 -20.86 15.47 -13.49
C ILE E 519 -19.82 15.19 -12.41
N ASN E 520 -20.00 14.10 -11.67
CA ASN E 520 -19.04 13.70 -10.66
C ASN E 520 -19.19 12.20 -10.40
N ASN E 521 -18.31 11.68 -9.54
CA ASN E 521 -18.14 10.25 -9.40
C ASN E 521 -19.35 9.58 -8.77
N GLU E 522 -19.89 10.16 -7.70
CA GLU E 522 -20.99 9.53 -6.98
C GLU E 522 -22.22 9.39 -7.85
N ARG E 523 -22.53 10.42 -8.66
CA ARG E 523 -23.66 10.32 -9.55
C ARG E 523 -23.36 9.42 -10.74
N ALA E 524 -22.14 9.51 -11.30
CA ALA E 524 -21.80 8.71 -12.46
C ALA E 524 -21.80 7.22 -12.16
N GLN E 525 -21.60 6.83 -10.90
CA GLN E 525 -21.65 5.41 -10.58
C GLN E 525 -23.05 4.83 -10.79
N TYR E 526 -24.09 5.64 -10.62
CA TYR E 526 -25.47 5.16 -10.67
C TYR E 526 -26.22 5.53 -11.93
N ILE E 527 -25.91 6.66 -12.57
CA ILE E 527 -26.57 7.03 -13.82
C ILE E 527 -25.51 7.37 -14.85
N GLU E 528 -25.93 7.41 -16.11
CA GLU E 528 -25.05 7.66 -17.24
C GLU E 528 -25.33 9.05 -17.80
N PHE E 529 -24.35 9.93 -17.70
CA PHE E 529 -24.47 11.27 -18.24
C PHE E 529 -24.20 11.26 -19.74
N SER E 530 -24.36 12.42 -20.37
CA SER E 530 -23.96 12.63 -21.75
C SER E 530 -22.72 13.51 -21.76
N LYS E 531 -22.29 13.90 -22.95
CA LYS E 531 -21.12 14.76 -22.98
C LYS E 531 -21.51 16.21 -22.67
N PRO E 532 -20.60 16.98 -22.11
CA PRO E 532 -20.98 18.30 -21.59
C PRO E 532 -21.48 19.24 -22.67
N PHE E 533 -22.46 20.07 -22.30
CA PHE E 533 -22.88 21.18 -23.14
C PHE E 533 -22.52 22.53 -22.54
N LYS E 534 -21.72 22.55 -21.47
CA LYS E 534 -21.31 23.80 -20.84
C LYS E 534 -20.14 23.49 -19.91
N TYR E 535 -19.03 24.22 -20.10
CA TYR E 535 -17.84 24.04 -19.30
C TYR E 535 -17.70 25.21 -18.32
N GLN E 536 -17.40 24.90 -17.07
CA GLN E 536 -17.36 25.93 -16.02
C GLN E 536 -16.56 25.40 -14.84
N GLY E 537 -16.57 26.16 -13.74
CA GLY E 537 -15.94 25.75 -12.50
C GLY E 537 -16.74 26.22 -11.32
N LEU E 538 -16.06 26.72 -10.28
CA LEU E 538 -16.71 27.36 -9.15
C LEU E 538 -16.03 28.68 -8.87
N THR E 539 -16.75 29.59 -8.22
CA THR E 539 -16.22 30.89 -7.85
C THR E 539 -17.02 31.43 -6.67
N ILE E 540 -16.60 32.59 -6.18
CA ILE E 540 -17.16 33.19 -4.97
C ILE E 540 -17.77 34.54 -5.31
N LEU E 541 -18.93 34.83 -4.71
CA LEU E 541 -19.64 36.09 -4.93
C LEU E 541 -19.50 36.98 -3.71
N VAL E 542 -19.09 38.23 -3.93
CA VAL E 542 -18.97 39.22 -2.87
C VAL E 542 -19.70 40.48 -3.31
N LYS E 543 -20.03 41.32 -2.33
CA LYS E 543 -20.79 42.54 -2.56
C LYS E 543 -19.86 43.74 -2.55
N LYS E 544 -19.88 44.51 -3.63
CA LYS E 544 -19.08 45.72 -3.73
C LYS E 544 -19.91 46.86 -4.30
N SER E 560 -8.07 66.64 10.16
CA SER E 560 -7.70 65.67 11.17
C SER E 560 -7.18 66.35 12.42
N THR E 561 -6.85 65.56 13.44
CA THR E 561 -6.32 66.13 14.68
C THR E 561 -4.99 66.83 14.44
N LEU E 562 -4.11 66.22 13.64
CA LEU E 562 -2.84 66.87 13.30
C LEU E 562 -3.07 68.12 12.48
N TRP E 563 -4.11 68.15 11.65
CA TRP E 563 -4.43 69.35 10.89
C TRP E 563 -4.80 70.50 11.82
N LEU E 564 -5.60 70.23 12.85
CA LEU E 564 -5.95 71.25 13.82
C LEU E 564 -4.72 71.65 14.65
N LEU E 565 -3.84 70.70 14.95
CA LEU E 565 -2.61 71.03 15.66
C LEU E 565 -1.74 71.97 14.85
N VAL E 566 -1.61 71.71 13.55
CA VAL E 566 -0.83 72.59 12.68
C VAL E 566 -1.52 73.95 12.57
N GLY E 567 -2.85 73.98 12.58
CA GLY E 567 -3.56 75.24 12.59
C GLY E 567 -3.25 76.06 13.83
N LEU E 568 -3.27 75.42 14.99
CA LEU E 568 -2.91 76.12 16.23
C LEU E 568 -1.47 76.61 16.18
N SER E 569 -0.57 75.77 15.65
CA SER E 569 0.84 76.15 15.55
C SER E 569 1.02 77.36 14.65
N VAL E 570 0.33 77.39 13.50
CA VAL E 570 0.49 78.54 12.59
C VAL E 570 -0.18 79.77 13.17
N HIS E 571 -1.26 79.61 13.94
CA HIS E 571 -1.83 80.77 14.64
C HIS E 571 -0.82 81.37 15.61
N VAL E 572 -0.18 80.53 16.42
CA VAL E 572 0.81 81.02 17.37
C VAL E 572 2.01 81.63 16.64
N VAL E 573 2.39 81.04 15.50
CA VAL E 573 3.50 81.58 14.72
C VAL E 573 3.16 82.96 14.19
N ALA E 574 1.93 83.14 13.70
CA ALA E 574 1.50 84.46 13.23
C ALA E 574 1.50 85.47 14.37
N VAL E 575 1.03 85.05 15.55
CA VAL E 575 1.02 85.96 16.70
C VAL E 575 2.43 86.38 17.07
N MET E 576 3.36 85.42 17.12
CA MET E 576 4.74 85.75 17.49
C MET E 576 5.43 86.57 16.41
N LEU E 577 5.09 86.34 15.13
CA LEU E 577 5.64 87.18 14.07
C LEU E 577 5.15 88.61 14.18
N TYR E 578 3.87 88.79 14.50
CA TYR E 578 3.36 90.15 14.71
C TYR E 578 4.04 90.80 15.91
N LEU E 579 4.24 90.04 16.99
CA LEU E 579 4.94 90.58 18.16
C LEU E 579 6.36 91.01 17.82
N LEU E 580 7.07 90.17 17.06
CA LEU E 580 8.44 90.51 16.66
C LEU E 580 8.46 91.74 15.76
N ASP E 581 7.51 91.83 14.83
CA ASP E 581 7.46 93.00 13.95
C ASP E 581 7.18 94.27 14.75
N ARG E 582 6.29 94.19 15.74
CA ARG E 582 5.97 95.38 16.53
C ARG E 582 7.15 95.78 17.42
N PHE E 583 7.77 94.81 18.10
CA PHE E 583 8.85 95.15 19.03
C PHE E 583 10.10 95.61 18.28
N SER E 584 10.51 94.86 17.26
CA SER E 584 11.75 95.14 16.56
C SER E 584 11.47 95.83 15.24
N PRO E 585 11.96 97.07 15.04
CA PRO E 585 11.78 97.79 13.77
C PRO E 585 12.62 97.21 12.65
N SER E 605 -0.89 95.11 7.60
CA SER E 605 0.40 95.11 6.92
C SER E 605 1.04 93.73 6.96
N ALA E 606 1.68 93.42 8.08
CA ALA E 606 2.35 92.13 8.23
C ALA E 606 1.38 90.99 8.49
N MET E 607 0.25 91.28 9.16
CA MET E 607 -0.71 90.22 9.45
C MET E 607 -1.32 89.65 8.18
N TRP E 608 -1.83 90.52 7.30
CA TRP E 608 -2.39 90.05 6.05
C TRP E 608 -1.32 89.45 5.15
N PHE E 609 -0.09 89.95 5.24
CA PHE E 609 1.01 89.34 4.49
C PHE E 609 1.23 87.89 4.94
N SER E 610 1.25 87.66 6.26
CA SER E 610 1.42 86.30 6.75
C SER E 610 0.24 85.42 6.39
N TRP E 611 -0.98 85.98 6.44
CA TRP E 611 -2.16 85.22 6.05
C TRP E 611 -2.10 84.80 4.59
N GLY E 612 -1.63 85.68 3.71
CA GLY E 612 -1.49 85.31 2.31
C GLY E 612 -0.33 84.37 2.05
N VAL E 613 0.75 84.50 2.83
CA VAL E 613 1.90 83.63 2.65
C VAL E 613 1.58 82.20 3.08
N LEU E 614 0.84 82.04 4.18
CA LEU E 614 0.59 80.70 4.72
C LEU E 614 -0.19 79.84 3.73
N LEU E 615 -0.91 80.43 2.78
CA LEU E 615 -1.67 79.68 1.80
C LEU E 615 -1.26 79.97 0.37
N ASN E 616 -0.96 81.22 0.05
CA ASN E 616 -0.58 81.63 -1.32
C ASN E 616 -1.62 81.24 -2.35
N PHE E 627 16.64 91.44 10.06
CA PHE E 627 15.59 91.12 9.09
C PHE E 627 15.06 89.71 9.31
N SER E 628 15.05 89.28 10.57
CA SER E 628 14.64 87.92 10.89
C SER E 628 13.18 87.65 10.59
N ALA E 629 12.37 88.68 10.36
CA ALA E 629 10.97 88.48 10.00
C ALA E 629 10.86 87.70 8.70
N ARG E 630 11.60 88.15 7.67
CA ARG E 630 11.59 87.45 6.39
C ARG E 630 12.21 86.07 6.48
N ILE E 631 13.22 85.90 7.33
CA ILE E 631 13.81 84.58 7.51
C ILE E 631 12.79 83.61 8.10
N LEU E 632 12.08 84.04 9.14
CA LEU E 632 11.03 83.20 9.72
C LEU E 632 9.92 82.95 8.72
N GLY E 633 9.58 83.94 7.90
CA GLY E 633 8.57 83.75 6.87
C GLY E 633 8.96 82.68 5.87
N MET E 634 10.20 82.73 5.39
CA MET E 634 10.65 81.73 4.42
C MET E 634 10.76 80.35 5.06
N VAL E 635 11.19 80.29 6.32
CA VAL E 635 11.27 79.00 7.01
C VAL E 635 9.88 78.40 7.17
N TRP E 636 8.90 79.22 7.56
CA TRP E 636 7.54 78.71 7.71
C TRP E 636 6.92 78.36 6.36
N ALA E 637 7.31 79.07 5.29
CA ALA E 637 6.86 78.69 3.96
C ALA E 637 7.41 77.32 3.56
N GLY E 638 8.68 77.07 3.83
CA GLY E 638 9.23 75.74 3.58
C GLY E 638 8.55 74.68 4.42
N PHE E 639 8.24 75.01 5.67
CA PHE E 639 7.50 74.08 6.53
C PHE E 639 6.12 73.78 5.95
N ALA E 640 5.41 74.79 5.47
CA ALA E 640 4.11 74.57 4.86
C ALA E 640 4.22 73.72 3.60
N MET E 641 5.28 73.94 2.81
CA MET E 641 5.49 73.12 1.61
C MET E 641 5.72 71.67 1.98
N ILE E 642 6.56 71.41 3.00
CA ILE E 642 6.79 70.01 3.37
C ILE E 642 5.53 69.42 4.00
N ILE E 643 4.73 70.23 4.67
CA ILE E 643 3.47 69.75 5.24
C ILE E 643 2.52 69.31 4.14
N VAL E 644 2.36 70.13 3.10
CA VAL E 644 1.45 69.77 2.03
C VAL E 644 2.01 68.58 1.23
N ALA E 645 3.33 68.48 1.09
CA ALA E 645 3.91 67.31 0.44
C ALA E 645 3.61 66.04 1.21
N SER E 646 3.79 66.08 2.54
CA SER E 646 3.50 64.91 3.35
C SER E 646 2.01 64.57 3.34
N TYR E 647 1.15 65.59 3.34
CA TYR E 647 -0.28 65.35 3.26
C TYR E 647 -0.64 64.68 1.95
N THR E 648 -0.05 65.14 0.84
CA THR E 648 -0.27 64.49 -0.44
C THR E 648 0.19 63.04 -0.41
N ALA E 649 1.37 62.80 0.18
CA ALA E 649 1.90 61.45 0.25
C ALA E 649 0.97 60.51 1.02
N ASN E 650 0.51 60.96 2.21
CA ASN E 650 -0.32 60.07 3.02
C ASN E 650 -1.72 59.91 2.42
N LEU E 651 -2.28 60.96 1.81
CA LEU E 651 -3.57 60.79 1.14
C LEU E 651 -3.46 59.82 -0.03
N ALA E 652 -2.37 59.90 -0.80
CA ALA E 652 -2.17 58.95 -1.89
C ALA E 652 -2.01 57.54 -1.37
N ALA E 653 -1.25 57.36 -0.28
CA ALA E 653 -1.11 56.04 0.32
C ALA E 653 -2.44 55.51 0.82
N PHE E 654 -3.31 56.37 1.33
CA PHE E 654 -4.60 55.93 1.83
C PHE E 654 -5.56 55.58 0.70
N LEU E 655 -5.54 56.33 -0.40
CA LEU E 655 -6.50 56.10 -1.46
C LEU E 655 -6.00 55.15 -2.54
N VAL E 656 -4.75 54.71 -2.47
CA VAL E 656 -4.17 53.82 -3.48
C VAL E 656 -3.90 52.42 -2.91
N LEU E 657 -3.07 52.34 -1.87
CA LEU E 657 -2.54 51.05 -1.45
C LEU E 657 -3.51 50.30 -0.53
N ASP E 658 -3.78 50.85 0.66
CA ASP E 658 -4.50 50.11 1.69
C ASP E 658 -5.99 50.09 1.37
N ARG E 659 -6.33 49.26 0.38
CA ARG E 659 -7.73 49.04 0.02
C ARG E 659 -8.25 47.83 0.78
N PRO E 660 -9.45 47.90 1.37
CA PRO E 660 -9.99 46.74 2.07
C PRO E 660 -10.11 45.53 1.13
N GLU E 661 -9.77 44.36 1.66
CA GLU E 661 -9.75 43.14 0.86
C GLU E 661 -11.17 42.55 0.82
N GLU E 662 -12.02 43.19 0.01
CA GLU E 662 -13.36 42.67 -0.21
C GLU E 662 -13.36 41.39 -1.02
N ARG E 663 -12.22 41.02 -1.62
CA ARG E 663 -12.09 39.77 -2.35
C ARG E 663 -11.33 38.75 -1.52
N ILE E 664 -11.77 37.50 -1.58
CA ILE E 664 -11.18 36.43 -0.79
C ILE E 664 -10.11 35.67 -1.57
N THR E 665 -10.13 35.74 -2.91
CA THR E 665 -9.17 35.05 -3.77
C THR E 665 -9.14 33.54 -3.47
N GLY E 666 -10.28 32.90 -3.69
CA GLY E 666 -10.37 31.47 -3.58
C GLY E 666 -10.49 30.99 -2.14
N ILE E 667 -10.16 29.70 -1.96
CA ILE E 667 -10.36 29.02 -0.70
C ILE E 667 -9.07 28.90 0.10
N ASN E 668 -7.96 29.43 -0.39
CA ASN E 668 -6.70 29.37 0.33
C ASN E 668 -6.56 30.49 1.36
N ASP E 669 -7.55 31.36 1.49
CA ASP E 669 -7.48 32.45 2.46
C ASP E 669 -7.55 31.87 3.87
N PRO E 670 -6.58 32.15 4.73
CA PRO E 670 -6.65 31.65 6.12
C PRO E 670 -7.87 32.13 6.88
N ARG E 671 -8.49 33.23 6.46
CA ARG E 671 -9.73 33.67 7.09
C ARG E 671 -10.83 32.63 6.89
N LEU E 672 -10.94 32.08 5.69
CA LEU E 672 -11.89 31.00 5.45
C LEU E 672 -11.37 29.67 5.98
N ARG E 673 -10.05 29.50 6.04
CA ARG E 673 -9.50 28.28 6.62
C ARG E 673 -9.88 28.16 8.10
N ASN E 674 -9.80 29.27 8.84
CA ASN E 674 -10.21 29.33 10.24
C ASN E 674 -11.27 30.40 10.38
N PRO E 675 -12.54 30.05 10.23
CA PRO E 675 -13.60 31.05 10.25
C PRO E 675 -13.92 31.50 11.67
N SER E 676 -14.83 32.47 11.77
CA SER E 676 -15.31 32.96 13.04
C SER E 676 -16.77 33.37 12.87
N ASP E 677 -17.30 34.13 13.83
CA ASP E 677 -18.69 34.56 13.78
C ASP E 677 -18.91 35.74 12.84
N LYS E 678 -17.84 36.33 12.28
CA LYS E 678 -17.98 37.44 11.36
C LYS E 678 -18.19 36.97 9.93
N PHE E 679 -17.23 36.24 9.38
CA PHE E 679 -17.31 35.77 8.00
C PHE E 679 -18.19 34.53 7.94
N ILE E 680 -19.43 34.71 7.51
CA ILE E 680 -20.37 33.61 7.33
C ILE E 680 -20.49 33.37 5.83
N TYR E 681 -20.07 32.19 5.39
CA TYR E 681 -20.16 31.78 4.00
C TYR E 681 -20.78 30.40 3.92
N ALA E 682 -21.63 30.19 2.91
CA ALA E 682 -22.35 28.92 2.80
C ALA E 682 -22.69 28.67 1.35
N THR E 683 -23.23 27.47 1.11
CA THR E 683 -23.62 27.03 -0.22
C THR E 683 -24.98 26.36 -0.11
N VAL E 684 -25.61 26.12 -1.26
CA VAL E 684 -26.96 25.58 -1.28
C VAL E 684 -26.97 24.17 -0.71
N LYS E 685 -27.95 23.88 0.14
CA LYS E 685 -28.04 22.59 0.80
C LYS E 685 -28.24 21.47 -0.20
N GLN E 686 -27.57 20.34 0.04
CA GLN E 686 -27.75 19.12 -0.74
C GLN E 686 -27.46 19.34 -2.22
N SER E 687 -26.21 19.64 -2.53
CA SER E 687 -25.82 19.91 -3.90
C SER E 687 -24.40 19.41 -4.13
N SER E 688 -23.89 19.65 -5.34
CA SER E 688 -22.56 19.16 -5.69
C SER E 688 -21.48 19.80 -4.82
N VAL E 689 -21.66 21.08 -4.48
CA VAL E 689 -20.68 21.74 -3.63
C VAL E 689 -20.63 21.07 -2.26
N ASP E 690 -21.80 20.75 -1.70
CA ASP E 690 -21.85 20.03 -0.44
C ASP E 690 -21.16 18.68 -0.55
N ILE E 691 -21.41 17.95 -1.64
CA ILE E 691 -20.77 16.65 -1.82
C ILE E 691 -19.26 16.80 -1.89
N TYR E 692 -18.79 17.79 -2.64
CA TYR E 692 -17.36 18.00 -2.81
C TYR E 692 -16.67 18.31 -1.49
N PHE E 693 -17.22 19.27 -0.75
CA PHE E 693 -16.61 19.62 0.54
C PHE E 693 -16.68 18.46 1.53
N ARG E 694 -17.78 17.69 1.52
CA ARG E 694 -17.86 16.55 2.41
C ARG E 694 -16.81 15.50 2.05
N ARG E 695 -16.58 15.27 0.75
CA ARG E 695 -15.60 14.28 0.34
C ARG E 695 -14.19 14.70 0.74
N GLN E 696 -13.80 15.93 0.43
CA GLN E 696 -12.46 16.36 0.77
C GLN E 696 -12.27 16.37 2.28
N VAL E 697 -11.17 15.81 2.75
CA VAL E 697 -10.97 15.52 4.16
C VAL E 697 -10.21 16.60 4.90
N GLU E 698 -9.55 17.51 4.21
CA GLU E 698 -8.76 18.54 4.86
C GLU E 698 -9.56 19.81 5.12
N LEU E 699 -10.85 19.81 4.82
CA LEU E 699 -11.73 20.94 5.09
C LEU E 699 -12.81 20.56 6.09
N SER E 700 -12.44 19.79 7.12
CA SER E 700 -13.41 19.41 8.14
C SER E 700 -13.92 20.63 8.89
N THR E 701 -13.03 21.58 9.21
CA THR E 701 -13.45 22.80 9.88
C THR E 701 -14.41 23.60 9.02
N MET E 702 -14.09 23.75 7.73
CA MET E 702 -14.98 24.49 6.84
C MET E 702 -16.34 23.81 6.72
N TYR E 703 -16.35 22.49 6.58
CA TYR E 703 -17.61 21.78 6.45
C TYR E 703 -18.45 21.90 7.71
N ARG E 704 -17.83 21.77 8.89
CA ARG E 704 -18.59 21.88 10.13
C ARG E 704 -19.04 23.31 10.38
N HIS E 705 -18.31 24.31 9.87
CA HIS E 705 -18.74 25.69 10.01
C HIS E 705 -19.89 26.01 9.07
N MET E 706 -19.84 25.49 7.84
CA MET E 706 -20.89 25.77 6.87
C MET E 706 -22.13 24.92 7.06
N GLU E 707 -22.05 23.83 7.80
CA GLU E 707 -23.23 22.99 7.96
C GLU E 707 -24.30 23.67 8.82
N LYS E 708 -24.11 24.92 9.21
CA LYS E 708 -25.09 25.66 10.00
C LYS E 708 -25.80 26.76 9.22
N HIS E 709 -25.29 27.16 8.06
CA HIS E 709 -25.82 28.32 7.36
C HIS E 709 -26.20 28.03 5.91
N ASN E 710 -26.28 26.76 5.51
CA ASN E 710 -26.67 26.44 4.15
C ASN E 710 -28.11 26.89 3.89
N TYR E 711 -28.33 27.50 2.73
CA TYR E 711 -29.64 28.01 2.35
C TYR E 711 -30.39 27.00 1.50
N GLU E 712 -31.69 27.23 1.36
CA GLU E 712 -32.53 26.32 0.58
C GLU E 712 -32.34 26.52 -0.92
N SER E 713 -32.09 27.75 -1.37
CA SER E 713 -32.02 28.00 -2.80
C SER E 713 -31.05 29.13 -3.12
N ALA E 714 -30.57 29.11 -4.35
CA ALA E 714 -29.62 30.12 -4.80
C ALA E 714 -30.22 31.51 -4.79
N ALA E 715 -31.50 31.63 -5.18
CA ALA E 715 -32.14 32.94 -5.14
C ALA E 715 -32.20 33.48 -3.71
N GLU E 716 -32.55 32.62 -2.75
CA GLU E 716 -32.58 33.05 -1.36
C GLU E 716 -31.21 33.48 -0.88
N ALA E 717 -30.17 32.71 -1.21
CA ALA E 717 -28.83 33.06 -0.74
C ALA E 717 -28.34 34.37 -1.37
N ILE E 718 -28.64 34.58 -2.65
CA ILE E 718 -28.24 35.83 -3.28
C ILE E 718 -28.99 37.00 -2.67
N GLN E 719 -30.26 36.80 -2.34
CA GLN E 719 -31.01 37.85 -1.64
C GLN E 719 -30.40 38.15 -0.28
N ALA E 720 -30.01 37.12 0.47
CA ALA E 720 -29.42 37.34 1.78
C ALA E 720 -28.11 38.12 1.67
N VAL E 721 -27.26 37.76 0.70
CA VAL E 721 -26.03 38.53 0.54
C VAL E 721 -26.30 39.92 0.01
N ARG E 722 -27.44 40.11 -0.67
CA ARG E 722 -27.82 41.43 -1.15
C ARG E 722 -28.31 42.32 -0.02
N ASP E 723 -28.86 41.72 1.03
CA ASP E 723 -29.33 42.47 2.19
C ASP E 723 -28.27 42.65 3.26
N ASN E 724 -26.98 42.53 2.88
CA ASN E 724 -25.85 42.73 3.80
C ASN E 724 -25.94 41.82 5.03
N LYS E 725 -26.22 40.54 4.77
CA LYS E 725 -26.30 39.54 5.83
C LYS E 725 -25.27 38.42 5.69
N LEU E 726 -24.88 38.05 4.48
CA LEU E 726 -23.81 37.10 4.25
C LEU E 726 -22.52 37.86 3.93
N HIS E 727 -21.47 37.11 3.61
CA HIS E 727 -20.24 37.72 3.09
C HIS E 727 -19.65 36.99 1.89
N ALA E 728 -20.01 35.74 1.63
CA ALA E 728 -19.47 35.01 0.50
C ALA E 728 -20.47 33.94 0.07
N PHE E 729 -20.35 33.49 -1.18
CA PHE E 729 -21.24 32.48 -1.72
C PHE E 729 -20.47 31.63 -2.72
N ILE E 730 -20.53 30.32 -2.56
CA ILE E 730 -19.83 29.37 -3.42
C ILE E 730 -20.86 28.66 -4.30
N TRP E 731 -20.80 28.88 -5.60
CA TRP E 731 -21.76 28.31 -6.53
C TRP E 731 -21.15 28.30 -7.92
N ASP E 732 -21.94 27.89 -8.91
CA ASP E 732 -21.45 27.72 -10.27
C ASP E 732 -21.03 29.05 -10.87
N SER E 733 -20.12 28.98 -11.85
CA SER E 733 -19.54 30.19 -12.41
C SER E 733 -20.51 30.91 -13.32
N ALA E 734 -21.25 30.17 -14.16
CA ALA E 734 -22.12 30.82 -15.14
C ALA E 734 -23.23 31.61 -14.47
N VAL E 735 -23.86 31.02 -13.46
CA VAL E 735 -24.95 31.70 -12.76
C VAL E 735 -24.45 32.97 -12.08
N LEU E 736 -23.31 32.89 -11.40
CA LEU E 736 -22.78 34.05 -10.70
C LEU E 736 -22.36 35.15 -11.68
N GLU E 737 -21.77 34.77 -12.82
CA GLU E 737 -21.42 35.78 -13.80
C GLU E 737 -22.66 36.45 -14.38
N PHE E 738 -23.71 35.69 -14.63
CA PHE E 738 -24.96 36.31 -15.09
C PHE E 738 -25.51 37.26 -14.05
N GLU E 739 -25.47 36.87 -12.77
CA GLU E 739 -25.95 37.76 -11.72
C GLU E 739 -25.13 39.03 -11.65
N ALA E 740 -23.80 38.92 -11.79
CA ALA E 740 -22.96 40.10 -11.77
C ALA E 740 -23.26 41.03 -12.94
N SER E 741 -23.50 40.46 -14.12
CA SER E 741 -23.85 41.29 -15.27
C SER E 741 -25.21 41.96 -15.09
N GLN E 742 -26.19 41.23 -14.56
CA GLN E 742 -27.53 41.79 -14.38
C GLN E 742 -27.55 42.89 -13.33
N LYS E 743 -26.95 42.62 -12.17
CA LYS E 743 -26.93 43.58 -11.07
C LYS E 743 -25.48 43.95 -10.79
N CYS E 744 -25.16 45.23 -10.94
CA CYS E 744 -23.76 45.65 -10.95
C CYS E 744 -23.14 45.64 -9.56
N ASP E 745 -23.92 45.84 -8.50
CA ASP E 745 -23.35 45.88 -7.15
C ASP E 745 -22.74 44.55 -6.74
N LEU E 746 -23.13 43.44 -7.36
CA LEU E 746 -22.49 42.17 -7.11
C LEU E 746 -21.14 42.10 -7.82
N VAL E 747 -20.18 41.41 -7.21
CA VAL E 747 -18.85 41.23 -7.79
C VAL E 747 -18.38 39.80 -7.53
N THR E 748 -17.71 39.21 -8.50
CA THR E 748 -17.09 37.90 -8.35
C THR E 748 -15.58 38.05 -8.17
N THR E 749 -14.98 37.08 -7.48
CA THR E 749 -13.57 37.12 -7.12
C THR E 749 -12.73 36.57 -8.29
N GLY E 750 -11.53 36.09 -8.00
CA GLY E 750 -10.62 35.65 -9.04
C GLY E 750 -10.55 34.17 -9.32
N GLU E 751 -10.35 33.35 -8.29
CA GLU E 751 -9.99 31.95 -8.48
C GLU E 751 -11.15 31.15 -9.07
N LEU E 752 -10.79 30.03 -9.71
CA LEU E 752 -11.74 29.14 -10.38
C LEU E 752 -11.27 27.70 -10.14
N PHE E 753 -11.93 27.00 -9.24
CA PHE E 753 -11.50 25.67 -8.82
C PHE E 753 -12.61 24.65 -9.07
N PHE E 754 -12.20 23.38 -9.19
CA PHE E 754 -13.10 22.25 -9.45
C PHE E 754 -13.88 22.47 -10.75
N ARG E 755 -13.15 22.48 -11.85
CA ARG E 755 -13.75 22.67 -13.16
C ARG E 755 -14.47 21.40 -13.60
N SER E 756 -15.76 21.52 -13.91
CA SER E 756 -16.54 20.40 -14.41
C SER E 756 -17.50 20.85 -15.50
N GLY E 757 -18.46 20.00 -15.86
CA GLY E 757 -19.37 20.34 -16.94
C GLY E 757 -20.82 20.19 -16.55
N PHE E 758 -21.71 20.32 -17.52
CA PHE E 758 -23.14 20.05 -17.33
C PHE E 758 -23.53 18.89 -18.23
N GLY E 759 -24.36 17.98 -17.73
CA GLY E 759 -24.79 16.84 -18.49
C GLY E 759 -26.30 16.71 -18.50
N ILE E 760 -26.78 15.95 -19.48
CA ILE E 760 -28.18 15.56 -19.56
C ILE E 760 -28.28 14.14 -19.01
N GLY E 761 -28.77 14.01 -17.79
CA GLY E 761 -28.83 12.72 -17.17
C GLY E 761 -29.83 11.80 -17.83
N MET E 762 -29.57 10.50 -17.71
CA MET E 762 -30.45 9.48 -18.28
C MET E 762 -30.60 8.38 -17.24
N ARG E 763 -31.20 7.27 -17.64
CA ARG E 763 -31.24 6.07 -16.82
C ARG E 763 -29.90 5.38 -16.89
N LYS E 764 -29.86 4.11 -16.49
CA LYS E 764 -28.74 3.25 -16.87
C LYS E 764 -28.94 2.90 -18.33
N ASP E 765 -28.29 1.83 -18.81
CA ASP E 765 -28.28 1.52 -20.23
C ASP E 765 -29.66 1.70 -20.85
N SER E 766 -29.76 2.66 -21.77
CA SER E 766 -31.01 3.15 -22.31
C SER E 766 -30.83 3.43 -23.79
N PRO E 767 -31.86 3.28 -24.61
CA PRO E 767 -31.68 3.43 -26.06
C PRO E 767 -31.49 4.87 -26.53
N TRP E 768 -31.71 5.87 -25.68
CA TRP E 768 -31.60 7.27 -26.08
C TRP E 768 -30.27 7.90 -25.66
N LYS E 769 -29.21 7.11 -25.51
CA LYS E 769 -27.97 7.69 -25.00
C LYS E 769 -27.04 8.17 -26.11
N GLN E 770 -26.66 7.27 -27.01
CA GLN E 770 -25.67 7.63 -28.02
C GLN E 770 -26.17 8.72 -28.95
N ASN E 771 -27.45 8.69 -29.30
CA ASN E 771 -28.00 9.73 -30.17
C ASN E 771 -27.98 11.09 -29.50
N VAL E 772 -28.31 11.14 -28.21
CA VAL E 772 -28.27 12.42 -27.49
C VAL E 772 -26.85 12.95 -27.45
N SER E 773 -25.88 12.08 -27.15
CA SER E 773 -24.49 12.55 -27.08
C SER E 773 -24.01 13.06 -28.45
N LEU E 774 -24.32 12.34 -29.51
CA LEU E 774 -23.91 12.79 -30.84
C LEU E 774 -24.59 14.09 -31.23
N SER E 775 -25.85 14.28 -30.86
CA SER E 775 -26.52 15.53 -31.15
C SER E 775 -25.88 16.69 -30.40
N ILE E 776 -25.46 16.45 -29.16
CA ILE E 776 -24.77 17.50 -28.39
C ILE E 776 -23.46 17.87 -29.08
N LEU E 777 -22.69 16.88 -29.54
CA LEU E 777 -21.43 17.18 -30.23
C LEU E 777 -21.67 17.95 -31.51
N LYS E 778 -22.69 17.56 -32.28
CA LYS E 778 -22.96 18.23 -33.55
C LYS E 778 -23.46 19.66 -33.33
N SER E 779 -24.18 19.92 -32.23
CA SER E 779 -24.56 21.29 -31.91
C SER E 779 -23.37 22.11 -31.43
N HIS E 780 -22.43 21.48 -30.73
CA HIS E 780 -21.23 22.19 -30.29
C HIS E 780 -20.40 22.64 -31.48
N GLU E 781 -20.16 21.74 -32.43
CA GLU E 781 -19.13 22.03 -33.44
C GLU E 781 -19.58 23.07 -34.46
N ASN E 782 -20.89 23.26 -34.64
CA ASN E 782 -21.38 24.39 -35.40
C ASN E 782 -21.79 25.51 -34.42
N GLY E 783 -22.50 26.52 -34.89
CA GLY E 783 -22.69 27.71 -34.08
C GLY E 783 -23.94 27.79 -33.22
N PHE E 784 -24.58 26.65 -32.95
CA PHE E 784 -25.84 26.70 -32.20
C PHE E 784 -25.62 27.11 -30.75
N MET E 785 -24.60 26.55 -30.10
CA MET E 785 -24.34 26.94 -28.72
C MET E 785 -23.90 28.40 -28.64
N GLU E 786 -23.21 28.89 -29.66
CA GLU E 786 -22.88 30.32 -29.70
C GLU E 786 -24.14 31.17 -29.81
N ASP E 787 -25.10 30.76 -30.64
CA ASP E 787 -26.35 31.51 -30.75
C ASP E 787 -27.09 31.51 -29.41
N LEU E 788 -27.14 30.36 -28.73
CA LEU E 788 -27.79 30.31 -27.43
C LEU E 788 -27.10 31.21 -26.42
N ASP E 789 -25.76 31.19 -26.40
CA ASP E 789 -25.03 32.06 -25.49
C ASP E 789 -25.30 33.53 -25.78
N LYS E 790 -25.35 33.89 -27.07
CA LYS E 790 -25.67 35.27 -27.45
C LYS E 790 -27.04 35.67 -26.91
N THR E 791 -28.05 34.82 -27.12
CA THR E 791 -29.40 35.23 -26.74
C THR E 791 -29.60 35.24 -25.23
N TRP E 792 -28.94 34.35 -24.50
CA TRP E 792 -29.31 34.18 -23.10
C TRP E 792 -28.27 34.63 -22.09
N VAL E 793 -26.98 34.40 -22.33
CA VAL E 793 -25.95 34.64 -21.33
C VAL E 793 -24.98 35.75 -21.76
N ARG E 794 -24.40 35.63 -22.97
CA ARG E 794 -23.44 36.63 -23.42
C ARG E 794 -24.07 38.02 -23.54
N TYR E 795 -25.38 38.07 -23.77
CA TYR E 795 -26.10 39.33 -23.79
C TYR E 795 -25.85 40.10 -22.50
N GLN E 796 -25.34 41.33 -22.63
CA GLN E 796 -24.88 42.10 -21.49
C GLN E 796 -25.84 43.24 -21.20
N GLU E 797 -26.02 43.53 -19.92
CA GLU E 797 -27.01 44.49 -19.48
C GLU E 797 -26.36 45.69 -18.79
N THR E 807 -11.02 59.97 -13.15
CA THR E 807 -12.04 59.13 -12.54
C THR E 807 -13.32 59.92 -12.29
N LEU E 808 -14.18 59.37 -11.42
CA LEU E 808 -15.43 60.05 -11.09
C LEU E 808 -15.17 61.36 -10.35
N THR E 809 -14.22 61.36 -9.42
CA THR E 809 -13.87 62.54 -8.62
C THR E 809 -15.08 63.12 -7.91
N PHE E 810 -15.88 62.24 -7.29
CA PHE E 810 -17.00 62.68 -6.47
C PHE E 810 -17.17 61.84 -5.21
N GLU E 811 -16.16 61.07 -4.82
CA GLU E 811 -16.27 60.20 -3.65
C GLU E 811 -15.82 60.90 -2.37
N ASN E 812 -14.56 61.35 -2.34
CA ASN E 812 -13.99 61.99 -1.17
C ASN E 812 -14.02 63.52 -1.26
N MET E 813 -14.67 64.07 -2.30
CA MET E 813 -14.73 65.51 -2.47
C MET E 813 -16.15 66.06 -2.54
N ALA E 814 -17.18 65.21 -2.45
CA ALA E 814 -18.54 65.73 -2.40
C ALA E 814 -18.80 66.44 -1.07
N GLY E 815 -18.47 65.81 0.04
CA GLY E 815 -18.58 66.47 1.33
C GLY E 815 -17.65 67.66 1.46
N VAL E 816 -16.45 67.56 0.87
CA VAL E 816 -15.52 68.68 0.87
C VAL E 816 -16.12 69.86 0.12
N PHE E 817 -16.72 69.61 -1.05
CA PHE E 817 -17.34 70.67 -1.81
C PHE E 817 -18.52 71.29 -1.07
N MET E 818 -19.32 70.44 -0.41
CA MET E 818 -20.45 70.97 0.37
C MET E 818 -19.97 71.84 1.51
N LEU E 819 -18.92 71.42 2.21
CA LEU E 819 -18.37 72.22 3.30
C LEU E 819 -17.75 73.51 2.78
N VAL E 820 -17.14 73.46 1.59
CA VAL E 820 -16.60 74.67 0.98
C VAL E 820 -17.71 75.64 0.64
N ALA E 821 -18.83 75.14 0.11
CA ALA E 821 -19.96 76.00 -0.18
C ALA E 821 -20.53 76.61 1.10
N GLY E 822 -20.62 75.81 2.17
CA GLY E 822 -21.07 76.35 3.44
C GLY E 822 -20.13 77.43 3.97
N GLY E 823 -18.82 77.21 3.84
CA GLY E 823 -17.87 78.22 4.24
C GLY E 823 -17.96 79.49 3.42
N ILE E 824 -18.25 79.35 2.13
CA ILE E 824 -18.44 80.52 1.27
C ILE E 824 -19.67 81.30 1.70
N VAL E 825 -20.76 80.60 2.02
CA VAL E 825 -21.96 81.27 2.52
C VAL E 825 -21.67 81.98 3.84
N ALA E 826 -20.91 81.32 4.72
CA ALA E 826 -20.53 81.94 6.00
C ALA E 826 -19.68 83.18 5.76
N GLY E 827 -18.77 83.12 4.80
CA GLY E 827 -17.96 84.29 4.49
C GLY E 827 -18.77 85.43 3.92
N ILE E 828 -19.78 85.11 3.11
CA ILE E 828 -20.68 86.16 2.61
C ILE E 828 -21.44 86.80 3.76
N PHE E 829 -21.92 85.97 4.70
CA PHE E 829 -22.60 86.53 5.87
C PHE E 829 -21.66 87.39 6.70
N LEU E 830 -20.40 86.98 6.84
CA LEU E 830 -19.43 87.78 7.56
C LEU E 830 -19.15 89.10 6.84
N ILE E 831 -19.12 89.07 5.51
CA ILE E 831 -18.97 90.31 4.74
C ILE E 831 -20.14 91.24 4.99
N PHE E 832 -21.36 90.69 5.02
CA PHE E 832 -22.53 91.51 5.33
C PHE E 832 -22.43 92.10 6.74
N ILE E 833 -21.96 91.30 7.70
CA ILE E 833 -21.78 91.79 9.07
C ILE E 833 -20.77 92.93 9.11
N GLU E 834 -19.67 92.78 8.38
CA GLU E 834 -18.65 93.83 8.34
C GLU E 834 -19.21 95.10 7.68
N ILE E 835 -20.00 94.95 6.63
CA ILE E 835 -20.62 96.10 5.97
C ILE E 835 -21.55 96.82 6.94
N ALA E 836 -22.35 96.06 7.70
CA ALA E 836 -23.23 96.66 8.69
C ALA E 836 -22.42 97.36 9.78
N TYR E 837 -21.30 96.76 10.20
CA TYR E 837 -20.46 97.38 11.21
C TYR E 837 -19.89 98.70 10.73
N LYS E 838 -19.40 98.74 9.49
CA LYS E 838 -18.87 99.97 8.93
C LYS E 838 -19.99 100.97 8.62
N PRO F 31 -63.49 -9.18 35.14
CA PRO F 31 -62.14 -9.71 34.85
C PRO F 31 -62.05 -11.22 35.04
N PRO F 32 -62.33 -11.98 33.99
CA PRO F 32 -62.16 -13.43 34.08
C PRO F 32 -60.69 -13.79 34.29
N ALA F 33 -60.48 -14.87 35.03
CA ALA F 33 -59.13 -15.33 35.31
C ALA F 33 -58.56 -16.07 34.09
N LEU F 34 -57.25 -16.29 34.12
CA LEU F 34 -56.57 -17.10 33.12
C LEU F 34 -56.06 -18.38 33.76
N ASN F 35 -56.13 -19.48 33.02
CA ASN F 35 -55.56 -20.76 33.45
C ASN F 35 -54.38 -21.07 32.53
N ILE F 36 -53.17 -20.90 33.04
CA ILE F 36 -51.96 -21.06 32.25
C ILE F 36 -51.17 -22.24 32.79
N ALA F 37 -50.87 -23.20 31.93
CA ALA F 37 -50.17 -24.42 32.33
C ALA F 37 -48.69 -24.28 32.05
N VAL F 38 -47.86 -24.48 33.07
CA VAL F 38 -46.41 -24.39 32.96
C VAL F 38 -45.83 -25.79 32.96
N LEU F 39 -44.92 -26.07 32.02
CA LEU F 39 -44.31 -27.39 31.86
C LEU F 39 -42.79 -27.22 31.83
N LEU F 40 -42.12 -27.64 32.89
CA LEU F 40 -40.67 -27.52 33.00
C LEU F 40 -40.05 -28.89 33.26
N GLY F 41 -38.81 -29.06 32.83
CA GLY F 41 -38.04 -30.25 33.14
C GLY F 41 -37.36 -30.11 34.48
N HIS F 42 -37.26 -31.23 35.20
CA HIS F 42 -36.86 -31.18 36.60
C HIS F 42 -35.36 -31.11 36.80
N SER F 43 -34.57 -31.13 35.74
CA SER F 43 -33.14 -30.94 35.85
C SER F 43 -32.75 -29.50 36.16
N HIS F 44 -33.70 -28.56 36.12
CA HIS F 44 -33.42 -27.16 36.40
C HIS F 44 -33.44 -26.83 37.88
N ASP F 45 -33.68 -27.82 38.74
CA ASP F 45 -33.72 -27.63 40.20
C ASP F 45 -34.77 -26.59 40.60
N VAL F 46 -35.95 -26.67 39.99
CA VAL F 46 -37.08 -25.82 40.33
C VAL F 46 -38.21 -26.75 40.79
N THR F 47 -38.62 -26.60 42.05
CA THR F 47 -39.67 -27.44 42.59
C THR F 47 -41.04 -26.92 42.18
N GLU F 48 -42.05 -27.78 42.35
CA GLU F 48 -43.40 -27.44 41.91
C GLU F 48 -44.06 -26.44 42.83
N ARG F 49 -43.84 -26.56 44.14
CA ARG F 49 -44.45 -25.63 45.09
C ARG F 49 -43.95 -24.21 44.86
N GLU F 50 -42.64 -24.04 44.69
CA GLU F 50 -42.11 -22.70 44.43
C GLU F 50 -42.39 -22.25 43.00
N LEU F 51 -42.84 -23.17 42.14
CA LEU F 51 -43.26 -22.80 40.79
C LEU F 51 -44.68 -22.25 40.81
N ARG F 52 -45.58 -22.89 41.56
CA ARG F 52 -46.93 -22.34 41.73
C ARG F 52 -46.92 -21.07 42.56
N ASN F 53 -46.08 -21.02 43.59
CA ASN F 53 -45.96 -19.81 44.40
C ASN F 53 -45.09 -18.75 43.73
N LEU F 54 -44.42 -19.08 42.62
CA LEU F 54 -43.66 -18.08 41.88
C LEU F 54 -44.54 -16.93 41.41
N TRP F 55 -45.81 -17.21 41.12
CA TRP F 55 -46.76 -16.15 40.83
C TRP F 55 -46.95 -15.23 42.04
N GLY F 56 -46.59 -15.69 43.23
CA GLY F 56 -46.68 -14.89 44.43
C GLY F 56 -45.83 -13.63 44.40
N PRO F 57 -44.55 -13.74 44.04
CA PRO F 57 -43.74 -12.52 43.87
C PRO F 57 -44.30 -11.55 42.86
N GLU F 58 -45.06 -12.02 41.87
CA GLU F 58 -45.76 -11.09 40.98
C GLU F 58 -46.77 -10.26 41.74
N GLN F 59 -47.38 -10.83 42.77
CA GLN F 59 -48.40 -10.22 43.62
C GLN F 59 -49.67 -9.87 42.85
N ALA F 60 -49.76 -10.27 41.57
CA ALA F 60 -50.84 -9.90 40.66
C ALA F 60 -51.00 -8.40 40.52
N THR F 61 -50.09 -7.61 41.11
CA THR F 61 -50.14 -6.17 40.95
C THR F 61 -49.67 -5.77 39.55
N GLY F 62 -48.56 -6.35 39.09
CA GLY F 62 -48.13 -6.11 37.72
C GLY F 62 -49.08 -6.71 36.71
N LEU F 63 -49.57 -7.92 36.99
CA LEU F 63 -50.48 -8.60 36.09
C LEU F 63 -51.83 -7.90 36.08
N PRO F 64 -52.30 -7.42 34.94
CA PRO F 64 -53.68 -6.88 34.90
C PRO F 64 -54.75 -7.90 35.26
N LEU F 65 -54.55 -9.18 34.97
CA LEU F 65 -55.53 -10.22 35.26
C LEU F 65 -54.96 -11.20 36.30
N ASP F 66 -55.78 -12.18 36.64
CA ASP F 66 -55.39 -13.23 37.58
C ASP F 66 -54.93 -14.48 36.82
N VAL F 67 -54.08 -15.28 37.48
CA VAL F 67 -53.47 -16.44 36.86
C VAL F 67 -53.53 -17.61 37.83
N ASN F 68 -53.88 -18.80 37.31
CA ASN F 68 -53.83 -20.05 38.08
C ASN F 68 -52.95 -21.03 37.33
N VAL F 69 -51.76 -21.29 37.85
CA VAL F 69 -50.78 -22.11 37.15
C VAL F 69 -51.05 -23.59 37.46
N VAL F 70 -51.13 -24.40 36.42
CA VAL F 70 -51.20 -25.86 36.57
C VAL F 70 -49.80 -26.39 36.29
N ALA F 71 -48.98 -26.47 37.34
CA ALA F 71 -47.57 -26.80 37.18
C ALA F 71 -47.37 -28.29 36.98
N LEU F 72 -46.43 -28.63 36.09
CA LEU F 72 -46.07 -30.00 35.81
C LEU F 72 -44.57 -30.10 35.71
N LEU F 73 -44.03 -31.24 36.16
CA LEU F 73 -42.62 -31.56 35.99
C LEU F 73 -42.51 -32.87 35.24
N MET F 74 -41.68 -32.89 34.20
CA MET F 74 -41.50 -34.08 33.39
C MET F 74 -40.03 -34.24 33.06
N ASN F 75 -39.60 -35.49 32.90
CA ASN F 75 -38.26 -35.81 32.48
C ASN F 75 -38.19 -35.74 30.95
N ARG F 76 -37.13 -36.28 30.37
CA ARG F 76 -36.92 -36.22 28.93
C ARG F 76 -38.15 -36.76 28.19
N THR F 77 -38.46 -36.13 27.06
CA THR F 77 -39.74 -36.33 26.38
C THR F 77 -39.56 -36.94 25.00
N ASP F 78 -40.60 -37.61 24.52
CA ASP F 78 -40.68 -38.24 23.22
C ASP F 78 -41.99 -37.88 22.53
N PRO F 79 -42.04 -37.98 21.20
CA PRO F 79 -43.20 -37.46 20.45
C PRO F 79 -44.54 -38.07 20.81
N LYS F 80 -44.61 -39.12 21.61
CA LYS F 80 -45.91 -39.59 22.09
C LYS F 80 -46.23 -39.10 23.50
N SER F 81 -45.23 -39.07 24.37
CA SER F 81 -45.44 -38.55 25.72
C SER F 81 -45.81 -37.08 25.67
N LEU F 82 -45.17 -36.31 24.80
CA LEU F 82 -45.49 -34.89 24.68
C LEU F 82 -46.95 -34.68 24.31
N ILE F 83 -47.41 -35.38 23.26
CA ILE F 83 -48.78 -35.21 22.80
C ILE F 83 -49.77 -35.67 23.85
N THR F 84 -49.48 -36.79 24.52
CA THR F 84 -50.39 -37.25 25.57
C THR F 84 -50.47 -36.25 26.72
N HIS F 85 -49.33 -35.67 27.12
CA HIS F 85 -49.35 -34.67 28.19
C HIS F 85 -50.21 -33.47 27.81
N VAL F 86 -50.02 -32.95 26.59
CA VAL F 86 -50.78 -31.77 26.20
C VAL F 86 -52.26 -32.09 26.09
N CYS F 87 -52.62 -33.23 25.49
CA CYS F 87 -54.02 -33.58 25.31
C CYS F 87 -54.66 -34.08 26.60
N ASP F 88 -53.90 -34.29 27.66
CA ASP F 88 -54.50 -34.50 28.98
C ASP F 88 -54.60 -33.21 29.78
N LEU F 89 -53.69 -32.27 29.59
CA LEU F 89 -53.89 -30.94 30.17
C LEU F 89 -55.13 -30.27 29.60
N MET F 90 -55.36 -30.41 28.29
CA MET F 90 -56.43 -29.68 27.64
C MET F 90 -57.81 -30.06 28.18
N SER F 91 -58.04 -31.35 28.41
CA SER F 91 -59.30 -31.73 29.02
C SER F 91 -59.25 -31.47 30.51
N GLY F 92 -60.43 -31.40 31.12
CA GLY F 92 -60.51 -31.07 32.53
C GLY F 92 -60.77 -29.61 32.81
N ALA F 93 -59.89 -28.72 32.38
CA ALA F 93 -60.03 -27.29 32.61
C ALA F 93 -60.02 -26.55 31.29
N ARG F 94 -60.27 -25.25 31.35
CA ARG F 94 -60.35 -24.40 30.16
C ARG F 94 -59.04 -23.63 30.02
N ILE F 95 -58.07 -24.25 29.38
CA ILE F 95 -56.71 -23.73 29.35
C ILE F 95 -56.58 -22.61 28.33
N HIS F 96 -56.02 -21.49 28.74
CA HIS F 96 -55.89 -20.31 27.90
C HIS F 96 -54.50 -20.10 27.33
N GLY F 97 -53.52 -20.93 27.66
CA GLY F 97 -52.17 -20.72 27.17
C GLY F 97 -51.28 -21.88 27.57
N LEU F 98 -49.99 -21.72 27.30
CA LEU F 98 -49.01 -22.71 27.72
C LEU F 98 -47.63 -22.07 27.74
N VAL F 99 -46.80 -22.52 28.69
CA VAL F 99 -45.42 -22.07 28.80
C VAL F 99 -44.57 -23.32 28.95
N PHE F 100 -43.68 -23.56 27.99
CA PHE F 100 -42.94 -24.82 27.88
C PHE F 100 -41.46 -24.55 28.00
N GLY F 101 -40.81 -25.20 28.96
CA GLY F 101 -39.38 -25.08 29.14
C GLY F 101 -38.68 -26.41 29.28
N ASP F 102 -37.59 -26.61 28.55
CA ASP F 102 -36.98 -27.93 28.41
C ASP F 102 -35.51 -27.86 28.82
N ASP F 103 -34.91 -29.04 29.01
CA ASP F 103 -33.51 -29.14 29.39
C ASP F 103 -32.64 -29.86 28.37
N THR F 104 -33.21 -30.57 27.41
CA THR F 104 -32.44 -31.35 26.46
C THR F 104 -31.82 -30.44 25.41
N ASP F 105 -31.22 -31.03 24.38
CA ASP F 105 -30.63 -30.28 23.28
C ASP F 105 -31.08 -30.83 21.94
N GLN F 106 -32.37 -31.17 21.83
CA GLN F 106 -32.94 -31.72 20.62
C GLN F 106 -33.73 -30.63 19.89
N GLU F 107 -33.68 -30.65 18.57
CA GLU F 107 -34.34 -29.64 17.76
C GLU F 107 -35.50 -30.20 16.93
N ALA F 108 -36.20 -31.20 17.46
CA ALA F 108 -37.50 -31.58 16.93
C ALA F 108 -38.63 -31.19 17.87
N VAL F 109 -38.32 -30.82 19.11
CA VAL F 109 -39.34 -30.41 20.06
C VAL F 109 -39.99 -29.10 19.61
N ALA F 110 -39.22 -28.20 19.00
CA ALA F 110 -39.80 -26.96 18.49
C ALA F 110 -40.85 -27.24 17.43
N GLN F 111 -40.54 -28.12 16.48
CA GLN F 111 -41.50 -28.42 15.43
C GLN F 111 -42.72 -29.13 15.97
N MET F 112 -42.54 -30.04 16.92
CA MET F 112 -43.70 -30.71 17.52
C MET F 112 -44.60 -29.70 18.23
N LEU F 113 -44.00 -28.76 18.95
CA LEU F 113 -44.80 -27.73 19.63
C LEU F 113 -45.57 -26.88 18.63
N ASP F 114 -44.93 -26.53 17.51
CA ASP F 114 -45.63 -25.74 16.51
C ASP F 114 -46.80 -26.50 15.92
N PHE F 115 -46.61 -27.80 15.65
CA PHE F 115 -47.68 -28.61 15.09
C PHE F 115 -48.86 -28.70 16.06
N ILE F 116 -48.57 -28.95 17.34
CA ILE F 116 -49.64 -29.05 18.34
C ILE F 116 -50.37 -27.71 18.48
N SER F 117 -49.63 -26.60 18.48
CA SER F 117 -50.27 -25.29 18.60
C SER F 117 -51.19 -25.01 17.43
N SER F 118 -50.76 -25.31 16.21
CA SER F 118 -51.61 -25.04 15.06
C SER F 118 -52.82 -25.97 15.02
N GLN F 119 -52.72 -27.15 15.63
CA GLN F 119 -53.88 -28.04 15.67
C GLN F 119 -54.88 -27.69 16.76
N THR F 120 -54.45 -27.13 17.89
CA THR F 120 -55.36 -26.93 19.01
C THR F 120 -55.64 -25.48 19.38
N PHE F 121 -55.00 -24.51 18.72
CA PHE F 121 -55.24 -23.08 18.97
C PHE F 121 -54.96 -22.71 20.43
N ILE F 122 -53.68 -22.83 20.79
CA ILE F 122 -53.20 -22.52 22.12
C ILE F 122 -51.94 -21.68 21.98
N PRO F 123 -51.87 -20.48 22.57
CA PRO F 123 -50.62 -19.73 22.55
C PRO F 123 -49.55 -20.44 23.37
N ILE F 124 -48.42 -20.75 22.74
CA ILE F 124 -47.32 -21.46 23.37
C ILE F 124 -46.09 -20.58 23.33
N LEU F 125 -45.36 -20.53 24.44
CA LEU F 125 -44.09 -19.83 24.52
C LEU F 125 -42.97 -20.82 24.80
N GLY F 126 -41.86 -20.66 24.09
CA GLY F 126 -40.69 -21.48 24.29
C GLY F 126 -39.69 -20.75 25.16
N ILE F 127 -39.43 -21.31 26.33
CA ILE F 127 -38.65 -20.62 27.34
C ILE F 127 -37.17 -20.99 27.23
N HIS F 128 -36.85 -22.27 27.37
CA HIS F 128 -35.47 -22.66 27.59
C HIS F 128 -35.13 -23.94 26.83
N GLY F 129 -34.04 -23.90 26.07
CA GLY F 129 -33.46 -25.09 25.48
C GLY F 129 -34.05 -25.55 24.15
N GLY F 130 -34.57 -26.78 24.15
CA GLY F 130 -35.07 -27.35 22.91
C GLY F 130 -36.19 -26.53 22.30
N ALA F 131 -37.10 -26.03 23.14
CA ALA F 131 -38.16 -25.17 22.65
C ALA F 131 -37.64 -23.80 22.22
N SER F 132 -36.48 -23.38 22.71
CA SER F 132 -35.90 -22.10 22.35
C SER F 132 -35.00 -22.17 21.13
N MET F 133 -34.71 -23.36 20.62
CA MET F 133 -34.00 -23.45 19.34
C MET F 133 -34.84 -22.82 18.23
N ILE F 134 -34.40 -21.67 17.72
CA ILE F 134 -35.21 -20.91 16.78
C ILE F 134 -35.42 -21.68 15.48
N MET F 135 -36.66 -21.69 14.99
CA MET F 135 -37.00 -22.22 13.69
C MET F 135 -37.67 -21.13 12.86
N ALA F 136 -37.41 -21.14 11.56
CA ALA F 136 -38.01 -20.17 10.66
C ALA F 136 -39.18 -20.79 9.91
N ASP F 137 -39.99 -19.93 9.29
CA ASP F 137 -41.11 -20.34 8.45
C ASP F 137 -42.12 -21.18 9.23
N LYS F 138 -42.73 -20.56 10.23
CA LYS F 138 -43.82 -21.20 10.96
C LYS F 138 -45.07 -21.16 10.10
N ASP F 139 -46.18 -21.68 10.60
CA ASP F 139 -47.36 -21.64 9.75
C ASP F 139 -48.13 -20.33 9.96
N PRO F 140 -48.92 -19.91 8.99
CA PRO F 140 -49.74 -18.72 9.20
C PRO F 140 -50.73 -18.85 10.35
N THR F 141 -51.26 -20.05 10.59
CA THR F 141 -52.28 -20.25 11.62
C THR F 141 -51.68 -20.65 12.96
N SER F 142 -50.37 -20.63 13.11
CA SER F 142 -49.69 -21.14 14.30
C SER F 142 -49.22 -19.98 15.17
N THR F 143 -49.50 -20.09 16.48
CA THR F 143 -49.20 -19.06 17.46
C THR F 143 -48.11 -19.50 18.43
N PHE F 144 -46.99 -19.99 17.89
CA PHE F 144 -45.84 -20.41 18.69
C PHE F 144 -44.80 -19.30 18.68
N PHE F 145 -44.56 -18.68 19.84
CA PHE F 145 -43.58 -17.61 19.99
C PHE F 145 -42.43 -18.09 20.85
N GLN F 146 -41.21 -17.64 20.54
CA GLN F 146 -40.01 -18.20 21.12
C GLN F 146 -39.12 -17.13 21.73
N PHE F 147 -38.31 -17.53 22.71
CA PHE F 147 -37.31 -16.67 23.34
C PHE F 147 -35.96 -16.96 22.70
N GLY F 148 -35.60 -16.20 21.68
CA GLY F 148 -34.33 -16.43 21.03
C GLY F 148 -34.05 -15.38 19.99
N ALA F 149 -32.89 -15.51 19.36
CA ALA F 149 -32.42 -14.58 18.35
C ALA F 149 -31.97 -15.35 17.12
N SER F 150 -32.20 -14.79 15.94
CA SER F 150 -31.98 -15.49 14.69
C SER F 150 -30.63 -15.13 14.09
N ILE F 151 -30.35 -15.73 12.93
CA ILE F 151 -29.05 -15.57 12.29
C ILE F 151 -28.86 -14.13 11.81
N GLN F 152 -29.94 -13.44 11.44
CA GLN F 152 -29.81 -12.04 11.06
C GLN F 152 -29.33 -11.19 12.23
N GLN F 153 -29.89 -11.39 13.42
CA GLN F 153 -29.49 -10.59 14.57
C GLN F 153 -28.08 -10.96 15.03
N GLN F 154 -27.72 -12.24 14.95
CA GLN F 154 -26.34 -12.61 15.26
C GLN F 154 -25.34 -11.98 14.28
N ALA F 155 -25.69 -11.97 12.99
CA ALA F 155 -24.82 -11.34 12.01
C ALA F 155 -24.68 -9.84 12.27
N THR F 156 -25.78 -9.19 12.65
CA THR F 156 -25.70 -7.78 12.99
C THR F 156 -24.74 -7.53 14.15
N VAL F 157 -24.80 -8.37 15.18
CA VAL F 157 -23.89 -8.19 16.31
C VAL F 157 -22.44 -8.36 15.87
N MET F 158 -22.16 -9.38 15.05
CA MET F 158 -20.79 -9.61 14.61
C MET F 158 -20.26 -8.43 13.79
N LEU F 159 -21.06 -7.92 12.87
CA LEU F 159 -20.63 -6.76 12.09
C LEU F 159 -20.42 -5.54 12.99
N LYS F 160 -21.24 -5.39 14.03
CA LYS F 160 -21.03 -4.27 14.95
C LYS F 160 -19.70 -4.38 15.68
N ILE F 161 -19.33 -5.60 16.11
CA ILE F 161 -18.03 -5.79 16.76
C ILE F 161 -16.91 -5.39 15.80
N MET F 162 -16.98 -5.89 14.56
CA MET F 162 -15.93 -5.62 13.60
C MET F 162 -15.81 -4.12 13.33
N GLN F 163 -16.93 -3.42 13.24
CA GLN F 163 -16.89 -1.97 13.07
C GLN F 163 -16.27 -1.28 14.29
N ASP F 164 -16.59 -1.77 15.49
CA ASP F 164 -16.08 -1.13 16.70
C ASP F 164 -14.57 -1.20 16.77
N TYR F 165 -13.98 -2.35 16.45
CA TYR F 165 -12.54 -2.51 16.59
C TYR F 165 -11.75 -2.19 15.32
N ASP F 166 -12.42 -1.69 14.27
CA ASP F 166 -11.77 -1.29 13.03
C ASP F 166 -11.12 -2.46 12.30
N TRP F 167 -11.90 -3.50 12.06
CA TRP F 167 -11.50 -4.63 11.23
C TRP F 167 -12.36 -4.58 9.97
N HIS F 168 -11.94 -3.79 8.98
CA HIS F 168 -12.76 -3.54 7.81
C HIS F 168 -12.54 -4.53 6.67
N VAL F 169 -11.52 -5.37 6.73
CA VAL F 169 -11.22 -6.33 5.68
C VAL F 169 -11.48 -7.73 6.21
N PHE F 170 -12.37 -8.48 5.55
CA PHE F 170 -12.73 -9.80 6.05
C PHE F 170 -13.00 -10.74 4.89
N SER F 171 -13.23 -12.01 5.24
CA SER F 171 -13.57 -13.06 4.29
C SER F 171 -14.78 -13.82 4.78
N LEU F 172 -15.10 -14.96 4.16
CA LEU F 172 -16.32 -15.68 4.53
C LEU F 172 -16.19 -17.13 4.09
N VAL F 173 -16.22 -18.05 5.05
CA VAL F 173 -16.03 -19.49 4.78
C VAL F 173 -17.25 -20.23 5.28
N THR F 174 -18.04 -20.78 4.35
CA THR F 174 -19.30 -21.43 4.67
C THR F 174 -19.35 -22.82 4.04
N THR F 175 -19.85 -23.79 4.79
CA THR F 175 -20.06 -25.13 4.29
C THR F 175 -21.48 -25.24 3.73
N ILE F 176 -21.94 -26.47 3.47
CA ILE F 176 -23.25 -26.68 2.86
C ILE F 176 -24.30 -26.97 3.94
N PHE F 177 -24.01 -26.58 5.17
CA PHE F 177 -24.98 -26.76 6.24
C PHE F 177 -26.25 -25.97 5.92
N PRO F 178 -27.43 -26.53 6.18
CA PRO F 178 -28.67 -25.87 5.75
C PRO F 178 -28.82 -24.49 6.35
N GLY F 179 -29.28 -23.56 5.52
CA GLY F 179 -29.49 -22.19 5.97
C GLY F 179 -28.29 -21.28 5.85
N TYR F 180 -27.41 -21.51 4.88
CA TYR F 180 -26.27 -20.64 4.67
C TYR F 180 -26.51 -19.56 3.62
N ARG F 181 -27.42 -19.81 2.68
CA ARG F 181 -27.70 -18.80 1.66
C ARG F 181 -28.29 -17.54 2.26
N ASP F 182 -29.13 -17.69 3.30
CA ASP F 182 -29.65 -16.52 4.00
C ASP F 182 -28.52 -15.74 4.67
N PHE F 183 -27.57 -16.44 5.28
CA PHE F 183 -26.40 -15.79 5.86
C PHE F 183 -25.65 -14.97 4.83
N ILE F 184 -25.33 -15.59 3.70
CA ILE F 184 -24.53 -14.91 2.67
C ILE F 184 -25.29 -13.71 2.11
N SER F 185 -26.58 -13.89 1.81
CA SER F 185 -27.35 -12.79 1.23
C SER F 185 -27.46 -11.63 2.20
N PHE F 186 -27.72 -11.92 3.48
CA PHE F 186 -27.83 -10.84 4.45
C PHE F 186 -26.53 -10.08 4.58
N ILE F 187 -25.40 -10.81 4.65
CA ILE F 187 -24.12 -10.13 4.80
C ILE F 187 -23.84 -9.25 3.58
N LYS F 188 -24.11 -9.77 2.37
CA LYS F 188 -23.86 -8.98 1.17
C LYS F 188 -24.69 -7.69 1.16
N THR F 189 -25.99 -7.81 1.45
CA THR F 189 -26.83 -6.61 1.43
C THR F 189 -26.42 -5.61 2.50
N THR F 190 -26.12 -6.09 3.71
CA THR F 190 -25.72 -5.17 4.78
C THR F 190 -24.42 -4.47 4.44
N VAL F 191 -23.48 -5.18 3.80
CA VAL F 191 -22.25 -4.53 3.36
C VAL F 191 -22.56 -3.48 2.29
N ASP F 192 -23.44 -3.80 1.35
CA ASP F 192 -23.73 -2.88 0.25
C ASP F 192 -24.61 -1.71 0.66
N ASN F 193 -25.18 -1.70 1.86
CA ASN F 193 -26.01 -0.57 2.27
C ASN F 193 -25.48 0.16 3.51
N SER F 194 -24.19 0.46 3.54
CA SER F 194 -23.60 1.14 4.69
C SER F 194 -22.51 2.09 4.23
N PHE F 195 -22.21 3.07 5.09
CA PHE F 195 -21.21 4.09 4.82
C PHE F 195 -19.80 3.71 5.25
N VAL F 196 -19.63 2.63 6.03
CA VAL F 196 -18.33 2.33 6.62
C VAL F 196 -17.31 1.92 5.56
N GLY F 197 -17.74 1.23 4.51
CA GLY F 197 -16.82 0.81 3.47
C GLY F 197 -16.09 -0.49 3.75
N TRP F 198 -16.84 -1.58 3.84
CA TRP F 198 -16.26 -2.88 4.07
C TRP F 198 -15.57 -3.41 2.81
N ASP F 199 -14.35 -3.92 2.98
CA ASP F 199 -13.57 -4.44 1.86
C ASP F 199 -13.58 -5.97 1.84
N MET F 200 -14.76 -6.55 1.63
CA MET F 200 -14.88 -8.00 1.56
C MET F 200 -14.08 -8.52 0.37
N GLN F 201 -13.29 -9.57 0.61
CA GLN F 201 -12.40 -10.12 -0.42
C GLN F 201 -12.95 -11.39 -1.06
N ASN F 202 -13.25 -12.41 -0.26
CA ASN F 202 -13.57 -13.74 -0.76
C ASN F 202 -14.91 -14.22 -0.23
N VAL F 203 -15.58 -15.04 -1.03
CA VAL F 203 -16.76 -15.79 -0.60
C VAL F 203 -16.46 -17.25 -0.93
N ILE F 204 -15.91 -17.99 0.03
CA ILE F 204 -15.47 -19.35 -0.19
C ILE F 204 -16.53 -20.29 0.35
N THR F 205 -17.09 -21.13 -0.52
CA THR F 205 -18.00 -22.19 -0.11
C THR F 205 -17.40 -23.54 -0.42
N LEU F 206 -17.36 -24.40 0.58
CA LEU F 206 -16.87 -25.76 0.43
C LEU F 206 -18.00 -26.64 -0.08
N ASP F 207 -17.63 -27.70 -0.78
CA ASP F 207 -18.63 -28.55 -1.43
C ASP F 207 -19.08 -29.70 -0.54
N THR F 208 -18.14 -30.51 -0.09
CA THR F 208 -18.42 -31.63 0.81
C THR F 208 -17.29 -31.68 1.83
N SER F 209 -17.16 -32.82 2.52
CA SER F 209 -16.00 -33.03 3.37
C SER F 209 -14.73 -32.84 2.55
N PHE F 210 -13.90 -31.90 2.98
CA PHE F 210 -12.77 -31.48 2.15
C PHE F 210 -11.79 -32.63 1.92
N GLU F 211 -11.46 -32.87 0.66
CA GLU F 211 -10.48 -33.87 0.30
C GLU F 211 -9.06 -33.35 0.38
N ASP F 212 -8.88 -32.07 0.70
CA ASP F 212 -7.59 -31.39 0.59
C ASP F 212 -7.06 -31.46 -0.84
N ALA F 213 -7.96 -31.45 -1.81
CA ALA F 213 -7.62 -31.50 -3.23
C ALA F 213 -8.05 -30.26 -3.98
N LYS F 214 -9.31 -29.86 -3.88
CA LYS F 214 -9.80 -28.62 -4.47
C LYS F 214 -10.08 -27.53 -3.45
N THR F 215 -10.39 -27.91 -2.21
CA THR F 215 -10.59 -26.93 -1.14
C THR F 215 -9.27 -26.34 -0.64
N GLN F 216 -8.15 -27.05 -0.85
CA GLN F 216 -6.86 -26.52 -0.44
C GLN F 216 -6.52 -25.25 -1.19
N VAL F 217 -6.74 -25.24 -2.51
CA VAL F 217 -6.51 -24.03 -3.29
C VAL F 217 -7.43 -22.93 -2.85
N GLN F 218 -8.66 -23.28 -2.45
CA GLN F 218 -9.58 -22.28 -1.93
C GLN F 218 -9.04 -21.62 -0.67
N LEU F 219 -8.61 -22.45 0.29
CA LEU F 219 -8.17 -21.91 1.57
C LEU F 219 -6.85 -21.15 1.47
N LYS F 220 -5.98 -21.53 0.52
CA LYS F 220 -4.67 -20.88 0.45
C LYS F 220 -4.72 -19.44 -0.02
N LYS F 221 -5.87 -18.96 -0.51
CA LYS F 221 -5.96 -17.58 -0.99
C LYS F 221 -6.10 -16.57 0.14
N ILE F 222 -6.50 -17.01 1.33
CA ILE F 222 -6.84 -16.09 2.41
C ILE F 222 -5.57 -15.60 3.09
N HIS F 223 -5.38 -14.28 3.10
CA HIS F 223 -4.36 -13.66 3.94
C HIS F 223 -4.92 -12.50 4.75
N SER F 224 -6.23 -12.47 4.96
CA SER F 224 -6.90 -11.37 5.63
C SER F 224 -6.66 -11.44 7.14
N SER F 225 -7.47 -10.71 7.90
CA SER F 225 -7.42 -10.74 9.35
C SER F 225 -8.66 -11.38 9.96
N VAL F 226 -9.85 -10.96 9.55
CA VAL F 226 -11.09 -11.46 10.09
C VAL F 226 -11.69 -12.48 9.15
N ILE F 227 -12.08 -13.64 9.68
CA ILE F 227 -12.61 -14.73 8.87
C ILE F 227 -13.89 -15.23 9.54
N LEU F 228 -15.04 -14.80 9.03
CA LEU F 228 -16.31 -15.30 9.53
C LEU F 228 -16.50 -16.75 9.10
N LEU F 229 -17.10 -17.55 9.98
CA LEU F 229 -17.26 -18.97 9.75
C LEU F 229 -18.71 -19.35 9.95
N TYR F 230 -19.18 -20.33 9.18
CA TYR F 230 -20.56 -20.82 9.31
C TYR F 230 -20.59 -22.31 9.00
N CYS F 231 -20.56 -23.13 10.05
CA CYS F 231 -20.67 -24.58 9.91
C CYS F 231 -21.01 -25.15 11.26
N SER F 232 -21.43 -26.42 11.26
CA SER F 232 -21.72 -27.12 12.50
C SER F 232 -20.44 -27.36 13.29
N LYS F 233 -20.59 -27.78 14.54
CA LYS F 233 -19.43 -27.92 15.42
C LYS F 233 -18.46 -28.97 14.92
N ASP F 234 -18.99 -30.11 14.46
CA ASP F 234 -18.13 -31.20 14.00
C ASP F 234 -17.29 -30.79 12.81
N GLU F 235 -17.90 -30.09 11.84
CA GLU F 235 -17.14 -29.63 10.69
C GLU F 235 -16.21 -28.48 11.07
N ALA F 236 -16.60 -27.67 12.05
CA ALA F 236 -15.76 -26.56 12.48
C ALA F 236 -14.46 -27.06 13.07
N VAL F 237 -14.52 -28.17 13.81
CA VAL F 237 -13.28 -28.75 14.35
C VAL F 237 -12.30 -29.07 13.23
N LEU F 238 -12.78 -29.76 12.18
CA LEU F 238 -11.90 -30.15 11.08
C LEU F 238 -11.37 -28.93 10.34
N ILE F 239 -12.23 -27.94 10.10
CA ILE F 239 -11.78 -26.76 9.36
C ILE F 239 -10.74 -26.00 10.15
N LEU F 240 -10.90 -25.89 11.47
CA LEU F 240 -9.89 -25.21 12.27
C LEU F 240 -8.58 -25.98 12.30
N SER F 241 -8.66 -27.32 12.30
CA SER F 241 -7.43 -28.12 12.20
C SER F 241 -6.70 -27.85 10.89
N GLU F 242 -7.44 -27.82 9.79
CA GLU F 242 -6.82 -27.52 8.49
C GLU F 242 -6.23 -26.13 8.46
N ALA F 243 -6.94 -25.15 9.02
CA ALA F 243 -6.44 -23.78 9.03
C ALA F 243 -5.16 -23.67 9.84
N ARG F 244 -5.08 -24.36 10.98
CA ARG F 244 -3.82 -24.39 11.72
C ARG F 244 -2.72 -25.02 10.89
N SER F 245 -3.03 -26.12 10.18
CA SER F 245 -2.01 -26.77 9.36
C SER F 245 -1.55 -25.91 8.20
N LEU F 246 -2.34 -24.93 7.77
CA LEU F 246 -1.95 -24.02 6.70
C LEU F 246 -1.43 -22.68 7.21
N GLY F 247 -1.11 -22.56 8.49
CA GLY F 247 -0.59 -21.32 9.03
C GLY F 247 -1.58 -20.17 8.97
N LEU F 248 -2.83 -20.41 9.40
CA LEU F 248 -3.89 -19.40 9.39
C LEU F 248 -4.28 -18.95 10.78
N THR F 249 -3.52 -19.31 11.82
CA THR F 249 -3.92 -19.05 13.20
C THR F 249 -2.80 -18.37 13.98
N GLY F 250 -2.29 -17.25 13.48
CA GLY F 250 -1.27 -16.49 14.15
C GLY F 250 -1.81 -15.49 15.16
N TYR F 251 -0.99 -14.50 15.48
CA TYR F 251 -1.43 -13.39 16.32
C TYR F 251 -2.34 -12.42 15.59
N ASP F 252 -2.36 -12.47 14.25
CA ASP F 252 -3.05 -11.48 13.44
C ASP F 252 -4.43 -11.93 12.97
N PHE F 253 -4.69 -13.23 12.90
CA PHE F 253 -5.94 -13.74 12.37
C PHE F 253 -6.97 -13.87 13.50
N PHE F 254 -8.14 -13.25 13.31
CA PHE F 254 -9.22 -13.32 14.27
C PHE F 254 -10.39 -14.07 13.67
N TRP F 255 -10.88 -15.09 14.38
CA TRP F 255 -11.98 -15.92 13.92
C TRP F 255 -13.23 -15.58 14.70
N ILE F 256 -14.35 -15.40 13.99
CA ILE F 256 -15.64 -15.10 14.60
C ILE F 256 -16.61 -16.19 14.16
N VAL F 257 -17.32 -16.78 15.11
CA VAL F 257 -18.27 -17.85 14.81
C VAL F 257 -19.63 -17.54 15.42
N PRO F 258 -20.73 -17.97 14.82
CA PRO F 258 -22.05 -17.74 15.43
C PRO F 258 -22.29 -18.67 16.61
N SER F 259 -23.51 -18.70 17.14
CA SER F 259 -23.80 -19.53 18.29
C SER F 259 -24.03 -20.99 17.93
N LEU F 260 -23.97 -21.35 16.65
CA LEU F 260 -24.07 -22.77 16.29
C LEU F 260 -22.85 -23.54 16.78
N VAL F 261 -21.65 -23.05 16.49
CA VAL F 261 -20.43 -23.81 16.71
C VAL F 261 -19.97 -23.70 18.16
N SER F 262 -20.20 -22.57 18.82
CA SER F 262 -19.89 -22.43 20.25
C SER F 262 -21.16 -22.79 21.01
N GLY F 263 -21.44 -24.08 21.08
CA GLY F 263 -22.71 -24.55 21.59
C GLY F 263 -22.68 -24.66 23.10
N ASN F 264 -22.85 -25.87 23.63
CA ASN F 264 -22.71 -26.05 25.06
C ASN F 264 -21.31 -25.63 25.49
N THR F 265 -21.23 -24.77 26.50
CA THR F 265 -19.97 -24.18 26.91
C THR F 265 -19.18 -25.06 27.87
N GLU F 266 -19.47 -26.36 27.91
CA GLU F 266 -18.69 -27.30 28.70
C GLU F 266 -17.93 -28.30 27.85
N LEU F 267 -18.25 -28.42 26.57
CA LEU F 267 -17.56 -29.31 25.64
C LEU F 267 -16.69 -28.44 24.75
N ILE F 268 -15.41 -28.33 25.09
CA ILE F 268 -14.48 -27.48 24.36
C ILE F 268 -13.41 -28.35 23.72
N PRO F 269 -13.54 -28.68 22.43
CA PRO F 269 -12.49 -29.45 21.77
C PRO F 269 -11.18 -28.67 21.76
N LYS F 270 -10.07 -29.41 21.79
CA LYS F 270 -8.76 -28.78 21.88
C LYS F 270 -8.25 -28.23 20.56
N GLU F 271 -9.09 -28.24 19.51
CA GLU F 271 -8.73 -27.62 18.24
C GLU F 271 -9.14 -26.16 18.16
N PHE F 272 -9.89 -25.66 19.13
CA PHE F 272 -10.31 -24.27 19.13
C PHE F 272 -9.16 -23.38 19.59
N PRO F 273 -8.72 -22.42 18.79
CA PRO F 273 -7.65 -21.53 19.24
C PRO F 273 -8.11 -20.62 20.37
N SER F 274 -7.16 -20.15 21.15
CA SER F 274 -7.43 -19.19 22.21
C SER F 274 -7.64 -17.81 21.58
N GLY F 275 -8.85 -17.30 21.63
CA GLY F 275 -9.16 -16.03 21.01
C GLY F 275 -10.36 -16.10 20.10
N LEU F 276 -11.06 -17.23 20.13
CA LEU F 276 -12.25 -17.43 19.32
C LEU F 276 -13.39 -16.60 19.88
N ILE F 277 -14.07 -15.84 19.02
CA ILE F 277 -15.14 -14.94 19.43
C ILE F 277 -16.46 -15.52 18.96
N SER F 278 -17.46 -15.49 19.84
CA SER F 278 -18.77 -16.03 19.52
C SER F 278 -19.85 -15.13 20.09
N VAL F 279 -21.07 -15.31 19.61
CA VAL F 279 -22.21 -14.47 19.98
C VAL F 279 -23.33 -15.41 20.42
N SER F 280 -23.42 -15.67 21.72
CA SER F 280 -24.41 -16.61 22.24
C SER F 280 -25.51 -15.88 22.98
N TYR F 281 -26.49 -16.64 23.47
CA TYR F 281 -27.59 -16.11 24.26
C TYR F 281 -27.19 -16.12 25.73
N ASP F 282 -27.95 -15.37 26.53
CA ASP F 282 -27.56 -15.07 27.91
C ASP F 282 -28.09 -16.16 28.83
N ASP F 283 -27.21 -17.08 29.21
CA ASP F 283 -27.55 -18.17 30.12
C ASP F 283 -26.83 -18.02 31.46
N TRP F 284 -26.40 -16.82 31.79
CA TRP F 284 -25.71 -16.53 33.04
C TRP F 284 -26.51 -15.63 33.97
N ASP F 285 -27.06 -14.53 33.46
CA ASP F 285 -27.76 -13.56 34.28
C ASP F 285 -29.28 -13.61 34.11
N TYR F 286 -29.80 -14.62 33.42
CA TYR F 286 -31.23 -14.76 33.17
C TYR F 286 -31.70 -16.06 33.81
N SER F 287 -32.43 -15.94 34.91
CA SER F 287 -32.84 -17.11 35.68
C SER F 287 -34.19 -17.63 35.18
N LEU F 288 -34.40 -18.94 35.38
CA LEU F 288 -35.59 -19.59 34.83
C LEU F 288 -36.87 -19.03 35.45
N GLU F 289 -36.84 -18.70 36.75
CA GLU F 289 -38.03 -18.10 37.35
C GLU F 289 -38.32 -16.74 36.73
N ALA F 290 -37.27 -15.98 36.39
CA ALA F 290 -37.48 -14.72 35.69
C ALA F 290 -38.09 -14.96 34.31
N ARG F 291 -37.65 -16.00 33.63
CA ARG F 291 -38.23 -16.31 32.31
C ARG F 291 -39.71 -16.63 32.42
N VAL F 292 -40.09 -17.47 33.38
CA VAL F 292 -41.51 -17.83 33.49
C VAL F 292 -42.33 -16.61 33.91
N ARG F 293 -41.77 -15.74 34.75
CA ARG F 293 -42.48 -14.52 35.12
C ARG F 293 -42.73 -13.63 33.91
N ASP F 294 -41.72 -13.49 33.04
CA ASP F 294 -41.91 -12.69 31.82
C ASP F 294 -42.94 -13.33 30.90
N GLY F 295 -42.94 -14.65 30.79
CA GLY F 295 -43.94 -15.31 29.97
C GLY F 295 -45.36 -15.04 30.46
N LEU F 296 -45.57 -15.18 31.76
CA LEU F 296 -46.90 -14.89 32.32
C LEU F 296 -47.28 -13.44 32.08
N GLY F 297 -46.33 -12.51 32.23
CA GLY F 297 -46.63 -11.11 31.97
C GLY F 297 -47.08 -10.87 30.54
N ILE F 298 -46.37 -11.47 29.57
CA ILE F 298 -46.73 -11.28 28.16
C ILE F 298 -48.12 -11.83 27.87
N LEU F 299 -48.39 -13.04 28.35
CA LEU F 299 -49.69 -13.64 28.05
C LEU F 299 -50.83 -12.82 28.66
N THR F 300 -50.68 -12.41 29.93
CA THR F 300 -51.75 -11.64 30.56
C THR F 300 -51.93 -10.28 29.90
N THR F 301 -50.85 -9.60 29.54
CA THR F 301 -50.98 -8.31 28.90
C THR F 301 -51.69 -8.42 27.56
N ALA F 302 -51.34 -9.42 26.75
CA ALA F 302 -52.01 -9.60 25.47
C ALA F 302 -53.49 -9.92 25.66
N ALA F 303 -53.82 -10.77 26.63
CA ALA F 303 -55.22 -11.10 26.88
C ALA F 303 -56.01 -9.87 27.30
N SER F 304 -55.43 -9.04 28.18
CA SER F 304 -56.13 -7.82 28.61
C SER F 304 -56.33 -6.86 27.45
N SER F 305 -55.31 -6.71 26.61
CA SER F 305 -55.44 -5.80 25.47
C SER F 305 -56.49 -6.29 24.49
N MET F 306 -56.66 -7.61 24.35
CA MET F 306 -57.77 -8.10 23.53
C MET F 306 -59.11 -7.87 24.21
N LEU F 307 -59.17 -8.06 25.53
CA LEU F 307 -60.43 -7.89 26.25
C LEU F 307 -60.90 -6.44 26.25
N GLU F 308 -59.97 -5.48 26.15
CA GLU F 308 -60.37 -4.08 26.06
C GLU F 308 -61.03 -3.76 24.73
N LYS F 309 -60.79 -4.55 23.68
CA LYS F 309 -61.30 -4.27 22.35
C LYS F 309 -62.53 -5.11 22.03
N PHE F 310 -62.44 -6.43 22.14
CA PHE F 310 -63.58 -7.32 22.07
C PHE F 310 -63.78 -7.93 23.44
N SER F 311 -64.96 -8.53 23.66
CA SER F 311 -65.35 -8.91 25.01
C SER F 311 -65.23 -10.40 25.28
N TYR F 312 -64.32 -11.10 24.60
CA TYR F 312 -64.12 -12.51 24.88
C TYR F 312 -62.64 -12.85 24.77
N ILE F 313 -62.25 -13.94 25.43
CA ILE F 313 -60.86 -14.35 25.56
C ILE F 313 -60.63 -15.61 24.74
N PRO F 314 -59.49 -15.75 24.06
CA PRO F 314 -59.21 -16.99 23.32
C PRO F 314 -59.13 -18.18 24.25
N GLU F 315 -59.49 -19.35 23.72
CA GLU F 315 -59.58 -20.55 24.53
C GLU F 315 -59.13 -21.75 23.72
N ALA F 316 -58.71 -22.80 24.43
CA ALA F 316 -58.26 -24.02 23.80
C ALA F 316 -59.43 -24.82 23.24
N LYS F 317 -59.11 -25.84 22.46
CA LYS F 317 -60.11 -26.65 21.81
C LYS F 317 -60.83 -27.53 22.82
N ALA F 318 -61.93 -28.14 22.37
CA ALA F 318 -62.69 -29.04 23.25
C ALA F 318 -61.85 -30.22 23.68
N SER F 319 -61.14 -30.84 22.73
CA SER F 319 -60.26 -31.97 22.98
C SER F 319 -59.49 -32.26 21.71
N CYS F 320 -58.34 -32.91 21.85
CA CYS F 320 -57.53 -33.24 20.69
C CYS F 320 -58.28 -34.15 19.73
N TYR F 321 -58.61 -35.35 20.18
CA TYR F 321 -59.26 -36.33 19.32
C TYR F 321 -60.74 -35.98 19.14
N GLY F 322 -61.35 -36.62 18.15
CA GLY F 322 -62.77 -36.44 17.88
C GLY F 322 -63.06 -35.50 16.75
N GLN F 323 -63.32 -36.04 15.56
CA GLN F 323 -63.61 -35.23 14.39
C GLN F 323 -64.35 -36.04 13.32
N GLU F 328 -61.57 -23.65 11.59
CA GLU F 328 -60.65 -22.70 12.20
C GLU F 328 -61.37 -21.75 13.15
N THR F 329 -60.63 -20.81 13.72
CA THR F 329 -61.17 -19.78 14.60
C THR F 329 -60.66 -18.43 14.12
N PRO F 330 -61.23 -17.91 13.03
CA PRO F 330 -60.74 -16.64 12.48
C PRO F 330 -61.39 -15.40 13.05
N LEU F 331 -62.25 -15.53 14.05
CA LEU F 331 -62.93 -14.36 14.60
C LEU F 331 -61.92 -13.34 15.10
N HIS F 332 -61.01 -13.78 15.97
CA HIS F 332 -59.96 -12.91 16.51
C HIS F 332 -58.80 -13.78 16.96
N THR F 333 -57.59 -13.30 16.73
CA THR F 333 -56.37 -14.03 17.07
C THR F 333 -55.41 -13.10 17.81
N LEU F 334 -54.48 -13.70 18.56
CA LEU F 334 -53.53 -12.92 19.33
C LEU F 334 -52.39 -12.36 18.50
N HIS F 335 -52.36 -12.61 17.19
CA HIS F 335 -51.24 -12.14 16.38
C HIS F 335 -51.13 -10.62 16.41
N GLN F 336 -52.27 -9.93 16.32
CA GLN F 336 -52.25 -8.46 16.26
C GLN F 336 -51.93 -7.84 17.61
N PHE F 337 -52.16 -8.56 18.71
CA PHE F 337 -51.98 -8.03 20.05
C PHE F 337 -50.61 -8.34 20.64
N MET F 338 -49.72 -8.99 19.91
CA MET F 338 -48.35 -9.24 20.37
C MET F 338 -47.34 -8.27 19.78
N VAL F 339 -47.79 -7.25 19.06
CA VAL F 339 -46.88 -6.31 18.43
C VAL F 339 -46.42 -5.23 19.39
N ASN F 340 -47.30 -4.79 20.29
CA ASN F 340 -46.97 -3.77 21.28
C ASN F 340 -47.34 -4.30 22.66
N VAL F 341 -46.32 -4.62 23.46
CA VAL F 341 -46.52 -5.09 24.82
C VAL F 341 -45.42 -4.52 25.69
N THR F 342 -45.78 -4.08 26.90
CA THR F 342 -44.82 -3.50 27.82
C THR F 342 -45.08 -4.04 29.22
N TRP F 343 -44.01 -4.50 29.88
CA TRP F 343 -44.11 -5.16 31.17
C TRP F 343 -42.94 -4.68 32.03
N ASP F 344 -43.24 -3.96 33.11
CA ASP F 344 -42.24 -3.41 34.02
C ASP F 344 -41.25 -2.51 33.30
N GLY F 345 -41.71 -1.82 32.26
CA GLY F 345 -40.87 -0.93 31.49
C GLY F 345 -40.08 -1.60 30.39
N LYS F 346 -39.98 -2.92 30.39
CA LYS F 346 -39.26 -3.62 29.33
C LYS F 346 -40.11 -3.65 28.06
N ASP F 347 -39.44 -3.67 26.91
CA ASP F 347 -40.12 -3.79 25.63
C ASP F 347 -40.01 -5.24 25.16
N LEU F 348 -41.10 -5.99 25.28
CA LEU F 348 -41.13 -7.40 24.90
C LEU F 348 -41.87 -7.64 23.58
N SER F 349 -41.82 -6.68 22.67
CA SER F 349 -42.54 -6.80 21.41
C SER F 349 -41.98 -7.94 20.57
N PHE F 350 -42.86 -8.59 19.82
CA PHE F 350 -42.49 -9.64 18.89
C PHE F 350 -42.65 -9.14 17.46
N THR F 351 -41.70 -9.49 16.60
CA THR F 351 -41.78 -9.11 15.20
C THR F 351 -42.86 -9.93 14.50
N GLU F 352 -43.04 -9.68 13.21
CA GLU F 352 -44.07 -10.39 12.46
C GLU F 352 -43.78 -11.88 12.37
N GLU F 353 -42.52 -12.24 12.11
CA GLU F 353 -42.18 -13.65 11.91
C GLU F 353 -42.19 -14.43 13.21
N GLY F 354 -41.94 -13.77 14.34
CA GLY F 354 -42.00 -14.44 15.62
C GLY F 354 -40.74 -14.44 16.45
N TYR F 355 -39.85 -13.47 16.21
CA TYR F 355 -38.67 -13.28 17.05
C TYR F 355 -38.87 -12.07 17.95
N GLN F 356 -38.08 -12.01 19.02
CA GLN F 356 -38.13 -10.85 19.88
C GLN F 356 -37.59 -9.62 19.16
N VAL F 357 -38.09 -8.45 19.55
CA VAL F 357 -37.54 -7.21 19.01
C VAL F 357 -36.23 -6.85 19.69
N HIS F 358 -36.14 -7.06 20.99
CA HIS F 358 -34.97 -6.69 21.79
C HIS F 358 -34.46 -7.93 22.52
N PRO F 359 -33.73 -8.81 21.84
CA PRO F 359 -33.20 -10.00 22.51
C PRO F 359 -32.06 -9.67 23.45
N ARG F 360 -31.44 -10.69 24.06
CA ARG F 360 -30.35 -10.49 25.02
C ARG F 360 -29.13 -11.29 24.58
N LEU F 361 -28.42 -10.82 23.58
CA LEU F 361 -27.23 -11.51 23.13
C LEU F 361 -26.06 -11.16 24.06
N VAL F 362 -24.97 -11.91 23.92
CA VAL F 362 -23.77 -11.72 24.73
C VAL F 362 -22.57 -12.19 23.92
N VAL F 363 -21.47 -11.44 24.01
CA VAL F 363 -20.23 -11.76 23.32
C VAL F 363 -19.31 -12.49 24.28
N ILE F 364 -18.66 -13.55 23.80
CA ILE F 364 -17.78 -14.37 24.62
C ILE F 364 -16.51 -14.70 23.85
N VAL F 365 -15.40 -14.83 24.60
CA VAL F 365 -14.10 -15.20 24.04
C VAL F 365 -13.53 -16.35 24.85
N LEU F 366 -12.56 -17.04 24.26
CA LEU F 366 -11.93 -18.22 24.86
C LEU F 366 -10.53 -17.82 25.32
N ASN F 367 -10.38 -17.54 26.61
CA ASN F 367 -9.15 -16.96 27.13
C ASN F 367 -8.07 -18.03 27.26
N LYS F 368 -7.00 -17.71 27.98
CA LYS F 368 -5.84 -18.60 28.07
C LYS F 368 -6.01 -19.72 29.08
N ASP F 369 -7.11 -19.75 29.83
CA ASP F 369 -7.42 -20.87 30.70
C ASP F 369 -8.42 -21.84 30.08
N ARG F 370 -8.75 -21.66 28.80
CA ARG F 370 -9.67 -22.54 28.07
C ARG F 370 -11.07 -22.51 28.69
N GLU F 371 -11.61 -21.30 28.86
CA GLU F 371 -12.97 -21.10 29.32
C GLU F 371 -13.58 -19.95 28.55
N TRP F 372 -14.90 -19.98 28.36
CA TRP F 372 -15.58 -18.90 27.67
C TRP F 372 -15.93 -17.82 28.68
N GLU F 373 -15.31 -16.66 28.54
CA GLU F 373 -15.50 -15.54 29.47
C GLU F 373 -16.33 -14.45 28.81
N LYS F 374 -17.37 -14.00 29.50
CA LYS F 374 -18.24 -12.97 28.98
C LYS F 374 -17.49 -11.65 28.85
N VAL F 375 -17.79 -10.90 27.78
CA VAL F 375 -17.11 -9.64 27.52
C VAL F 375 -18.09 -8.47 27.50
N GLY F 376 -19.03 -8.47 26.56
CA GLY F 376 -19.93 -7.35 26.42
C GLY F 376 -21.29 -7.78 25.92
N LYS F 377 -22.31 -7.00 26.27
CA LYS F 377 -23.70 -7.34 25.98
C LYS F 377 -24.24 -6.44 24.87
N TRP F 378 -25.48 -6.70 24.48
CA TRP F 378 -26.14 -5.97 23.40
C TRP F 378 -27.51 -5.55 23.90
N GLU F 379 -27.57 -4.39 24.57
CA GLU F 379 -28.80 -3.85 25.12
C GLU F 379 -29.33 -2.77 24.18
N ASN F 380 -30.65 -2.60 24.18
CA ASN F 380 -31.32 -1.66 23.30
C ASN F 380 -30.91 -1.97 21.86
N GLN F 381 -30.23 -1.02 21.21
CA GLN F 381 -29.62 -1.26 19.91
C GLN F 381 -28.17 -0.81 19.94
N THR F 382 -27.52 -0.93 21.09
CA THR F 382 -26.15 -0.50 21.26
C THR F 382 -25.32 -1.63 21.85
N LEU F 383 -24.05 -1.68 21.47
CA LEU F 383 -23.12 -2.72 21.88
C LEU F 383 -22.17 -2.11 22.91
N SER F 384 -22.25 -2.59 24.14
CA SER F 384 -21.34 -2.17 25.21
C SER F 384 -20.21 -3.19 25.34
N LEU F 385 -18.97 -2.70 25.34
CA LEU F 385 -17.79 -3.55 25.37
C LEU F 385 -16.99 -3.29 26.64
N ARG F 386 -16.33 -4.34 27.15
CA ARG F 386 -15.56 -4.22 28.37
C ARG F 386 -14.10 -3.89 28.11
N HIS F 387 -13.52 -4.40 27.02
CA HIS F 387 -12.14 -4.15 26.65
C HIS F 387 -12.13 -3.10 25.54
N ALA F 388 -11.88 -1.85 25.91
CA ALA F 388 -11.68 -0.81 24.90
C ALA F 388 -10.45 -1.12 24.04
N VAL F 389 -9.36 -1.53 24.67
CA VAL F 389 -8.20 -2.06 23.96
C VAL F 389 -8.40 -3.56 23.77
N TRP F 390 -8.18 -4.05 22.56
CA TRP F 390 -8.33 -5.49 22.34
C TRP F 390 -7.05 -6.20 22.75
N PRO F 391 -7.07 -7.01 23.81
CA PRO F 391 -5.87 -7.73 24.20
C PRO F 391 -5.51 -8.79 23.17
N ARG F 392 -4.22 -9.07 23.07
CA ARG F 392 -3.70 -9.98 22.05
C ARG F 392 -3.51 -11.35 22.68
N TYR F 393 -4.48 -12.24 22.44
CA TYR F 393 -4.39 -13.60 22.94
C TYR F 393 -3.43 -14.43 22.09
N LYS F 394 -2.90 -15.49 22.70
CA LYS F 394 -1.95 -16.37 22.05
C LYS F 394 -2.64 -17.67 21.69
N SER F 395 -2.79 -17.93 20.40
CA SER F 395 -3.44 -19.16 19.95
C SER F 395 -2.48 -20.31 20.10
N PHE F 396 -2.90 -21.36 20.81
CA PHE F 396 -2.09 -22.53 21.10
C PHE F 396 -0.84 -22.14 21.88
N SER F 397 0.19 -22.99 21.85
CA SER F 397 1.40 -22.75 22.61
C SER F 397 2.66 -22.66 21.77
N ASP F 398 2.60 -23.00 20.49
CA ASP F 398 3.76 -22.94 19.61
C ASP F 398 3.86 -21.63 18.84
N CYS F 399 2.96 -20.70 19.07
CA CYS F 399 2.96 -19.45 18.32
C CYS F 399 4.16 -18.60 18.69
N GLU F 400 4.77 -17.98 17.68
CA GLU F 400 5.94 -17.15 17.90
C GLU F 400 5.58 -15.94 18.74
N PRO F 401 6.46 -15.50 19.65
CA PRO F 401 6.16 -14.30 20.42
C PRO F 401 6.11 -13.06 19.54
N ASP F 402 5.32 -12.09 19.98
CA ASP F 402 5.08 -10.89 19.19
C ASP F 402 6.13 -9.84 19.50
N ASP F 403 6.78 -9.32 18.46
CA ASP F 403 7.77 -8.27 18.61
C ASP F 403 7.62 -7.14 17.61
N ASN F 404 6.58 -7.17 16.77
CA ASN F 404 6.30 -6.09 15.84
C ASN F 404 5.14 -5.22 16.31
N HIS F 405 4.75 -5.33 17.57
CA HIS F 405 3.71 -4.50 18.16
C HIS F 405 4.35 -3.60 19.20
N LEU F 406 4.14 -2.31 19.07
CA LEU F 406 4.75 -1.32 19.96
C LEU F 406 3.67 -0.51 20.65
N SER F 407 3.92 -0.15 21.90
CA SER F 407 3.06 0.76 22.64
C SER F 407 3.68 2.16 22.63
N ILE F 408 2.90 3.15 22.20
CA ILE F 408 3.40 4.49 21.95
C ILE F 408 2.58 5.50 22.74
N VAL F 409 3.26 6.43 23.39
CA VAL F 409 2.64 7.42 24.26
C VAL F 409 2.85 8.80 23.64
N THR F 410 1.82 9.65 23.73
CA THR F 410 1.88 10.98 23.15
C THR F 410 1.13 11.96 24.05
N LEU F 411 1.04 13.21 23.61
CA LEU F 411 0.38 14.28 24.35
C LEU F 411 -0.32 15.17 23.33
N GLU F 412 -1.06 16.18 23.81
CA GLU F 412 -1.77 17.11 22.94
C GLU F 412 -1.14 18.49 23.04
N GLU F 413 -0.59 18.97 21.93
CA GLU F 413 -0.03 20.32 21.86
C GLU F 413 -0.09 20.75 20.38
N ALA F 414 -1.13 21.51 20.04
CA ALA F 414 -1.33 21.91 18.66
C ALA F 414 -0.18 22.80 18.20
N PRO F 415 0.21 22.73 16.92
CA PRO F 415 -0.34 21.91 15.83
C PRO F 415 0.44 20.64 15.59
N PHE F 416 0.98 19.99 16.61
CA PHE F 416 1.72 18.74 16.43
C PHE F 416 0.84 17.51 16.63
N VAL F 417 0.06 17.46 17.70
CA VAL F 417 -0.88 16.37 17.93
C VAL F 417 -2.21 17.00 18.36
N ILE F 418 -3.25 16.79 17.57
CA ILE F 418 -4.58 17.35 17.82
C ILE F 418 -5.54 16.21 18.10
N VAL F 419 -6.36 16.36 19.12
CA VAL F 419 -7.33 15.34 19.54
C VAL F 419 -8.72 15.80 19.11
N GLU F 420 -9.45 14.92 18.44
CA GLU F 420 -10.79 15.20 17.94
C GLU F 420 -11.73 14.09 18.37
N ASP F 421 -13.03 14.38 18.30
CA ASP F 421 -14.06 13.40 18.60
C ASP F 421 -14.41 12.58 17.37
N ILE F 422 -14.93 11.38 17.61
CA ILE F 422 -15.22 10.44 16.55
C ILE F 422 -16.40 10.94 15.72
N ASP F 423 -16.34 10.69 14.41
CA ASP F 423 -17.31 11.26 13.48
C ASP F 423 -18.73 10.82 13.86
N PRO F 424 -19.72 11.70 13.71
CA PRO F 424 -21.10 11.31 14.07
C PRO F 424 -21.86 10.64 12.94
N LEU F 425 -21.46 10.89 11.69
CA LEU F 425 -22.21 10.36 10.55
C LEU F 425 -21.93 8.88 10.30
N THR F 426 -20.69 8.43 10.50
CA THR F 426 -20.35 7.03 10.31
C THR F 426 -19.81 6.38 11.57
N GLU F 427 -19.61 7.14 12.65
CA GLU F 427 -19.09 6.63 13.92
C GLU F 427 -17.77 5.89 13.72
N THR F 428 -16.88 6.50 12.94
CA THR F 428 -15.55 5.96 12.72
C THR F 428 -14.60 7.12 12.47
N CYS F 429 -13.33 6.92 12.84
CA CYS F 429 -12.32 7.96 12.60
C CYS F 429 -12.11 8.14 11.10
N VAL F 430 -12.11 9.41 10.66
CA VAL F 430 -11.91 9.70 9.25
C VAL F 430 -10.52 9.24 8.81
N ARG F 431 -10.36 9.09 7.50
CA ARG F 431 -9.24 8.33 6.96
C ARG F 431 -7.87 8.97 7.18
N ASN F 432 -7.80 10.24 7.56
CA ASN F 432 -6.49 10.87 7.75
C ASN F 432 -6.08 10.97 9.21
N THR F 433 -6.83 10.36 10.13
CA THR F 433 -6.48 10.31 11.54
C THR F 433 -6.23 8.87 11.98
N VAL F 434 -5.70 8.71 13.19
CA VAL F 434 -5.45 7.39 13.75
C VAL F 434 -6.14 7.29 15.11
N PRO F 435 -6.67 6.13 15.50
CA PRO F 435 -7.37 6.01 16.78
C PRO F 435 -6.41 6.03 17.96
N CYS F 436 -6.92 6.51 19.09
CA CYS F 436 -6.16 6.59 20.33
C CYS F 436 -7.09 6.23 21.48
N ARG F 437 -6.63 6.46 22.70
CA ARG F 437 -7.49 6.29 23.86
C ARG F 437 -7.03 7.25 24.95
N LYS F 438 -7.96 7.59 25.84
CA LYS F 438 -7.73 8.62 26.83
C LYS F 438 -8.46 8.25 28.11
N PHE F 439 -7.70 8.05 29.19
CA PHE F 439 -8.25 7.58 30.46
C PHE F 439 -9.05 8.71 31.10
N VAL F 440 -10.37 8.66 31.01
CA VAL F 440 -11.25 9.68 31.56
C VAL F 440 -11.96 9.09 32.78
N LYS F 441 -11.80 9.74 33.92
CA LYS F 441 -12.42 9.28 35.16
C LYS F 441 -13.83 9.83 35.31
N ILE F 442 -14.68 9.06 35.99
CA ILE F 442 -16.05 9.48 36.24
C ILE F 442 -16.09 10.72 37.12
N ASN F 443 -15.38 10.66 38.25
CA ASN F 443 -15.38 11.74 39.22
C ASN F 443 -14.17 11.55 40.13
N ASN F 444 -13.94 12.53 41.01
CA ASN F 444 -12.82 12.46 41.93
C ASN F 444 -13.10 11.59 43.15
N SER F 445 -14.37 11.27 43.41
CA SER F 445 -14.70 10.46 44.58
C SER F 445 -14.33 9.00 44.39
N THR F 446 -14.34 8.51 43.16
CA THR F 446 -13.99 7.13 42.86
C THR F 446 -12.92 7.11 41.76
N ASN F 447 -12.14 6.03 41.76
CA ASN F 447 -11.03 5.89 40.81
C ASN F 447 -11.42 5.15 39.54
N GLU F 448 -12.69 4.81 39.36
CA GLU F 448 -13.13 4.09 38.18
C GLU F 448 -13.34 5.07 37.01
N GLY F 449 -12.72 4.76 35.86
CA GLY F 449 -12.83 5.62 34.71
C GLY F 449 -12.91 4.80 33.43
N MET F 450 -13.31 5.48 32.36
CA MET F 450 -13.53 4.86 31.07
C MET F 450 -12.52 5.37 30.05
N ASN F 451 -12.10 4.48 29.15
CA ASN F 451 -11.11 4.80 28.12
C ASN F 451 -11.85 5.09 26.82
N VAL F 452 -12.17 6.36 26.59
CA VAL F 452 -12.87 6.75 25.38
C VAL F 452 -11.93 6.69 24.19
N LYS F 453 -12.45 6.31 23.03
CA LYS F 453 -11.67 6.27 21.80
C LYS F 453 -11.86 7.57 21.04
N LYS F 454 -10.74 8.21 20.70
CA LYS F 454 -10.73 9.49 19.99
C LYS F 454 -9.73 9.42 18.84
N CYS F 455 -9.87 10.33 17.89
CA CYS F 455 -9.00 10.38 16.72
C CYS F 455 -7.96 11.48 16.86
N CYS F 456 -6.72 11.17 16.46
CA CYS F 456 -5.60 12.10 16.57
C CYS F 456 -5.06 12.44 15.17
N LYS F 457 -4.61 13.68 15.00
CA LYS F 457 -4.01 14.13 13.76
C LYS F 457 -3.05 15.26 14.04
N GLY F 458 -2.16 15.51 13.09
CA GLY F 458 -1.22 16.61 13.22
C GLY F 458 0.07 16.31 12.47
N PHE F 459 1.17 16.86 12.99
CA PHE F 459 2.50 16.74 12.39
C PHE F 459 3.19 15.46 12.83
N CYS F 460 3.37 15.29 14.15
CA CYS F 460 4.04 14.12 14.66
C CYS F 460 3.31 12.84 14.27
N ILE F 461 1.99 12.92 14.12
CA ILE F 461 1.22 11.76 13.69
C ILE F 461 1.53 11.41 12.24
N ASP F 462 1.70 12.41 11.39
CA ASP F 462 2.13 12.14 10.02
C ASP F 462 3.51 11.50 9.99
N ILE F 463 4.42 12.00 10.83
CA ILE F 463 5.74 11.38 10.93
C ILE F 463 5.61 9.92 11.35
N LEU F 464 4.73 9.65 12.32
CA LEU F 464 4.56 8.28 12.81
C LEU F 464 3.99 7.38 11.73
N LYS F 465 3.01 7.85 10.97
CA LYS F 465 2.45 7.03 9.89
C LYS F 465 3.49 6.73 8.83
N LYS F 466 4.32 7.73 8.49
CA LYS F 466 5.38 7.48 7.51
C LYS F 466 6.39 6.45 8.03
N LEU F 467 6.79 6.57 9.30
CA LEU F 467 7.71 5.60 9.87
C LEU F 467 7.09 4.21 9.90
N SER F 468 5.81 4.12 10.23
CA SER F 468 5.14 2.83 10.27
C SER F 468 5.11 2.17 8.90
N ARG F 469 4.84 2.97 7.86
CA ARG F 469 4.82 2.41 6.49
C ARG F 469 6.23 1.98 6.08
N THR F 470 7.26 2.78 6.41
CA THR F 470 8.61 2.49 5.94
C THR F 470 9.20 1.26 6.65
N VAL F 471 9.14 1.21 7.98
CA VAL F 471 9.75 0.11 8.71
C VAL F 471 8.81 -1.07 8.90
N LYS F 472 7.52 -0.92 8.62
CA LYS F 472 6.61 -2.10 8.64
C LYS F 472 6.35 -2.66 10.05
N PHE F 473 6.12 -1.82 11.04
CA PHE F 473 5.71 -2.27 12.38
C PHE F 473 4.29 -1.78 12.65
N THR F 474 3.77 -2.12 13.82
CA THR F 474 2.44 -1.69 14.24
C THR F 474 2.49 -1.07 15.62
N TYR F 475 1.52 -0.19 15.90
CA TYR F 475 1.55 0.64 17.09
C TYR F 475 0.18 0.68 17.76
N ASP F 476 0.18 1.01 19.05
CA ASP F 476 -1.03 1.12 19.87
C ASP F 476 -1.00 2.47 20.59
N LEU F 477 -1.51 3.51 19.94
CA LEU F 477 -1.33 4.88 20.40
C LEU F 477 -2.27 5.20 21.56
N TYR F 478 -1.74 5.91 22.57
CA TYR F 478 -2.55 6.35 23.69
C TYR F 478 -1.93 7.59 24.31
N LEU F 479 -2.77 8.42 24.92
CA LEU F 479 -2.31 9.66 25.53
C LEU F 479 -1.95 9.44 26.99
N VAL F 480 -1.07 10.28 27.51
CA VAL F 480 -0.61 10.22 28.89
C VAL F 480 -1.43 11.19 29.72
N THR F 481 -1.95 10.72 30.85
CA THR F 481 -2.78 11.53 31.73
C THR F 481 -2.11 11.85 33.05
N ASN F 482 -0.92 11.30 33.32
CA ASN F 482 -0.26 11.57 34.60
C ASN F 482 0.16 13.02 34.71
N GLY F 483 0.67 13.60 33.63
CA GLY F 483 1.09 14.99 33.66
C GLY F 483 1.65 15.53 32.34
N LYS F 484 2.57 16.47 32.45
CA LYS F 484 3.11 17.19 31.31
C LYS F 484 4.31 16.43 30.73
N HIS F 485 5.10 17.10 29.89
CA HIS F 485 6.16 16.43 29.14
C HIS F 485 7.12 15.68 30.06
N GLY F 486 7.61 16.33 31.11
CA GLY F 486 8.46 15.63 32.04
C GLY F 486 9.09 16.50 33.11
N LYS F 487 9.15 16.00 34.34
CA LYS F 487 9.87 16.65 35.41
C LYS F 487 10.22 15.62 36.47
N LYS F 488 11.30 15.86 37.19
CA LYS F 488 11.79 14.93 38.19
C LYS F 488 11.34 15.37 39.57
N VAL F 489 10.65 14.47 40.28
CA VAL F 489 10.16 14.72 41.63
C VAL F 489 10.62 13.53 42.49
N ASN F 490 11.72 13.71 43.21
CA ASN F 490 12.29 12.68 44.08
C ASN F 490 12.56 11.40 43.28
N ASN F 491 13.35 11.54 42.22
CA ASN F 491 13.74 10.44 41.33
C ASN F 491 12.53 9.75 40.70
N VAL F 492 11.39 10.44 40.65
CA VAL F 492 10.18 9.90 40.05
C VAL F 492 9.78 10.85 38.94
N TRP F 493 9.99 10.45 37.70
CA TRP F 493 9.56 11.25 36.56
C TRP F 493 8.04 11.19 36.41
N ASN F 494 7.50 12.02 35.54
CA ASN F 494 6.10 11.96 35.19
C ASN F 494 5.92 12.38 33.74
N GLY F 495 4.87 11.89 33.13
CA GLY F 495 4.60 12.21 31.74
C GLY F 495 5.26 11.27 30.76
N MET F 496 5.67 11.78 29.60
CA MET F 496 6.23 10.91 28.58
C MET F 496 7.55 10.29 29.01
N ILE F 497 8.41 11.07 29.66
CA ILE F 497 9.66 10.51 30.17
C ILE F 497 9.37 9.46 31.23
N GLY F 498 8.39 9.72 32.10
CA GLY F 498 8.05 8.75 33.12
C GLY F 498 7.54 7.45 32.54
N GLU F 499 6.75 7.53 31.47
CA GLU F 499 6.24 6.31 30.85
C GLU F 499 7.32 5.56 30.08
N VAL F 500 8.29 6.27 29.51
CA VAL F 500 9.33 5.61 28.74
C VAL F 500 10.35 4.95 29.67
N VAL F 501 10.72 5.62 30.77
CA VAL F 501 11.77 5.11 31.63
C VAL F 501 11.35 3.80 32.28
N TYR F 502 10.11 3.72 32.76
CA TYR F 502 9.63 2.57 33.50
C TYR F 502 8.99 1.51 32.62
N GLN F 503 9.36 1.45 31.35
CA GLN F 503 9.05 0.35 30.43
C GLN F 503 7.55 0.16 30.23
N ARG F 504 6.74 1.18 30.47
CA ARG F 504 5.34 1.11 30.10
C ARG F 504 5.09 1.54 28.66
N ALA F 505 6.12 2.01 27.96
CA ALA F 505 6.00 2.40 26.56
C ALA F 505 7.33 2.17 25.87
N VAL F 506 7.31 2.22 24.54
CA VAL F 506 8.51 1.94 23.76
C VAL F 506 9.06 3.22 23.15
N MET F 507 8.21 4.20 22.90
CA MET F 507 8.67 5.49 22.40
C MET F 507 7.66 6.57 22.72
N ALA F 508 8.10 7.82 22.62
CA ALA F 508 7.28 9.00 22.92
C ALA F 508 7.29 9.93 21.71
N VAL F 509 6.22 9.86 20.91
CA VAL F 509 6.23 10.52 19.61
C VAL F 509 6.13 12.03 19.72
N GLY F 510 5.33 12.53 20.67
CA GLY F 510 4.99 13.94 20.72
C GLY F 510 6.12 14.95 20.82
N SER F 511 5.77 16.23 20.94
CA SER F 511 6.75 17.29 21.08
C SER F 511 7.55 17.10 22.36
N LEU F 512 8.88 17.05 22.23
CA LEU F 512 9.75 16.72 23.36
C LEU F 512 11.13 17.25 23.03
N THR F 513 11.61 18.23 23.81
CA THR F 513 12.89 18.85 23.53
C THR F 513 14.03 17.91 23.89
N ILE F 514 15.25 18.34 23.63
CA ILE F 514 16.45 17.58 23.94
C ILE F 514 17.23 18.35 24.99
N ASN F 515 17.51 17.70 26.11
CA ASN F 515 18.25 18.30 27.21
C ASN F 515 19.48 17.44 27.49
N GLU F 516 20.14 17.67 28.61
CA GLU F 516 21.21 16.80 29.07
C GLU F 516 20.70 15.72 30.01
N GLU F 517 19.83 16.06 30.95
CA GLU F 517 19.26 15.07 31.87
C GLU F 517 18.39 14.05 31.14
N ARG F 518 17.56 14.52 30.21
CA ARG F 518 16.73 13.58 29.46
C ARG F 518 17.59 12.66 28.60
N SER F 519 18.64 13.20 27.98
CA SER F 519 19.54 12.35 27.21
C SER F 519 20.30 11.38 28.10
N GLU F 520 20.47 11.72 29.38
CA GLU F 520 21.09 10.78 30.31
C GLU F 520 20.15 9.63 30.65
N VAL F 521 18.87 9.92 30.88
CA VAL F 521 17.98 8.86 31.35
C VAL F 521 17.38 8.04 30.20
N VAL F 522 17.24 8.62 28.99
CA VAL F 522 16.72 7.90 27.84
C VAL F 522 17.63 8.17 26.64
N ASP F 523 17.26 7.62 25.49
CA ASP F 523 17.99 7.80 24.24
C ASP F 523 17.11 8.50 23.21
N PHE F 524 17.63 9.58 22.63
CA PHE F 524 16.90 10.36 21.64
C PHE F 524 17.37 10.04 20.23
N SER F 525 16.48 10.24 19.26
CA SER F 525 16.83 10.13 17.86
C SER F 525 17.37 11.47 17.37
N VAL F 526 17.51 11.64 16.06
CA VAL F 526 18.00 12.89 15.49
C VAL F 526 16.89 13.94 15.54
N PRO F 527 17.22 15.22 15.71
CA PRO F 527 16.17 16.24 15.75
C PRO F 527 15.59 16.49 14.37
N PHE F 528 14.26 16.41 14.27
CA PHE F 528 13.58 16.62 13.00
C PHE F 528 12.85 17.95 12.91
N VAL F 529 13.05 18.86 13.86
CA VAL F 529 12.56 20.23 13.76
C VAL F 529 13.33 21.07 14.78
N GLU F 530 13.70 22.29 14.37
CA GLU F 530 14.65 23.12 15.11
C GLU F 530 13.92 24.24 15.85
N THR F 531 13.89 24.17 17.18
CA THR F 531 13.11 25.09 18.01
C THR F 531 13.91 25.50 19.24
N GLY F 532 14.20 26.80 19.38
CA GLY F 532 14.98 27.31 20.50
C GLY F 532 14.21 27.92 21.66
N ILE F 533 14.63 29.12 22.10
CA ILE F 533 13.91 29.93 23.07
C ILE F 533 13.83 31.34 22.53
N SER F 534 12.64 31.93 22.61
CA SER F 534 12.40 33.24 22.04
C SER F 534 11.28 33.90 22.83
N VAL F 535 10.98 35.15 22.46
CA VAL F 535 10.09 36.00 23.24
C VAL F 535 9.03 36.60 22.34
N MET F 536 7.79 36.64 22.82
CA MET F 536 6.65 37.18 22.09
C MET F 536 6.13 38.42 22.80
N VAL F 537 6.03 39.53 22.08
CA VAL F 537 5.51 40.79 22.61
C VAL F 537 4.61 41.43 21.56
N SER F 538 3.77 42.34 22.03
CA SER F 538 2.83 43.05 21.17
C SER F 538 3.46 44.31 20.55
N ALA F 555 23.20 63.09 3.78
CA ALA F 555 24.18 63.81 4.59
C ALA F 555 24.87 64.90 3.77
N SER F 556 25.67 64.49 2.80
CA SER F 556 26.39 65.43 1.96
C SER F 556 25.53 66.01 0.84
N VAL F 557 24.32 65.48 0.63
CA VAL F 557 23.44 66.01 -0.40
C VAL F 557 23.07 67.45 -0.08
N TRP F 558 22.66 67.71 1.15
CA TRP F 558 22.32 69.08 1.54
C TRP F 558 23.54 69.97 1.54
N VAL F 559 24.72 69.44 1.88
CA VAL F 559 25.94 70.24 1.88
C VAL F 559 26.28 70.69 0.47
N MET F 560 26.23 69.77 -0.50
CA MET F 560 26.52 70.15 -1.87
C MET F 560 25.44 71.03 -2.46
N MET F 561 24.18 70.84 -2.06
CA MET F 561 23.13 71.75 -2.47
C MET F 561 23.37 73.16 -1.94
N PHE F 562 23.83 73.27 -0.69
CA PHE F 562 24.18 74.58 -0.14
C PHE F 562 25.34 75.20 -0.89
N VAL F 563 26.35 74.40 -1.24
CA VAL F 563 27.48 74.93 -2.00
C VAL F 563 27.03 75.44 -3.37
N MET F 564 26.19 74.66 -4.05
CA MET F 564 25.68 75.10 -5.35
C MET F 564 24.82 76.35 -5.21
N LEU F 565 24.04 76.44 -4.13
CA LEU F 565 23.25 77.63 -3.86
C LEU F 565 24.15 78.85 -3.68
N LEU F 566 25.24 78.69 -2.94
CA LEU F 566 26.17 79.79 -2.74
C LEU F 566 26.84 80.21 -4.04
N ILE F 567 27.22 79.25 -4.88
CA ILE F 567 27.81 79.58 -6.17
C ILE F 567 26.81 80.34 -7.04
N VAL F 568 25.55 79.88 -7.05
CA VAL F 568 24.51 80.56 -7.81
C VAL F 568 24.30 81.98 -7.29
N SER F 569 24.30 82.15 -5.97
CA SER F 569 24.12 83.47 -5.39
C SER F 569 25.26 84.40 -5.74
N ALA F 570 26.51 83.88 -5.71
CA ALA F 570 27.65 84.70 -6.09
C ALA F 570 27.57 85.11 -7.55
N ILE F 571 27.19 84.19 -8.43
CA ILE F 571 27.04 84.52 -9.84
C ILE F 571 25.96 85.57 -10.04
N ALA F 572 24.83 85.43 -9.33
CA ALA F 572 23.76 86.41 -9.44
C ALA F 572 24.20 87.79 -8.94
N VAL F 573 24.98 87.81 -7.85
CA VAL F 573 25.49 89.09 -7.33
C VAL F 573 26.42 89.73 -8.35
N PHE F 574 27.29 88.94 -8.97
CA PHE F 574 28.17 89.48 -10.00
C PHE F 574 27.38 90.03 -11.18
N VAL F 575 26.34 89.31 -11.60
CA VAL F 575 25.51 89.77 -12.71
C VAL F 575 24.82 91.08 -12.36
N PHE F 576 24.28 91.18 -11.13
CA PHE F 576 23.63 92.42 -10.72
C PHE F 576 24.62 93.57 -10.64
N GLU F 577 25.82 93.31 -10.13
CA GLU F 577 26.84 94.36 -10.06
C GLU F 577 27.20 94.86 -11.45
N TYR F 578 27.33 93.94 -12.42
CA TYR F 578 27.57 94.38 -13.79
C TYR F 578 26.38 95.19 -14.32
N PHE F 579 25.16 94.73 -14.05
CA PHE F 579 23.95 95.43 -14.46
C PHE F 579 22.75 94.87 -13.70
N SER F 598 17.50 96.17 -7.57
CA SER F 598 17.91 97.37 -6.83
C SER F 598 18.54 97.00 -5.50
N PHE F 599 18.12 95.85 -4.94
CA PHE F 599 18.62 95.40 -3.65
C PHE F 599 18.93 93.91 -3.66
N THR F 600 19.22 93.35 -4.84
CA THR F 600 19.46 91.93 -5.00
C THR F 600 20.90 91.54 -4.66
N ILE F 601 21.63 92.40 -3.97
CA ILE F 601 23.00 92.06 -3.57
C ILE F 601 22.99 91.15 -2.36
N GLY F 602 22.21 91.49 -1.33
CA GLY F 602 22.12 90.67 -0.15
C GLY F 602 20.78 89.98 0.04
N LYS F 603 19.79 90.34 -0.78
CA LYS F 603 18.45 89.78 -0.67
C LYS F 603 18.20 88.66 -1.68
N ALA F 604 19.22 88.25 -2.44
CA ALA F 604 19.05 87.15 -3.37
C ALA F 604 18.97 85.80 -2.67
N ILE F 605 19.49 85.70 -1.44
CA ILE F 605 19.42 84.45 -0.70
C ILE F 605 17.98 84.07 -0.43
N TRP F 606 17.16 85.04 0.00
CA TRP F 606 15.75 84.77 0.25
C TRP F 606 15.03 84.33 -1.02
N LEU F 607 15.30 85.02 -2.14
CA LEU F 607 14.67 84.65 -3.40
C LEU F 607 15.04 83.23 -3.81
N LEU F 608 16.33 82.90 -3.73
CA LEU F 608 16.78 81.57 -4.12
C LEU F 608 16.19 80.50 -3.20
N TRP F 609 16.18 80.76 -1.90
CA TRP F 609 15.65 79.78 -0.95
C TRP F 609 14.16 79.57 -1.12
N GLY F 610 13.41 80.64 -1.40
CA GLY F 610 11.99 80.48 -1.67
C GLY F 610 11.72 79.73 -2.95
N LEU F 611 12.49 80.03 -4.00
CA LEU F 611 12.33 79.32 -5.27
C LEU F 611 12.85 77.89 -5.19
N VAL F 612 13.63 77.55 -4.16
CA VAL F 612 13.94 76.14 -3.91
C VAL F 612 12.67 75.35 -3.64
N PHE F 613 11.82 75.87 -2.75
CA PHE F 613 10.57 75.20 -2.43
C PHE F 613 9.48 75.46 -3.46
N ASN F 614 9.60 76.52 -4.24
CA ASN F 614 8.66 76.85 -5.32
C ASN F 614 7.23 76.99 -4.77
N ASN F 615 7.06 77.96 -3.88
CA ASN F 615 5.76 78.25 -3.29
C ASN F 615 5.15 79.55 -3.83
N SER F 616 5.70 80.09 -4.92
CA SER F 616 5.20 81.31 -5.55
C SER F 616 5.16 82.48 -4.57
N VAL F 617 6.14 82.52 -3.68
CA VAL F 617 6.24 83.60 -2.69
C VAL F 617 6.84 84.84 -3.37
N PRO F 618 6.18 86.00 -3.29
CA PRO F 618 6.78 87.22 -3.86
C PRO F 618 8.07 87.61 -3.16
N VAL F 619 9.19 87.56 -3.88
CA VAL F 619 10.49 87.84 -3.31
C VAL F 619 11.11 89.07 -3.97
N GLN F 620 11.26 89.02 -5.30
CA GLN F 620 11.85 90.11 -6.05
C GLN F 620 11.62 89.84 -7.54
N ASN F 621 11.47 90.93 -8.30
CA ASN F 621 11.24 90.81 -9.74
C ASN F 621 12.57 90.66 -10.47
N PRO F 622 12.83 89.54 -11.14
CA PRO F 622 14.10 89.37 -11.84
C PRO F 622 14.22 90.28 -13.05
N LYS F 623 15.45 90.70 -13.32
CA LYS F 623 15.75 91.54 -14.48
C LYS F 623 16.89 91.02 -15.34
N GLY F 624 17.91 90.43 -14.74
CA GLY F 624 19.06 89.97 -15.50
C GLY F 624 18.76 88.68 -16.25
N THR F 625 19.22 88.61 -17.50
CA THR F 625 18.97 87.44 -18.33
C THR F 625 19.69 86.21 -17.79
N THR F 626 20.97 86.35 -17.46
CA THR F 626 21.72 85.24 -16.91
C THR F 626 21.12 84.79 -15.58
N SER F 627 20.74 85.74 -14.73
CA SER F 627 20.10 85.39 -13.46
C SER F 627 18.80 84.64 -13.69
N LYS F 628 17.98 85.10 -14.63
CA LYS F 628 16.71 84.42 -14.91
C LYS F 628 16.93 83.00 -15.42
N ILE F 629 17.89 82.82 -16.33
CA ILE F 629 18.15 81.48 -16.86
C ILE F 629 18.67 80.56 -15.77
N MET F 630 19.60 81.05 -14.94
CA MET F 630 20.13 80.23 -13.86
C MET F 630 19.03 79.89 -12.85
N VAL F 631 18.16 80.85 -12.56
CA VAL F 631 17.07 80.60 -11.61
C VAL F 631 16.08 79.58 -12.19
N SER F 632 15.82 79.65 -13.50
CA SER F 632 14.94 78.66 -14.12
C SER F 632 15.54 77.27 -14.06
N VAL F 633 16.85 77.15 -14.34
CA VAL F 633 17.50 75.84 -14.26
C VAL F 633 17.48 75.32 -12.83
N TRP F 634 17.75 76.20 -11.86
CA TRP F 634 17.71 75.79 -10.46
C TRP F 634 16.30 75.41 -10.02
N ALA F 635 15.29 76.07 -10.56
CA ALA F 635 13.91 75.71 -10.24
C ALA F 635 13.56 74.35 -10.81
N PHE F 636 14.02 74.05 -12.02
CA PHE F 636 13.83 72.71 -12.58
C PHE F 636 14.53 71.66 -11.72
N PHE F 637 15.75 71.97 -11.26
CA PHE F 637 16.46 71.05 -10.38
C PHE F 637 15.72 70.84 -9.07
N ALA F 638 15.16 71.92 -8.51
CA ALA F 638 14.37 71.79 -7.28
C ALA F 638 13.12 70.95 -7.52
N VAL F 639 12.49 71.10 -8.67
CA VAL F 639 11.30 70.32 -8.98
C VAL F 639 11.64 68.84 -9.07
N ILE F 640 12.73 68.51 -9.77
CA ILE F 640 13.09 67.10 -9.88
C ILE F 640 13.56 66.57 -8.51
N PHE F 641 14.17 67.42 -7.68
CA PHE F 641 14.56 66.98 -6.35
C PHE F 641 13.35 66.69 -5.47
N LEU F 642 12.31 67.53 -5.55
CA LEU F 642 11.11 67.24 -4.76
C LEU F 642 10.39 66.02 -5.30
N ALA F 643 10.44 65.79 -6.62
CA ALA F 643 9.90 64.55 -7.17
C ALA F 643 10.64 63.33 -6.61
N SER F 644 11.97 63.41 -6.55
CA SER F 644 12.74 62.32 -5.98
C SER F 644 12.44 62.14 -4.49
N TYR F 645 12.22 63.25 -3.78
CA TYR F 645 11.87 63.15 -2.37
C TYR F 645 10.50 62.49 -2.18
N THR F 646 9.54 62.80 -3.04
CA THR F 646 8.24 62.14 -2.98
C THR F 646 8.37 60.65 -3.29
N ALA F 647 9.20 60.30 -4.27
CA ALA F 647 9.45 58.89 -4.56
C ALA F 647 10.10 58.19 -3.38
N ASN F 648 11.02 58.87 -2.69
CA ASN F 648 11.63 58.30 -1.49
C ASN F 648 10.60 58.11 -0.39
N LEU F 649 9.68 59.06 -0.24
CA LEU F 649 8.61 58.90 0.74
C LEU F 649 7.74 57.70 0.41
N ALA F 650 7.40 57.52 -0.87
CA ALA F 650 6.62 56.37 -1.28
C ALA F 650 7.38 55.07 -1.01
N ALA F 651 8.68 55.04 -1.28
CA ALA F 651 9.48 53.85 -1.01
C ALA F 651 9.53 53.54 0.48
N PHE F 652 9.68 54.55 1.32
CA PHE F 652 9.68 54.33 2.76
C PHE F 652 8.32 53.85 3.23
N MET F 653 7.24 54.40 2.68
CA MET F 653 5.91 53.94 3.04
C MET F 653 5.70 52.49 2.62
N ILE F 654 6.25 52.10 1.48
CA ILE F 654 6.25 50.69 1.08
C ILE F 654 7.03 49.87 2.10
N GLN F 655 8.19 50.36 2.53
CA GLN F 655 9.02 49.67 3.50
C GLN F 655 8.33 49.70 4.86
N GLU F 656 7.63 48.62 5.20
CA GLU F 656 6.96 48.53 6.48
C GLU F 656 7.96 48.12 7.55
N GLU F 657 8.09 48.94 8.59
CA GLU F 657 9.03 48.66 9.66
C GLU F 657 8.51 47.54 10.55
N PHE F 658 9.45 46.80 11.15
CA PHE F 658 9.15 45.74 12.09
C PHE F 658 10.01 45.98 13.33
N VAL F 659 9.43 46.66 14.31
CA VAL F 659 10.16 46.99 15.53
C VAL F 659 10.33 45.76 16.40
N ASP F 660 11.47 45.66 17.07
CA ASP F 660 11.78 44.57 17.99
C ASP F 660 12.21 45.20 19.32
N GLN F 661 11.23 45.42 20.20
CA GLN F 661 11.52 46.02 21.51
C GLN F 661 12.49 45.16 22.31
N VAL F 662 12.27 43.84 22.29
CA VAL F 662 13.14 42.93 23.04
C VAL F 662 14.53 42.91 22.43
N THR F 663 15.55 42.93 23.29
CA THR F 663 16.94 42.82 22.85
C THR F 663 17.66 41.65 23.51
N GLY F 664 16.93 40.60 23.86
CA GLY F 664 17.55 39.44 24.47
C GLY F 664 17.44 39.46 25.99
N LEU F 665 17.71 38.29 26.59
CA LEU F 665 17.64 38.18 28.04
C LEU F 665 18.63 39.12 28.72
N SER F 666 19.79 39.33 28.10
CA SER F 666 20.85 40.15 28.69
C SER F 666 20.44 41.60 28.89
N ASP F 667 19.36 42.04 28.24
CA ASP F 667 18.86 43.40 28.42
C ASP F 667 18.62 43.70 29.90
N LYS F 668 19.01 44.91 30.32
CA LYS F 668 18.77 45.33 31.70
C LYS F 668 17.30 45.34 32.04
N LYS F 669 16.42 45.52 31.05
CA LYS F 669 14.99 45.46 31.28
C LYS F 669 14.58 44.11 31.87
N PHE F 670 14.98 43.02 31.21
CA PHE F 670 14.71 41.69 31.76
C PHE F 670 15.61 41.40 32.95
N GLN F 671 16.87 41.83 32.89
CA GLN F 671 17.84 41.49 33.92
C GLN F 671 17.48 42.12 35.27
N ARG F 672 16.84 43.29 35.25
CA ARG F 672 16.36 43.89 36.49
C ARG F 672 15.14 44.76 36.22
N PRO F 673 13.94 44.16 36.22
CA PRO F 673 12.72 44.98 35.99
C PRO F 673 12.51 46.04 37.05
N HIS F 674 12.91 45.77 38.29
CA HIS F 674 12.72 46.75 39.36
C HIS F 674 13.52 48.01 39.09
N ASP F 675 14.66 47.89 38.40
CA ASP F 675 15.46 49.06 38.06
C ASP F 675 14.65 50.07 37.25
N TYR F 676 13.94 49.59 36.22
CA TYR F 676 13.04 50.44 35.47
C TYR F 676 11.82 50.79 36.31
N SER F 677 11.18 51.90 35.98
CA SER F 677 10.03 52.36 36.76
C SER F 677 8.92 51.31 36.78
N PRO F 678 8.43 50.82 35.63
CA PRO F 678 7.48 49.72 35.68
C PRO F 678 8.19 48.38 35.58
N PRO F 679 8.00 47.49 36.56
CA PRO F 679 8.60 46.16 36.47
C PRO F 679 7.88 45.33 35.42
N PHE F 680 8.63 44.79 34.48
CA PHE F 680 8.05 44.17 33.29
C PHE F 680 7.32 42.89 33.65
N ARG F 681 6.46 42.45 32.72
CA ARG F 681 5.70 41.23 32.87
C ARG F 681 6.24 40.14 31.94
N PHE F 682 6.55 38.99 32.52
CA PHE F 682 7.01 37.84 31.74
C PHE F 682 6.98 36.58 32.58
N GLY F 683 6.41 35.50 32.03
CA GLY F 683 6.32 34.25 32.76
C GLY F 683 6.30 33.07 31.82
N THR F 684 6.40 31.88 32.41
CA THR F 684 6.39 30.62 31.69
C THR F 684 5.38 29.69 32.34
N VAL F 685 4.93 28.70 31.58
CA VAL F 685 3.94 27.76 32.09
C VAL F 685 4.59 26.89 33.17
N PRO F 686 3.84 26.41 34.14
CA PRO F 686 4.42 25.59 35.21
C PRO F 686 4.96 24.27 34.69
N ASN F 687 6.02 23.78 35.37
CA ASN F 687 6.50 22.41 35.23
C ASN F 687 6.90 22.08 33.79
N GLY F 688 8.01 22.68 33.35
CA GLY F 688 8.46 22.49 31.98
C GLY F 688 9.94 22.20 31.80
N SER F 689 10.50 22.68 30.69
CA SER F 689 11.93 22.66 30.42
C SER F 689 12.54 24.06 30.37
N THR F 690 11.83 25.02 29.79
CA THR F 690 12.28 26.41 29.82
C THR F 690 12.39 26.90 31.26
N GLU F 691 11.47 26.48 32.12
CA GLU F 691 11.59 26.80 33.54
C GLU F 691 12.92 26.34 34.10
N ARG F 692 13.29 25.08 33.84
CA ARG F 692 14.54 24.55 34.35
C ARG F 692 15.74 25.32 33.78
N ASN F 693 15.71 25.61 32.48
CA ASN F 693 16.84 26.30 31.86
C ASN F 693 17.05 27.69 32.46
N ILE F 694 15.97 28.49 32.52
CA ILE F 694 16.11 29.85 33.04
C ILE F 694 16.42 29.84 34.53
N ARG F 695 15.82 28.90 35.27
CA ARG F 695 16.12 28.77 36.69
C ARG F 695 17.60 28.48 36.91
N ASN F 696 18.18 27.58 36.10
CA ASN F 696 19.58 27.26 36.25
C ASN F 696 20.47 28.43 35.83
N ASN F 697 20.05 29.19 34.81
CA ASN F 697 20.94 30.22 34.29
C ASN F 697 20.88 31.51 35.11
N TYR F 698 19.70 32.12 35.22
CA TYR F 698 19.54 33.39 35.95
C TYR F 698 18.61 33.19 37.13
N PRO F 699 19.14 32.98 38.34
CA PRO F 699 18.27 32.67 39.48
C PRO F 699 17.30 33.78 39.85
N TYR F 700 17.77 35.03 39.98
CA TYR F 700 16.87 36.11 40.38
C TYR F 700 15.80 36.36 39.33
N MET F 701 16.18 36.29 38.04
CA MET F 701 15.19 36.32 36.98
C MET F 701 14.15 35.22 37.17
N HIS F 702 14.60 34.04 37.61
CA HIS F 702 13.65 32.96 37.84
C HIS F 702 12.68 33.28 38.97
N GLN F 703 13.17 33.90 40.05
CA GLN F 703 12.29 34.26 41.15
C GLN F 703 11.24 35.28 40.73
N TYR F 704 11.69 36.36 40.08
CA TYR F 704 10.75 37.37 39.64
C TYR F 704 9.76 36.81 38.62
N MET F 705 10.20 35.84 37.82
CA MET F 705 9.26 35.12 36.95
C MET F 705 8.24 34.35 37.78
N THR F 706 8.71 33.66 38.82
CA THR F 706 7.83 32.86 39.66
C THR F 706 6.81 33.73 40.39
N ARG F 707 7.08 35.03 40.47
CA ARG F 707 6.11 35.95 41.07
C ARG F 707 4.74 35.87 40.41
N PHE F 708 4.66 35.82 39.07
CA PHE F 708 3.37 35.76 38.38
C PHE F 708 3.39 34.72 37.25
N ASN F 709 3.78 33.49 37.57
CA ASN F 709 3.71 32.39 36.60
C ASN F 709 2.29 32.25 36.06
N GLN F 710 2.17 32.12 34.74
CA GLN F 710 0.88 31.89 34.11
C GLN F 710 0.52 30.41 34.14
N ARG F 711 -0.46 30.01 33.33
CA ARG F 711 -0.82 28.60 33.19
C ARG F 711 -1.55 28.44 31.86
N GLY F 712 -0.88 27.88 30.86
CA GLY F 712 -1.51 27.64 29.59
C GLY F 712 -1.21 28.67 28.52
N VAL F 713 -0.87 28.18 27.32
CA VAL F 713 -0.46 29.07 26.23
C VAL F 713 -1.58 30.04 25.88
N GLU F 714 -2.80 29.53 25.73
CA GLU F 714 -3.91 30.37 25.31
C GLU F 714 -4.22 31.44 26.35
N ASP F 715 -4.18 31.06 27.64
CA ASP F 715 -4.43 32.03 28.71
C ASP F 715 -3.37 33.13 28.69
N ALA F 716 -2.09 32.74 28.52
CA ALA F 716 -1.04 33.76 28.49
C ALA F 716 -1.20 34.67 27.29
N LEU F 717 -1.62 34.12 26.14
CA LEU F 717 -1.85 34.96 24.96
C LEU F 717 -2.98 35.95 25.20
N VAL F 718 -4.04 35.50 25.88
CA VAL F 718 -5.14 36.41 26.20
C VAL F 718 -4.68 37.52 27.13
N SER F 719 -3.89 37.16 28.16
CA SER F 719 -3.39 38.15 29.09
C SER F 719 -2.51 39.18 28.38
N LEU F 720 -1.73 38.73 27.41
CA LEU F 720 -0.98 39.66 26.57
C LEU F 720 -1.93 40.57 25.79
N LYS F 721 -3.00 39.99 25.24
CA LYS F 721 -3.93 40.77 24.44
C LYS F 721 -4.56 41.90 25.24
N THR F 722 -5.02 41.59 26.46
CA THR F 722 -5.71 42.61 27.26
C THR F 722 -4.73 43.65 27.80
N GLY F 723 -3.53 43.24 28.17
CA GLY F 723 -2.54 44.15 28.74
C GLY F 723 -2.10 43.80 30.15
N LYS F 724 -2.63 42.74 30.74
CA LYS F 724 -2.14 42.30 32.05
C LYS F 724 -0.71 41.80 31.96
N LEU F 725 -0.36 41.11 30.88
CA LEU F 725 0.98 40.57 30.66
C LEU F 725 1.67 41.33 29.54
N ASP F 726 3.00 41.42 29.62
CA ASP F 726 3.77 42.23 28.69
C ASP F 726 4.74 41.44 27.82
N ALA F 727 5.09 40.20 28.19
CA ALA F 727 6.05 39.43 27.41
C ALA F 727 5.96 37.95 27.76
N PHE F 728 6.11 37.09 26.76
CA PHE F 728 5.95 35.66 26.95
C PHE F 728 7.23 34.94 26.51
N ILE F 729 7.65 33.97 27.31
CA ILE F 729 8.87 33.21 27.07
C ILE F 729 8.48 31.74 26.94
N TYR F 730 8.67 31.17 25.76
CA TYR F 730 8.18 29.84 25.45
C TYR F 730 9.01 29.30 24.28
N ASP F 731 8.62 28.15 23.77
CA ASP F 731 9.34 27.54 22.65
C ASP F 731 9.30 28.46 21.44
N ALA F 732 10.13 28.13 20.45
CA ALA F 732 10.15 28.91 19.22
C ALA F 732 9.11 28.41 18.21
N ALA F 733 8.93 27.09 18.10
CA ALA F 733 7.96 26.57 17.14
C ALA F 733 6.54 26.95 17.51
N VAL F 734 6.20 26.85 18.80
CA VAL F 734 4.84 27.17 19.24
C VAL F 734 4.55 28.65 19.01
N LEU F 735 5.50 29.53 19.35
CA LEU F 735 5.25 30.96 19.16
C LEU F 735 5.22 31.33 17.68
N ASN F 736 6.05 30.70 16.86
CA ASN F 736 5.97 30.94 15.42
C ASN F 736 4.61 30.51 14.87
N TYR F 737 4.09 29.38 15.33
CA TYR F 737 2.78 28.96 14.85
C TYR F 737 1.68 29.89 15.35
N LYS F 738 1.77 30.27 16.63
CA LYS F 738 0.78 31.21 17.21
C LYS F 738 0.72 32.46 16.34
N ALA F 739 1.90 33.04 16.05
CA ALA F 739 1.92 34.24 15.22
C ALA F 739 1.47 33.95 13.79
N GLY F 740 1.62 32.71 13.33
CA GLY F 740 1.23 32.40 11.97
C GLY F 740 -0.26 32.46 11.72
N ARG F 741 -1.06 31.88 12.62
CA ARG F 741 -2.51 31.85 12.45
C ARG F 741 -3.23 32.82 13.38
N ASP F 742 -2.52 33.81 13.91
CA ASP F 742 -3.15 34.87 14.69
C ASP F 742 -3.96 35.76 13.75
N GLU F 743 -5.18 36.08 14.15
CA GLU F 743 -6.09 36.87 13.30
C GLU F 743 -5.70 38.34 13.38
N GLY F 744 -5.19 38.87 12.26
CA GLY F 744 -4.77 40.25 12.17
C GLY F 744 -3.27 40.45 12.36
N CYS F 745 -2.59 39.47 12.96
CA CYS F 745 -1.14 39.54 13.20
C CYS F 745 -0.78 40.79 14.01
N LYS F 746 -1.32 40.84 15.22
CA LYS F 746 -1.00 41.90 16.17
C LYS F 746 0.23 41.57 17.01
N LEU F 747 0.44 40.29 17.31
CA LEU F 747 1.60 39.85 18.06
C LEU F 747 2.71 39.40 17.11
N VAL F 748 3.93 39.87 17.38
CA VAL F 748 5.09 39.55 16.56
C VAL F 748 6.25 39.19 17.47
N THR F 749 6.98 38.13 17.11
CA THR F 749 8.16 37.70 17.86
C THR F 749 9.34 38.63 17.54
N ILE F 750 10.52 38.25 18.03
CA ILE F 750 11.74 39.00 17.79
C ILE F 750 12.67 38.16 16.92
N GLY F 751 13.06 38.71 15.77
CA GLY F 751 13.96 38.08 14.84
C GLY F 751 13.46 36.73 14.37
N SER F 752 14.40 35.84 14.09
CA SER F 752 14.09 34.47 13.71
C SER F 752 13.86 33.56 14.91
N GLY F 753 13.97 34.10 16.12
CA GLY F 753 13.88 33.30 17.33
C GLY F 753 15.10 32.45 17.58
N TYR F 754 14.92 31.29 18.21
CA TYR F 754 16.03 30.45 18.62
C TYR F 754 17.12 31.29 19.25
N ILE F 755 16.74 32.24 20.11
CA ILE F 755 17.71 33.16 20.69
C ILE F 755 18.69 32.41 21.58
N PHE F 756 18.18 31.52 22.42
CA PHE F 756 19.00 30.86 23.42
C PHE F 756 18.76 29.36 23.36
N ALA F 757 19.82 28.60 23.52
CA ALA F 757 19.73 27.14 23.62
C ALA F 757 19.01 26.54 22.42
N THR F 758 19.59 26.75 21.24
CA THR F 758 19.04 26.14 20.04
C THR F 758 19.12 24.62 20.13
N THR F 759 17.98 23.94 19.97
CA THR F 759 17.94 22.49 19.98
C THR F 759 16.69 22.03 19.21
N GLY F 760 16.47 20.72 19.17
CA GLY F 760 15.39 20.20 18.35
C GLY F 760 14.47 19.22 19.06
N TYR F 761 13.54 18.62 18.32
CA TYR F 761 12.59 17.67 18.88
C TYR F 761 13.02 16.25 18.55
N GLY F 762 12.77 15.32 19.47
CA GLY F 762 13.22 13.96 19.30
C GLY F 762 12.12 12.96 19.60
N ILE F 763 12.33 11.74 19.11
CA ILE F 763 11.50 10.60 19.46
C ILE F 763 12.30 9.78 20.46
N ALA F 764 11.95 9.92 21.75
CA ALA F 764 12.68 9.25 22.81
C ALA F 764 12.40 7.76 22.79
N LEU F 765 13.41 6.96 23.11
CA LEU F 765 13.27 5.52 23.21
C LEU F 765 13.87 5.05 24.52
N GLN F 766 13.64 3.79 24.86
CA GLN F 766 14.33 3.19 25.98
C GLN F 766 15.81 3.05 25.64
N LYS F 767 16.63 2.92 26.69
CA LYS F 767 18.07 2.80 26.48
C LYS F 767 18.40 1.48 25.82
N GLY F 768 19.16 1.53 24.73
CA GLY F 768 19.62 0.32 24.07
C GLY F 768 18.61 -0.37 23.18
N SER F 769 17.50 0.30 22.85
CA SER F 769 16.49 -0.33 22.02
C SER F 769 17.04 -0.55 20.60
N PRO F 770 16.69 -1.67 19.95
CA PRO F 770 17.21 -1.93 18.60
C PRO F 770 16.56 -1.11 17.50
N TRP F 771 15.57 -0.27 17.81
CA TRP F 771 14.91 0.54 16.79
C TRP F 771 15.67 1.83 16.46
N LYS F 772 16.70 2.17 17.23
CA LYS F 772 17.30 3.49 17.15
C LYS F 772 17.95 3.72 15.79
N ARG F 773 18.76 2.78 15.32
CA ARG F 773 19.46 2.98 14.06
C ARG F 773 18.49 3.08 12.89
N GLN F 774 17.50 2.18 12.85
CA GLN F 774 16.54 2.18 11.75
C GLN F 774 15.75 3.48 11.74
N ILE F 775 15.34 3.96 12.91
CA ILE F 775 14.57 5.20 12.97
C ILE F 775 15.42 6.40 12.56
N ASP F 776 16.67 6.45 13.01
CA ASP F 776 17.55 7.55 12.60
C ASP F 776 17.70 7.59 11.08
N LEU F 777 17.97 6.43 10.48
CA LEU F 777 18.16 6.41 9.03
C LEU F 777 16.87 6.77 8.30
N ALA F 778 15.72 6.32 8.79
CA ALA F 778 14.46 6.68 8.14
C ALA F 778 14.21 8.18 8.22
N LEU F 779 14.48 8.81 9.36
CA LEU F 779 14.28 10.25 9.47
C LEU F 779 15.21 11.01 8.53
N LEU F 780 16.47 10.59 8.44
CA LEU F 780 17.38 11.26 7.52
C LEU F 780 16.95 11.09 6.08
N GLN F 781 16.45 9.91 5.73
CA GLN F 781 15.96 9.69 4.36
C GLN F 781 14.77 10.58 4.07
N PHE F 782 13.84 10.73 5.02
CA PHE F 782 12.70 11.61 4.79
C PHE F 782 13.15 13.05 4.62
N VAL F 783 14.14 13.49 5.40
CA VAL F 783 14.65 14.85 5.23
C VAL F 783 15.29 15.02 3.86
N GLY F 784 15.94 13.98 3.36
CA GLY F 784 16.72 14.08 2.14
C GLY F 784 15.97 14.11 0.82
N ASP F 785 14.65 13.94 0.80
CA ASP F 785 13.91 14.02 -0.46
C ASP F 785 12.62 14.83 -0.31
N GLY F 786 12.64 15.85 0.55
CA GLY F 786 11.64 16.90 0.55
C GLY F 786 10.33 16.59 1.25
N GLU F 787 10.16 15.38 1.78
CA GLU F 787 8.91 15.02 2.42
C GLU F 787 8.67 15.85 3.67
N MET F 788 9.74 16.12 4.44
CA MET F 788 9.61 16.97 5.61
C MET F 788 9.19 18.38 5.21
N GLU F 789 9.73 18.90 4.11
CA GLU F 789 9.33 20.21 3.62
C GLU F 789 7.85 20.22 3.22
N GLU F 790 7.39 19.16 2.56
CA GLU F 790 5.97 19.06 2.22
C GLU F 790 5.10 19.08 3.47
N LEU F 791 5.48 18.32 4.50
CA LEU F 791 4.71 18.31 5.73
C LEU F 791 4.69 19.67 6.41
N GLU F 792 5.84 20.35 6.42
CA GLU F 792 5.89 21.69 7.01
C GLU F 792 5.01 22.67 6.24
N THR F 793 5.01 22.56 4.90
CA THR F 793 4.15 23.42 4.10
C THR F 793 2.68 23.16 4.42
N LEU F 794 2.31 21.89 4.58
CA LEU F 794 0.90 21.57 4.83
C LEU F 794 0.45 22.00 6.22
N TRP F 795 1.27 21.78 7.24
CA TRP F 795 0.80 21.93 8.62
C TRP F 795 1.29 23.19 9.32
N LEU F 796 2.20 23.96 8.73
CA LEU F 796 2.69 25.19 9.33
C LEU F 796 2.60 26.31 8.31
N THR F 797 2.02 27.44 8.72
CA THR F 797 1.72 28.54 7.81
C THR F 797 2.37 29.81 8.34
N GLY F 798 3.47 30.21 7.71
CA GLY F 798 4.16 31.43 8.07
C GLY F 798 3.74 32.64 7.26
N ILE F 799 2.47 33.03 7.32
CA ILE F 799 1.99 34.24 6.67
C ILE F 799 2.32 35.43 7.55
N CYS F 800 2.19 36.64 6.99
CA CYS F 800 2.39 37.89 7.71
C CYS F 800 3.65 37.89 8.57
N SER F 809 -0.99 50.98 5.91
CA SER F 809 -2.23 50.77 6.65
C SER F 809 -2.66 52.05 7.36
N SER F 810 -1.95 52.42 8.41
CA SER F 810 -2.23 53.62 9.18
C SER F 810 -1.12 54.65 8.95
N GLN F 811 -1.52 55.89 8.71
CA GLN F 811 -0.55 56.97 8.51
C GLN F 811 0.19 57.27 9.80
N LEU F 812 1.50 57.48 9.69
CA LEU F 812 2.30 57.85 10.83
C LEU F 812 3.51 58.65 10.36
N ASP F 813 3.72 59.82 10.97
CA ASP F 813 4.86 60.67 10.69
C ASP F 813 5.42 61.24 11.99
N ILE F 814 5.54 60.38 13.02
CA ILE F 814 6.01 60.85 14.32
C ILE F 814 7.46 61.31 14.24
N ASP F 815 8.31 60.57 13.51
CA ASP F 815 9.69 60.98 13.34
C ASP F 815 9.77 62.30 12.59
N ASN F 816 8.96 62.47 11.56
CA ASN F 816 8.95 63.71 10.80
C ASN F 816 8.51 64.89 11.67
N MET F 817 7.49 64.67 12.51
CA MET F 817 7.03 65.75 13.39
C MET F 817 8.09 66.09 14.43
N ALA F 818 8.78 65.08 14.96
CA ALA F 818 9.87 65.35 15.90
C ALA F 818 10.99 66.12 15.22
N GLY F 819 11.31 65.77 13.97
CA GLY F 819 12.31 66.53 13.23
C GLY F 819 11.87 67.96 12.99
N VAL F 820 10.59 68.17 12.69
CA VAL F 820 10.06 69.52 12.52
C VAL F 820 10.19 70.30 13.82
N PHE F 821 9.88 69.67 14.95
CA PHE F 821 10.03 70.34 16.24
C PHE F 821 11.49 70.70 16.50
N TYR F 822 12.42 69.80 16.20
CA TYR F 822 13.84 70.09 16.39
C TYR F 822 14.29 71.23 15.49
N MET F 823 13.84 71.25 14.24
CA MET F 823 14.24 72.31 13.33
C MET F 823 13.69 73.67 13.77
N LEU F 824 12.43 73.70 14.23
CA LEU F 824 11.89 74.97 14.71
C LEU F 824 12.56 75.41 16.01
N ALA F 825 12.96 74.46 16.86
CA ALA F 825 13.74 74.81 18.04
C ALA F 825 15.09 75.42 17.65
N ALA F 826 15.74 74.84 16.63
CA ALA F 826 16.99 75.42 16.15
C ALA F 826 16.77 76.81 15.58
N ALA F 827 15.67 77.01 14.84
CA ALA F 827 15.36 78.32 14.29
C ALA F 827 15.13 79.35 15.39
N MET F 828 14.40 78.97 16.44
CA MET F 828 14.16 79.92 17.53
C MET F 828 15.42 80.19 18.34
N ALA F 829 16.31 79.20 18.45
CA ALA F 829 17.61 79.45 19.09
C ALA F 829 18.43 80.44 18.27
N LEU F 830 18.43 80.28 16.94
CA LEU F 830 19.13 81.24 16.09
C LEU F 830 18.53 82.63 16.20
N SER F 831 17.20 82.71 16.29
CA SER F 831 16.55 84.02 16.49
C SER F 831 16.96 84.63 17.82
N LEU F 832 17.02 83.81 18.88
CA LEU F 832 17.45 84.31 20.18
C LEU F 832 18.88 84.84 20.11
N ILE F 833 19.76 84.13 19.41
CA ILE F 833 21.14 84.61 19.26
C ILE F 833 21.17 85.92 18.49
N THR F 834 20.38 86.03 17.42
CA THR F 834 20.40 87.24 16.61
C THR F 834 19.69 88.42 17.27
N PHE F 835 18.88 88.16 18.31
CA PHE F 835 18.19 89.26 18.98
C PHE F 835 19.17 90.25 19.60
N ILE F 836 20.21 89.75 20.28
CA ILE F 836 21.13 90.64 20.97
C ILE F 836 22.01 91.43 20.01
N TRP F 837 22.19 90.94 18.79
CA TRP F 837 23.01 91.63 17.80
C TRP F 837 22.19 92.70 17.07
N GLN G 21 -76.17 -6.59 40.67
CA GLN G 21 -75.94 -8.01 40.92
C GLN G 21 -76.43 -8.85 39.75
N VAL G 22 -75.88 -10.06 39.62
CA VAL G 22 -76.22 -10.92 38.49
C VAL G 22 -77.62 -11.49 38.67
N GLN G 23 -78.46 -11.33 37.66
CA GLN G 23 -79.84 -11.81 37.70
C GLN G 23 -80.17 -12.51 36.39
N LEU G 24 -80.86 -13.65 36.51
CA LEU G 24 -81.29 -14.43 35.36
C LEU G 24 -82.76 -14.78 35.50
N GLN G 25 -83.48 -14.80 34.38
CA GLN G 25 -84.91 -15.07 34.37
C GLN G 25 -85.27 -15.80 33.09
N GLN G 26 -86.33 -16.60 33.15
CA GLN G 26 -86.72 -17.48 32.05
C GLN G 26 -88.18 -17.27 31.70
N SER G 27 -88.65 -18.07 30.75
CA SER G 27 -90.05 -18.06 30.35
C SER G 27 -90.88 -18.91 31.30
N GLY G 28 -92.20 -18.88 31.09
CA GLY G 28 -93.12 -19.63 31.91
C GLY G 28 -93.23 -21.08 31.48
N ALA G 29 -94.14 -21.80 32.13
CA ALA G 29 -94.35 -23.20 31.82
C ALA G 29 -94.99 -23.36 30.44
N GLU G 30 -94.80 -24.54 29.86
CA GLU G 30 -95.29 -24.84 28.52
C GLU G 30 -96.12 -26.11 28.55
N LEU G 31 -97.09 -26.18 27.65
CA LEU G 31 -98.00 -27.33 27.57
C LEU G 31 -98.35 -27.57 26.12
N MET G 32 -97.75 -28.59 25.52
CA MET G 32 -97.97 -28.92 24.12
C MET G 32 -98.25 -30.41 23.96
N LYS G 33 -99.10 -30.74 22.99
CA LYS G 33 -99.33 -32.13 22.63
C LYS G 33 -98.10 -32.67 21.90
N PRO G 34 -97.92 -34.01 21.90
CA PRO G 34 -96.73 -34.58 21.25
C PRO G 34 -96.63 -34.20 19.79
N GLY G 35 -95.40 -33.98 19.33
CA GLY G 35 -95.12 -33.62 17.95
C GLY G 35 -94.82 -32.16 17.72
N ALA G 36 -94.75 -31.34 18.76
CA ALA G 36 -94.57 -29.91 18.64
C ALA G 36 -93.11 -29.53 18.90
N SER G 37 -92.84 -28.23 18.97
CA SER G 37 -91.51 -27.70 19.27
C SER G 37 -91.65 -26.63 20.34
N VAL G 38 -90.56 -26.43 21.10
CA VAL G 38 -90.57 -25.50 22.22
C VAL G 38 -89.40 -24.53 22.10
N LYS G 39 -89.59 -23.33 22.65
CA LYS G 39 -88.56 -22.31 22.77
C LYS G 39 -88.56 -21.75 24.17
N ILE G 40 -87.38 -21.60 24.75
CA ILE G 40 -87.20 -21.04 26.09
C ILE G 40 -86.18 -19.92 26.00
N SER G 41 -86.49 -18.79 26.64
CA SER G 41 -85.61 -17.62 26.63
C SER G 41 -85.01 -17.40 28.01
N CYS G 42 -83.71 -17.12 28.04
CA CYS G 42 -82.98 -16.84 29.27
C CYS G 42 -82.25 -15.52 29.07
N LYS G 43 -82.50 -14.56 29.96
CA LYS G 43 -82.03 -13.19 29.78
C LYS G 43 -81.05 -12.83 30.90
N ALA G 44 -79.92 -12.24 30.51
CA ALA G 44 -78.87 -11.85 31.44
C ALA G 44 -78.75 -10.33 31.46
N THR G 45 -78.85 -9.74 32.66
CA THR G 45 -78.86 -8.28 32.77
C THR G 45 -78.06 -7.76 33.96
N GLY G 46 -77.04 -8.49 34.42
CA GLY G 46 -76.30 -8.04 35.58
C GLY G 46 -74.80 -7.98 35.41
N TYR G 47 -74.32 -8.32 34.21
CA TYR G 47 -72.89 -8.38 33.95
C TYR G 47 -72.66 -8.11 32.46
N THR G 48 -71.46 -8.44 31.98
CA THR G 48 -71.14 -8.33 30.56
C THR G 48 -71.58 -9.62 29.88
N PHE G 49 -72.69 -9.53 29.14
CA PHE G 49 -73.33 -10.74 28.62
C PHE G 49 -72.46 -11.50 27.64
N ARG G 50 -71.64 -10.80 26.86
CA ARG G 50 -70.91 -11.41 25.76
C ARG G 50 -69.50 -11.85 26.17
N SER G 51 -69.33 -12.30 27.42
CA SER G 51 -68.02 -12.69 27.91
C SER G 51 -67.97 -14.00 28.67
N TYR G 52 -69.10 -14.56 29.08
CA TYR G 52 -69.12 -15.76 29.91
C TYR G 52 -69.88 -16.88 29.21
N TRP G 53 -69.60 -18.11 29.62
CA TRP G 53 -70.28 -19.28 29.06
C TRP G 53 -71.63 -19.47 29.72
N ILE G 54 -72.57 -20.03 28.95
CA ILE G 54 -73.94 -20.28 29.41
C ILE G 54 -74.22 -21.76 29.23
N GLU G 55 -74.37 -22.49 30.34
CA GLU G 55 -74.70 -23.90 30.30
C GLU G 55 -76.19 -24.09 30.51
N TRP G 56 -76.70 -25.24 30.05
CA TRP G 56 -78.09 -25.61 30.23
C TRP G 56 -78.17 -27.00 30.85
N LEU G 57 -79.23 -27.23 31.62
CA LEU G 57 -79.41 -28.49 32.33
C LEU G 57 -80.85 -28.95 32.20
N LYS G 58 -81.05 -30.26 32.34
CA LYS G 58 -82.37 -30.87 32.43
C LYS G 58 -82.45 -31.71 33.69
N GLN G 59 -83.52 -31.52 34.47
CA GLN G 59 -83.75 -32.30 35.67
C GLN G 59 -85.07 -33.05 35.53
N ARG G 60 -85.01 -34.37 35.55
CA ARG G 60 -86.18 -35.22 35.51
C ARG G 60 -86.86 -35.20 36.87
N PRO G 61 -88.04 -35.84 37.05
CA PRO G 61 -88.74 -35.73 38.33
C PRO G 61 -88.02 -36.40 39.48
N GLY G 62 -87.01 -35.72 40.01
CA GLY G 62 -86.37 -36.11 41.26
C GLY G 62 -85.58 -37.41 41.25
N HIS G 63 -84.80 -37.66 40.19
CA HIS G 63 -83.88 -38.79 40.23
C HIS G 63 -82.57 -38.46 39.50
N GLY G 64 -82.14 -37.21 39.51
CA GLY G 64 -80.86 -36.82 38.97
C GLY G 64 -80.99 -35.72 37.94
N LEU G 65 -79.83 -35.30 37.43
CA LEU G 65 -79.76 -34.24 36.44
C LEU G 65 -78.76 -34.62 35.35
N GLU G 66 -78.97 -34.05 34.17
CA GLU G 66 -78.13 -34.32 33.01
C GLU G 66 -77.41 -33.03 32.59
N TRP G 67 -76.79 -33.05 31.42
CA TRP G 67 -76.13 -31.88 30.87
C TRP G 67 -76.39 -31.84 29.38
N ILE G 68 -76.70 -30.66 28.85
CA ILE G 68 -77.16 -30.54 27.47
C ILE G 68 -76.09 -29.92 26.58
N GLY G 69 -75.72 -28.68 26.86
CA GLY G 69 -74.69 -28.02 26.06
C GLY G 69 -74.57 -26.58 26.49
N GLU G 70 -73.50 -25.94 26.00
CA GLU G 70 -73.21 -24.57 26.39
C GLU G 70 -72.82 -23.75 25.16
N ILE G 71 -73.00 -22.43 25.28
CA ILE G 71 -72.80 -21.50 24.18
C ILE G 71 -72.05 -20.28 24.70
N LEU G 72 -71.07 -19.81 23.93
CA LEU G 72 -70.40 -18.56 24.24
C LEU G 72 -70.96 -17.47 23.32
N PRO G 73 -71.71 -16.51 23.84
CA PRO G 73 -72.31 -15.49 22.96
C PRO G 73 -71.30 -14.62 22.25
N GLY G 74 -70.08 -14.50 22.78
CA GLY G 74 -69.11 -13.62 22.17
C GLY G 74 -68.72 -14.03 20.76
N SER G 75 -68.55 -15.33 20.53
CA SER G 75 -68.13 -15.85 19.24
C SER G 75 -69.07 -16.85 18.62
N GLY G 76 -70.01 -17.41 19.39
CA GLY G 76 -70.96 -18.36 18.85
C GLY G 76 -70.53 -19.81 18.89
N ARG G 77 -69.36 -20.11 19.45
CA ARG G 77 -68.92 -21.49 19.56
C ARG G 77 -69.87 -22.26 20.48
N THR G 78 -70.11 -23.53 20.14
CA THR G 78 -71.06 -24.34 20.88
C THR G 78 -70.53 -25.75 21.05
N ASN G 79 -70.80 -26.34 22.22
CA ASN G 79 -70.51 -27.73 22.49
C ASN G 79 -71.78 -28.44 22.94
N TYR G 80 -71.90 -29.71 22.61
CA TYR G 80 -73.09 -30.48 22.95
C TYR G 80 -72.73 -31.81 23.58
N ASN G 81 -73.62 -32.28 24.44
CA ASN G 81 -73.54 -33.65 24.92
C ASN G 81 -73.85 -34.61 23.77
N GLU G 82 -73.36 -35.85 23.90
CA GLU G 82 -73.56 -36.85 22.81
C GLU G 82 -75.04 -37.20 22.66
N LYS G 83 -75.77 -37.37 23.78
CA LYS G 83 -77.15 -37.81 23.67
C LYS G 83 -78.06 -36.73 23.11
N PHE G 84 -77.86 -35.47 23.50
CA PHE G 84 -78.68 -34.36 23.04
C PHE G 84 -78.05 -33.63 21.86
N LYS G 85 -77.27 -34.34 21.04
CA LYS G 85 -76.65 -33.75 19.86
C LYS G 85 -77.56 -33.95 18.66
N GLY G 86 -77.90 -32.86 17.98
CA GLY G 86 -78.83 -32.90 16.88
C GLY G 86 -80.29 -32.81 17.28
N LYS G 87 -80.59 -32.76 18.57
CA LYS G 87 -81.96 -32.65 19.06
C LYS G 87 -82.26 -31.30 19.68
N ALA G 88 -81.33 -30.73 20.43
CA ALA G 88 -81.48 -29.41 21.01
C ALA G 88 -80.45 -28.47 20.37
N THR G 89 -80.92 -27.36 19.82
CA THR G 89 -80.06 -26.38 19.16
C THR G 89 -80.06 -25.10 19.97
N ILE G 90 -78.88 -24.64 20.35
CA ILE G 90 -78.71 -23.42 21.15
C ILE G 90 -78.31 -22.30 20.20
N THR G 91 -78.96 -21.16 20.35
CA THR G 91 -78.62 -19.95 19.62
C THR G 91 -78.56 -18.78 20.59
N ALA G 92 -77.76 -17.77 20.23
CA ALA G 92 -77.56 -16.61 21.08
C ALA G 92 -77.80 -15.34 20.30
N ASP G 93 -78.48 -14.39 20.93
CA ASP G 93 -78.76 -13.08 20.34
C ASP G 93 -78.07 -12.05 21.23
N THR G 94 -76.90 -11.57 20.78
CA THR G 94 -76.08 -10.69 21.60
C THR G 94 -76.65 -9.28 21.74
N SER G 95 -77.64 -8.91 20.94
CA SER G 95 -78.20 -7.56 21.01
C SER G 95 -79.13 -7.40 22.20
N SER G 96 -80.09 -8.32 22.36
CA SER G 96 -81.08 -8.24 23.41
C SER G 96 -80.71 -9.04 24.66
N ASN G 97 -79.52 -9.65 24.68
CA ASN G 97 -79.03 -10.41 25.83
C ASN G 97 -79.99 -11.55 26.18
N THR G 98 -80.19 -12.44 25.21
CA THR G 98 -81.09 -13.57 25.35
C THR G 98 -80.42 -14.85 24.87
N ALA G 99 -80.81 -15.97 25.48
CA ALA G 99 -80.36 -17.29 25.08
C ALA G 99 -81.57 -18.18 24.83
N TYR G 100 -81.51 -18.97 23.77
CA TYR G 100 -82.67 -19.73 23.30
C TYR G 100 -82.35 -21.21 23.22
N MET G 101 -83.31 -22.04 23.63
CA MET G 101 -83.21 -23.50 23.57
C MET G 101 -84.30 -24.02 22.65
N GLN G 102 -83.91 -24.80 21.64
CA GLN G 102 -84.82 -25.27 20.60
C GLN G 102 -84.86 -26.79 20.61
N LEU G 103 -85.98 -27.36 21.02
CA LEU G 103 -86.18 -28.80 20.99
C LEU G 103 -87.08 -29.18 19.80
N SER G 104 -86.80 -30.34 19.23
CA SER G 104 -87.57 -30.85 18.09
C SER G 104 -87.94 -32.30 18.34
N SER G 105 -89.07 -32.71 17.75
CA SER G 105 -89.58 -34.07 17.85
C SER G 105 -89.77 -34.50 19.31
N LEU G 106 -90.67 -33.80 19.98
CA LEU G 106 -90.97 -34.09 21.38
C LEU G 106 -91.59 -35.47 21.52
N THR G 107 -91.26 -36.13 22.64
CA THR G 107 -91.81 -37.45 22.95
C THR G 107 -92.44 -37.45 24.33
N SER G 108 -92.77 -38.63 24.84
CA SER G 108 -93.39 -38.73 26.16
C SER G 108 -92.38 -38.58 27.30
N GLU G 109 -91.09 -38.61 27.00
CA GLU G 109 -90.05 -38.59 28.03
C GLU G 109 -89.42 -37.21 28.21
N ASP G 110 -89.98 -36.18 27.59
CA ASP G 110 -89.40 -34.83 27.61
C ASP G 110 -90.14 -33.90 28.57
N SER G 111 -90.68 -34.44 29.66
CA SER G 111 -91.35 -33.65 30.68
C SER G 111 -90.38 -33.46 31.85
N ALA G 112 -89.64 -32.35 31.80
CA ALA G 112 -88.63 -32.10 32.82
C ALA G 112 -88.40 -30.59 32.93
N VAL G 113 -87.71 -30.20 33.98
CA VAL G 113 -87.41 -28.79 34.24
C VAL G 113 -86.07 -28.44 33.59
N TYR G 114 -86.04 -27.32 32.87
CA TYR G 114 -84.86 -26.89 32.14
C TYR G 114 -84.32 -25.61 32.78
N TYR G 115 -83.05 -25.62 33.14
CA TYR G 115 -82.39 -24.48 33.77
C TYR G 115 -81.35 -23.87 32.84
N CYS G 116 -81.11 -22.57 33.02
CA CYS G 116 -79.96 -21.91 32.39
C CYS G 116 -79.06 -21.41 33.50
N THR G 117 -77.80 -21.83 33.47
CA THR G 117 -76.83 -21.51 34.50
C THR G 117 -75.59 -20.88 33.89
N ARG G 118 -74.91 -20.06 34.68
CA ARG G 118 -73.67 -19.41 34.27
C ARG G 118 -72.68 -19.48 35.41
N SER G 119 -71.43 -19.85 35.09
CA SER G 119 -70.40 -20.02 36.09
C SER G 119 -69.81 -18.66 36.47
N ARG G 120 -68.76 -18.67 37.28
CA ARG G 120 -67.97 -17.48 37.55
C ARG G 120 -66.52 -17.78 37.20
N GLY G 121 -65.91 -16.90 36.41
CA GLY G 121 -64.60 -17.18 35.86
C GLY G 121 -63.43 -16.77 36.72
N THR G 122 -63.19 -17.51 37.80
CA THR G 122 -62.01 -17.27 38.62
C THR G 122 -61.33 -18.53 39.12
N MET G 123 -61.87 -19.72 38.86
CA MET G 123 -61.34 -20.94 39.44
C MET G 123 -61.05 -21.97 38.36
N ILE G 124 -60.15 -22.90 38.69
CA ILE G 124 -59.73 -23.94 37.75
C ILE G 124 -60.79 -25.01 37.54
N THR G 125 -61.82 -25.04 38.38
CA THR G 125 -62.90 -26.01 38.23
C THR G 125 -63.92 -25.50 37.23
N ARG G 126 -65.07 -26.17 37.16
CA ARG G 126 -66.21 -25.72 36.35
C ARG G 126 -67.47 -26.02 37.16
N GLU G 127 -67.96 -25.01 37.88
CA GLU G 127 -69.11 -25.15 38.75
C GLU G 127 -70.23 -24.22 38.30
N PHE G 128 -71.45 -24.51 38.75
CA PHE G 128 -72.62 -23.73 38.41
C PHE G 128 -73.02 -22.92 39.64
N THR G 129 -72.98 -21.58 39.52
CA THR G 129 -73.23 -20.69 40.64
C THR G 129 -74.56 -19.96 40.51
N TYR G 130 -74.79 -19.24 39.42
CA TYR G 130 -76.01 -18.49 39.21
C TYR G 130 -77.01 -19.34 38.43
N TRP G 131 -78.27 -19.30 38.84
CA TRP G 131 -79.29 -20.14 38.26
C TRP G 131 -80.50 -19.31 37.84
N GLY G 132 -81.28 -19.87 36.92
CA GLY G 132 -82.56 -19.30 36.56
C GLY G 132 -83.70 -19.97 37.31
N GLN G 133 -84.92 -19.50 37.03
CA GLN G 133 -86.09 -20.07 37.69
C GLN G 133 -86.39 -21.47 37.17
N GLY G 134 -86.25 -21.69 35.87
CA GLY G 134 -86.52 -22.99 35.29
C GLY G 134 -87.91 -23.09 34.69
N ALA G 135 -88.02 -23.70 33.52
CA ALA G 135 -89.29 -23.83 32.81
C ALA G 135 -89.71 -25.28 32.80
N LEU G 136 -90.98 -25.53 33.12
CA LEU G 136 -91.53 -26.88 33.17
C LEU G 136 -92.38 -27.12 31.92
N VAL G 137 -92.04 -28.17 31.18
CA VAL G 137 -92.78 -28.54 29.98
C VAL G 137 -93.40 -29.91 30.19
N THR G 138 -94.57 -30.11 29.58
CA THR G 138 -95.30 -31.38 29.65
C THR G 138 -95.76 -31.77 28.25
N VAL G 139 -95.94 -33.07 28.06
CA VAL G 139 -96.36 -33.60 26.77
C VAL G 139 -97.62 -34.44 26.91
N ASP H 21 -67.80 -41.88 30.54
CA ASP H 21 -67.63 -40.82 31.52
C ASP H 21 -67.35 -41.39 32.91
N ILE H 22 -67.73 -40.62 33.93
CA ILE H 22 -67.58 -41.02 35.32
C ILE H 22 -68.97 -41.28 35.87
N VAL H 23 -69.12 -42.42 36.55
CA VAL H 23 -70.40 -42.81 37.13
C VAL H 23 -70.29 -42.65 38.64
N LEU H 24 -71.03 -41.70 39.19
CA LEU H 24 -71.04 -41.49 40.64
C LEU H 24 -72.01 -42.46 41.30
N THR H 25 -71.84 -42.62 42.61
CA THR H 25 -72.71 -43.49 43.40
C THR H 25 -72.75 -42.98 44.83
N GLN H 26 -73.96 -42.77 45.35
CA GLN H 26 -74.15 -42.28 46.70
C GLN H 26 -74.72 -43.37 47.59
N SER H 27 -74.36 -43.32 48.88
CA SER H 27 -74.88 -44.23 49.88
C SER H 27 -75.00 -43.47 51.19
N PRO H 28 -76.11 -43.62 51.92
CA PRO H 28 -77.30 -44.41 51.62
C PRO H 28 -78.26 -43.66 50.71
N ALA H 29 -79.22 -44.36 50.09
CA ALA H 29 -80.24 -43.68 49.31
C ALA H 29 -81.08 -42.78 50.20
N SER H 30 -81.43 -43.26 51.39
CA SER H 30 -82.14 -42.47 52.39
C SER H 30 -81.45 -42.63 53.74
N LEU H 31 -81.36 -41.53 54.49
CA LEU H 31 -80.75 -41.55 55.81
C LEU H 31 -81.65 -40.81 56.79
N ALA H 32 -81.86 -41.41 57.96
CA ALA H 32 -82.62 -40.81 59.04
C ALA H 32 -81.72 -40.75 60.28
N VAL H 33 -81.53 -39.53 60.80
CA VAL H 33 -80.63 -39.31 61.92
C VAL H 33 -81.30 -38.37 62.92
N SER H 34 -80.85 -38.43 64.17
CA SER H 34 -81.33 -37.54 65.20
C SER H 34 -80.69 -36.17 65.07
N LEU H 35 -81.34 -35.16 65.64
CA LEU H 35 -80.85 -33.80 65.55
C LEU H 35 -79.79 -33.55 66.61
N GLY H 36 -78.62 -33.08 66.17
CA GLY H 36 -77.60 -32.63 67.10
C GLY H 36 -76.19 -33.16 66.88
N GLN H 37 -76.05 -34.44 66.52
CA GLN H 37 -74.72 -35.07 66.50
C GLN H 37 -73.96 -34.78 65.21
N ARG H 38 -74.45 -35.32 64.09
CA ARG H 38 -73.79 -35.16 62.80
C ARG H 38 -74.60 -35.90 61.73
N ALA H 39 -74.19 -35.73 60.48
CA ALA H 39 -74.76 -36.46 59.36
C ALA H 39 -73.69 -36.64 58.29
N THR H 40 -73.53 -37.87 57.81
CA THR H 40 -72.47 -38.20 56.87
C THR H 40 -73.05 -38.85 55.62
N ILE H 41 -72.50 -38.46 54.46
CA ILE H 41 -72.91 -38.99 53.17
C ILE H 41 -71.65 -39.30 52.36
N SER H 42 -71.65 -40.45 51.69
CA SER H 42 -70.52 -40.88 50.89
C SER H 42 -70.91 -40.93 49.41
N CYS H 43 -69.98 -40.50 48.55
CA CYS H 43 -70.20 -40.49 47.11
C CYS H 43 -68.91 -40.97 46.44
N ARG H 44 -68.85 -42.25 46.09
CA ARG H 44 -67.65 -42.87 45.58
C ARG H 44 -67.67 -42.88 44.06
N ALA H 45 -66.61 -42.38 43.45
CA ALA H 45 -66.54 -42.23 42.00
C ALA H 45 -65.94 -43.47 41.35
N SER H 46 -66.25 -43.66 40.07
CA SER H 46 -65.80 -44.84 39.35
C SER H 46 -64.30 -44.79 39.09
N GLU H 47 -63.77 -43.64 38.69
CA GLU H 47 -62.37 -43.48 38.37
C GLU H 47 -61.81 -42.27 39.11
N SER H 48 -60.49 -42.12 39.05
CA SER H 48 -59.85 -41.00 39.72
C SER H 48 -60.30 -39.68 39.12
N VAL H 49 -60.43 -38.66 39.97
CA VAL H 49 -60.81 -37.32 39.55
C VAL H 49 -59.76 -36.29 39.95
N GLU H 50 -58.51 -36.71 40.16
CA GLU H 50 -57.45 -35.78 40.52
C GLU H 50 -56.82 -35.17 39.29
N TYR H 51 -56.61 -33.85 39.32
CA TYR H 51 -56.09 -33.08 38.18
C TYR H 51 -54.91 -32.24 38.66
N TYR H 52 -53.73 -32.84 38.68
CA TYR H 52 -52.46 -32.16 38.97
C TYR H 52 -52.54 -31.31 40.23
N GLY H 53 -52.80 -31.98 41.35
CA GLY H 53 -52.72 -31.39 42.66
C GLY H 53 -54.04 -31.03 43.30
N THR H 54 -55.12 -30.93 42.54
CA THR H 54 -56.42 -30.52 43.06
C THR H 54 -57.50 -31.48 42.57
N THR H 55 -58.06 -32.26 43.48
CA THR H 55 -59.19 -33.11 43.13
C THR H 55 -60.41 -32.25 42.83
N LEU H 56 -61.15 -32.62 41.79
CA LEU H 56 -62.30 -31.84 41.33
C LEU H 56 -63.57 -32.55 41.78
N MET H 57 -64.32 -31.91 42.69
CA MET H 57 -65.56 -32.47 43.21
C MET H 57 -66.34 -31.41 43.96
N GLN H 58 -67.64 -31.30 43.70
CA GLN H 58 -68.49 -30.29 44.32
C GLN H 58 -69.72 -30.95 44.93
N TRP H 59 -70.24 -30.31 45.99
CA TRP H 59 -71.45 -30.78 46.67
C TRP H 59 -72.53 -29.70 46.57
N TYR H 60 -73.75 -30.11 46.26
CA TYR H 60 -74.88 -29.21 46.10
C TYR H 60 -75.99 -29.55 47.07
N GLN H 61 -76.78 -28.55 47.42
CA GLN H 61 -77.98 -28.71 48.25
C GLN H 61 -79.17 -28.12 47.52
N GLN H 62 -80.27 -28.88 47.46
CA GLN H 62 -81.46 -28.47 46.72
C GLN H 62 -82.69 -28.64 47.59
N LYS H 63 -83.26 -27.52 48.04
CA LYS H 63 -84.54 -27.55 48.73
C LYS H 63 -85.66 -27.91 47.74
N PRO H 64 -86.74 -28.50 48.23
CA PRO H 64 -87.83 -28.89 47.33
C PRO H 64 -88.41 -27.69 46.59
N GLY H 65 -88.55 -27.84 45.27
CA GLY H 65 -89.11 -26.79 44.44
C GLY H 65 -88.20 -25.61 44.18
N GLN H 66 -86.94 -25.68 44.56
CA GLN H 66 -86.01 -24.57 44.41
C GLN H 66 -84.72 -25.03 43.75
N PRO H 67 -84.01 -24.14 43.06
CA PRO H 67 -82.79 -24.53 42.38
C PRO H 67 -81.70 -24.89 43.39
N PRO H 68 -80.77 -25.76 43.03
CA PRO H 68 -79.72 -26.17 43.96
C PRO H 68 -78.77 -25.01 44.30
N LYS H 69 -77.99 -25.23 45.35
CA LYS H 69 -77.04 -24.24 45.85
C LYS H 69 -75.67 -24.89 46.03
N LEU H 70 -74.62 -24.12 45.79
CA LEU H 70 -73.25 -24.64 45.89
C LEU H 70 -72.75 -24.55 47.33
N LEU H 71 -72.14 -25.63 47.82
CA LEU H 71 -71.61 -25.70 49.16
C LEU H 71 -70.09 -25.85 49.19
N ILE H 72 -69.57 -26.88 48.53
CA ILE H 72 -68.15 -27.22 48.57
C ILE H 72 -67.60 -27.25 47.16
N TYR H 73 -66.39 -26.72 46.97
CA TYR H 73 -65.68 -26.85 45.71
C TYR H 73 -64.26 -27.32 45.97
N ALA H 74 -63.70 -28.01 45.00
CA ALA H 74 -62.40 -28.68 45.11
C ALA H 74 -62.40 -29.74 46.22
N ALA H 75 -63.58 -30.23 46.58
CA ALA H 75 -63.80 -31.33 47.50
C ALA H 75 -63.45 -31.02 48.95
N SER H 76 -62.79 -29.87 49.19
CA SER H 76 -62.36 -29.53 50.54
C SER H 76 -62.64 -28.09 50.94
N ASN H 77 -62.82 -27.17 50.01
CA ASN H 77 -63.03 -25.76 50.33
C ASN H 77 -64.52 -25.47 50.40
N VAL H 78 -64.93 -24.81 51.46
CA VAL H 78 -66.34 -24.47 51.66
C VAL H 78 -66.63 -23.13 50.99
N ASP H 79 -67.75 -23.06 50.27
CA ASP H 79 -68.10 -21.84 49.55
C ASP H 79 -68.39 -20.71 50.53
N SER H 80 -68.03 -19.48 50.13
CA SER H 80 -68.25 -18.33 50.97
C SER H 80 -69.74 -18.09 51.20
N GLY H 81 -70.08 -17.60 52.38
CA GLY H 81 -71.47 -17.31 52.69
C GLY H 81 -72.29 -18.51 53.10
N VAL H 82 -71.68 -19.49 53.75
CA VAL H 82 -72.39 -20.70 54.17
C VAL H 82 -72.06 -20.97 55.64
N PRO H 83 -72.97 -21.59 56.40
CA PRO H 83 -72.70 -21.84 57.82
C PRO H 83 -71.47 -22.72 58.03
N ALA H 84 -70.76 -22.45 59.12
CA ALA H 84 -69.49 -23.12 59.40
C ALA H 84 -69.64 -24.60 59.72
N ARG H 85 -70.86 -25.09 59.97
CA ARG H 85 -71.04 -26.50 60.26
C ARG H 85 -70.83 -27.39 59.04
N PHE H 86 -70.74 -26.81 57.85
CA PHE H 86 -70.52 -27.56 56.63
C PHE H 86 -69.02 -27.74 56.38
N SER H 87 -68.60 -28.99 56.18
CA SER H 87 -67.21 -29.29 55.90
C SER H 87 -67.15 -30.56 55.08
N GLY H 88 -66.12 -30.67 54.26
CA GLY H 88 -65.95 -31.83 53.39
C GLY H 88 -64.49 -32.19 53.25
N SER H 89 -64.25 -33.48 52.99
CA SER H 89 -62.89 -33.98 52.85
C SER H 89 -62.94 -35.24 52.00
N GLY H 90 -61.77 -35.63 51.52
CA GLY H 90 -61.61 -36.85 50.74
C GLY H 90 -60.51 -36.69 49.73
N SER H 91 -60.01 -37.83 49.25
CA SER H 91 -58.98 -37.85 48.23
C SER H 91 -59.12 -39.13 47.42
N GLY H 92 -58.59 -39.09 46.20
CA GLY H 92 -58.64 -40.24 45.31
C GLY H 92 -60.00 -40.45 44.67
N THR H 93 -60.60 -41.62 44.90
CA THR H 93 -61.87 -41.97 44.28
C THR H 93 -63.02 -42.05 45.27
N ASP H 94 -62.76 -41.89 46.57
CA ASP H 94 -63.78 -41.99 47.60
C ASP H 94 -63.89 -40.65 48.33
N PHE H 95 -65.08 -40.06 48.31
CA PHE H 95 -65.31 -38.75 48.90
C PHE H 95 -66.54 -38.80 49.80
N SER H 96 -66.49 -38.02 50.88
CA SER H 96 -67.59 -38.00 51.85
C SER H 96 -67.76 -36.59 52.40
N LEU H 97 -68.97 -36.30 52.85
CA LEU H 97 -69.35 -35.02 53.42
C LEU H 97 -69.89 -35.22 54.82
N ASN H 98 -69.49 -34.35 55.75
CA ASN H 98 -69.95 -34.41 57.13
C ASN H 98 -70.39 -33.03 57.58
N ILE H 99 -71.53 -32.98 58.27
CA ILE H 99 -72.07 -31.74 58.81
C ILE H 99 -72.36 -31.94 60.28
N HIS H 100 -72.01 -30.95 61.10
CA HIS H 100 -72.15 -31.05 62.54
C HIS H 100 -72.13 -29.66 63.18
N PRO H 101 -73.11 -29.32 64.02
CA PRO H 101 -74.26 -30.14 64.46
C PRO H 101 -75.43 -30.14 63.47
N VAL H 102 -76.33 -31.11 63.61
CA VAL H 102 -77.52 -31.20 62.77
C VAL H 102 -78.55 -30.21 63.29
N GLU H 103 -79.17 -29.48 62.36
CA GLU H 103 -80.15 -28.46 62.71
C GLU H 103 -81.32 -28.54 61.72
N GLU H 104 -82.14 -27.50 61.72
CA GLU H 104 -83.32 -27.44 60.85
C GLU H 104 -82.98 -27.18 59.39
N ASP H 105 -81.72 -26.85 59.08
CA ASP H 105 -81.34 -26.54 57.71
C ASP H 105 -81.23 -27.78 56.83
N ASP H 106 -80.91 -28.94 57.41
CA ASP H 106 -80.55 -30.12 56.64
C ASP H 106 -81.78 -31.01 56.40
N ILE H 107 -82.74 -30.48 55.67
CA ILE H 107 -83.94 -31.22 55.30
C ILE H 107 -84.10 -31.27 53.77
N ALA H 108 -83.01 -31.20 53.03
CA ALA H 108 -83.04 -31.25 51.57
C ALA H 108 -82.12 -32.34 51.06
N MET H 109 -82.13 -32.53 49.74
CA MET H 109 -81.28 -33.53 49.10
C MET H 109 -79.89 -32.95 48.84
N TYR H 110 -78.93 -33.86 48.64
CA TYR H 110 -77.54 -33.47 48.38
C TYR H 110 -76.99 -34.32 47.25
N PHE H 111 -76.17 -33.69 46.41
CA PHE H 111 -75.58 -34.34 45.24
C PHE H 111 -74.07 -34.12 45.23
N CYS H 112 -73.40 -34.88 44.37
CA CYS H 112 -72.00 -34.71 44.08
C CYS H 112 -71.82 -34.57 42.57
N GLN H 113 -70.90 -33.71 42.17
CA GLN H 113 -70.58 -33.50 40.76
C GLN H 113 -69.07 -33.62 40.57
N GLN H 114 -68.66 -34.25 39.50
CA GLN H 114 -67.26 -34.29 39.09
C GLN H 114 -67.11 -33.55 37.77
N SER H 115 -66.06 -32.74 37.67
CA SER H 115 -65.80 -31.97 36.45
C SER H 115 -64.47 -32.38 35.83
N ARG H 116 -64.03 -33.61 36.08
CA ARG H 116 -62.77 -34.07 35.50
C ARG H 116 -62.94 -34.43 34.03
N LYS H 117 -64.06 -35.02 33.64
CA LYS H 117 -64.29 -35.45 32.28
C LYS H 117 -65.57 -34.85 31.74
N VAL H 118 -65.50 -34.28 30.55
CA VAL H 118 -66.69 -33.82 29.84
C VAL H 118 -67.40 -35.01 29.24
N PRO H 119 -68.73 -35.14 29.40
CA PRO H 119 -69.65 -34.25 30.12
C PRO H 119 -69.65 -34.45 31.63
N SER H 120 -69.97 -33.40 32.38
CA SER H 120 -70.11 -33.53 33.82
C SER H 120 -71.34 -34.34 34.16
N THR H 121 -71.24 -35.11 35.24
CA THR H 121 -72.35 -35.96 35.67
C THR H 121 -72.60 -35.77 37.16
N PHE H 122 -73.86 -35.92 37.55
CA PHE H 122 -74.31 -35.74 38.93
C PHE H 122 -74.55 -37.09 39.57
N GLY H 123 -74.94 -37.05 40.84
CA GLY H 123 -75.17 -38.25 41.63
C GLY H 123 -76.60 -38.72 41.57
N GLY H 124 -77.00 -39.46 42.61
CA GLY H 124 -78.31 -40.06 42.66
C GLY H 124 -79.23 -39.47 43.71
N GLY H 125 -78.71 -38.64 44.59
CA GLY H 125 -79.51 -37.99 45.60
C GLY H 125 -79.57 -38.76 46.90
N THR H 126 -79.87 -38.03 47.98
CA THR H 126 -79.94 -38.59 49.31
C THR H 126 -80.78 -37.68 50.20
N LYS H 127 -81.76 -38.25 50.89
CA LYS H 127 -82.66 -37.49 51.74
C LYS H 127 -82.21 -37.56 53.20
N LEU H 128 -82.68 -36.57 53.98
CA LEU H 128 -82.32 -36.45 55.39
C LEU H 128 -83.56 -36.25 56.23
N GLU H 129 -83.53 -36.76 57.46
CA GLU H 129 -84.62 -36.56 58.42
C GLU H 129 -84.13 -36.82 59.84
N GLY I . 28.60 22.00 3.76
CA GLY I . 28.64 21.03 2.70
C GLY I . 29.53 19.85 3.03
O GLY I . 30.48 19.99 3.80
OXT GLY I . 29.32 18.73 2.57
C1 NAG J . 32.21 -62.79 6.88
C2 NAG J . 32.24 -63.21 5.41
C3 NAG J . 33.53 -63.96 5.08
C4 NAG J . 34.75 -63.16 5.54
C5 NAG J . 34.61 -62.80 7.01
C6 NAG J . 35.74 -61.94 7.50
C7 NAG J . 29.96 -63.58 4.55
C8 NAG J . 28.90 -64.60 4.28
N2 NAG J . 31.09 -64.05 5.09
O3 NAG J . 33.60 -64.19 3.69
O4 NAG J . 35.92 -63.95 5.35
O5 NAG J . 33.39 -62.06 7.19
O6 NAG J . 36.42 -62.55 8.60
O7 NAG J . 29.81 -62.39 4.29
C1 NAG K . 61.09 -5.27 25.26
C2 NAG K . 60.62 -4.20 24.27
C3 NAG K . 60.52 -2.84 24.96
C4 NAG K . 59.68 -2.94 26.22
C5 NAG K . 60.21 -4.04 27.12
C6 NAG K . 59.38 -4.24 28.37
C7 NAG K . 61.16 -3.59 21.95
C8 NAG K . 62.22 -3.60 20.89
N2 NAG K . 61.52 -4.12 23.12
O3 NAG K . 59.93 -1.90 24.06
O4 NAG K . 59.71 -1.70 26.92
O5 NAG K . 60.22 -5.28 26.41
O6 NAG K . 59.75 -3.33 29.39
O7 NAG K . 60.05 -3.12 21.75
C1 NAG L . 29.68 -34.64 28.42
C2 NAG L . 29.10 -33.96 29.67
C3 NAG L . 27.67 -34.46 29.92
C4 NAG L . 26.83 -34.25 28.67
C5 NAG L . 27.50 -34.90 27.46
C6 NAG L . 26.77 -34.61 26.16
C7 NAG L . 30.22 -33.25 31.74
C8 NAG L . 29.64 -31.89 31.48
N2 NAG L . 29.93 -34.19 30.84
O3 NAG L . 27.10 -33.75 31.01
O4 NAG L . 25.55 -34.84 28.86
O5 NAG L . 28.83 -34.39 27.30
O6 NAG L . 26.44 -35.82 25.47
O7 NAG L . 30.93 -33.48 32.72
C1 NAG M . 32.96 9.85 29.98
C2 NAG M . 31.73 9.58 30.84
C3 NAG M . 32.07 8.60 31.96
C4 NAG M . 32.68 7.34 31.38
C5 NAG M . 33.87 7.68 30.49
C6 NAG M . 34.45 6.48 29.77
C7 NAG M . 29.86 11.08 31.40
C8 NAG M . 28.96 10.03 30.81
N2 NAG M . 31.17 10.81 31.38
O3 NAG M . 30.91 8.30 32.70
O4 NAG M . 33.10 6.48 32.43
O5 NAG M . 33.47 8.61 29.47
O6 NAG M . 35.42 6.87 28.81
O7 NAG M . 29.42 12.13 31.87
N GLU N . -4.83 17.75 -31.45
CA GLU N . -5.65 18.20 -32.57
C GLU N . -6.11 17.01 -33.38
O GLU N . -7.19 17.02 -34.00
CB GLU N . -4.87 19.17 -33.45
CG GLU N . -5.71 19.82 -34.52
CD GLU N . -4.88 20.36 -35.67
OE1 GLU N . -3.65 20.08 -35.69
OE2 GLU N . -5.44 21.05 -36.54
OXT GLU N . -5.43 15.99 -33.46
C1 NAG O . 32.69 -51.13 -24.15
C2 NAG O . 32.08 -52.38 -23.49
C3 NAG O . 30.67 -52.67 -24.03
C4 NAG O . 30.46 -52.04 -25.39
C5 NAG O . 31.74 -52.13 -26.22
C6 NAG O . 31.56 -51.65 -27.63
C7 NAG O . 33.91 -53.86 -22.81
C8 NAG O . 34.75 -55.04 -23.17
N2 NAG O . 32.96 -53.53 -23.68
O3 NAG O . 29.70 -52.13 -23.12
O4 NAG O . 29.41 -52.72 -26.08
O5 NAG O . 32.75 -51.31 -25.61
O6 NAG O . 31.22 -50.27 -27.67
O7 NAG O . 34.09 -53.22 -21.77
C1 NAG P . 50.19 -11.46 -21.68
C2 NAG P . 49.90 -10.07 -21.16
C3 NAG P . 49.77 -9.10 -22.33
C4 NAG P . 51.00 -9.18 -23.21
C5 NAG P . 51.29 -10.63 -23.62
C6 NAG P . 52.59 -10.80 -24.37
C7 NAG P . 48.73 -9.89 -19.01
C8 NAG P . 47.39 -9.89 -18.32
N2 NAG P . 48.69 -10.04 -20.34
O3 NAG P . 49.61 -7.77 -21.84
O4 NAG P . 50.81 -8.40 -24.40
O5 NAG P . 51.38 -11.45 -22.45
O6 NAG P . 52.48 -10.32 -25.71
O7 NAG P . 49.78 -9.77 -18.40
C1 NAG Q . 35.26 -7.62 -26.82
C2 NAG Q . 34.42 -7.54 -28.09
C3 NAG Q . 34.45 -6.12 -28.66
C4 NAG Q . 34.03 -5.12 -27.58
C5 NAG Q . 34.84 -5.32 -26.30
C6 NAG Q . 34.37 -4.45 -25.15
C7 NAG Q . 34.09 -9.40 -29.66
C8 NAG Q . 34.74 -10.31 -30.66
N2 NAG Q . 34.88 -8.49 -29.09
O3 NAG Q . 33.58 -6.02 -29.77
O4 NAG Q . 34.24 -3.79 -28.06
O5 NAG Q . 34.75 -6.68 -25.87
O6 NAG Q . 33.00 -4.70 -24.85
O7 NAG Q . 32.91 -9.50 -29.37
C1 NAG R . -1.42 15.68 -45.45
C2 NAG R . -2.27 14.88 -46.44
C3 NAG R . -1.60 14.83 -47.80
C4 NAG R . -1.27 16.24 -48.28
C5 NAG R . -0.46 16.98 -47.22
C6 NAG R . -0.19 18.42 -47.58
C7 NAG R . -3.62 13.17 -45.29
C8 NAG R . -3.69 11.74 -44.85
N2 NAG R . -2.51 13.53 -45.94
O3 NAG R . -2.46 14.18 -48.73
O4 NAG R . -0.51 16.17 -49.49
O5 NAG R . -1.17 16.99 -45.98
O6 NAG R . -1.38 19.08 -48.00
O7 NAG R . -4.52 13.98 -45.06
N GLY S . -24.64 22.91 -10.22
CA GLY S . -24.52 22.13 -9.00
C GLY S . -25.45 20.95 -8.99
O GLY S . -25.26 19.97 -8.26
OXT GLY S . -26.44 20.93 -9.73
C1 NAG T . -44.56 -58.58 8.78
C2 NAG T . -44.47 -58.84 10.28
C3 NAG T . -45.81 -59.30 10.82
C4 NAG T . -46.89 -58.28 10.47
C5 NAG T . -46.90 -58.04 8.96
C6 NAG T . -47.86 -56.94 8.56
C7 NAG T . -42.34 -59.54 11.29
C8 NAG T . -42.24 -58.15 11.83
N2 NAG T . -43.43 -59.82 10.56
O3 NAG T . -45.72 -59.44 12.23
O4 NAG T . -48.16 -58.77 10.88
O5 NAG T . -45.60 -57.62 8.53
O6 NAG T . -47.69 -55.79 9.38
O7 NAG T . -41.48 -60.39 11.52
C1 NAG U . -62.27 -4.35 -6.14
C2 NAG U . -62.24 -3.02 -6.88
C3 NAG U . -63.08 -3.11 -8.15
C4 NAG U . -62.64 -4.30 -9.01
C5 NAG U . -62.63 -5.58 -8.17
C6 NAG U . -62.08 -6.77 -8.91
C7 NAG U . -62.32 -0.66 -6.23
C8 NAG U . -62.91 0.34 -5.27
N2 NAG U . -62.71 -1.92 -6.05
O3 NAG U . -62.95 -1.91 -8.91
O4 NAG U . -63.53 -4.48 -10.10
O5 NAG U . -61.82 -5.40 -6.99
O6 NAG U . -61.23 -7.55 -8.07
O7 NAG U . -61.54 -0.33 -7.11
C1 NAG V . -61.40 -3.15 -24.15
C2 NAG V . -60.35 -2.03 -23.82
C3 NAG V . -60.72 -0.66 -24.43
C4 NAG V . -61.31 -0.75 -25.83
C5 NAG V . -62.39 -1.78 -25.90
C6 NAG V . -62.96 -1.93 -27.29
C7 NAG V . -59.21 -1.16 -21.81
C8 NAG V . -59.22 -1.11 -20.31
N2 NAG V . -60.19 -1.90 -22.39
O3 NAG V . -59.52 0.10 -24.50
O4 NAG V . -61.85 0.51 -26.21
O5 NAG V . -61.83 -3.04 -25.53
O6 NAG V . -63.69 -3.13 -27.48
O7 NAG V . -58.36 -0.58 -22.48
C1 NAG W . -49.06 -45.62 -14.21
C2 NAG W . -50.27 -45.74 -15.11
C3 NAG W . -50.12 -46.95 -16.06
C4 NAG W . -49.40 -48.10 -15.39
C5 NAG W . -48.05 -47.66 -14.81
C6 NAG W . -46.85 -48.23 -15.55
C7 NAG W . -52.44 -44.90 -14.33
C8 NAG W . -52.21 -43.73 -15.24
N2 NAG W . -51.49 -45.85 -14.33
O3 NAG W . -49.38 -46.51 -17.20
O4 NAG W . -50.18 -48.63 -14.33
O5 NAG W . -47.93 -46.23 -14.84
O6 NAG W . -46.47 -47.41 -16.65
O7 NAG W . -53.45 -45.00 -13.64
C1 NAG X . -37.50 -38.23 -20.96
C2 NAG X . -36.30 -38.71 -20.16
C3 NAG X . -35.27 -39.36 -21.08
C4 NAG X . -35.92 -40.46 -21.91
C5 NAG X . -37.15 -39.92 -22.64
C6 NAG X . -37.91 -40.99 -23.38
C7 NAG X . -35.29 -37.72 -18.14
C8 NAG X . -35.53 -39.04 -17.48
N2 NAG X . -35.68 -37.61 -19.42
O3 NAG X . -34.20 -39.90 -20.30
O4 NAG X . -34.99 -40.96 -22.86
O5 NAG X . -38.05 -39.32 -21.71
O6 NAG X . -37.09 -42.12 -23.67
O7 NAG X . -34.76 -36.79 -17.56
C1 NAG Y . -28.53 6.47 -32.88
C2 NAG Y . -29.72 6.18 -33.81
C3 NAG Y . -29.56 4.81 -34.46
C4 NAG Y . -28.17 4.65 -35.08
C5 NAG Y . -27.09 5.01 -34.07
C6 NAG Y . -25.70 4.97 -34.64
C7 NAG Y . -32.17 6.28 -33.65
C8 NAG Y . -33.34 6.35 -32.72
N2 NAG Y . -30.97 6.24 -33.08
O3 NAG Y . -30.54 4.65 -35.48
O4 NAG Y . -27.99 3.29 -35.48
O5 NAG Y . -27.32 6.34 -33.60
O6 NAG Y . -25.09 3.70 -34.48
O7 NAG Y . -32.31 6.24 -34.87
N GLU Z . 7.88 22.30 24.84
CA GLU Z . 8.72 22.16 26.01
C GLU Z . 9.04 20.70 26.30
O GLU Z . 8.83 19.85 25.45
CB GLU Z . 8.06 22.79 27.24
CG GLU Z . 7.94 24.30 27.15
CD GLU Z . 7.80 24.94 28.52
OE1 GLU Z . 7.96 24.22 29.52
OE2 GLU Z . 7.52 26.14 28.59
OXT GLU Z . 9.53 20.35 27.37
C1 NAG AA . -39.90 -39.80 34.81
C2 NAG AA . -41.16 -39.10 35.35
C3 NAG AA . -42.19 -40.13 35.79
C4 NAG AA . -42.46 -41.13 34.68
C5 NAG AA . -41.15 -41.75 34.20
C6 NAG AA . -41.34 -42.68 33.02
C7 NAG AA . -41.58 -37.16 36.80
C8 NAG AA . -41.08 -36.35 37.96
N2 NAG AA . -40.83 -38.21 36.45
O3 NAG AA . -43.41 -39.47 36.14
O4 NAG AA . -43.31 -42.18 35.15
O5 NAG AA . -40.26 -40.70 33.77
O6 NAG AA . -40.82 -43.97 33.30
O7 NAG AA . -42.62 -36.88 36.21
C1 NAG BA . 3.28 21.46 38.85
C2 NAG BA . 1.77 21.64 38.81
C3 NAG BA . 1.23 21.88 40.21
C4 NAG BA . 1.73 20.80 41.16
C5 NAG BA . 3.24 20.71 41.09
C6 NAG BA . 3.78 19.62 42.02
C7 NAG BA . 1.25 22.61 36.65
C8 NAG BA . -0.17 22.82 36.18
N2 NAG BA . 1.44 22.76 37.95
O3 NAG BA . -0.21 21.87 40.17
O4 NAG BA . 1.31 21.12 42.49
O5 NAG BA . 3.63 20.40 39.75
O6 NAG BA . 3.35 19.88 43.36
O7 NAG BA . 2.14 22.32 35.87
#